data_4R88
#
_entry.id   4R88
#
_cell.length_a   101.954
_cell.length_b   162.419
_cell.length_c   184.047
_cell.angle_alpha   90.00
_cell.angle_beta   90.00
_cell.angle_gamma   90.00
#
_symmetry.space_group_name_H-M   'P 21 21 21'
#
loop_
_entity.id
_entity.type
_entity.pdbx_description
1 polymer 'Cytosine deaminase'
2 non-polymer 5-fluorocytosine
3 non-polymer 'FE (II) ION'
4 non-polymer GLYCEROL
5 non-polymer 'ACETIC ACID'
6 non-polymer 1,2-ETHANEDIOL
7 non-polymer DI(HYDROXYETHYL)ETHER
8 non-polymer 'CITRATE ANION'
9 water water
#
_entity_poly.entity_id   1
_entity_poly.type   'polypeptide(L)'
_entity_poly.pdbx_seq_one_letter_code
;MKIINARLRRQEALFTLDLQDGIIHRITAQAAMQTADAGAIDAQGRLAIPPFVEPHIHLDATLTAGEPEWNRSGTLFEGI
TRWSQRKASITPEDTRQRALKTIGMLRDFGVQHVRTHVDVTDPSLAALQALLAVKQEAADLIDLQIVAFPQEGIESYPNG
RELMTRAIEMGADVVGGIPHYENTRDKGVSSVMFLMDLAQRYGRLVDVHCDEIDDPQSRFLEVLAEEARVRGMGAQVTAS
HTCAMGSYDNAYCSKLFRLLKASGINFISCPTESIHLQGRFDSWPKRRGVTRVAELDRAGINVCFAQDSIQDPWYPLGNG
NILRILDAGLHICHMLGYDDLQRCLDFVTDNSARALCLGDNYGLAEGRPANLLILDAENDYEAVRRQARVLTSIRHGKVI
LQREVEHIRYPANSSSVDKLAAALEHHHHHH
;
_entity_poly.pdbx_strand_id   A,B,C,D,E,F
#
loop_
_chem_comp.id
_chem_comp.type
_chem_comp.name
_chem_comp.formula
1LD non-polymer 5-fluorocytosine 'C4 H4 F N3 O'
ACY non-polymer 'ACETIC ACID' 'C2 H4 O2'
EDO non-polymer 1,2-ETHANEDIOL 'C2 H6 O2'
FE2 non-polymer 'FE (II) ION' 'Fe 2'
FLC non-polymer 'CITRATE ANION' 'C6 H5 O7 -3'
GOL non-polymer GLYCEROL 'C3 H8 O3'
PEG non-polymer DI(HYDROXYETHYL)ETHER 'C4 H10 O3'
#
# COMPACT_ATOMS: atom_id res chain seq x y z
N MET A 1 -45.22 -34.63 26.55
CA MET A 1 -45.57 -33.92 25.34
C MET A 1 -44.84 -34.51 24.13
N LYS A 2 -45.58 -34.71 23.05
CA LYS A 2 -45.06 -35.35 21.87
C LYS A 2 -45.06 -34.37 20.70
N ILE A 3 -43.93 -34.29 20.00
CA ILE A 3 -43.85 -33.56 18.74
C ILE A 3 -43.63 -34.58 17.64
N ILE A 4 -44.44 -34.55 16.59
CA ILE A 4 -44.28 -35.50 15.48
C ILE A 4 -43.92 -34.76 14.18
N ASN A 5 -43.49 -35.51 13.16
CA ASN A 5 -43.21 -34.93 11.84
C ASN A 5 -42.19 -33.79 11.87
N ALA A 6 -41.24 -33.85 12.79
CA ALA A 6 -40.20 -32.83 12.87
C ALA A 6 -38.99 -33.20 11.99
N ARG A 7 -38.44 -32.21 11.27
CA ARG A 7 -37.13 -32.38 10.65
C ARG A 7 -36.03 -32.09 11.68
N LEU A 8 -34.93 -32.83 11.59
CA LEU A 8 -33.73 -32.49 12.34
C LEU A 8 -32.67 -32.02 11.37
N ARG A 9 -31.68 -31.28 11.87
CA ARG A 9 -30.69 -30.62 11.02
C ARG A 9 -29.87 -31.56 10.12
N ARG A 10 -29.81 -31.21 8.84
CA ARG A 10 -28.97 -31.90 7.84
C ARG A 10 -29.38 -33.35 7.58
N GLN A 11 -30.67 -33.65 7.75
CA GLN A 11 -31.24 -34.95 7.39
C GLN A 11 -32.60 -34.71 6.73
N GLU A 12 -33.00 -35.61 5.83
CA GLU A 12 -34.32 -35.55 5.21
C GLU A 12 -35.41 -36.30 5.99
N ALA A 13 -35.00 -37.18 6.90
CA ALA A 13 -35.94 -38.03 7.65
C ALA A 13 -36.83 -37.25 8.62
N LEU A 14 -37.98 -37.83 8.97
CA LEU A 14 -38.88 -37.20 9.92
C LEU A 14 -38.77 -37.86 11.29
N PHE A 15 -38.93 -37.06 12.35
CA PHE A 15 -38.75 -37.55 13.72
C PHE A 15 -39.88 -37.19 14.68
N THR A 16 -40.10 -38.07 15.65
CA THR A 16 -40.96 -37.79 16.80
C THR A 16 -40.07 -37.46 17.99
N LEU A 17 -40.39 -36.36 18.68
CA LEU A 17 -39.69 -35.98 19.89
C LEU A 17 -40.64 -36.10 21.07
N ASP A 18 -40.27 -36.95 22.02
CA ASP A 18 -41.09 -37.20 23.20
C ASP A 18 -40.43 -36.54 24.41
N LEU A 19 -41.14 -35.58 25.01
CA LEU A 19 -40.62 -34.79 26.13
C LEU A 19 -41.40 -35.11 27.39
N GLN A 20 -40.67 -35.41 28.47
CA GLN A 20 -41.28 -35.70 29.78
C GLN A 20 -40.41 -35.17 30.91
N ASP A 21 -41.05 -34.63 31.95
CA ASP A 21 -40.35 -34.22 33.17
C ASP A 21 -39.21 -33.25 32.88
N GLY A 22 -39.41 -32.38 31.90
CA GLY A 22 -38.42 -31.36 31.59
C GLY A 22 -37.27 -31.81 30.70
N ILE A 23 -37.25 -33.09 30.35
CA ILE A 23 -36.14 -33.62 29.54
C ILE A 23 -36.62 -34.28 28.24
N ILE A 24 -35.70 -34.46 27.29
CA ILE A 24 -35.98 -35.21 26.07
C ILE A 24 -35.95 -36.71 26.39
N HIS A 25 -37.13 -37.31 26.46
CA HIS A 25 -37.28 -38.71 26.83
C HIS A 25 -36.92 -39.69 25.72
N ARG A 26 -37.32 -39.38 24.47
CA ARG A 26 -37.09 -40.28 23.35
C ARG A 26 -37.05 -39.50 22.03
N ILE A 27 -36.10 -39.85 21.16
CA ILE A 27 -36.10 -39.32 19.79
C ILE A 27 -36.18 -40.49 18.82
N THR A 28 -37.28 -40.56 18.07
CA THR A 28 -37.61 -41.74 17.26
C THR A 28 -37.76 -41.39 15.78
N ALA A 29 -37.03 -42.09 14.92
CA ALA A 29 -37.19 -41.88 13.48
C ALA A 29 -38.53 -42.43 13.02
N GLN A 30 -39.24 -41.65 12.20
CA GLN A 30 -40.52 -42.10 11.63
C GLN A 30 -40.30 -42.66 10.22
N ALA A 31 -41.33 -43.29 9.69
CA ALA A 31 -41.27 -43.88 8.35
C ALA A 31 -42.27 -43.21 7.40
N ALA A 32 -42.81 -42.07 7.84
CA ALA A 32 -43.82 -41.38 7.06
C ALA A 32 -44.16 -40.03 7.66
N MET A 33 -44.85 -39.20 6.89
CA MET A 33 -45.49 -38.02 7.42
C MET A 33 -46.77 -38.55 8.06
N GLN A 34 -46.79 -38.52 9.40
CA GLN A 34 -47.85 -39.17 10.17
C GLN A 34 -49.05 -38.28 10.45
N THR A 35 -50.20 -38.92 10.60
CA THR A 35 -51.40 -38.27 11.10
C THR A 35 -51.19 -38.00 12.59
N ALA A 36 -51.47 -36.79 13.05
CA ALA A 36 -51.27 -36.46 14.47
C ALA A 36 -52.41 -36.94 15.33
N ASP A 37 -52.08 -37.51 16.48
CA ASP A 37 -53.10 -37.87 17.46
C ASP A 37 -53.41 -36.65 18.31
N ALA A 38 -54.53 -36.70 19.03
CA ALA A 38 -55.08 -35.53 19.70
C ALA A 38 -54.09 -34.71 20.52
N GLY A 39 -53.24 -35.40 21.28
CA GLY A 39 -52.34 -34.70 22.17
C GLY A 39 -51.12 -34.06 21.50
N ALA A 40 -50.70 -34.64 20.38
CA ALA A 40 -49.40 -34.32 19.79
C ALA A 40 -49.35 -32.94 19.11
N ILE A 41 -48.16 -32.34 19.09
CA ILE A 41 -47.88 -31.17 18.27
C ILE A 41 -47.38 -31.68 16.91
N ASP A 42 -48.02 -31.26 15.82
CA ASP A 42 -47.59 -31.67 14.48
C ASP A 42 -46.66 -30.60 13.91
N ALA A 43 -45.36 -30.92 13.83
CA ALA A 43 -44.39 -29.98 13.26
C ALA A 43 -44.53 -29.84 11.74
N GLN A 44 -45.25 -30.77 11.12
CA GLN A 44 -45.57 -30.71 9.68
C GLN A 44 -44.35 -30.60 8.76
N GLY A 45 -43.27 -31.30 9.09
CA GLY A 45 -42.06 -31.26 8.29
C GLY A 45 -41.18 -30.06 8.58
N ARG A 46 -41.47 -29.33 9.64
CA ARG A 46 -40.58 -28.23 10.03
C ARG A 46 -39.41 -28.68 10.89
N LEU A 47 -38.38 -27.85 10.93
CA LEU A 47 -37.13 -28.13 11.61
C LEU A 47 -37.26 -27.85 13.10
N ALA A 48 -36.84 -28.84 13.90
CA ALA A 48 -36.70 -28.65 15.33
C ALA A 48 -35.23 -28.46 15.64
N ILE A 49 -34.88 -27.41 16.38
CA ILE A 49 -33.48 -27.18 16.73
C ILE A 49 -33.37 -26.87 18.22
N PRO A 50 -32.17 -27.05 18.80
CA PRO A 50 -31.98 -26.53 20.15
C PRO A 50 -32.04 -25.01 20.03
N PRO A 51 -32.22 -24.30 21.16
CA PRO A 51 -32.47 -22.86 21.10
C PRO A 51 -31.32 -22.05 20.49
N PHE A 52 -31.63 -20.91 19.91
CA PHE A 52 -30.59 -19.97 19.53
C PHE A 52 -29.84 -19.47 20.77
N VAL A 53 -28.56 -19.19 20.60
CA VAL A 53 -27.73 -18.69 21.69
C VAL A 53 -27.32 -17.27 21.33
N GLU A 54 -27.34 -16.37 22.30
CA GLU A 54 -26.75 -15.05 22.11
C GLU A 54 -25.48 -14.97 22.98
N PRO A 55 -24.31 -15.33 22.41
CA PRO A 55 -23.08 -15.50 23.23
C PRO A 55 -22.35 -14.19 23.55
N HIS A 56 -22.83 -13.05 23.05
CA HIS A 56 -22.13 -11.80 23.31
C HIS A 56 -23.07 -10.60 23.14
N ILE A 57 -23.51 -10.03 24.26
CA ILE A 57 -24.39 -8.86 24.20
C ILE A 57 -24.09 -8.01 25.42
N HIS A 58 -24.35 -6.71 25.33
CA HIS A 58 -24.15 -5.81 26.46
C HIS A 58 -25.49 -5.37 27.02
N LEU A 59 -26.05 -6.15 27.95
CA LEU A 59 -27.38 -5.81 28.49
C LEU A 59 -27.37 -4.57 29.37
N ASP A 60 -26.23 -4.25 29.96
CA ASP A 60 -26.20 -3.09 30.82
C ASP A 60 -26.33 -1.81 30.00
N ALA A 61 -25.93 -1.86 28.72
CA ALA A 61 -26.01 -0.67 27.86
C ALA A 61 -27.22 -0.68 26.91
N THR A 62 -28.00 -1.76 26.93
CA THR A 62 -29.08 -1.90 25.95
C THR A 62 -30.18 -0.84 26.10
N LEU A 63 -30.67 -0.36 24.96
CA LEU A 63 -31.75 0.62 24.89
C LEU A 63 -31.36 1.98 25.48
N THR A 64 -30.08 2.35 25.41
CA THR A 64 -29.64 3.67 25.87
C THR A 64 -29.14 4.59 24.75
N ALA A 65 -29.34 4.16 23.49
CA ALA A 65 -28.96 4.97 22.34
C ALA A 65 -29.49 6.40 22.47
N GLY A 66 -28.60 7.38 22.38
CA GLY A 66 -28.97 8.79 22.41
C GLY A 66 -28.97 9.44 23.78
N GLU A 67 -28.62 8.70 24.83
CA GLU A 67 -28.67 9.22 26.20
C GLU A 67 -27.28 9.34 26.79
N PRO A 68 -26.81 10.57 27.06
CA PRO A 68 -27.43 11.88 26.83
C PRO A 68 -27.17 12.46 25.44
N GLU A 69 -26.28 11.84 24.67
CA GLU A 69 -25.89 12.36 23.35
C GLU A 69 -25.68 11.21 22.40
N TRP A 70 -25.78 11.50 21.10
CA TRP A 70 -25.56 10.47 20.08
C TRP A 70 -24.08 10.23 19.82
N ASN A 71 -23.76 9.00 19.43
CA ASN A 71 -22.44 8.67 18.89
C ASN A 71 -22.44 9.19 17.44
N ARG A 72 -21.94 10.41 17.24
CA ARG A 72 -21.96 11.03 15.92
C ARG A 72 -21.00 10.38 14.89
N SER A 73 -19.83 9.93 15.33
CA SER A 73 -18.83 9.38 14.42
C SER A 73 -19.10 7.92 14.06
N GLY A 74 -19.91 7.24 14.86
CA GLY A 74 -20.17 5.83 14.67
C GLY A 74 -18.92 4.99 14.95
N THR A 75 -18.10 5.45 15.90
CA THR A 75 -16.86 4.74 16.23
C THR A 75 -16.92 4.06 17.59
N LEU A 76 -16.07 3.06 17.76
CA LEU A 76 -15.93 2.37 19.04
C LEU A 76 -15.57 3.39 20.13
N PHE A 77 -14.66 4.31 19.80
CA PHE A 77 -14.12 5.24 20.81
C PHE A 77 -15.14 6.28 21.27
N GLU A 78 -15.92 6.84 20.34
CA GLU A 78 -16.97 7.77 20.76
C GLU A 78 -18.05 7.02 21.55
N GLY A 79 -18.29 5.76 21.18
CA GLY A 79 -19.22 4.93 21.90
C GLY A 79 -18.87 4.80 23.39
N ILE A 80 -17.59 4.55 23.66
CA ILE A 80 -17.10 4.48 25.04
C ILE A 80 -17.29 5.82 25.78
N THR A 81 -17.00 6.92 25.11
CA THR A 81 -17.27 8.25 25.67
C THR A 81 -18.75 8.47 26.05
N ARG A 82 -19.65 8.18 25.11
CA ARG A 82 -21.09 8.31 25.37
C ARG A 82 -21.57 7.40 26.50
N TRP A 83 -21.08 6.16 26.50
CA TRP A 83 -21.38 5.22 27.58
C TRP A 83 -20.88 5.75 28.93
N SER A 84 -19.67 6.31 28.96
CA SER A 84 -19.14 6.92 30.18
C SER A 84 -20.11 8.01 30.69
N GLN A 85 -20.71 8.76 29.77
CA GLN A 85 -21.70 9.75 30.13
C GLN A 85 -22.96 9.09 30.68
N ARG A 86 -23.41 8.03 30.02
CA ARG A 86 -24.67 7.38 30.41
C ARG A 86 -24.51 6.69 31.75
N LYS A 87 -23.32 6.12 31.95
CA LYS A 87 -22.96 5.39 33.17
C LYS A 87 -23.07 6.28 34.39
N ALA A 88 -22.91 7.58 34.19
CA ALA A 88 -23.04 8.54 35.27
C ALA A 88 -24.42 8.50 35.93
N SER A 89 -25.43 8.02 35.21
CA SER A 89 -26.78 7.95 35.78
C SER A 89 -27.35 6.52 35.81
N ILE A 90 -26.51 5.51 35.59
CA ILE A 90 -26.99 4.14 35.66
C ILE A 90 -27.34 3.79 37.11
N THR A 91 -28.43 3.06 37.30
CA THR A 91 -28.78 2.53 38.61
C THR A 91 -29.18 1.08 38.41
N PRO A 92 -29.27 0.30 39.51
CA PRO A 92 -29.75 -1.09 39.32
C PRO A 92 -31.15 -1.19 38.72
N GLU A 93 -32.11 -0.38 39.18
CA GLU A 93 -33.46 -0.44 38.61
C GLU A 93 -33.48 -0.08 37.12
N ASP A 94 -32.75 0.97 36.75
CA ASP A 94 -32.64 1.36 35.35
C ASP A 94 -32.09 0.19 34.51
N THR A 95 -31.02 -0.44 34.99
CA THR A 95 -30.43 -1.58 34.29
C THR A 95 -31.41 -2.73 34.17
N ARG A 96 -32.12 -3.04 35.26
CA ARG A 96 -33.03 -4.18 35.27
C ARG A 96 -34.19 -4.00 34.26
N GLN A 97 -34.76 -2.80 34.21
CA GLN A 97 -35.91 -2.58 33.33
C GLN A 97 -35.52 -2.68 31.86
N ARG A 98 -34.41 -2.06 31.50
CA ARG A 98 -33.92 -2.17 30.12
C ARG A 98 -33.50 -3.58 29.76
N ALA A 99 -32.81 -4.27 30.67
CA ALA A 99 -32.33 -5.63 30.39
C ALA A 99 -33.47 -6.62 30.21
N LEU A 100 -34.51 -6.49 31.03
CA LEU A 100 -35.69 -7.36 30.92
C LEU A 100 -36.42 -7.19 29.58
N LYS A 101 -36.54 -5.94 29.12
CA LYS A 101 -37.19 -5.66 27.85
C LYS A 101 -36.42 -6.27 26.68
N THR A 102 -35.10 -6.16 26.71
CA THR A 102 -34.26 -6.76 25.67
C THR A 102 -34.24 -8.29 25.76
N ILE A 103 -34.26 -8.82 26.99
CA ILE A 103 -34.43 -10.26 27.18
C ILE A 103 -35.75 -10.74 26.58
N GLY A 104 -36.80 -9.91 26.72
CA GLY A 104 -38.06 -10.21 26.07
C GLY A 104 -37.92 -10.31 24.54
N MET A 105 -37.16 -9.38 23.95
CA MET A 105 -36.91 -9.43 22.50
C MET A 105 -36.17 -10.70 22.11
N LEU A 106 -35.14 -11.05 22.89
CA LEU A 106 -34.37 -12.26 22.62
C LEU A 106 -35.24 -13.53 22.71
N ARG A 107 -36.08 -13.59 23.75
CA ARG A 107 -37.04 -14.69 23.90
C ARG A 107 -37.97 -14.80 22.68
N ASP A 108 -38.41 -13.66 22.16
CA ASP A 108 -39.33 -13.62 21.03
C ASP A 108 -38.72 -14.24 19.78
N PHE A 109 -37.39 -14.23 19.71
CA PHE A 109 -36.70 -14.80 18.56
C PHE A 109 -35.97 -16.11 18.88
N GLY A 110 -36.42 -16.78 19.94
CA GLY A 110 -35.98 -18.14 20.23
C GLY A 110 -34.66 -18.30 20.97
N VAL A 111 -34.15 -17.21 21.54
CA VAL A 111 -32.91 -17.24 22.31
C VAL A 111 -33.15 -17.72 23.74
N GLN A 112 -32.49 -18.80 24.15
CA GLN A 112 -32.64 -19.28 25.53
C GLN A 112 -31.33 -19.26 26.33
N HIS A 113 -30.24 -18.91 25.65
CA HIS A 113 -28.93 -18.86 26.28
C HIS A 113 -28.28 -17.55 25.91
N VAL A 114 -27.81 -16.84 26.93
CA VAL A 114 -27.32 -15.48 26.74
C VAL A 114 -26.08 -15.26 27.58
N ARG A 115 -25.03 -14.72 26.99
CA ARG A 115 -23.91 -14.25 27.79
C ARG A 115 -23.78 -12.74 27.67
N THR A 116 -24.04 -12.04 28.76
CA THR A 116 -23.94 -10.59 28.74
C THR A 116 -22.64 -10.09 29.39
N HIS A 117 -22.04 -9.09 28.76
CA HIS A 117 -20.92 -8.39 29.38
C HIS A 117 -21.51 -7.27 30.21
N VAL A 118 -20.96 -7.05 31.40
CA VAL A 118 -21.36 -5.94 32.26
C VAL A 118 -20.15 -5.08 32.58
N ASP A 119 -20.26 -3.78 32.31
CA ASP A 119 -19.16 -2.86 32.61
C ASP A 119 -18.92 -2.75 34.11
N VAL A 120 -17.73 -3.17 34.57
CA VAL A 120 -17.40 -3.07 35.98
C VAL A 120 -16.46 -1.90 36.28
N THR A 121 -16.21 -1.04 35.29
CA THR A 121 -15.48 0.20 35.56
C THR A 121 -16.47 1.21 36.07
N ASP A 122 -16.95 0.92 37.27
CA ASP A 122 -17.98 1.69 37.95
C ASP A 122 -17.90 1.26 39.40
N PRO A 123 -17.43 2.16 40.28
CA PRO A 123 -17.18 1.79 41.68
C PRO A 123 -18.43 1.35 42.44
N SER A 124 -19.62 1.74 41.96
CA SER A 124 -20.87 1.32 42.59
C SER A 124 -21.31 -0.06 42.12
N LEU A 125 -20.68 -0.54 41.04
CA LEU A 125 -21.05 -1.80 40.41
C LEU A 125 -22.56 -2.00 40.25
N ALA A 126 -23.25 -0.93 39.84
CA ALA A 126 -24.73 -0.91 39.83
C ALA A 126 -25.32 -1.92 38.87
N ALA A 127 -24.85 -1.89 37.62
CA ALA A 127 -25.38 -2.77 36.61
C ALA A 127 -25.09 -4.24 36.94
N LEU A 128 -23.93 -4.51 37.53
CA LEU A 128 -23.58 -5.89 37.85
C LEU A 128 -24.56 -6.45 38.88
N GLN A 129 -24.84 -5.66 39.90
CA GLN A 129 -25.80 -6.05 40.93
C GLN A 129 -27.18 -6.36 40.33
N ALA A 130 -27.65 -5.46 39.47
CA ALA A 130 -28.93 -5.68 38.79
C ALA A 130 -28.92 -6.98 37.96
N LEU A 131 -27.86 -7.19 37.18
CA LEU A 131 -27.83 -8.34 36.28
C LEU A 131 -27.64 -9.68 37.01
N LEU A 132 -26.93 -9.67 38.12
CA LEU A 132 -26.83 -10.86 38.96
C LEU A 132 -28.21 -11.27 39.45
N ALA A 133 -29.02 -10.28 39.79
CA ALA A 133 -30.41 -10.50 40.17
C ALA A 133 -31.27 -10.97 38.97
N VAL A 134 -31.13 -10.29 37.83
CA VAL A 134 -31.87 -10.68 36.62
C VAL A 134 -31.58 -12.14 36.21
N LYS A 135 -30.33 -12.58 36.42
CA LYS A 135 -29.97 -13.97 36.13
C LYS A 135 -30.92 -14.99 36.80
N GLN A 136 -31.34 -14.71 38.03
CA GLN A 136 -32.30 -15.56 38.74
C GLN A 136 -33.75 -15.29 38.31
N GLU A 137 -34.11 -14.01 38.24
CA GLU A 137 -35.48 -13.60 37.94
C GLU A 137 -35.94 -14.08 36.57
N ALA A 138 -35.06 -13.96 35.57
CA ALA A 138 -35.44 -14.26 34.20
C ALA A 138 -35.11 -15.70 33.78
N ALA A 139 -34.77 -16.56 34.75
CA ALA A 139 -34.41 -17.95 34.48
C ALA A 139 -35.53 -18.77 33.83
N ASP A 140 -36.77 -18.30 33.94
CA ASP A 140 -37.89 -18.96 33.27
C ASP A 140 -37.87 -18.75 31.75
N LEU A 141 -37.03 -17.83 31.28
CA LEU A 141 -36.89 -17.57 29.84
C LEU A 141 -35.52 -17.94 29.30
N ILE A 142 -34.47 -17.62 30.06
CA ILE A 142 -33.09 -17.76 29.59
C ILE A 142 -32.13 -18.22 30.68
N ASP A 143 -31.06 -18.87 30.24
CA ASP A 143 -29.91 -19.15 31.09
C ASP A 143 -28.90 -18.06 30.81
N LEU A 144 -28.72 -17.17 31.78
CA LEU A 144 -27.83 -16.01 31.60
C LEU A 144 -26.45 -16.25 32.22
N GLN A 145 -25.38 -15.89 31.49
CA GLN A 145 -24.02 -15.86 32.01
C GLN A 145 -23.54 -14.41 32.05
N ILE A 146 -22.79 -14.07 33.08
CA ILE A 146 -22.36 -12.68 33.24
C ILE A 146 -20.85 -12.54 33.19
N VAL A 147 -20.37 -11.64 32.33
CA VAL A 147 -18.94 -11.36 32.18
C VAL A 147 -18.58 -10.05 32.85
N ALA A 148 -17.59 -10.07 33.73
CA ALA A 148 -17.06 -8.85 34.30
C ALA A 148 -16.21 -8.17 33.25
N PHE A 149 -16.75 -7.11 32.66
CA PHE A 149 -16.13 -6.45 31.52
C PHE A 149 -15.60 -5.07 31.91
N PRO A 150 -14.27 -4.89 31.92
CA PRO A 150 -13.73 -3.60 32.35
C PRO A 150 -13.66 -2.64 31.16
N GLN A 151 -14.77 -2.00 30.82
CA GLN A 151 -14.86 -1.19 29.61
C GLN A 151 -13.74 -0.17 29.48
N GLU A 152 -13.39 0.49 30.58
CA GLU A 152 -12.40 1.57 30.52
C GLU A 152 -11.00 1.08 30.89
N GLY A 153 -10.84 -0.23 30.88
CA GLY A 153 -9.53 -0.83 31.08
C GLY A 153 -9.30 -1.28 32.51
N ILE A 154 -8.41 -2.25 32.67
CA ILE A 154 -8.09 -2.77 33.99
C ILE A 154 -6.94 -1.98 34.60
N GLU A 155 -5.89 -1.76 33.79
CA GLU A 155 -4.68 -1.08 34.22
C GLU A 155 -4.86 0.41 34.08
N SER A 156 -5.90 0.81 33.38
CA SER A 156 -6.05 2.18 32.90
C SER A 156 -7.20 2.94 33.59
N TYR A 157 -7.84 2.30 34.55
CA TYR A 157 -8.97 2.89 35.27
C TYR A 157 -8.67 2.73 36.75
N PRO A 158 -9.00 3.76 37.56
CA PRO A 158 -8.74 3.75 39.01
C PRO A 158 -9.31 2.51 39.68
N ASN A 159 -8.44 1.73 40.32
CA ASN A 159 -8.86 0.52 41.04
C ASN A 159 -9.42 -0.55 40.12
N GLY A 160 -8.95 -0.59 38.87
CA GLY A 160 -9.50 -1.54 37.91
C GLY A 160 -9.35 -2.98 38.35
N ARG A 161 -8.18 -3.31 38.88
CA ARG A 161 -7.89 -4.68 39.30
C ARG A 161 -8.79 -5.09 40.46
N GLU A 162 -9.01 -4.15 41.38
CA GLU A 162 -9.83 -4.41 42.56
C GLU A 162 -11.32 -4.54 42.18
N LEU A 163 -11.76 -3.76 41.21
CA LEU A 163 -13.14 -3.86 40.74
C LEU A 163 -13.40 -5.18 40.01
N MET A 164 -12.45 -5.61 39.19
CA MET A 164 -12.56 -6.91 38.53
C MET A 164 -12.64 -8.01 39.58
N THR A 165 -11.80 -7.89 40.60
CA THR A 165 -11.77 -8.90 41.64
C THR A 165 -13.08 -8.91 42.44
N ARG A 166 -13.58 -7.72 42.76
N ARG A 166 -13.58 -7.72 42.78
CA ARG A 166 -14.85 -7.60 43.49
CA ARG A 166 -14.86 -7.59 43.47
C ARG A 166 -16.02 -8.17 42.67
C ARG A 166 -15.99 -8.20 42.66
N ALA A 167 -16.01 -7.90 41.36
CA ALA A 167 -17.07 -8.40 40.48
C ALA A 167 -17.11 -9.93 40.42
N ILE A 168 -15.94 -10.56 40.42
N ILE A 168 -15.93 -10.54 40.42
CA ILE A 168 -15.86 -12.02 40.42
CA ILE A 168 -15.80 -12.00 40.42
C ILE A 168 -16.28 -12.57 41.78
C ILE A 168 -16.26 -12.56 41.77
N GLU A 169 -15.84 -11.93 42.85
CA GLU A 169 -16.29 -12.33 44.18
C GLU A 169 -17.81 -12.26 44.30
N MET A 170 -18.43 -11.25 43.68
CA MET A 170 -19.88 -11.09 43.72
C MET A 170 -20.64 -12.15 42.91
N GLY A 171 -19.95 -12.84 42.02
CA GLY A 171 -20.56 -13.99 41.36
C GLY A 171 -20.59 -13.97 39.85
N ALA A 172 -19.85 -13.06 39.23
CA ALA A 172 -19.76 -13.07 37.76
C ALA A 172 -19.18 -14.42 37.31
N ASP A 173 -19.73 -14.98 36.24
CA ASP A 173 -19.32 -16.31 35.77
C ASP A 173 -18.06 -16.27 34.93
N VAL A 174 -17.80 -15.11 34.32
CA VAL A 174 -16.81 -14.98 33.27
C VAL A 174 -15.97 -13.72 33.50
N VAL A 175 -14.67 -13.85 33.27
CA VAL A 175 -13.73 -12.74 33.39
C VAL A 175 -13.50 -12.12 32.03
N GLY A 176 -13.72 -10.81 31.93
CA GLY A 176 -13.55 -10.12 30.66
C GLY A 176 -12.24 -9.36 30.60
N GLY A 177 -12.08 -8.56 29.56
CA GLY A 177 -10.86 -7.80 29.37
C GLY A 177 -10.96 -6.95 28.11
N ILE A 178 -10.06 -5.99 27.96
CA ILE A 178 -10.06 -5.15 26.76
C ILE A 178 -8.64 -4.62 26.47
N PRO A 179 -7.69 -5.54 26.21
CA PRO A 179 -6.27 -5.18 26.18
C PRO A 179 -5.90 -4.08 25.17
N HIS A 180 -6.59 -4.04 24.04
CA HIS A 180 -6.24 -3.10 22.99
C HIS A 180 -6.65 -1.68 23.39
N TYR A 181 -7.48 -1.57 24.41
CA TYR A 181 -7.90 -0.26 24.90
C TYR A 181 -7.02 0.24 26.06
N GLU A 182 -6.19 -0.62 26.65
CA GLU A 182 -5.25 -0.15 27.67
C GLU A 182 -4.31 0.91 27.06
N ASN A 183 -3.80 1.80 27.88
CA ASN A 183 -3.07 2.99 27.39
C ASN A 183 -1.72 2.74 26.70
N THR A 184 -1.04 1.66 27.05
CA THR A 184 0.19 1.30 26.37
C THR A 184 0.17 -0.19 26.05
N ARG A 185 0.97 -0.61 25.08
CA ARG A 185 1.07 -2.01 24.72
C ARG A 185 1.42 -2.87 25.93
N ASP A 186 2.36 -2.40 26.74
CA ASP A 186 2.82 -3.16 27.91
C ASP A 186 1.69 -3.38 28.91
N LYS A 187 0.82 -2.38 29.07
CA LYS A 187 -0.34 -2.51 29.96
C LYS A 187 -1.43 -3.41 29.38
N GLY A 188 -1.56 -3.43 28.06
CA GLY A 188 -2.44 -4.41 27.45
C GLY A 188 -1.98 -5.82 27.82
N VAL A 189 -0.69 -6.07 27.67
CA VAL A 189 -0.13 -7.38 28.01
C VAL A 189 -0.33 -7.73 29.48
N SER A 190 -0.01 -6.80 30.39
CA SER A 190 -0.20 -7.08 31.81
C SER A 190 -1.68 -7.34 32.18
N SER A 191 -2.62 -6.69 31.47
CA SER A 191 -4.04 -6.88 31.78
C SER A 191 -4.45 -8.31 31.45
N VAL A 192 -3.90 -8.86 30.37
CA VAL A 192 -4.22 -10.24 30.02
C VAL A 192 -3.67 -11.20 31.07
N MET A 193 -2.43 -10.97 31.50
CA MET A 193 -1.83 -11.82 32.53
C MET A 193 -2.67 -11.78 33.80
N PHE A 194 -3.06 -10.58 34.22
CA PHE A 194 -3.91 -10.43 35.40
C PHE A 194 -5.25 -11.13 35.27
N LEU A 195 -5.93 -10.94 34.14
CA LEU A 195 -7.29 -11.46 34.01
C LEU A 195 -7.27 -12.99 33.93
N MET A 196 -6.23 -13.54 33.31
CA MET A 196 -6.07 -15.00 33.28
C MET A 196 -5.77 -15.57 34.68
N ASP A 197 -4.89 -14.90 35.44
CA ASP A 197 -4.67 -15.28 36.84
C ASP A 197 -5.96 -15.23 37.67
N LEU A 198 -6.78 -14.23 37.42
CA LEU A 198 -8.02 -14.03 38.17
C LEU A 198 -8.99 -15.16 37.85
N ALA A 199 -9.19 -15.42 36.57
CA ALA A 199 -10.07 -16.49 36.14
C ALA A 199 -9.61 -17.85 36.66
N GLN A 200 -8.32 -18.12 36.58
CA GLN A 200 -7.78 -19.41 36.98
C GLN A 200 -7.89 -19.62 38.49
N ARG A 201 -7.67 -18.56 39.26
CA ARG A 201 -7.76 -18.63 40.72
C ARG A 201 -9.19 -18.91 41.22
N TYR A 202 -10.19 -18.30 40.58
CA TYR A 202 -11.57 -18.43 41.04
C TYR A 202 -12.33 -19.46 40.22
N GLY A 203 -11.64 -20.10 39.28
CA GLY A 203 -12.25 -21.11 38.44
C GLY A 203 -13.38 -20.57 37.57
N ARG A 204 -13.12 -19.48 36.86
CA ARG A 204 -14.12 -18.87 35.99
C ARG A 204 -13.76 -19.00 34.53
N LEU A 205 -14.76 -18.78 33.68
CA LEU A 205 -14.54 -18.77 32.24
C LEU A 205 -13.95 -17.41 31.86
N VAL A 206 -13.46 -17.31 30.62
CA VAL A 206 -12.81 -16.09 30.13
C VAL A 206 -13.44 -15.70 28.78
N ASP A 207 -13.71 -14.41 28.62
CA ASP A 207 -14.21 -13.89 27.35
C ASP A 207 -13.76 -12.44 27.21
N VAL A 208 -12.77 -12.25 26.34
CA VAL A 208 -12.08 -10.99 26.23
C VAL A 208 -12.45 -10.26 24.94
N HIS A 209 -12.74 -8.97 25.03
CA HIS A 209 -12.82 -8.11 23.85
C HIS A 209 -11.39 -7.93 23.39
N CYS A 210 -11.04 -8.60 22.30
CA CYS A 210 -9.64 -8.74 21.97
C CYS A 210 -9.36 -8.13 20.60
N ASP A 211 -8.60 -7.03 20.57
CA ASP A 211 -8.20 -6.40 19.31
C ASP A 211 -9.39 -5.93 18.46
N GLU A 212 -10.34 -5.26 19.10
CA GLU A 212 -11.47 -4.67 18.37
C GLU A 212 -11.05 -3.33 17.78
N ILE A 213 -10.18 -3.40 16.78
CA ILE A 213 -9.60 -2.19 16.21
C ILE A 213 -8.92 -2.60 14.90
N ASP A 214 -8.81 -1.67 13.95
CA ASP A 214 -8.31 -2.03 12.63
C ASP A 214 -6.78 -1.93 12.56
N ASP A 215 -6.15 -1.72 13.71
CA ASP A 215 -4.69 -1.61 13.78
C ASP A 215 -4.03 -2.99 13.61
N PRO A 216 -3.26 -3.18 12.51
CA PRO A 216 -2.61 -4.47 12.26
C PRO A 216 -1.52 -4.78 13.31
N GLN A 217 -1.11 -3.78 14.08
CA GLN A 217 -0.21 -4.02 15.21
C GLN A 217 -0.94 -4.48 16.47
N SER A 218 -2.27 -4.48 16.47
CA SER A 218 -2.99 -4.92 17.67
C SER A 218 -3.00 -6.45 17.74
N ARG A 219 -2.08 -6.99 18.54
CA ARG A 219 -1.86 -8.43 18.59
C ARG A 219 -1.96 -9.02 19.99
N PHE A 220 -3.01 -8.66 20.72
CA PHE A 220 -3.15 -9.22 22.07
C PHE A 220 -3.69 -10.64 22.03
N LEU A 221 -4.33 -11.00 20.92
CA LEU A 221 -4.83 -12.35 20.72
C LEU A 221 -3.75 -13.41 20.99
N GLU A 222 -2.54 -13.19 20.49
CA GLU A 222 -1.45 -14.14 20.71
C GLU A 222 -1.16 -14.37 22.19
N VAL A 223 -1.18 -13.30 22.99
CA VAL A 223 -0.94 -13.42 24.43
C VAL A 223 -2.07 -14.21 25.10
N LEU A 224 -3.29 -13.90 24.70
CA LEU A 224 -4.46 -14.55 25.28
C LEU A 224 -4.42 -16.04 24.97
N ALA A 225 -4.20 -16.38 23.69
CA ALA A 225 -4.19 -17.77 23.27
C ALA A 225 -3.04 -18.53 23.92
N GLU A 226 -1.88 -17.88 24.02
CA GLU A 226 -0.74 -18.56 24.64
C GLU A 226 -0.97 -18.85 26.12
N GLU A 227 -1.59 -17.89 26.84
CA GLU A 227 -1.91 -18.12 28.24
C GLU A 227 -2.92 -19.26 28.39
N ALA A 228 -3.92 -19.29 27.51
CA ALA A 228 -4.91 -20.36 27.52
C ALA A 228 -4.25 -21.73 27.35
N ARG A 229 -3.34 -21.81 26.37
CA ARG A 229 -2.65 -23.06 26.05
C ARG A 229 -1.77 -23.57 27.18
N VAL A 230 -0.94 -22.69 27.72
CA VAL A 230 -0.04 -23.01 28.83
C VAL A 230 -0.78 -23.42 30.11
N ARG A 231 -1.93 -22.82 30.36
CA ARG A 231 -2.68 -23.11 31.58
C ARG A 231 -3.67 -24.25 31.40
N GLY A 232 -3.78 -24.73 30.16
CA GLY A 232 -4.70 -25.82 29.86
C GLY A 232 -6.16 -25.41 29.96
N MET A 233 -6.45 -24.15 29.73
CA MET A 233 -7.84 -23.70 29.84
C MET A 233 -8.49 -23.23 28.54
N GLY A 234 -8.02 -23.78 27.42
CA GLY A 234 -8.52 -23.37 26.11
C GLY A 234 -10.03 -23.37 25.97
N ALA A 235 -10.66 -24.48 26.37
CA ALA A 235 -12.09 -24.65 26.18
C ALA A 235 -12.90 -23.62 26.97
N GLN A 236 -12.29 -23.14 28.05
N GLN A 236 -12.30 -23.12 28.04
CA GLN A 236 -12.94 -22.17 28.91
CA GLN A 236 -12.97 -22.16 28.90
C GLN A 236 -12.56 -20.73 28.56
C GLN A 236 -12.77 -20.72 28.42
N VAL A 237 -11.95 -20.53 27.39
CA VAL A 237 -11.57 -19.19 26.96
C VAL A 237 -12.17 -18.80 25.62
N THR A 238 -12.66 -17.57 25.53
CA THR A 238 -13.20 -17.05 24.29
C THR A 238 -12.55 -15.71 23.96
N ALA A 239 -12.23 -15.51 22.68
CA ALA A 239 -11.80 -14.23 22.19
C ALA A 239 -12.91 -13.62 21.34
N SER A 240 -13.49 -12.53 21.83
CA SER A 240 -14.54 -11.83 21.11
C SER A 240 -13.95 -10.75 20.19
N HIS A 241 -14.61 -10.57 19.04
CA HIS A 241 -14.25 -9.60 18.00
C HIS A 241 -13.01 -10.00 17.17
N THR A 242 -11.82 -9.75 17.69
CA THR A 242 -10.57 -9.97 16.94
C THR A 242 -10.60 -9.34 15.53
N CYS A 243 -11.21 -8.17 15.43
CA CYS A 243 -11.29 -7.44 14.16
C CYS A 243 -9.93 -7.19 13.52
N ALA A 244 -8.92 -6.95 14.36
CA ALA A 244 -7.57 -6.69 13.88
C ALA A 244 -7.05 -7.86 13.03
N MET A 245 -7.50 -9.07 13.34
CA MET A 245 -7.07 -10.22 12.55
C MET A 245 -7.44 -10.08 11.06
N GLY A 246 -8.51 -9.33 10.79
CA GLY A 246 -8.92 -9.09 9.42
C GLY A 246 -7.99 -8.12 8.70
N SER A 247 -7.00 -7.61 9.41
CA SER A 247 -6.01 -6.71 8.83
C SER A 247 -4.58 -7.20 9.06
N TYR A 248 -4.41 -8.39 9.63
CA TYR A 248 -3.05 -8.87 9.93
C TYR A 248 -2.21 -9.09 8.69
N ASP A 249 -0.91 -8.87 8.82
CA ASP A 249 0.07 -9.42 7.91
C ASP A 249 -0.24 -10.91 7.72
N ASN A 250 -0.23 -11.40 6.48
CA ASN A 250 -0.69 -12.76 6.25
C ASN A 250 0.29 -13.84 6.69
N ALA A 251 1.57 -13.55 6.63
CA ALA A 251 2.59 -14.51 7.08
C ALA A 251 2.44 -14.69 8.58
N TYR A 252 2.34 -13.58 9.31
CA TYR A 252 2.08 -13.64 10.74
C TYR A 252 0.80 -14.41 11.10
N CYS A 253 -0.27 -14.11 10.37
CA CYS A 253 -1.55 -14.74 10.68
C CYS A 253 -1.48 -16.24 10.46
N SER A 254 -0.75 -16.68 9.45
CA SER A 254 -0.60 -18.09 9.18
C SER A 254 0.13 -18.76 10.34
N LYS A 255 1.18 -18.11 10.81
N LYS A 255 1.18 -18.11 10.81
CA LYS A 255 1.91 -18.60 11.98
CA LYS A 255 1.91 -18.61 11.98
C LYS A 255 0.98 -18.63 13.19
C LYS A 255 0.98 -18.64 13.20
N LEU A 256 0.26 -17.54 13.42
CA LEU A 256 -0.63 -17.41 14.59
C LEU A 256 -1.64 -18.55 14.66
N PHE A 257 -2.16 -18.97 13.49
CA PHE A 257 -3.19 -19.99 13.45
C PHE A 257 -2.77 -21.32 14.10
N ARG A 258 -1.48 -21.64 14.03
CA ARG A 258 -0.98 -22.84 14.70
C ARG A 258 -1.19 -22.74 16.20
N LEU A 259 -0.89 -21.58 16.76
CA LEU A 259 -1.16 -21.31 18.16
C LEU A 259 -2.67 -21.33 18.46
N LEU A 260 -3.47 -20.70 17.61
CA LEU A 260 -4.92 -20.65 17.87
C LEU A 260 -5.50 -22.07 17.92
N LYS A 261 -5.08 -22.92 16.98
CA LYS A 261 -5.53 -24.32 16.97
C LYS A 261 -5.07 -25.09 18.23
N ALA A 262 -3.80 -24.98 18.57
CA ALA A 262 -3.24 -25.67 19.73
C ALA A 262 -3.86 -25.18 21.06
N SER A 263 -4.22 -23.90 21.13
CA SER A 263 -4.73 -23.34 22.38
C SER A 263 -6.14 -23.82 22.68
N GLY A 264 -6.89 -24.14 21.63
CA GLY A 264 -8.26 -24.61 21.80
C GLY A 264 -9.29 -23.57 22.18
N ILE A 265 -8.95 -22.28 22.06
CA ILE A 265 -9.90 -21.25 22.43
C ILE A 265 -11.04 -21.06 21.42
N ASN A 266 -12.12 -20.42 21.87
CA ASN A 266 -13.26 -20.09 21.03
C ASN A 266 -13.20 -18.67 20.51
N PHE A 267 -13.94 -18.40 19.42
CA PHE A 267 -14.03 -17.07 18.83
C PHE A 267 -15.48 -16.64 18.64
N ILE A 268 -15.75 -15.38 18.92
CA ILE A 268 -17.05 -14.79 18.63
C ILE A 268 -16.86 -13.58 17.75
N SER A 269 -17.66 -13.52 16.68
CA SER A 269 -17.65 -12.40 15.76
C SER A 269 -19.01 -11.73 15.78
N CYS A 270 -19.02 -10.41 15.68
CA CYS A 270 -20.27 -9.65 15.73
C CYS A 270 -20.31 -8.88 14.43
N PRO A 271 -20.78 -9.53 13.35
CA PRO A 271 -20.68 -8.95 12.00
C PRO A 271 -21.43 -7.62 11.79
N THR A 272 -22.64 -7.46 12.31
CA THR A 272 -23.35 -6.20 12.07
C THR A 272 -22.69 -5.06 12.84
N GLU A 273 -22.16 -5.37 14.01
CA GLU A 273 -21.54 -4.36 14.84
C GLU A 273 -20.24 -3.89 14.20
N SER A 274 -19.43 -4.86 13.79
CA SER A 274 -18.12 -4.57 13.21
C SER A 274 -18.19 -3.90 11.85
N ILE A 275 -19.14 -4.32 11.00
CA ILE A 275 -19.30 -3.64 9.71
C ILE A 275 -19.65 -2.17 9.96
N HIS A 276 -20.32 -1.89 11.07
CA HIS A 276 -20.69 -0.53 11.45
C HIS A 276 -19.52 0.24 12.08
N LEU A 277 -18.86 -0.36 13.08
CA LEU A 277 -17.80 0.33 13.82
C LEU A 277 -16.43 0.31 13.14
N GLN A 278 -16.15 -0.71 12.34
CA GLN A 278 -14.84 -0.82 11.73
C GLN A 278 -14.79 -0.14 10.38
N GLY A 279 -13.59 0.04 9.86
CA GLY A 279 -13.40 0.70 8.58
C GLY A 279 -13.59 2.21 8.63
N ARG A 280 -13.88 2.77 9.81
CA ARG A 280 -14.13 4.21 9.95
C ARG A 280 -12.91 5.08 9.74
N PHE A 281 -11.75 4.48 9.88
CA PHE A 281 -10.52 5.26 9.75
C PHE A 281 -9.81 5.05 8.41
N ASP A 282 -10.42 4.25 7.54
CA ASP A 282 -10.02 4.15 6.13
C ASP A 282 -10.71 5.24 5.31
N SER A 283 -10.12 5.62 4.18
CA SER A 283 -10.92 6.30 3.17
C SER A 283 -11.43 5.23 2.21
N TRP A 284 -10.74 5.09 1.09
CA TRP A 284 -11.12 4.16 0.05
C TRP A 284 -9.83 3.58 -0.54
N PRO A 285 -9.79 2.26 -0.75
CA PRO A 285 -10.85 1.30 -0.42
C PRO A 285 -11.07 1.15 1.07
N LYS A 286 -12.25 0.70 1.46
CA LYS A 286 -12.63 0.65 2.86
C LYS A 286 -12.70 -0.80 3.31
N ARG A 287 -11.93 -1.16 4.33
CA ARG A 287 -11.93 -2.54 4.78
C ARG A 287 -13.22 -2.97 5.51
N ARG A 288 -13.50 -4.28 5.46
CA ARG A 288 -14.64 -4.84 6.18
C ARG A 288 -14.44 -4.77 7.69
N GLY A 289 -13.24 -5.10 8.15
CA GLY A 289 -12.91 -5.00 9.57
C GLY A 289 -13.47 -6.11 10.42
N VAL A 290 -13.80 -7.23 9.79
CA VAL A 290 -14.32 -8.39 10.48
C VAL A 290 -13.22 -9.44 10.54
N THR A 291 -13.20 -10.23 11.61
CA THR A 291 -12.17 -11.27 11.78
C THR A 291 -12.27 -12.37 10.70
N ARG A 292 -11.28 -13.26 10.64
CA ARG A 292 -11.25 -14.27 9.56
C ARG A 292 -12.12 -15.49 9.89
N VAL A 293 -13.42 -15.26 9.96
CA VAL A 293 -14.35 -16.28 10.43
C VAL A 293 -14.28 -17.58 9.62
N ALA A 294 -14.36 -17.48 8.28
CA ALA A 294 -14.41 -18.68 7.43
C ALA A 294 -13.14 -19.50 7.60
N GLU A 295 -12.03 -18.78 7.71
CA GLU A 295 -10.71 -19.40 7.82
C GLU A 295 -10.55 -20.13 9.16
N LEU A 296 -11.05 -19.51 10.23
CA LEU A 296 -11.01 -20.15 11.54
C LEU A 296 -11.79 -21.45 11.51
N ASP A 297 -12.99 -21.39 10.96
CA ASP A 297 -13.85 -22.56 10.91
C ASP A 297 -13.23 -23.68 10.07
N ARG A 298 -12.59 -23.33 8.96
CA ARG A 298 -11.91 -24.31 8.10
C ARG A 298 -10.70 -24.94 8.75
N ALA A 299 -10.08 -24.20 9.67
CA ALA A 299 -8.93 -24.70 10.42
C ALA A 299 -9.39 -25.54 11.62
N GLY A 300 -10.69 -25.73 11.76
CA GLY A 300 -11.23 -26.52 12.85
C GLY A 300 -11.37 -25.76 14.16
N ILE A 301 -11.37 -24.44 14.08
CA ILE A 301 -11.48 -23.62 15.27
C ILE A 301 -12.95 -23.18 15.44
N ASN A 302 -13.45 -23.27 16.67
CA ASN A 302 -14.83 -22.95 16.97
C ASN A 302 -15.09 -21.46 16.93
N VAL A 303 -15.95 -21.02 16.00
CA VAL A 303 -16.27 -19.61 15.85
C VAL A 303 -17.78 -19.49 15.70
N CYS A 304 -18.34 -18.36 16.15
CA CYS A 304 -19.78 -18.17 16.08
C CYS A 304 -20.10 -16.68 15.99
N PHE A 305 -21.38 -16.37 15.82
CA PHE A 305 -21.85 -15.01 15.60
C PHE A 305 -22.71 -14.53 16.79
N ALA A 306 -22.73 -13.22 17.00
CA ALA A 306 -23.44 -12.60 18.11
C ALA A 306 -23.97 -11.22 17.73
N GLN A 307 -24.99 -10.73 18.42
CA GLN A 307 -25.56 -9.42 18.11
C GLN A 307 -24.73 -8.24 18.63
N ASP A 308 -24.06 -8.45 19.76
CA ASP A 308 -23.27 -7.42 20.42
C ASP A 308 -24.11 -6.33 21.13
N SER A 309 -24.91 -5.59 20.37
CA SER A 309 -25.58 -4.41 20.89
C SER A 309 -27.02 -4.36 20.42
N ILE A 310 -27.91 -3.87 21.28
CA ILE A 310 -29.25 -3.54 20.83
C ILE A 310 -29.56 -2.12 21.24
N GLN A 311 -29.59 -1.21 20.26
CA GLN A 311 -29.95 0.20 20.47
C GLN A 311 -29.13 0.84 21.60
N ASP A 312 -27.82 0.97 21.40
CA ASP A 312 -26.98 1.37 22.52
C ASP A 312 -25.97 2.46 22.09
N PRO A 313 -24.98 2.81 22.96
CA PRO A 313 -24.16 3.92 22.43
C PRO A 313 -23.31 3.53 21.22
N TRP A 314 -23.23 2.25 20.89
CA TRP A 314 -22.41 1.82 19.76
C TRP A 314 -23.22 1.53 18.49
N TYR A 315 -24.45 1.10 18.65
CA TYR A 315 -25.23 0.54 17.55
C TYR A 315 -26.70 0.92 17.69
N PRO A 316 -27.25 1.66 16.70
CA PRO A 316 -28.58 2.26 16.85
C PRO A 316 -29.74 1.31 16.57
N LEU A 317 -29.47 0.14 16.02
CA LEU A 317 -30.53 -0.78 15.61
C LEU A 317 -30.60 -1.98 16.53
N GLY A 318 -31.26 -3.04 16.09
CA GLY A 318 -31.33 -4.26 16.87
C GLY A 318 -32.75 -4.62 17.27
N ASN A 319 -33.08 -5.90 17.18
CA ASN A 319 -34.42 -6.33 17.56
C ASN A 319 -34.43 -7.71 18.23
N GLY A 320 -33.24 -8.28 18.42
CA GLY A 320 -33.11 -9.55 19.11
C GLY A 320 -33.08 -10.75 18.20
N ASN A 321 -33.21 -10.53 16.89
CA ASN A 321 -33.23 -11.63 15.93
C ASN A 321 -31.84 -12.08 15.45
N ILE A 322 -31.35 -13.20 15.98
CA ILE A 322 -30.02 -13.71 15.64
C ILE A 322 -29.88 -14.14 14.17
N LEU A 323 -31.00 -14.46 13.51
CA LEU A 323 -30.95 -14.88 12.11
C LEU A 323 -30.51 -13.77 11.17
N ARG A 324 -30.80 -12.52 11.53
CA ARG A 324 -30.35 -11.38 10.73
C ARG A 324 -28.81 -11.25 10.83
N ILE A 325 -28.29 -11.54 12.02
CA ILE A 325 -26.86 -11.54 12.28
C ILE A 325 -26.17 -12.64 11.49
N LEU A 326 -26.78 -13.82 11.48
CA LEU A 326 -26.27 -14.92 10.68
C LEU A 326 -26.19 -14.50 9.21
N ASP A 327 -27.27 -13.89 8.71
CA ASP A 327 -27.31 -13.42 7.33
C ASP A 327 -26.14 -12.49 7.05
N ALA A 328 -25.96 -11.48 7.91
CA ALA A 328 -24.89 -10.51 7.74
C ALA A 328 -23.51 -11.14 7.73
N GLY A 329 -23.29 -12.07 8.67
CA GLY A 329 -21.99 -12.70 8.84
C GLY A 329 -21.63 -13.56 7.65
N LEU A 330 -22.59 -14.33 7.14
CA LEU A 330 -22.33 -15.15 5.95
C LEU A 330 -21.96 -14.32 4.72
N HIS A 331 -22.57 -13.15 4.58
CA HIS A 331 -22.27 -12.27 3.44
C HIS A 331 -20.90 -11.63 3.60
N ILE A 332 -20.69 -10.99 4.75
CA ILE A 332 -19.49 -10.21 4.99
C ILE A 332 -18.25 -11.09 5.05
N CYS A 333 -18.41 -12.32 5.56
CA CYS A 333 -17.29 -13.26 5.69
C CYS A 333 -17.10 -14.20 4.48
N HIS A 334 -17.88 -13.98 3.41
CA HIS A 334 -17.75 -14.78 2.21
C HIS A 334 -18.01 -16.26 2.48
N MET A 335 -19.09 -16.55 3.19
CA MET A 335 -19.49 -17.92 3.47
C MET A 335 -20.89 -18.18 2.89
N LEU A 336 -21.05 -17.87 1.60
CA LEU A 336 -22.30 -18.16 0.93
C LEU A 336 -22.13 -19.34 -0.03
N GLY A 337 -21.12 -20.16 0.22
CA GLY A 337 -20.95 -21.38 -0.56
C GLY A 337 -22.06 -22.36 -0.23
N TYR A 338 -22.35 -23.26 -1.17
CA TYR A 338 -23.40 -24.24 -0.96
C TYR A 338 -23.16 -25.07 0.31
N ASP A 339 -21.92 -25.49 0.53
CA ASP A 339 -21.55 -26.25 1.71
C ASP A 339 -21.77 -25.46 3.01
N ASP A 340 -21.40 -24.18 3.00
CA ASP A 340 -21.60 -23.29 4.14
C ASP A 340 -23.07 -23.16 4.51
N LEU A 341 -23.92 -22.98 3.49
CA LEU A 341 -25.33 -22.72 3.75
C LEU A 341 -26.04 -23.96 4.32
N GLN A 342 -25.56 -25.13 3.94
CA GLN A 342 -26.16 -26.38 4.40
C GLN A 342 -25.95 -26.61 5.91
N ARG A 343 -24.97 -25.93 6.48
CA ARG A 343 -24.71 -26.09 7.92
C ARG A 343 -24.65 -24.77 8.68
N CYS A 344 -25.17 -23.70 8.08
CA CYS A 344 -24.91 -22.36 8.61
C CYS A 344 -25.50 -22.12 10.00
N LEU A 345 -26.49 -22.91 10.41
CA LEU A 345 -27.06 -22.74 11.74
C LEU A 345 -26.11 -23.12 12.88
N ASP A 346 -25.02 -23.83 12.54
CA ASP A 346 -23.93 -24.09 13.50
C ASP A 346 -23.53 -22.82 14.21
N PHE A 347 -23.47 -21.73 13.45
CA PHE A 347 -22.85 -20.50 13.93
C PHE A 347 -23.72 -19.71 14.92
N VAL A 348 -24.96 -20.13 15.11
CA VAL A 348 -25.86 -19.48 16.07
C VAL A 348 -26.51 -20.46 17.05
N THR A 349 -26.09 -21.72 16.98
CA THR A 349 -26.60 -22.75 17.86
C THR A 349 -25.44 -23.53 18.50
N ASP A 350 -25.02 -24.61 17.85
CA ASP A 350 -24.00 -25.52 18.40
C ASP A 350 -22.68 -24.85 18.76
N ASN A 351 -22.14 -24.05 17.85
CA ASN A 351 -20.84 -23.42 18.09
C ASN A 351 -20.90 -22.46 19.28
N SER A 352 -21.99 -21.72 19.37
CA SER A 352 -22.19 -20.78 20.47
C SER A 352 -22.35 -21.50 21.79
N ALA A 353 -23.08 -22.61 21.78
CA ALA A 353 -23.24 -23.43 22.97
C ALA A 353 -21.88 -23.96 23.44
N ARG A 354 -21.01 -24.26 22.48
CA ARG A 354 -19.67 -24.74 22.83
C ARG A 354 -18.86 -23.63 23.48
N ALA A 355 -18.95 -22.41 22.95
CA ALA A 355 -18.26 -21.26 23.53
C ALA A 355 -18.71 -20.97 24.97
N LEU A 356 -19.98 -21.20 25.24
CA LEU A 356 -20.53 -20.94 26.58
C LEU A 356 -20.38 -22.15 27.48
N CYS A 357 -19.71 -23.18 26.97
CA CYS A 357 -19.51 -24.42 27.71
C CYS A 357 -20.79 -25.02 28.26
N LEU A 358 -21.84 -25.06 27.45
CA LEU A 358 -23.13 -25.56 27.92
C LEU A 358 -23.16 -27.09 28.07
N GLY A 359 -22.30 -27.79 27.34
CA GLY A 359 -22.18 -29.24 27.46
C GLY A 359 -23.51 -29.96 27.29
N ASP A 360 -23.80 -30.91 28.16
CA ASP A 360 -25.04 -31.69 28.06
C ASP A 360 -26.30 -30.94 28.46
N ASN A 361 -26.18 -29.65 28.77
CA ASN A 361 -27.37 -28.84 29.01
C ASN A 361 -27.95 -28.26 27.73
N TYR A 362 -27.39 -28.68 26.59
CA TYR A 362 -27.77 -28.12 25.29
C TYR A 362 -27.77 -29.19 24.21
N GLY A 363 -28.72 -29.11 23.27
CA GLY A 363 -28.73 -30.01 22.14
C GLY A 363 -29.85 -31.03 22.22
N LEU A 364 -30.27 -31.50 21.05
CA LEU A 364 -31.36 -32.46 20.94
C LEU A 364 -30.85 -33.88 21.02
N ALA A 365 -30.76 -34.40 22.24
CA ALA A 365 -30.29 -35.75 22.46
C ALA A 365 -31.05 -36.23 23.67
N GLU A 366 -31.29 -37.53 23.74
CA GLU A 366 -32.04 -38.10 24.85
C GLU A 366 -31.33 -37.85 26.19
N GLY A 367 -32.09 -37.52 27.23
CA GLY A 367 -31.53 -37.26 28.54
C GLY A 367 -31.28 -35.80 28.80
N ARG A 368 -31.21 -34.99 27.75
CA ARG A 368 -30.90 -33.56 27.90
C ARG A 368 -32.15 -32.69 28.11
N PRO A 369 -31.98 -31.44 28.58
CA PRO A 369 -33.16 -30.60 28.84
C PRO A 369 -34.08 -30.43 27.62
N ALA A 370 -35.39 -30.46 27.84
CA ALA A 370 -36.35 -30.27 26.76
C ALA A 370 -36.44 -28.78 26.43
N ASN A 371 -35.38 -28.27 25.83
CA ASN A 371 -35.30 -26.89 25.35
C ASN A 371 -35.11 -26.93 23.84
N LEU A 372 -36.07 -26.39 23.11
CA LEU A 372 -36.00 -26.45 21.65
C LEU A 372 -36.98 -25.49 20.99
N LEU A 373 -36.76 -25.29 19.69
CA LEU A 373 -37.58 -24.42 18.87
C LEU A 373 -38.13 -25.20 17.68
N ILE A 374 -39.28 -24.75 17.17
CA ILE A 374 -39.70 -25.19 15.84
C ILE A 374 -39.65 -23.97 14.93
N LEU A 375 -38.86 -24.06 13.86
CA LEU A 375 -38.70 -22.96 12.90
C LEU A 375 -39.59 -23.18 11.70
N ASP A 376 -39.97 -22.09 11.04
CA ASP A 376 -40.82 -22.13 9.87
C ASP A 376 -39.95 -22.36 8.64
N ALA A 377 -39.25 -23.48 8.63
CA ALA A 377 -38.35 -23.85 7.54
C ALA A 377 -37.99 -25.31 7.70
N GLU A 378 -37.54 -25.95 6.61
CA GLU A 378 -37.22 -27.37 6.61
C GLU A 378 -35.74 -27.67 6.83
N ASN A 379 -34.88 -26.69 6.57
CA ASN A 379 -33.42 -26.89 6.64
C ASN A 379 -32.68 -25.58 6.90
N ASP A 380 -31.37 -25.63 7.09
CA ASP A 380 -30.54 -24.45 7.36
C ASP A 380 -30.66 -23.40 6.27
N TYR A 381 -30.61 -23.87 5.03
CA TYR A 381 -30.63 -22.99 3.87
C TYR A 381 -31.90 -22.14 3.82
N GLU A 382 -33.06 -22.80 3.90
CA GLU A 382 -34.34 -22.08 3.91
C GLU A 382 -34.49 -21.20 5.16
N ALA A 383 -33.95 -21.66 6.28
CA ALA A 383 -34.04 -20.89 7.52
C ALA A 383 -33.37 -19.51 7.35
N VAL A 384 -32.14 -19.47 6.82
CA VAL A 384 -31.49 -18.18 6.64
C VAL A 384 -32.03 -17.43 5.44
N ARG A 385 -32.44 -18.15 4.39
CA ARG A 385 -32.96 -17.50 3.19
C ARG A 385 -34.25 -16.74 3.44
N ARG A 386 -35.17 -17.36 4.17
CA ARG A 386 -36.46 -16.74 4.45
C ARG A 386 -36.50 -16.02 5.80
N GLN A 387 -35.38 -16.11 6.53
CA GLN A 387 -35.29 -15.52 7.86
C GLN A 387 -36.44 -16.10 8.68
N ALA A 388 -36.48 -17.43 8.72
CA ALA A 388 -37.65 -18.17 9.18
C ALA A 388 -38.07 -17.74 10.58
N ARG A 389 -39.37 -17.62 10.79
CA ARG A 389 -39.82 -17.26 12.12
C ARG A 389 -39.78 -18.46 13.07
N VAL A 390 -39.62 -18.18 14.36
CA VAL A 390 -39.72 -19.19 15.40
C VAL A 390 -41.20 -19.38 15.73
N LEU A 391 -41.73 -20.55 15.38
CA LEU A 391 -43.16 -20.79 15.56
C LEU A 391 -43.48 -21.27 16.97
N THR A 392 -42.55 -22.01 17.56
CA THR A 392 -42.74 -22.54 18.91
C THR A 392 -41.41 -22.53 19.64
N SER A 393 -41.42 -22.01 20.86
CA SER A 393 -40.28 -22.13 21.76
C SER A 393 -40.69 -22.91 22.99
N ILE A 394 -39.95 -23.97 23.28
CA ILE A 394 -40.23 -24.85 24.38
C ILE A 394 -39.05 -24.78 25.34
N ARG A 395 -39.34 -24.57 26.63
CA ARG A 395 -38.29 -24.49 27.65
C ARG A 395 -38.68 -25.35 28.85
N HIS A 396 -37.76 -26.22 29.26
CA HIS A 396 -38.00 -27.17 30.35
C HIS A 396 -39.29 -27.92 30.12
N GLY A 397 -39.57 -28.25 28.85
CA GLY A 397 -40.72 -29.05 28.49
C GLY A 397 -42.05 -28.31 28.42
N LYS A 398 -42.03 -26.98 28.58
CA LYS A 398 -43.24 -26.18 28.47
C LYS A 398 -43.15 -25.24 27.27
N VAL A 399 -44.27 -25.06 26.56
CA VAL A 399 -44.32 -24.09 25.48
C VAL A 399 -44.28 -22.70 26.10
N ILE A 400 -43.24 -21.92 25.81
CA ILE A 400 -43.19 -20.55 26.35
C ILE A 400 -43.48 -19.49 25.30
N LEU A 401 -43.47 -19.87 24.03
CA LEU A 401 -43.84 -18.97 22.95
C LEU A 401 -44.54 -19.72 21.82
N GLN A 402 -45.61 -19.15 21.31
CA GLN A 402 -46.27 -19.71 20.12
C GLN A 402 -46.62 -18.59 19.14
N ARG A 403 -46.25 -18.77 17.88
CA ARG A 403 -46.60 -17.85 16.80
C ARG A 403 -47.47 -18.60 15.80
N GLU A 404 -48.45 -17.90 15.24
CA GLU A 404 -49.20 -18.44 14.10
C GLU A 404 -48.30 -18.49 12.88
N VAL A 405 -48.50 -19.48 12.02
CA VAL A 405 -47.84 -19.48 10.71
C VAL A 405 -48.42 -18.32 9.93
N GLU A 406 -47.56 -17.51 9.30
CA GLU A 406 -48.03 -16.40 8.48
C GLU A 406 -48.92 -16.86 7.34
N HIS A 407 -50.04 -16.19 7.14
CA HIS A 407 -50.87 -16.46 5.96
C HIS A 407 -51.29 -15.18 5.26
N ILE A 408 -50.75 -14.99 4.06
CA ILE A 408 -51.09 -13.86 3.20
C ILE A 408 -52.38 -14.15 2.44
N ARG A 409 -53.29 -13.18 2.40
CA ARG A 409 -54.50 -13.31 1.59
C ARG A 409 -54.34 -12.51 0.31
N TYR A 410 -54.85 -13.06 -0.78
CA TYR A 410 -54.85 -12.37 -2.06
C TYR A 410 -56.29 -12.16 -2.54
N PRO A 411 -56.85 -10.98 -2.31
CA PRO A 411 -58.21 -10.71 -2.81
C PRO A 411 -58.23 -10.44 -4.32
N MET B 1 -62.45 4.00 -1.89
CA MET B 1 -62.06 3.33 -0.66
C MET B 1 -61.40 4.33 0.28
N LYS B 2 -61.63 4.17 1.59
CA LYS B 2 -61.10 5.11 2.55
C LYS B 2 -60.08 4.45 3.49
N ILE B 3 -58.93 5.10 3.65
CA ILE B 3 -57.94 4.67 4.64
C ILE B 3 -57.79 5.76 5.70
N ILE B 4 -58.12 5.45 6.94
CA ILE B 4 -57.99 6.40 8.04
C ILE B 4 -56.83 6.05 8.97
N ASN B 5 -56.44 7.00 9.83
CA ASN B 5 -55.41 6.78 10.83
C ASN B 5 -54.07 6.33 10.25
N ALA B 6 -53.68 6.93 9.13
CA ALA B 6 -52.44 6.59 8.46
C ALA B 6 -51.35 7.61 8.72
N ARG B 7 -50.14 7.13 8.96
N ARG B 7 -50.14 7.12 8.94
CA ARG B 7 -48.96 7.98 9.05
CA ARG B 7 -48.97 7.98 9.03
C ARG B 7 -48.36 8.17 7.66
C ARG B 7 -48.38 8.17 7.65
N LEU B 8 -47.80 9.35 7.42
CA LEU B 8 -47.09 9.61 6.18
C LEU B 8 -45.65 9.88 6.55
N ARG B 9 -44.73 9.71 5.61
CA ARG B 9 -43.32 9.74 5.95
C ARG B 9 -42.82 11.06 6.52
N ARG B 10 -42.12 10.95 7.66
CA ARG B 10 -41.51 12.09 8.34
C ARG B 10 -42.51 13.20 8.73
N GLN B 11 -43.72 12.79 9.13
CA GLN B 11 -44.72 13.71 9.68
C GLN B 11 -45.35 13.10 10.92
N GLU B 12 -45.84 13.96 11.82
CA GLU B 12 -46.45 13.48 13.05
C GLU B 12 -47.94 13.20 12.91
N ALA B 13 -48.62 14.02 12.11
CA ALA B 13 -50.08 13.96 12.02
C ALA B 13 -50.61 12.67 11.38
N LEU B 14 -51.81 12.28 11.76
CA LEU B 14 -52.50 11.16 11.12
C LEU B 14 -53.30 11.66 9.94
N PHE B 15 -53.43 10.80 8.93
CA PHE B 15 -54.09 11.20 7.69
C PHE B 15 -55.17 10.21 7.25
N THR B 16 -56.17 10.73 6.56
CA THR B 16 -57.15 9.92 5.87
C THR B 16 -56.86 10.03 4.38
N LEU B 17 -56.77 8.88 3.69
CA LEU B 17 -56.58 8.87 2.24
C LEU B 17 -57.81 8.33 1.53
N ASP B 18 -58.34 9.10 0.59
CA ASP B 18 -59.57 8.73 -0.09
C ASP B 18 -59.22 8.29 -1.50
N LEU B 19 -59.55 7.03 -1.82
CA LEU B 19 -59.17 6.48 -3.10
C LEU B 19 -60.41 6.28 -3.97
N GLN B 20 -60.36 6.80 -5.19
CA GLN B 20 -61.49 6.70 -6.11
C GLN B 20 -61.03 6.54 -7.55
N ASP B 21 -61.68 5.64 -8.28
CA ASP B 21 -61.43 5.45 -9.71
C ASP B 21 -59.98 5.10 -10.01
N GLY B 22 -59.31 4.44 -9.07
CA GLY B 22 -57.94 4.00 -9.29
C GLY B 22 -56.89 5.07 -9.02
N ILE B 23 -57.31 6.24 -8.55
CA ILE B 23 -56.36 7.30 -8.21
C ILE B 23 -56.57 7.82 -6.79
N ILE B 24 -55.59 8.55 -6.28
CA ILE B 24 -55.69 9.14 -4.95
C ILE B 24 -56.51 10.41 -5.04
N HIS B 25 -57.69 10.36 -4.45
CA HIS B 25 -58.65 11.47 -4.59
C HIS B 25 -58.39 12.60 -3.62
N ARG B 26 -58.17 12.26 -2.35
CA ARG B 26 -57.98 13.28 -1.34
C ARG B 26 -57.07 12.78 -0.23
N ILE B 27 -56.19 13.66 0.26
CA ILE B 27 -55.39 13.38 1.44
C ILE B 27 -55.62 14.50 2.45
N THR B 28 -56.06 14.14 3.65
CA THR B 28 -56.43 15.15 4.64
C THR B 28 -55.97 14.79 6.04
N ALA B 29 -55.31 15.74 6.70
CA ALA B 29 -54.85 15.54 8.08
C ALA B 29 -56.02 15.44 9.05
N GLN B 30 -55.98 14.43 9.93
CA GLN B 30 -57.01 14.24 10.93
C GLN B 30 -56.67 14.97 12.21
N ALA B 31 -57.65 15.08 13.09
CA ALA B 31 -57.44 15.60 14.44
C ALA B 31 -56.78 14.53 15.32
N ALA B 32 -57.35 13.33 15.29
CA ALA B 32 -56.81 12.18 16.03
C ALA B 32 -57.37 10.87 15.49
N MET B 33 -57.13 9.78 16.21
CA MET B 33 -57.64 8.46 15.84
C MET B 33 -59.16 8.47 15.66
N GLN B 34 -59.65 7.65 14.74
CA GLN B 34 -61.08 7.61 14.43
C GLN B 34 -61.51 6.16 14.18
N THR B 35 -62.80 5.97 13.96
CA THR B 35 -63.34 4.61 13.81
C THR B 35 -63.70 4.30 12.36
N ALA B 36 -63.27 3.14 11.88
CA ALA B 36 -63.54 2.75 10.49
C ALA B 36 -64.99 2.33 10.27
N ASP B 37 -65.74 3.17 9.53
CA ASP B 37 -67.08 2.79 9.12
C ASP B 37 -66.95 1.69 8.09
N ALA B 38 -68.05 1.00 7.79
CA ALA B 38 -68.04 -0.10 6.84
C ALA B 38 -67.37 0.30 5.52
N GLY B 39 -66.37 -0.49 5.10
CA GLY B 39 -65.67 -0.22 3.85
C GLY B 39 -64.53 0.76 4.01
N ALA B 40 -64.10 0.98 5.25
CA ALA B 40 -62.94 1.81 5.52
C ALA B 40 -61.82 0.99 6.15
N ILE B 41 -60.62 1.12 5.59
CA ILE B 41 -59.45 0.48 6.18
C ILE B 41 -58.88 1.38 7.28
N ASP B 42 -58.73 0.82 8.48
CA ASP B 42 -58.08 1.53 9.58
C ASP B 42 -56.60 1.17 9.58
N ALA B 43 -55.74 2.16 9.28
CA ALA B 43 -54.30 1.94 9.24
C ALA B 43 -53.69 1.87 10.64
N GLN B 44 -54.45 2.28 11.65
CA GLN B 44 -54.08 2.14 13.06
C GLN B 44 -52.74 2.77 13.41
N GLY B 45 -52.49 3.95 12.84
CA GLY B 45 -51.23 4.65 13.07
C GLY B 45 -50.05 4.03 12.37
N ARG B 46 -50.28 3.15 11.40
CA ARG B 46 -49.18 2.59 10.62
C ARG B 46 -48.85 3.52 9.45
N LEU B 47 -47.63 3.42 8.97
CA LEU B 47 -47.13 4.20 7.86
C LEU B 47 -47.78 3.74 6.55
N ALA B 48 -48.28 4.69 5.76
CA ALA B 48 -48.65 4.46 4.36
C ALA B 48 -47.56 5.05 3.47
N ILE B 49 -47.00 4.24 2.58
CA ILE B 49 -45.99 4.72 1.64
C ILE B 49 -46.37 4.30 0.23
N PRO B 50 -45.77 4.94 -0.78
CA PRO B 50 -45.90 4.41 -2.15
C PRO B 50 -45.15 3.08 -2.22
N PRO B 51 -45.39 2.25 -3.24
CA PRO B 51 -44.83 0.89 -3.23
C PRO B 51 -43.31 0.84 -3.25
N PHE B 52 -42.76 -0.24 -2.72
CA PHE B 52 -41.33 -0.48 -2.88
C PHE B 52 -40.99 -0.64 -4.36
N VAL B 53 -39.76 -0.30 -4.70
CA VAL B 53 -39.27 -0.40 -6.06
C VAL B 53 -38.06 -1.33 -6.06
N GLU B 54 -38.01 -2.22 -7.04
CA GLU B 54 -36.81 -3.04 -7.28
C GLU B 54 -36.19 -2.61 -8.62
N PRO B 55 -35.24 -1.66 -8.57
CA PRO B 55 -34.77 -0.97 -9.77
C PRO B 55 -33.70 -1.74 -10.54
N HIS B 56 -33.28 -2.89 -10.02
CA HIS B 56 -32.25 -3.67 -10.67
C HIS B 56 -32.32 -5.13 -10.25
N ILE B 57 -32.86 -5.97 -11.13
CA ILE B 57 -32.90 -7.40 -10.88
C ILE B 57 -32.73 -8.17 -12.20
N HIS B 58 -32.24 -9.40 -12.14
CA HIS B 58 -32.05 -10.23 -13.33
C HIS B 58 -33.09 -11.36 -13.36
N LEU B 59 -34.30 -11.06 -13.81
CA LEU B 59 -35.39 -12.04 -13.84
C LEU B 59 -35.17 -13.21 -14.80
N ASP B 60 -34.38 -13.00 -15.86
CA ASP B 60 -34.11 -14.10 -16.79
C ASP B 60 -33.28 -15.19 -16.13
N ALA B 61 -32.46 -14.79 -15.16
CA ALA B 61 -31.56 -15.71 -14.46
C ALA B 61 -32.10 -16.18 -13.10
N THR B 62 -33.23 -15.63 -12.65
CA THR B 62 -33.70 -15.94 -11.30
C THR B 62 -34.05 -17.42 -11.13
N LEU B 63 -33.75 -17.95 -9.95
CA LEU B 63 -34.10 -19.34 -9.59
C LEU B 63 -33.35 -20.40 -10.40
N THR B 64 -32.15 -20.08 -10.88
CA THR B 64 -31.31 -21.05 -11.60
C THR B 64 -29.97 -21.34 -10.90
N ALA B 65 -29.83 -20.92 -9.64
CA ALA B 65 -28.59 -21.20 -8.89
C ALA B 65 -28.29 -22.70 -8.87
N GLY B 66 -27.09 -23.08 -9.31
CA GLY B 66 -26.70 -24.48 -9.29
C GLY B 66 -26.97 -25.25 -10.58
N GLU B 67 -27.54 -24.59 -11.60
CA GLU B 67 -27.84 -25.27 -12.86
C GLU B 67 -26.96 -24.73 -13.98
N PRO B 68 -26.15 -25.61 -14.59
CA PRO B 68 -26.02 -27.03 -14.24
C PRO B 68 -24.94 -27.23 -13.17
N GLU B 69 -24.27 -26.16 -12.77
CA GLU B 69 -23.20 -26.23 -11.78
C GLU B 69 -23.24 -25.02 -10.87
N TRP B 70 -22.59 -25.13 -9.72
CA TRP B 70 -22.53 -24.01 -8.78
C TRP B 70 -21.39 -23.07 -9.10
N ASN B 71 -21.57 -21.81 -8.72
CA ASN B 71 -20.49 -20.82 -8.77
C ASN B 71 -19.61 -21.03 -7.55
N ARG B 72 -18.58 -21.84 -7.71
CA ARG B 72 -17.76 -22.23 -6.55
C ARG B 72 -16.93 -21.09 -5.96
N SER B 73 -16.43 -20.19 -6.80
CA SER B 73 -15.56 -19.12 -6.32
C SER B 73 -16.32 -17.91 -5.73
N GLY B 74 -17.61 -17.79 -6.05
CA GLY B 74 -18.37 -16.65 -5.59
C GLY B 74 -17.96 -15.37 -6.29
N THR B 75 -17.50 -15.48 -7.53
CA THR B 75 -17.03 -14.30 -8.26
C THR B 75 -17.97 -13.92 -9.41
N LEU B 76 -17.92 -12.65 -9.81
CA LEU B 76 -18.69 -12.19 -10.96
C LEU B 76 -18.37 -13.02 -12.22
N PHE B 77 -17.08 -13.28 -12.42
CA PHE B 77 -16.64 -13.96 -13.63
C PHE B 77 -17.08 -15.42 -13.72
N GLU B 78 -16.94 -16.19 -12.64
CA GLU B 78 -17.44 -17.57 -12.69
C GLU B 78 -18.96 -17.59 -12.88
N GLY B 79 -19.65 -16.63 -12.28
CA GLY B 79 -21.09 -16.51 -12.45
C GLY B 79 -21.49 -16.39 -13.91
N ILE B 80 -20.75 -15.56 -14.65
CA ILE B 80 -20.97 -15.39 -16.08
C ILE B 80 -20.76 -16.71 -16.84
N THR B 81 -19.74 -17.46 -16.45
CA THR B 81 -19.50 -18.77 -17.04
C THR B 81 -20.67 -19.73 -16.77
N ARG B 82 -21.11 -19.80 -15.52
CA ARG B 82 -22.24 -20.64 -15.15
C ARG B 82 -23.52 -20.24 -15.91
N TRP B 83 -23.77 -18.94 -16.01
CA TRP B 83 -24.92 -18.43 -16.75
C TRP B 83 -24.83 -18.81 -18.24
N SER B 84 -23.63 -18.66 -18.81
CA SER B 84 -23.37 -19.09 -20.18
C SER B 84 -23.78 -20.56 -20.40
N GLN B 85 -23.46 -21.43 -19.46
CA GLN B 85 -23.87 -22.84 -19.49
C GLN B 85 -25.40 -23.00 -19.40
N ARG B 86 -26.03 -22.31 -18.46
CA ARG B 86 -27.47 -22.38 -18.26
C ARG B 86 -28.23 -21.86 -19.48
N LYS B 87 -27.67 -20.84 -20.13
CA LYS B 87 -28.25 -20.27 -21.34
C LYS B 87 -28.49 -21.32 -22.42
N ALA B 88 -27.65 -22.35 -22.45
CA ALA B 88 -27.81 -23.45 -23.40
C ALA B 88 -29.17 -24.13 -23.28
N SER B 89 -29.85 -23.97 -22.14
CA SER B 89 -31.14 -24.65 -21.96
C SER B 89 -32.32 -23.72 -21.67
N ILE B 90 -32.09 -22.40 -21.77
CA ILE B 90 -33.16 -21.42 -21.55
C ILE B 90 -34.22 -21.54 -22.65
N THR B 91 -35.49 -21.64 -22.26
CA THR B 91 -36.59 -21.57 -23.22
C THR B 91 -37.54 -20.46 -22.77
N PRO B 92 -38.40 -19.96 -23.69
CA PRO B 92 -39.37 -18.95 -23.25
C PRO B 92 -40.24 -19.40 -22.08
N GLU B 93 -40.73 -20.64 -22.10
CA GLU B 93 -41.62 -21.11 -21.03
C GLU B 93 -40.88 -21.28 -19.69
N ASP B 94 -39.61 -21.68 -19.77
CA ASP B 94 -38.77 -21.84 -18.58
C ASP B 94 -38.55 -20.47 -17.94
N THR B 95 -38.21 -19.49 -18.78
CA THR B 95 -37.99 -18.13 -18.32
C THR B 95 -39.27 -17.56 -17.70
N ARG B 96 -40.38 -17.72 -18.39
CA ARG B 96 -41.68 -17.27 -17.91
C ARG B 96 -42.02 -17.81 -16.51
N GLN B 97 -41.91 -19.13 -16.34
CA GLN B 97 -42.28 -19.74 -15.06
C GLN B 97 -41.42 -19.25 -13.91
N ARG B 98 -40.11 -19.16 -14.14
CA ARG B 98 -39.23 -18.69 -13.08
C ARG B 98 -39.46 -17.23 -12.75
N ALA B 99 -39.64 -16.41 -13.79
CA ALA B 99 -39.82 -14.97 -13.59
C ALA B 99 -41.10 -14.67 -12.81
N LEU B 100 -42.17 -15.39 -13.14
CA LEU B 100 -43.46 -15.18 -12.47
C LEU B 100 -43.40 -15.57 -11.01
N LYS B 101 -42.69 -16.65 -10.71
CA LYS B 101 -42.51 -17.07 -9.34
C LYS B 101 -41.75 -16.00 -8.53
N THR B 102 -40.69 -15.44 -9.12
CA THR B 102 -39.95 -14.38 -8.44
C THR B 102 -40.78 -13.09 -8.32
N ILE B 103 -41.58 -12.80 -9.34
CA ILE B 103 -42.47 -11.65 -9.28
C ILE B 103 -43.46 -11.81 -8.12
N GLY B 104 -43.87 -13.04 -7.86
CA GLY B 104 -44.73 -13.33 -6.72
C GLY B 104 -44.05 -13.00 -5.40
N MET B 105 -42.74 -13.26 -5.32
CA MET B 105 -41.98 -12.92 -4.12
C MET B 105 -41.93 -11.42 -3.93
N LEU B 106 -41.61 -10.70 -5.01
CA LEU B 106 -41.56 -9.24 -4.98
C LEU B 106 -42.91 -8.65 -4.55
N ARG B 107 -43.98 -9.18 -5.12
CA ARG B 107 -45.35 -8.77 -4.78
C ARG B 107 -45.63 -8.98 -3.29
N ASP B 108 -45.24 -10.14 -2.76
CA ASP B 108 -45.40 -10.46 -1.35
C ASP B 108 -44.72 -9.43 -0.42
N PHE B 109 -43.68 -8.77 -0.92
CA PHE B 109 -42.96 -7.79 -0.09
C PHE B 109 -43.21 -6.34 -0.51
N GLY B 110 -44.31 -6.11 -1.20
CA GLY B 110 -44.75 -4.76 -1.52
C GLY B 110 -44.10 -4.07 -2.71
N VAL B 111 -43.42 -4.84 -3.57
CA VAL B 111 -42.78 -4.25 -4.75
C VAL B 111 -43.79 -4.18 -5.90
N GLN B 112 -44.07 -2.98 -6.40
CA GLN B 112 -44.96 -2.81 -7.55
C GLN B 112 -44.26 -2.25 -8.80
N HIS B 113 -42.99 -1.89 -8.67
CA HIS B 113 -42.23 -1.37 -9.79
C HIS B 113 -40.91 -2.11 -9.89
N VAL B 114 -40.68 -2.74 -11.02
CA VAL B 114 -39.48 -3.55 -11.20
C VAL B 114 -38.77 -3.17 -12.50
N ARG B 115 -37.45 -3.02 -12.43
CA ARG B 115 -36.65 -2.94 -13.64
C ARG B 115 -35.77 -4.19 -13.73
N THR B 116 -35.98 -4.99 -14.79
CA THR B 116 -35.20 -6.21 -14.98
C THR B 116 -34.21 -6.07 -16.12
N HIS B 117 -32.99 -6.53 -15.89
CA HIS B 117 -32.05 -6.71 -16.99
C HIS B 117 -32.33 -8.06 -17.61
N VAL B 118 -32.17 -8.16 -18.91
CA VAL B 118 -32.32 -9.43 -19.61
C VAL B 118 -31.13 -9.58 -20.53
N ASP B 119 -30.44 -10.70 -20.43
CA ASP B 119 -29.25 -10.93 -21.23
C ASP B 119 -29.65 -11.07 -22.69
N VAL B 120 -29.14 -10.18 -23.54
CA VAL B 120 -29.41 -10.28 -24.97
C VAL B 120 -28.24 -10.88 -25.76
N THR B 121 -27.16 -11.27 -25.08
CA THR B 121 -26.09 -12.01 -25.77
C THR B 121 -26.51 -13.47 -25.91
N ASP B 122 -27.51 -13.67 -26.77
CA ASP B 122 -28.14 -14.97 -27.02
C ASP B 122 -28.86 -14.79 -28.34
N PRO B 123 -28.36 -15.45 -29.41
CA PRO B 123 -28.95 -15.18 -30.72
C PRO B 123 -30.45 -15.47 -30.81
N SER B 124 -30.99 -16.30 -29.93
CA SER B 124 -32.42 -16.62 -29.98
C SER B 124 -33.27 -15.54 -29.31
N LEU B 125 -32.63 -14.72 -28.49
CA LEU B 125 -33.32 -13.74 -27.63
C LEU B 125 -34.53 -14.35 -26.93
N ALA B 126 -34.40 -15.62 -26.52
CA ALA B 126 -35.50 -16.36 -25.94
C ALA B 126 -36.01 -15.71 -24.64
N ALA B 127 -35.09 -15.32 -23.75
CA ALA B 127 -35.48 -14.75 -22.47
C ALA B 127 -36.15 -13.40 -22.68
N LEU B 128 -35.63 -12.63 -23.63
CA LEU B 128 -36.23 -11.34 -23.93
C LEU B 128 -37.68 -11.51 -24.39
N GLN B 129 -37.92 -12.44 -25.32
N GLN B 129 -37.93 -12.44 -25.30
CA GLN B 129 -39.28 -12.75 -25.79
CA GLN B 129 -39.27 -12.68 -25.79
C GLN B 129 -40.20 -13.04 -24.63
C GLN B 129 -40.23 -13.08 -24.66
N ALA B 130 -39.75 -13.91 -23.73
CA ALA B 130 -40.55 -14.31 -22.58
C ALA B 130 -40.85 -13.13 -21.65
N LEU B 131 -39.87 -12.27 -21.41
CA LEU B 131 -40.06 -11.19 -20.45
C LEU B 131 -40.88 -10.03 -21.03
N LEU B 132 -40.86 -9.87 -22.35
CA LEU B 132 -41.72 -8.89 -23.00
C LEU B 132 -43.17 -9.30 -22.84
N ALA B 133 -43.41 -10.61 -22.84
CA ALA B 133 -44.76 -11.11 -22.61
C ALA B 133 -45.13 -11.06 -21.12
N VAL B 134 -44.18 -11.34 -20.24
CA VAL B 134 -44.43 -11.29 -18.79
C VAL B 134 -44.80 -9.87 -18.35
N LYS B 135 -44.17 -8.88 -18.98
CA LYS B 135 -44.49 -7.49 -18.72
C LYS B 135 -45.98 -7.25 -18.86
N GLN B 136 -46.59 -7.85 -19.88
CA GLN B 136 -48.03 -7.72 -20.07
C GLN B 136 -48.81 -8.57 -19.09
N GLU B 137 -48.39 -9.82 -18.94
CA GLU B 137 -49.13 -10.78 -18.14
C GLU B 137 -49.14 -10.37 -16.65
N ALA B 138 -48.07 -9.76 -16.18
CA ALA B 138 -47.92 -9.50 -14.75
C ALA B 138 -48.27 -8.06 -14.38
N ALA B 139 -48.87 -7.33 -15.33
CA ALA B 139 -49.24 -5.94 -15.11
C ALA B 139 -50.27 -5.73 -13.99
N ASP B 140 -51.00 -6.78 -13.64
CA ASP B 140 -51.95 -6.69 -12.54
C ASP B 140 -51.21 -6.63 -11.20
N LEU B 141 -49.95 -7.05 -11.19
CA LEU B 141 -49.14 -7.00 -9.97
C LEU B 141 -48.06 -5.91 -10.00
N ILE B 142 -47.43 -5.70 -11.15
CA ILE B 142 -46.28 -4.81 -11.24
C ILE B 142 -46.19 -4.06 -12.57
N ASP B 143 -45.45 -2.96 -12.53
CA ASP B 143 -45.03 -2.27 -13.73
C ASP B 143 -43.58 -2.62 -13.98
N LEU B 144 -43.32 -3.36 -15.07
CA LEU B 144 -41.99 -3.89 -15.36
C LEU B 144 -41.28 -3.11 -16.45
N GLN B 145 -40.04 -2.70 -16.20
CA GLN B 145 -39.18 -2.18 -17.25
C GLN B 145 -38.18 -3.24 -17.62
N ILE B 146 -37.81 -3.28 -18.89
CA ILE B 146 -36.88 -4.29 -19.38
C ILE B 146 -35.63 -3.62 -19.93
N VAL B 147 -34.46 -4.06 -19.47
CA VAL B 147 -33.21 -3.51 -19.94
C VAL B 147 -32.57 -4.51 -20.88
N ALA B 148 -32.14 -4.06 -22.06
CA ALA B 148 -31.39 -4.92 -22.95
C ALA B 148 -29.95 -4.97 -22.45
N PHE B 149 -29.59 -6.09 -21.83
CA PHE B 149 -28.31 -6.21 -21.14
C PHE B 149 -27.40 -7.20 -21.84
N PRO B 150 -26.29 -6.71 -22.41
CA PRO B 150 -25.39 -7.59 -23.16
C PRO B 150 -24.40 -8.26 -22.22
N GLN B 151 -24.83 -9.27 -21.47
CA GLN B 151 -23.98 -9.89 -20.44
C GLN B 151 -22.56 -10.17 -20.91
N GLU B 152 -22.41 -10.72 -22.12
CA GLU B 152 -21.09 -11.11 -22.60
C GLU B 152 -20.39 -10.05 -23.45
N GLY B 153 -20.87 -8.81 -23.38
CA GLY B 153 -20.27 -7.70 -24.08
C GLY B 153 -20.98 -7.32 -25.36
N ILE B 154 -20.83 -6.06 -25.77
CA ILE B 154 -21.36 -5.59 -27.05
C ILE B 154 -20.32 -5.76 -28.14
N GLU B 155 -19.08 -5.36 -27.82
CA GLU B 155 -18.01 -5.36 -28.80
C GLU B 155 -17.31 -6.70 -28.83
N SER B 156 -17.54 -7.49 -27.79
CA SER B 156 -16.77 -8.69 -27.54
C SER B 156 -17.54 -10.00 -27.83
N TYR B 157 -18.83 -9.88 -28.13
CA TYR B 157 -19.68 -11.03 -28.41
C TYR B 157 -20.08 -10.97 -29.87
N PRO B 158 -20.20 -12.13 -30.54
CA PRO B 158 -20.58 -12.13 -31.96
C PRO B 158 -21.92 -11.43 -32.22
N ASN B 159 -21.92 -10.49 -33.16
CA ASN B 159 -23.09 -9.71 -33.52
C ASN B 159 -23.69 -8.94 -32.33
N GLY B 160 -22.86 -8.56 -31.37
CA GLY B 160 -23.32 -7.84 -30.19
C GLY B 160 -24.06 -6.54 -30.49
N ARG B 161 -23.57 -5.74 -31.42
CA ARG B 161 -24.26 -4.48 -31.74
C ARG B 161 -25.61 -4.80 -32.38
N GLU B 162 -25.65 -5.83 -33.21
CA GLU B 162 -26.91 -6.22 -33.84
C GLU B 162 -27.92 -6.77 -32.82
N LEU B 163 -27.46 -7.56 -31.85
CA LEU B 163 -28.36 -8.11 -30.83
C LEU B 163 -28.97 -7.01 -29.96
N MET B 164 -28.14 -6.05 -29.57
CA MET B 164 -28.63 -4.90 -28.81
C MET B 164 -29.69 -4.15 -29.60
N THR B 165 -29.47 -4.03 -30.91
CA THR B 165 -30.38 -3.31 -31.78
C THR B 165 -31.73 -4.04 -31.91
N ARG B 166 -31.67 -5.34 -32.19
CA ARG B 166 -32.88 -6.18 -32.21
C ARG B 166 -33.68 -6.03 -30.91
N ALA B 167 -32.99 -6.09 -29.78
CA ALA B 167 -33.67 -6.03 -28.48
C ALA B 167 -34.37 -4.71 -28.27
N ILE B 168 -33.73 -3.60 -28.67
CA ILE B 168 -34.36 -2.30 -28.55
C ILE B 168 -35.56 -2.20 -29.52
N GLU B 169 -35.38 -2.70 -30.74
CA GLU B 169 -36.46 -2.67 -31.72
C GLU B 169 -37.66 -3.51 -31.32
N MET B 170 -37.42 -4.54 -30.51
CA MET B 170 -38.49 -5.38 -29.98
C MET B 170 -39.21 -4.72 -28.79
N GLY B 171 -38.65 -3.63 -28.28
CA GLY B 171 -39.35 -2.85 -27.27
C GLY B 171 -38.76 -2.88 -25.88
N ALA B 172 -37.51 -3.32 -25.72
CA ALA B 172 -36.87 -3.13 -24.43
C ALA B 172 -36.88 -1.63 -24.11
N ASP B 173 -37.27 -1.27 -22.90
CA ASP B 173 -37.43 0.12 -22.45
C ASP B 173 -36.11 0.84 -22.18
N VAL B 174 -35.07 0.06 -21.91
CA VAL B 174 -33.82 0.60 -21.39
C VAL B 174 -32.64 -0.06 -22.09
N VAL B 175 -31.62 0.71 -22.41
CA VAL B 175 -30.41 0.20 -23.03
C VAL B 175 -29.37 -0.06 -21.95
N GLY B 176 -28.83 -1.27 -21.91
CA GLY B 176 -27.82 -1.60 -20.91
C GLY B 176 -26.40 -1.62 -21.47
N GLY B 177 -25.47 -2.17 -20.71
CA GLY B 177 -24.09 -2.24 -21.14
C GLY B 177 -23.23 -2.84 -20.07
N ILE B 178 -22.00 -3.19 -20.42
CA ILE B 178 -21.07 -3.76 -19.43
C ILE B 178 -19.60 -3.43 -19.80
N PRO B 179 -19.25 -2.14 -19.85
CA PRO B 179 -17.98 -1.70 -20.43
C PRO B 179 -16.73 -2.30 -19.77
N HIS B 180 -16.79 -2.57 -18.46
CA HIS B 180 -15.66 -3.13 -17.74
C HIS B 180 -15.38 -4.56 -18.19
N TYR B 181 -16.37 -5.20 -18.79
CA TYR B 181 -16.22 -6.58 -19.23
C TYR B 181 -15.79 -6.74 -20.68
N GLU B 182 -15.81 -5.66 -21.46
CA GLU B 182 -15.31 -5.74 -22.83
C GLU B 182 -13.81 -6.11 -22.79
N ASN B 183 -13.31 -6.73 -23.84
CA ASN B 183 -11.98 -7.34 -23.81
C ASN B 183 -10.79 -6.37 -23.69
N THR B 184 -10.99 -5.13 -24.15
CA THR B 184 -9.93 -4.12 -24.07
C THR B 184 -10.52 -2.80 -23.62
N ARG B 185 -9.69 -1.93 -23.05
CA ARG B 185 -10.17 -0.63 -22.62
C ARG B 185 -10.85 0.16 -23.76
N ASP B 186 -10.26 0.13 -24.95
CA ASP B 186 -10.81 0.90 -26.07
C ASP B 186 -12.19 0.40 -26.48
N LYS B 187 -12.42 -0.91 -26.39
CA LYS B 187 -13.74 -1.46 -26.72
C LYS B 187 -14.76 -1.15 -25.62
N GLY B 188 -14.30 -1.03 -24.39
CA GLY B 188 -15.16 -0.60 -23.31
C GLY B 188 -15.71 0.79 -23.62
N VAL B 189 -14.81 1.71 -24.00
CA VAL B 189 -15.19 3.06 -24.38
C VAL B 189 -16.15 3.07 -25.58
N SER B 190 -15.80 2.37 -26.66
CA SER B 190 -16.67 2.40 -27.82
C SER B 190 -18.03 1.75 -27.52
N SER B 191 -18.09 0.81 -26.58
CA SER B 191 -19.38 0.24 -26.24
C SER B 191 -20.28 1.32 -25.63
N VAL B 192 -19.71 2.17 -24.80
CA VAL B 192 -20.50 3.24 -24.19
C VAL B 192 -21.02 4.20 -25.25
N MET B 193 -20.15 4.56 -26.20
CA MET B 193 -20.54 5.44 -27.29
C MET B 193 -21.67 4.83 -28.11
N PHE B 194 -21.59 3.53 -28.40
CA PHE B 194 -22.63 2.85 -29.17
C PHE B 194 -23.98 2.86 -28.42
N LEU B 195 -23.96 2.43 -27.17
CA LEU B 195 -25.19 2.26 -26.42
C LEU B 195 -25.89 3.60 -26.18
N MET B 196 -25.11 4.66 -25.99
CA MET B 196 -25.69 6.00 -25.83
C MET B 196 -26.29 6.49 -27.14
N ASP B 197 -25.59 6.25 -28.26
CA ASP B 197 -26.14 6.53 -29.59
C ASP B 197 -27.43 5.77 -29.82
N LEU B 198 -27.43 4.50 -29.43
CA LEU B 198 -28.60 3.66 -29.61
C LEU B 198 -29.77 4.18 -28.76
N ALA B 199 -29.50 4.46 -27.49
CA ALA B 199 -30.51 5.01 -26.61
C ALA B 199 -31.07 6.32 -27.14
N GLN B 200 -30.18 7.18 -27.61
CA GLN B 200 -30.60 8.50 -28.07
C GLN B 200 -31.43 8.39 -29.35
N ARG B 201 -31.00 7.51 -30.25
CA ARG B 201 -31.67 7.34 -31.54
C ARG B 201 -33.10 6.82 -31.36
N TYR B 202 -33.29 5.91 -30.40
CA TYR B 202 -34.60 5.31 -30.21
C TYR B 202 -35.38 5.90 -29.03
N GLY B 203 -34.83 6.92 -28.39
CA GLY B 203 -35.50 7.57 -27.28
C GLY B 203 -35.74 6.65 -26.09
N ARG B 204 -34.72 5.88 -25.72
CA ARG B 204 -34.84 4.94 -24.61
C ARG B 204 -34.09 5.43 -23.39
N LEU B 205 -34.38 4.82 -22.23
CA LEU B 205 -33.60 5.06 -21.03
C LEU B 205 -32.29 4.27 -21.11
N VAL B 206 -31.39 4.53 -20.17
CA VAL B 206 -30.08 3.89 -20.12
C VAL B 206 -29.82 3.41 -18.71
N ASP B 207 -29.30 2.20 -18.58
CA ASP B 207 -28.91 1.68 -17.28
C ASP B 207 -27.79 0.66 -17.49
N VAL B 208 -26.58 1.09 -17.17
CA VAL B 208 -25.38 0.36 -17.54
C VAL B 208 -24.75 -0.29 -16.30
N HIS B 209 -24.39 -1.57 -16.39
CA HIS B 209 -23.53 -2.20 -15.38
C HIS B 209 -22.18 -1.59 -15.54
N CYS B 210 -21.85 -0.68 -14.63
CA CYS B 210 -20.70 0.18 -14.85
C CYS B 210 -19.64 -0.10 -13.78
N ASP B 211 -18.48 -0.59 -14.19
CA ASP B 211 -17.35 -0.81 -13.27
C ASP B 211 -17.68 -1.71 -12.07
N GLU B 212 -18.33 -2.84 -12.35
CA GLU B 212 -18.61 -3.83 -11.29
C GLU B 212 -17.41 -4.73 -11.12
N ILE B 213 -16.35 -4.16 -10.57
CA ILE B 213 -15.07 -4.81 -10.48
C ILE B 213 -14.21 -3.97 -9.52
N ASP B 214 -13.26 -4.60 -8.83
CA ASP B 214 -12.49 -3.87 -7.82
C ASP B 214 -11.26 -3.14 -8.37
N ASP B 215 -11.06 -3.21 -9.68
CA ASP B 215 -9.91 -2.58 -10.35
C ASP B 215 -10.05 -1.06 -10.28
N PRO B 216 -9.10 -0.36 -9.62
CA PRO B 216 -9.16 1.12 -9.52
C PRO B 216 -8.96 1.80 -10.87
N GLN B 217 -8.48 1.06 -11.87
CA GLN B 217 -8.38 1.60 -13.23
C GLN B 217 -9.69 1.50 -14.03
N SER B 218 -10.71 0.85 -13.47
CA SER B 218 -11.98 0.73 -14.21
C SER B 218 -12.76 2.05 -14.09
N ARG B 219 -12.62 2.89 -15.10
CA ARG B 219 -13.16 4.24 -15.03
C ARG B 219 -14.09 4.53 -16.21
N PHE B 220 -14.98 3.59 -16.50
CA PHE B 220 -15.95 3.83 -17.58
C PHE B 220 -17.09 4.74 -17.14
N LEU B 221 -17.29 4.86 -15.83
CA LEU B 221 -18.26 5.80 -15.30
C LEU B 221 -18.04 7.22 -15.84
N GLU B 222 -16.81 7.70 -15.87
CA GLU B 222 -16.55 9.03 -16.43
C GLU B 222 -17.05 9.15 -17.88
N VAL B 223 -16.94 8.06 -18.66
CA VAL B 223 -17.37 8.12 -20.07
C VAL B 223 -18.90 8.22 -20.17
N LEU B 224 -19.58 7.42 -19.35
CA LEU B 224 -21.05 7.40 -19.32
C LEU B 224 -21.63 8.75 -18.88
N ALA B 225 -21.07 9.27 -17.80
CA ALA B 225 -21.54 10.54 -17.24
C ALA B 225 -21.32 11.67 -18.24
N GLU B 226 -20.18 11.66 -18.92
CA GLU B 226 -19.91 12.74 -19.86
C GLU B 226 -20.81 12.65 -21.10
N GLU B 227 -21.06 11.44 -21.58
CA GLU B 227 -22.01 11.30 -22.70
C GLU B 227 -23.40 11.76 -22.27
N ALA B 228 -23.81 11.38 -21.06
CA ALA B 228 -25.10 11.83 -20.53
C ALA B 228 -25.17 13.35 -20.48
N ARG B 229 -24.09 13.96 -20.00
CA ARG B 229 -24.06 15.41 -19.82
C ARG B 229 -24.14 16.17 -21.15
N VAL B 230 -23.28 15.77 -22.08
CA VAL B 230 -23.21 16.35 -23.42
C VAL B 230 -24.52 16.17 -24.21
N ARG B 231 -25.21 15.07 -23.96
CA ARG B 231 -26.40 14.78 -24.75
C ARG B 231 -27.66 15.30 -24.08
N GLY B 232 -27.51 15.81 -22.86
CA GLY B 232 -28.63 16.35 -22.11
C GLY B 232 -29.58 15.28 -21.65
N MET B 233 -29.06 14.09 -21.41
CA MET B 233 -29.87 12.91 -21.10
C MET B 233 -29.76 12.47 -19.65
N GLY B 234 -29.13 13.28 -18.81
CA GLY B 234 -28.80 12.89 -17.44
C GLY B 234 -29.89 12.15 -16.69
N ALA B 235 -31.07 12.76 -16.58
CA ALA B 235 -32.18 12.14 -15.85
C ALA B 235 -32.59 10.74 -16.38
N GLN B 236 -32.34 10.48 -17.66
N GLN B 236 -32.33 10.50 -17.67
CA GLN B 236 -32.72 9.19 -18.25
CA GLN B 236 -32.68 9.24 -18.32
C GLN B 236 -31.63 8.13 -18.16
C GLN B 236 -31.66 8.12 -18.10
N VAL B 237 -30.54 8.44 -17.45
CA VAL B 237 -29.39 7.53 -17.40
C VAL B 237 -29.08 7.06 -15.98
N THR B 238 -28.84 5.78 -15.83
CA THR B 238 -28.49 5.22 -14.53
C THR B 238 -27.20 4.42 -14.66
N ALA B 239 -26.32 4.54 -13.66
CA ALA B 239 -25.14 3.70 -13.59
C ALA B 239 -25.34 2.70 -12.45
N SER B 240 -25.44 1.43 -12.79
CA SER B 240 -25.56 0.40 -11.77
C SER B 240 -24.20 -0.13 -11.32
N HIS B 241 -24.14 -0.45 -10.03
CA HIS B 241 -22.96 -0.96 -9.33
C HIS B 241 -21.90 0.11 -9.02
N THR B 242 -21.09 0.47 -10.02
CA THR B 242 -19.94 1.37 -9.82
C THR B 242 -19.08 0.97 -8.63
N CYS B 243 -18.93 -0.35 -8.43
CA CYS B 243 -18.13 -0.88 -7.33
C CYS B 243 -16.70 -0.33 -7.32
N ALA B 244 -16.13 -0.12 -8.50
CA ALA B 244 -14.74 0.34 -8.58
C ALA B 244 -14.55 1.71 -7.92
N MET B 245 -15.60 2.52 -7.90
CA MET B 245 -15.58 3.82 -7.22
C MET B 245 -15.20 3.64 -5.75
N GLY B 246 -15.62 2.52 -5.16
CA GLY B 246 -15.22 2.17 -3.82
C GLY B 246 -13.73 1.95 -3.65
N SER B 247 -12.99 1.94 -4.76
CA SER B 247 -11.53 1.75 -4.73
C SER B 247 -10.74 2.82 -5.50
N TYR B 248 -11.43 3.87 -5.95
CA TYR B 248 -10.77 4.93 -6.73
C TYR B 248 -9.77 5.73 -5.91
N ASP B 249 -8.72 6.18 -6.59
CA ASP B 249 -7.91 7.27 -6.08
C ASP B 249 -8.81 8.42 -5.62
N ASN B 250 -8.54 8.98 -4.44
CA ASN B 250 -9.45 9.97 -3.85
C ASN B 250 -9.40 11.34 -4.52
N ALA B 251 -8.23 11.73 -5.02
CA ALA B 251 -8.11 12.98 -5.76
C ALA B 251 -8.90 12.86 -7.08
N TYR B 252 -8.70 11.78 -7.82
CA TYR B 252 -9.51 11.54 -9.01
C TYR B 252 -11.00 11.52 -8.69
N CYS B 253 -11.36 10.83 -7.61
CA CYS B 253 -12.79 10.66 -7.31
C CYS B 253 -13.41 12.01 -6.96
N SER B 254 -12.67 12.86 -6.27
CA SER B 254 -13.19 14.18 -5.94
C SER B 254 -13.46 15.00 -7.21
N LYS B 255 -12.53 14.93 -8.16
CA LYS B 255 -12.74 15.60 -9.44
C LYS B 255 -13.94 14.99 -10.14
N LEU B 256 -14.02 13.67 -10.13
CA LEU B 256 -15.08 12.94 -10.82
C LEU B 256 -16.45 13.39 -10.35
N PHE B 257 -16.60 13.62 -9.05
CA PHE B 257 -17.88 14.03 -8.47
C PHE B 257 -18.47 15.29 -9.08
N ARG B 258 -17.61 16.20 -9.54
CA ARG B 258 -18.09 17.41 -10.19
C ARG B 258 -18.84 17.07 -11.47
N LEU B 259 -18.30 16.10 -12.21
CA LEU B 259 -18.95 15.67 -13.44
C LEU B 259 -20.19 14.84 -13.14
N LEU B 260 -20.12 13.99 -12.11
CA LEU B 260 -21.28 13.19 -11.74
C LEU B 260 -22.45 14.10 -11.39
N LYS B 261 -22.18 15.14 -10.62
CA LYS B 261 -23.24 16.07 -10.24
C LYS B 261 -23.74 16.81 -11.48
N ALA B 262 -22.82 17.25 -12.34
CA ALA B 262 -23.16 18.03 -13.52
C ALA B 262 -23.98 17.25 -14.55
N SER B 263 -23.74 15.94 -14.61
CA SER B 263 -24.37 15.08 -15.60
C SER B 263 -25.82 14.80 -15.23
N GLY B 264 -26.10 14.76 -13.93
CA GLY B 264 -27.45 14.51 -13.46
C GLY B 264 -27.88 13.06 -13.49
N ILE B 265 -26.95 12.13 -13.71
CA ILE B 265 -27.31 10.71 -13.75
C ILE B 265 -27.64 10.11 -12.37
N ASN B 266 -28.31 8.96 -12.39
CA ASN B 266 -28.67 8.21 -11.19
C ASN B 266 -27.72 7.06 -10.93
N PHE B 267 -27.71 6.59 -9.68
CA PHE B 267 -26.87 5.47 -9.27
C PHE B 267 -27.66 4.38 -8.58
N ILE B 268 -27.35 3.12 -8.90
CA ILE B 268 -27.94 2.00 -8.18
C ILE B 268 -26.83 1.17 -7.55
N SER B 269 -26.99 0.86 -6.27
CA SER B 269 -26.06 0.00 -5.56
C SER B 269 -26.78 -1.27 -5.11
N CYS B 270 -26.09 -2.40 -5.17
CA CYS B 270 -26.65 -3.68 -4.74
C CYS B 270 -25.77 -4.24 -3.62
N PRO B 271 -25.98 -3.78 -2.37
CA PRO B 271 -25.01 -4.08 -1.31
C PRO B 271 -24.90 -5.57 -0.95
N THR B 272 -25.99 -6.32 -0.93
CA THR B 272 -25.88 -7.75 -0.62
C THR B 272 -25.13 -8.50 -1.72
N GLU B 273 -25.33 -8.07 -2.96
CA GLU B 273 -24.66 -8.72 -4.08
C GLU B 273 -23.18 -8.37 -4.07
N SER B 274 -22.87 -7.09 -3.89
CA SER B 274 -21.47 -6.66 -3.95
C SER B 274 -20.64 -7.11 -2.76
N ILE B 275 -21.22 -7.17 -1.57
CA ILE B 275 -20.47 -7.68 -0.42
C ILE B 275 -20.07 -9.13 -0.68
N HIS B 276 -20.93 -9.86 -1.41
CA HIS B 276 -20.70 -11.26 -1.75
C HIS B 276 -19.70 -11.42 -2.90
N LEU B 277 -19.84 -10.61 -3.96
CA LEU B 277 -19.02 -10.75 -5.17
C LEU B 277 -17.72 -9.96 -5.16
N GLN B 278 -17.69 -8.85 -4.43
CA GLN B 278 -16.47 -8.03 -4.38
C GLN B 278 -15.56 -8.47 -3.24
N GLY B 279 -14.32 -8.00 -3.27
CA GLY B 279 -13.36 -8.31 -2.22
C GLY B 279 -12.79 -9.72 -2.35
N ARG B 280 -13.15 -10.42 -3.42
CA ARG B 280 -12.74 -11.81 -3.60
C ARG B 280 -11.29 -11.92 -4.02
N PHE B 281 -10.74 -10.83 -4.55
CA PHE B 281 -9.39 -10.87 -5.08
C PHE B 281 -8.40 -10.21 -4.14
N ASP B 282 -8.93 -9.74 -3.00
CA ASP B 282 -8.08 -9.30 -1.90
C ASP B 282 -7.71 -10.50 -1.02
N SER B 283 -6.62 -10.38 -0.29
CA SER B 283 -6.45 -11.26 0.86
C SER B 283 -6.99 -10.50 2.07
N TRP B 284 -6.10 -9.92 2.86
CA TRP B 284 -6.45 -9.16 4.05
C TRP B 284 -5.53 -7.95 4.16
N PRO B 285 -6.07 -6.76 4.47
CA PRO B 285 -7.50 -6.46 4.67
C PRO B 285 -8.34 -6.68 3.41
N LYS B 286 -9.64 -6.87 3.59
CA LYS B 286 -10.55 -7.21 2.51
C LYS B 286 -11.51 -6.06 2.30
N ARG B 287 -11.51 -5.46 1.11
CA ARG B 287 -12.34 -4.29 0.89
C ARG B 287 -13.83 -4.64 0.85
N ARG B 288 -14.67 -3.67 1.16
CA ARG B 288 -16.11 -3.86 1.06
C ARG B 288 -16.54 -3.98 -0.39
N GLY B 289 -16.00 -3.11 -1.24
CA GLY B 289 -16.23 -3.21 -2.67
C GLY B 289 -17.53 -2.57 -3.11
N VAL B 290 -18.07 -1.72 -2.26
CA VAL B 290 -19.34 -1.06 -2.60
C VAL B 290 -19.05 0.38 -3.03
N THR B 291 -19.84 0.90 -3.95
CA THR B 291 -19.70 2.29 -4.35
C THR B 291 -19.92 3.26 -3.17
N ARG B 292 -19.55 4.53 -3.39
CA ARG B 292 -19.60 5.55 -2.34
C ARG B 292 -21.00 6.14 -2.15
N VAL B 293 -21.94 5.31 -1.68
CA VAL B 293 -23.35 5.70 -1.59
C VAL B 293 -23.62 6.92 -0.70
N ALA B 294 -23.10 6.90 0.53
CA ALA B 294 -23.33 8.01 1.44
C ALA B 294 -22.84 9.32 0.84
N GLU B 295 -21.69 9.24 0.17
CA GLU B 295 -21.05 10.41 -0.41
C GLU B 295 -21.83 10.97 -1.62
N LEU B 296 -22.36 10.07 -2.47
CA LEU B 296 -23.19 10.50 -3.60
C LEU B 296 -24.41 11.23 -3.08
N ASP B 297 -25.08 10.60 -2.11
CA ASP B 297 -26.26 11.18 -1.52
C ASP B 297 -25.99 12.55 -0.89
N ARG B 298 -24.86 12.70 -0.20
CA ARG B 298 -24.52 13.99 0.43
C ARG B 298 -24.19 15.06 -0.59
N ALA B 299 -23.78 14.64 -1.77
CA ALA B 299 -23.45 15.55 -2.86
C ALA B 299 -24.70 15.95 -3.63
N GLY B 300 -25.86 15.44 -3.20
CA GLY B 300 -27.11 15.73 -3.88
C GLY B 300 -27.35 14.86 -5.10
N ILE B 301 -26.65 13.73 -5.17
CA ILE B 301 -26.80 12.80 -6.28
C ILE B 301 -27.76 11.68 -5.90
N ASN B 302 -28.70 11.39 -6.79
CA ASN B 302 -29.71 10.33 -6.55
C ASN B 302 -29.10 8.94 -6.56
N VAL B 303 -29.23 8.23 -5.45
CA VAL B 303 -28.72 6.87 -5.33
C VAL B 303 -29.76 5.99 -4.62
N CYS B 304 -29.80 4.71 -4.96
CA CYS B 304 -30.78 3.81 -4.33
C CYS B 304 -30.25 2.38 -4.28
N PHE B 305 -30.94 1.51 -3.56
CA PHE B 305 -30.50 0.13 -3.38
C PHE B 305 -31.38 -0.83 -4.18
N ALA B 306 -30.82 -1.98 -4.51
CA ALA B 306 -31.54 -3.01 -5.28
C ALA B 306 -31.08 -4.41 -4.84
N GLN B 307 -31.90 -5.43 -5.10
CA GLN B 307 -31.54 -6.81 -4.75
C GLN B 307 -30.60 -7.50 -5.75
N ASP B 308 -30.70 -7.09 -7.02
CA ASP B 308 -29.86 -7.66 -8.10
C ASP B 308 -30.20 -9.11 -8.50
N SER B 309 -30.08 -10.03 -7.56
CA SER B 309 -30.24 -11.46 -7.85
C SER B 309 -31.12 -12.16 -6.84
N ILE B 310 -31.90 -13.14 -7.30
CA ILE B 310 -32.56 -14.06 -6.39
C ILE B 310 -32.28 -15.50 -6.84
N GLN B 311 -31.43 -16.20 -6.07
CA GLN B 311 -31.11 -17.60 -6.29
C GLN B 311 -30.63 -17.88 -7.72
N ASP B 312 -29.58 -17.18 -8.12
CA ASP B 312 -29.14 -17.22 -9.51
C ASP B 312 -27.63 -17.55 -9.57
N PRO B 313 -26.99 -17.56 -10.77
CA PRO B 313 -25.58 -17.98 -10.78
C PRO B 313 -24.62 -17.12 -9.92
N TRP B 314 -25.04 -15.91 -9.58
CA TRP B 314 -24.16 -15.00 -8.87
C TRP B 314 -24.43 -14.97 -7.38
N TYR B 315 -25.65 -15.33 -6.98
CA TYR B 315 -26.09 -15.08 -5.61
C TYR B 315 -27.08 -16.15 -5.16
N PRO B 316 -26.73 -16.91 -4.12
CA PRO B 316 -27.54 -18.10 -3.80
C PRO B 316 -28.73 -17.83 -2.89
N LEU B 317 -28.85 -16.64 -2.31
CA LEU B 317 -29.99 -16.35 -1.46
C LEU B 317 -30.99 -15.44 -2.15
N GLY B 318 -31.86 -14.81 -1.38
CA GLY B 318 -32.85 -13.89 -1.92
C GLY B 318 -34.26 -14.40 -1.69
N ASN B 319 -35.13 -13.51 -1.23
CA ASN B 319 -36.53 -13.85 -1.02
C ASN B 319 -37.51 -12.77 -1.48
N GLY B 320 -36.98 -11.69 -2.09
CA GLY B 320 -37.83 -10.62 -2.60
C GLY B 320 -38.00 -9.43 -1.67
N ASN B 321 -37.43 -9.50 -0.47
CA ASN B 321 -37.65 -8.46 0.53
C ASN B 321 -36.60 -7.34 0.46
N ILE B 322 -37.01 -6.20 -0.07
CA ILE B 322 -36.12 -5.05 -0.26
C ILE B 322 -35.62 -4.43 1.07
N LEU B 323 -36.36 -4.59 2.16
CA LEU B 323 -35.94 -4.05 3.46
C LEU B 323 -34.69 -4.72 4.02
N ARG B 324 -34.46 -5.98 3.65
CA ARG B 324 -33.25 -6.69 4.05
C ARG B 324 -32.05 -6.06 3.34
N ILE B 325 -32.26 -5.73 2.08
CA ILE B 325 -31.23 -5.07 1.29
C ILE B 325 -30.93 -3.67 1.83
N LEU B 326 -31.97 -2.91 2.19
CA LEU B 326 -31.79 -1.60 2.83
C LEU B 326 -30.93 -1.68 4.08
N ASP B 327 -31.28 -2.61 4.96
CA ASP B 327 -30.52 -2.88 6.16
C ASP B 327 -29.03 -3.13 5.86
N ALA B 328 -28.75 -4.07 4.95
CA ALA B 328 -27.35 -4.35 4.55
C ALA B 328 -26.63 -3.09 4.04
N GLY B 329 -27.31 -2.34 3.17
CA GLY B 329 -26.73 -1.13 2.61
C GLY B 329 -26.39 -0.06 3.64
N LEU B 330 -27.30 0.20 4.57
CA LEU B 330 -27.01 1.18 5.62
C LEU B 330 -25.79 0.78 6.46
N HIS B 331 -25.67 -0.51 6.74
CA HIS B 331 -24.50 -1.03 7.47
C HIS B 331 -23.20 -0.85 6.68
N ILE B 332 -23.15 -1.44 5.49
CA ILE B 332 -21.93 -1.48 4.72
C ILE B 332 -21.47 -0.08 4.27
N CYS B 333 -22.41 0.82 4.03
CA CYS B 333 -22.07 2.14 3.53
C CYS B 333 -21.90 3.16 4.64
N HIS B 334 -21.89 2.70 5.89
CA HIS B 334 -21.75 3.58 7.05
C HIS B 334 -22.82 4.69 7.07
N MET B 335 -24.07 4.28 6.96
CA MET B 335 -25.18 5.23 6.97
C MET B 335 -26.17 4.88 8.08
N LEU B 336 -25.64 4.65 9.28
CA LEU B 336 -26.47 4.35 10.43
C LEU B 336 -26.55 5.56 11.38
N GLY B 337 -26.29 6.75 10.86
CA GLY B 337 -26.44 7.95 11.67
C GLY B 337 -27.91 8.24 11.89
N TYR B 338 -28.21 9.04 12.91
CA TYR B 338 -29.61 9.39 13.24
C TYR B 338 -30.38 9.96 12.05
N ASP B 339 -29.79 10.91 11.35
CA ASP B 339 -30.44 11.52 10.20
C ASP B 339 -30.61 10.54 9.04
N ASP B 340 -29.63 9.67 8.81
CA ASP B 340 -29.74 8.65 7.76
C ASP B 340 -30.97 7.77 7.99
N LEU B 341 -31.14 7.34 9.23
CA LEU B 341 -32.19 6.40 9.59
C LEU B 341 -33.60 7.04 9.59
N GLN B 342 -33.68 8.34 9.85
CA GLN B 342 -34.97 9.03 9.79
C GLN B 342 -35.52 9.16 8.37
N ARG B 343 -34.66 9.03 7.36
CA ARG B 343 -35.15 9.13 5.98
C ARG B 343 -34.76 7.94 5.10
N CYS B 344 -34.34 6.85 5.73
CA CYS B 344 -33.69 5.75 5.00
C CYS B 344 -34.57 5.08 3.95
N LEU B 345 -35.90 5.22 4.11
CA LEU B 345 -36.82 4.63 3.13
C LEU B 345 -36.71 5.29 1.74
N ASP B 346 -36.11 6.48 1.67
CA ASP B 346 -35.83 7.15 0.39
C ASP B 346 -35.14 6.19 -0.60
N PHE B 347 -34.25 5.38 -0.07
CA PHE B 347 -33.34 4.58 -0.89
C PHE B 347 -34.00 3.35 -1.51
N VAL B 348 -35.23 3.05 -1.09
CA VAL B 348 -35.95 1.93 -1.66
C VAL B 348 -37.34 2.34 -2.18
N THR B 349 -37.63 3.63 -2.16
CA THR B 349 -38.89 4.14 -2.69
C THR B 349 -38.67 5.33 -3.64
N ASP B 350 -38.71 6.54 -3.10
CA ASP B 350 -38.58 7.77 -3.90
C ASP B 350 -37.36 7.81 -4.83
N ASN B 351 -36.17 7.54 -4.31
CA ASN B 351 -34.95 7.59 -5.14
C ASN B 351 -34.98 6.59 -6.28
N SER B 352 -35.50 5.41 -5.99
CA SER B 352 -35.58 4.37 -6.99
C SER B 352 -36.58 4.76 -8.06
N ALA B 353 -37.68 5.40 -7.64
CA ALA B 353 -38.71 5.87 -8.57
C ALA B 353 -38.17 6.93 -9.51
N ARG B 354 -37.28 7.76 -8.97
CA ARG B 354 -36.63 8.78 -9.79
C ARG B 354 -35.71 8.13 -10.81
N ALA B 355 -34.99 7.09 -10.40
CA ALA B 355 -34.10 6.37 -11.32
C ALA B 355 -34.90 5.74 -12.48
N LEU B 356 -36.10 5.25 -12.17
CA LEU B 356 -36.93 4.61 -13.19
C LEU B 356 -37.82 5.61 -13.96
N CYS B 357 -37.64 6.90 -13.67
CA CYS B 357 -38.40 7.98 -14.32
C CYS B 357 -39.91 7.77 -14.25
N LEU B 358 -40.40 7.33 -13.10
CA LEU B 358 -41.82 7.07 -12.94
C LEU B 358 -42.64 8.37 -12.91
N GLY B 359 -42.01 9.47 -12.51
CA GLY B 359 -42.71 10.74 -12.45
C GLY B 359 -44.00 10.72 -11.63
N ASP B 360 -45.08 11.23 -12.21
CA ASP B 360 -46.35 11.35 -11.49
C ASP B 360 -47.13 10.05 -11.43
N ASN B 361 -46.55 8.99 -11.96
CA ASN B 361 -47.12 7.66 -11.79
C ASN B 361 -46.69 7.02 -10.48
N TYR B 362 -46.00 7.80 -9.64
CA TYR B 362 -45.52 7.30 -8.35
C TYR B 362 -45.68 8.36 -7.27
N GLY B 363 -45.94 7.92 -6.04
CA GLY B 363 -45.96 8.84 -4.92
C GLY B 363 -47.35 9.11 -4.41
N LEU B 364 -47.48 9.31 -3.10
CA LEU B 364 -48.77 9.63 -2.51
C LEU B 364 -49.06 11.13 -2.60
N ALA B 365 -49.79 11.51 -3.64
CA ALA B 365 -50.21 12.88 -3.86
C ALA B 365 -51.53 12.79 -4.58
N GLU B 366 -52.41 13.76 -4.34
CA GLU B 366 -53.72 13.77 -4.98
C GLU B 366 -53.55 13.77 -6.50
N GLY B 367 -54.35 12.97 -7.19
CA GLY B 367 -54.28 12.88 -8.64
C GLY B 367 -53.40 11.77 -9.19
N ARG B 368 -52.57 11.18 -8.33
CA ARG B 368 -51.67 10.11 -8.77
C ARG B 368 -52.31 8.73 -8.57
N PRO B 369 -51.77 7.70 -9.24
CA PRO B 369 -52.39 6.37 -9.12
C PRO B 369 -52.46 5.86 -7.68
N ALA B 370 -53.56 5.20 -7.36
CA ALA B 370 -53.77 4.64 -6.04
C ALA B 370 -52.97 3.33 -5.87
N ASN B 371 -51.64 3.47 -5.80
CA ASN B 371 -50.77 2.35 -5.50
C ASN B 371 -50.01 2.66 -4.21
N LEU B 372 -50.23 1.87 -3.17
CA LEU B 372 -49.61 2.15 -1.89
C LEU B 372 -49.53 0.91 -1.02
N LEU B 373 -48.69 0.96 0.01
CA LEU B 373 -48.64 -0.07 1.04
C LEU B 373 -48.95 0.52 2.39
N ILE B 374 -49.45 -0.32 3.28
CA ILE B 374 -49.42 -0.04 4.71
C ILE B 374 -48.36 -0.95 5.35
N LEU B 375 -47.37 -0.33 5.97
CA LEU B 375 -46.27 -1.03 6.62
C LEU B 375 -46.53 -1.20 8.11
N ASP B 376 -46.06 -2.30 8.69
CA ASP B 376 -46.23 -2.50 10.11
C ASP B 376 -45.16 -1.73 10.90
N ALA B 377 -45.19 -0.40 10.78
CA ALA B 377 -44.26 0.48 11.49
C ALA B 377 -44.77 1.92 11.38
N GLU B 378 -44.30 2.79 12.27
CA GLU B 378 -44.74 4.17 12.32
C GLU B 378 -43.87 5.16 11.54
N ASN B 379 -42.63 4.77 11.27
CA ASN B 379 -41.64 5.67 10.69
C ASN B 379 -40.50 4.89 10.05
N ASP B 380 -39.56 5.58 9.41
CA ASP B 380 -38.47 4.93 8.65
C ASP B 380 -37.59 4.07 9.56
N TYR B 381 -37.23 4.62 10.71
CA TYR B 381 -36.37 3.94 11.65
C TYR B 381 -36.93 2.59 12.08
N GLU B 382 -38.18 2.60 12.54
CA GLU B 382 -38.85 1.39 12.98
C GLU B 382 -39.06 0.41 11.82
N ALA B 383 -39.29 0.95 10.61
CA ALA B 383 -39.46 0.11 9.44
C ALA B 383 -38.20 -0.75 9.22
N VAL B 384 -37.03 -0.13 9.22
CA VAL B 384 -35.82 -0.90 8.99
C VAL B 384 -35.40 -1.70 10.22
N ARG B 385 -35.59 -1.16 11.42
CA ARG B 385 -35.15 -1.84 12.64
C ARG B 385 -35.91 -3.14 12.83
N ARG B 386 -37.20 -3.13 12.50
CA ARG B 386 -38.04 -4.30 12.74
C ARG B 386 -38.21 -5.13 11.50
N GLN B 387 -37.70 -4.65 10.37
CA GLN B 387 -37.97 -5.24 9.06
C GLN B 387 -39.48 -5.40 8.87
N ALA B 388 -40.20 -4.29 8.99
CA ALA B 388 -41.65 -4.32 9.12
C ALA B 388 -42.34 -5.03 7.97
N ARG B 389 -43.37 -5.80 8.30
CA ARG B 389 -44.14 -6.51 7.30
C ARG B 389 -45.04 -5.56 6.52
N VAL B 390 -45.25 -5.87 5.24
CA VAL B 390 -46.26 -5.19 4.46
C VAL B 390 -47.59 -5.80 4.83
N LEU B 391 -48.45 -5.02 5.49
CA LEU B 391 -49.74 -5.51 5.96
C LEU B 391 -50.80 -5.44 4.84
N THR B 392 -50.66 -4.44 3.98
CA THR B 392 -51.60 -4.24 2.88
C THR B 392 -50.85 -3.68 1.69
N SER B 393 -51.14 -4.22 0.53
CA SER B 393 -50.66 -3.66 -0.72
C SER B 393 -51.86 -3.31 -1.58
N ILE B 394 -51.94 -2.06 -2.01
CA ILE B 394 -53.04 -1.63 -2.84
C ILE B 394 -52.53 -1.21 -4.22
N ARG B 395 -53.15 -1.71 -5.27
CA ARG B 395 -52.74 -1.40 -6.63
C ARG B 395 -53.96 -1.01 -7.47
N HIS B 396 -53.85 0.15 -8.12
CA HIS B 396 -54.93 0.71 -8.91
C HIS B 396 -56.22 0.75 -8.10
N GLY B 397 -56.11 1.10 -6.82
CA GLY B 397 -57.27 1.23 -5.97
C GLY B 397 -57.81 -0.08 -5.41
N LYS B 398 -57.20 -1.20 -5.76
CA LYS B 398 -57.64 -2.50 -5.25
C LYS B 398 -56.63 -3.12 -4.28
N VAL B 399 -57.13 -3.79 -3.25
CA VAL B 399 -56.28 -4.52 -2.33
C VAL B 399 -55.83 -5.80 -3.02
N ILE B 400 -54.53 -5.96 -3.23
CA ILE B 400 -54.00 -7.16 -3.88
C ILE B 400 -53.29 -8.10 -2.89
N LEU B 401 -53.00 -7.61 -1.69
CA LEU B 401 -52.35 -8.41 -0.67
C LEU B 401 -52.82 -7.98 0.71
N GLN B 402 -53.10 -8.93 1.58
CA GLN B 402 -53.42 -8.62 2.97
C GLN B 402 -52.74 -9.61 3.94
N ARG B 403 -52.00 -9.06 4.90
CA ARG B 403 -51.41 -9.83 6.00
C ARG B 403 -52.07 -9.46 7.32
N GLU B 404 -52.17 -10.43 8.24
CA GLU B 404 -52.56 -10.14 9.60
C GLU B 404 -51.37 -9.57 10.38
N VAL B 405 -51.64 -8.69 11.33
CA VAL B 405 -50.60 -8.25 12.25
C VAL B 405 -50.15 -9.45 13.08
N GLU B 406 -48.84 -9.69 13.12
CA GLU B 406 -48.30 -10.81 13.91
C GLU B 406 -48.79 -10.75 15.35
N HIS B 407 -49.19 -11.89 15.90
CA HIS B 407 -49.49 -11.96 17.32
C HIS B 407 -48.81 -13.15 18.01
N ILE B 408 -48.00 -12.83 19.00
CA ILE B 408 -47.24 -13.84 19.72
C ILE B 408 -47.96 -14.18 21.01
N ARG B 409 -48.21 -15.47 21.24
CA ARG B 409 -48.81 -15.91 22.50
C ARG B 409 -47.71 -16.39 23.43
N TYR B 410 -47.86 -16.12 24.72
CA TYR B 410 -46.98 -16.65 25.75
C TYR B 410 -47.78 -17.57 26.66
N PRO B 411 -47.93 -18.84 26.25
CA PRO B 411 -48.85 -19.77 26.91
C PRO B 411 -48.48 -20.08 28.36
N ALA B 412 -47.23 -19.89 28.74
CA ALA B 412 -46.82 -20.14 30.13
C ALA B 412 -47.00 -18.90 31.00
N ASN B 413 -47.33 -17.77 30.37
CA ASN B 413 -47.54 -16.47 31.04
C ASN B 413 -46.30 -15.90 31.73
N MET C 1 53.46 -32.64 -1.67
CA MET C 1 53.13 -32.53 -3.09
C MET C 1 53.20 -31.09 -3.58
N LYS C 2 53.43 -30.94 -4.87
CA LYS C 2 53.56 -29.63 -5.47
C LYS C 2 52.46 -29.37 -6.50
N ILE C 3 51.87 -28.18 -6.44
CA ILE C 3 50.91 -27.73 -7.44
C ILE C 3 51.51 -26.56 -8.19
N ILE C 4 51.71 -26.70 -9.50
CA ILE C 4 52.28 -25.61 -10.29
C ILE C 4 51.23 -24.94 -11.20
N ASN C 5 51.59 -23.76 -11.71
CA ASN C 5 50.77 -23.00 -12.65
C ASN C 5 49.36 -22.67 -12.13
N ALA C 6 49.23 -22.53 -10.82
CA ALA C 6 47.92 -22.24 -10.24
C ALA C 6 47.65 -20.74 -10.18
N ARG C 7 46.40 -20.37 -10.43
CA ARG C 7 45.99 -18.99 -10.25
C ARG C 7 45.42 -18.88 -8.83
N LEU C 8 45.59 -17.71 -8.21
CA LEU C 8 45.01 -17.44 -6.90
C LEU C 8 44.10 -16.22 -7.00
N ARG C 9 43.13 -16.13 -6.09
CA ARG C 9 42.26 -14.97 -6.03
C ARG C 9 43.02 -13.78 -5.45
N ARG C 10 42.82 -12.61 -6.06
CA ARG C 10 43.39 -11.34 -5.61
C ARG C 10 44.91 -11.25 -5.74
N GLN C 11 45.48 -12.18 -6.50
CA GLN C 11 46.90 -12.14 -6.86
C GLN C 11 47.00 -12.11 -8.38
N GLU C 12 48.11 -11.61 -8.90
CA GLU C 12 48.23 -11.32 -10.32
C GLU C 12 48.91 -12.43 -11.13
N ALA C 13 49.89 -13.09 -10.54
CA ALA C 13 50.69 -14.08 -11.27
C ALA C 13 50.18 -15.51 -11.13
N LEU C 14 50.91 -16.43 -11.77
CA LEU C 14 50.74 -17.87 -11.54
C LEU C 14 51.57 -18.25 -10.32
N PHE C 15 51.14 -19.30 -9.61
CA PHE C 15 51.80 -19.69 -8.38
C PHE C 15 52.10 -21.18 -8.29
N THR C 16 53.22 -21.49 -7.66
CA THR C 16 53.51 -22.85 -7.25
C THR C 16 53.13 -22.97 -5.77
N LEU C 17 52.40 -24.01 -5.42
CA LEU C 17 52.05 -24.28 -4.02
C LEU C 17 52.72 -25.55 -3.56
N ASP C 18 53.51 -25.45 -2.50
CA ASP C 18 54.22 -26.60 -1.96
C ASP C 18 53.52 -27.08 -0.69
N LEU C 19 53.04 -28.32 -0.71
CA LEU C 19 52.30 -28.89 0.41
C LEU C 19 53.13 -29.98 1.10
N GLN C 20 53.29 -29.87 2.42
CA GLN C 20 54.10 -30.82 3.19
C GLN C 20 53.49 -31.07 4.56
N ASP C 21 53.42 -32.33 4.96
CA ASP C 21 52.93 -32.74 6.28
C ASP C 21 51.57 -32.14 6.59
N GLY C 22 50.69 -32.10 5.60
CA GLY C 22 49.33 -31.63 5.81
C GLY C 22 49.16 -30.13 5.89
N ILE C 23 50.24 -29.39 5.66
CA ILE C 23 50.16 -27.93 5.69
C ILE C 23 50.73 -27.28 4.44
N ILE C 24 50.40 -26.01 4.24
CA ILE C 24 50.92 -25.25 3.11
C ILE C 24 52.31 -24.73 3.46
N HIS C 25 53.33 -25.31 2.82
CA HIS C 25 54.71 -25.06 3.18
C HIS C 25 55.23 -23.78 2.55
N ARG C 26 54.89 -23.56 1.29
CA ARG C 26 55.42 -22.41 0.57
C ARG C 26 54.52 -22.00 -0.58
N ILE C 27 54.40 -20.70 -0.79
CA ILE C 27 53.66 -20.18 -1.93
C ILE C 27 54.56 -19.22 -2.70
N THR C 28 54.84 -19.56 -3.96
CA THR C 28 55.83 -18.84 -4.74
C THR C 28 55.27 -18.39 -6.07
N ALA C 29 55.37 -17.10 -6.36
CA ALA C 29 54.98 -16.58 -7.65
C ALA C 29 55.95 -17.10 -8.72
N GLN C 30 55.41 -17.46 -9.88
CA GLN C 30 56.22 -17.98 -11.00
C GLN C 30 56.52 -16.90 -12.01
N ALA C 31 57.69 -16.99 -12.63
CA ALA C 31 58.06 -16.09 -13.71
C ALA C 31 57.13 -16.29 -14.90
N ALA C 32 56.83 -17.54 -15.22
CA ALA C 32 55.95 -17.87 -16.33
C ALA C 32 55.33 -19.25 -16.15
N MET C 33 54.66 -19.72 -17.20
CA MET C 33 54.08 -21.06 -17.20
C MET C 33 55.21 -22.07 -17.16
N GLN C 34 55.04 -23.14 -16.39
CA GLN C 34 56.11 -24.12 -16.22
C GLN C 34 55.66 -25.53 -16.55
N THR C 35 56.62 -26.44 -16.71
CA THR C 35 56.34 -27.84 -17.02
C THR C 35 56.26 -28.63 -15.72
N ALA C 36 55.33 -29.57 -15.65
CA ALA C 36 55.13 -30.35 -14.43
C ALA C 36 56.17 -31.45 -14.28
N ASP C 37 56.87 -31.44 -13.16
CA ASP C 37 57.79 -32.52 -12.83
C ASP C 37 57.00 -33.76 -12.49
N ALA C 38 57.71 -34.86 -12.26
CA ALA C 38 57.07 -36.11 -11.86
C ALA C 38 56.35 -35.89 -10.54
N GLY C 39 55.17 -36.47 -10.41
CA GLY C 39 54.41 -36.37 -9.17
C GLY C 39 53.94 -34.97 -8.80
N ALA C 40 53.99 -34.05 -9.75
CA ALA C 40 53.50 -32.70 -9.51
C ALA C 40 52.15 -32.49 -10.18
N ILE C 41 51.29 -31.70 -9.53
CA ILE C 41 49.97 -31.39 -10.08
C ILE C 41 50.01 -30.11 -10.91
N ASP C 42 49.67 -30.23 -12.18
CA ASP C 42 49.66 -29.07 -13.07
C ASP C 42 48.27 -28.45 -13.12
N ALA C 43 48.09 -27.30 -12.47
CA ALA C 43 46.81 -26.62 -12.47
C ALA C 43 46.49 -25.98 -13.83
N GLN C 44 47.51 -25.82 -14.68
CA GLN C 44 47.31 -25.33 -16.04
C GLN C 44 46.57 -23.99 -16.11
N GLY C 45 46.88 -23.08 -15.19
CA GLY C 45 46.29 -21.77 -15.20
C GLY C 45 44.97 -21.68 -14.45
N ARG C 46 44.50 -22.81 -13.91
CA ARG C 46 43.25 -22.83 -13.18
C ARG C 46 43.38 -22.28 -11.76
N LEU C 47 42.23 -21.90 -11.21
CA LEU C 47 42.14 -21.29 -9.89
C LEU C 47 42.34 -22.34 -8.79
N ALA C 48 43.24 -22.05 -7.84
CA ALA C 48 43.34 -22.79 -6.59
C ALA C 48 42.67 -21.93 -5.52
N ILE C 49 41.69 -22.50 -4.82
CA ILE C 49 40.97 -21.80 -3.75
C ILE C 49 40.87 -22.65 -2.50
N PRO C 50 40.68 -22.02 -1.33
CA PRO C 50 40.33 -22.81 -0.15
C PRO C 50 38.97 -23.46 -0.37
N PRO C 51 38.63 -24.48 0.43
CA PRO C 51 37.45 -25.28 0.09
C PRO C 51 36.14 -24.52 0.23
N PHE C 52 35.10 -24.97 -0.46
CA PHE C 52 33.82 -24.31 -0.33
C PHE C 52 33.32 -24.58 1.08
N VAL C 53 32.39 -23.75 1.53
CA VAL C 53 31.88 -23.88 2.89
C VAL C 53 30.36 -23.99 2.81
N GLU C 54 29.78 -24.89 3.59
CA GLU C 54 28.32 -24.94 3.72
C GLU C 54 27.96 -24.54 5.15
N PRO C 55 27.73 -23.23 5.37
CA PRO C 55 27.62 -22.70 6.72
C PRO C 55 26.22 -22.87 7.32
N HIS C 56 25.29 -23.45 6.57
CA HIS C 56 23.94 -23.64 7.08
C HIS C 56 23.20 -24.77 6.35
N ILE C 57 23.08 -25.93 6.99
CA ILE C 57 22.35 -27.04 6.40
C ILE C 57 21.69 -27.87 7.49
N HIS C 58 20.60 -28.55 7.16
CA HIS C 58 19.89 -29.41 8.11
C HIS C 58 20.13 -30.89 7.84
N LEU C 59 21.24 -31.43 8.34
CA LEU C 59 21.61 -32.81 8.01
C LEU C 59 20.68 -33.83 8.66
N ASP C 60 20.00 -33.47 9.74
CA ASP C 60 19.10 -34.43 10.36
C ASP C 60 17.85 -34.65 9.54
N ALA C 61 17.50 -33.67 8.70
CA ALA C 61 16.27 -33.73 7.91
C ALA C 61 16.50 -34.09 6.45
N THR C 62 17.76 -34.10 6.02
CA THR C 62 18.09 -34.28 4.59
C THR C 62 17.56 -35.60 4.04
N LEU C 63 17.14 -35.59 2.77
CA LEU C 63 16.64 -36.79 2.11
C LEU C 63 15.41 -37.40 2.79
N THR C 64 14.56 -36.57 3.40
CA THR C 64 13.29 -37.05 3.97
C THR C 64 12.04 -36.51 3.24
N ALA C 65 12.26 -35.79 2.14
CA ALA C 65 11.14 -35.15 1.43
C ALA C 65 10.06 -36.16 1.05
N GLY C 66 8.82 -35.90 1.47
CA GLY C 66 7.70 -36.76 1.16
C GLY C 66 7.39 -37.82 2.20
N GLU C 67 8.14 -37.80 3.31
CA GLU C 67 7.98 -38.77 4.40
C GLU C 67 7.45 -38.10 5.66
N PRO C 68 6.25 -38.50 6.12
CA PRO C 68 5.38 -39.51 5.51
C PRO C 68 4.44 -38.87 4.50
N GLU C 69 4.46 -37.55 4.40
CA GLU C 69 3.74 -36.88 3.32
C GLU C 69 4.42 -35.59 2.88
N TRP C 70 3.96 -35.04 1.76
CA TRP C 70 4.60 -33.87 1.16
C TRP C 70 4.16 -32.55 1.79
N ASN C 71 5.04 -31.55 1.71
CA ASN C 71 4.71 -30.17 2.03
C ASN C 71 3.96 -29.56 0.84
N ARG C 72 2.63 -29.56 0.91
CA ARG C 72 1.83 -29.12 -0.25
C ARG C 72 1.89 -27.62 -0.50
N SER C 73 1.87 -26.83 0.57
CA SER C 73 1.83 -25.37 0.44
C SER C 73 3.19 -24.77 0.11
N GLY C 74 4.25 -25.55 0.28
CA GLY C 74 5.60 -25.04 0.11
C GLY C 74 5.95 -23.93 1.08
N THR C 75 5.44 -24.01 2.31
CA THR C 75 5.71 -22.97 3.30
C THR C 75 6.56 -23.50 4.45
N LEU C 76 7.20 -22.58 5.15
CA LEU C 76 8.01 -22.95 6.32
C LEU C 76 7.16 -23.70 7.36
N PHE C 77 5.95 -23.22 7.56
CA PHE C 77 5.10 -23.75 8.62
C PHE C 77 4.64 -25.17 8.34
N GLU C 78 4.14 -25.43 7.12
CA GLU C 78 3.78 -26.81 6.80
C GLU C 78 5.01 -27.75 6.87
N GLY C 79 6.17 -27.26 6.42
CA GLY C 79 7.40 -28.01 6.54
C GLY C 79 7.70 -28.43 7.98
N ILE C 80 7.45 -27.53 8.92
CA ILE C 80 7.64 -27.85 10.34
C ILE C 80 6.70 -28.97 10.78
N THR C 81 5.44 -28.88 10.34
CA THR C 81 4.46 -29.93 10.60
C THR C 81 4.91 -31.28 10.02
N ARG C 82 5.36 -31.28 8.77
CA ARG C 82 5.82 -32.53 8.13
C ARG C 82 7.06 -33.06 8.84
N TRP C 83 7.95 -32.16 9.24
CA TRP C 83 9.14 -32.58 9.98
C TRP C 83 8.77 -33.21 11.30
N SER C 84 7.80 -32.62 11.99
CA SER C 84 7.30 -33.20 13.23
C SER C 84 6.70 -34.60 13.05
N GLN C 85 6.09 -34.86 11.89
CA GLN C 85 5.59 -36.21 11.61
C GLN C 85 6.76 -37.15 11.36
N ARG C 86 7.78 -36.68 10.66
CA ARG C 86 8.94 -37.50 10.33
C ARG C 86 9.72 -37.85 11.60
N LYS C 87 9.75 -36.91 12.54
CA LYS C 87 10.49 -37.06 13.78
C LYS C 87 10.03 -38.29 14.56
N ALA C 88 8.77 -38.69 14.35
CA ALA C 88 8.22 -39.87 14.98
C ALA C 88 8.84 -41.18 14.50
N SER C 89 9.56 -41.16 13.38
CA SER C 89 10.23 -42.38 12.91
C SER C 89 11.76 -42.25 12.80
N ILE C 90 12.31 -41.13 13.26
CA ILE C 90 13.75 -40.90 13.29
C ILE C 90 14.47 -41.85 14.24
N THR C 91 15.53 -42.49 13.75
CA THR C 91 16.43 -43.28 14.58
C THR C 91 17.87 -42.82 14.33
N PRO C 92 18.80 -43.12 15.25
CA PRO C 92 20.17 -42.71 14.97
C PRO C 92 20.73 -43.30 13.66
N GLU C 93 20.45 -44.58 13.38
CA GLU C 93 21.01 -45.18 12.17
C GLU C 93 20.40 -44.56 10.90
N ASP C 94 19.08 -44.36 10.89
CA ASP C 94 18.43 -43.67 9.78
C ASP C 94 19.04 -42.28 9.58
N THR C 95 19.31 -41.58 10.68
CA THR C 95 19.92 -40.26 10.58
C THR C 95 21.32 -40.36 10.00
N ARG C 96 22.12 -41.29 10.54
CA ARG C 96 23.50 -41.44 10.10
C ARG C 96 23.60 -41.67 8.60
N GLN C 97 22.78 -42.60 8.09
CA GLN C 97 22.86 -42.98 6.68
C GLN C 97 22.48 -41.84 5.74
N ARG C 98 21.45 -41.10 6.10
CA ARG C 98 21.03 -39.97 5.29
C ARG C 98 22.06 -38.85 5.35
N ALA C 99 22.55 -38.54 6.56
CA ALA C 99 23.57 -37.51 6.72
C ALA C 99 24.84 -37.80 5.90
N LEU C 100 25.28 -39.06 5.92
CA LEU C 100 26.49 -39.47 5.22
C LEU C 100 26.34 -39.38 3.70
N LYS C 101 25.17 -39.77 3.20
CA LYS C 101 24.89 -39.66 1.77
C LYS C 101 24.98 -38.20 1.33
N THR C 102 24.39 -37.31 2.10
CA THR C 102 24.40 -35.88 1.78
C THR C 102 25.79 -35.25 1.93
N ILE C 103 26.53 -35.67 2.96
CA ILE C 103 27.92 -35.26 3.12
C ILE C 103 28.72 -35.67 1.89
N GLY C 104 28.43 -36.85 1.36
CA GLY C 104 29.01 -37.29 0.09
C GLY C 104 28.79 -36.33 -1.06
N MET C 105 27.57 -35.82 -1.18
CA MET C 105 27.24 -34.83 -2.20
C MET C 105 28.05 -33.54 -2.00
N LEU C 106 28.16 -33.12 -0.74
CA LEU C 106 28.89 -31.91 -0.42
C LEU C 106 30.37 -32.06 -0.76
N ARG C 107 30.93 -33.20 -0.37
CA ARG C 107 32.32 -33.54 -0.70
C ARG C 107 32.51 -33.50 -2.22
N ASP C 108 31.57 -34.09 -2.95
CA ASP C 108 31.66 -34.16 -4.41
C ASP C 108 31.78 -32.78 -5.04
N PHE C 109 31.19 -31.78 -4.38
CA PHE C 109 31.23 -30.41 -4.87
C PHE C 109 32.20 -29.50 -4.12
N GLY C 110 33.20 -30.09 -3.47
CA GLY C 110 34.30 -29.35 -2.90
C GLY C 110 34.07 -28.71 -1.53
N VAL C 111 33.00 -29.09 -0.85
CA VAL C 111 32.71 -28.57 0.50
C VAL C 111 33.49 -29.35 1.56
N GLN C 112 34.33 -28.67 2.34
CA GLN C 112 35.07 -29.35 3.41
C GLN C 112 34.73 -28.81 4.78
N HIS C 113 33.92 -27.75 4.82
CA HIS C 113 33.48 -27.16 6.07
C HIS C 113 31.95 -27.04 6.09
N VAL C 114 31.34 -27.63 7.12
CA VAL C 114 29.88 -27.70 7.20
C VAL C 114 29.36 -27.39 8.60
N ARG C 115 28.39 -26.49 8.68
CA ARG C 115 27.70 -26.25 9.94
C ARG C 115 26.27 -26.77 9.81
N THR C 116 25.95 -27.78 10.59
CA THR C 116 24.61 -28.34 10.51
C THR C 116 23.79 -27.97 11.74
N HIS C 117 22.53 -27.67 11.51
CA HIS C 117 21.58 -27.48 12.57
C HIS C 117 20.97 -28.83 12.85
N VAL C 118 20.65 -29.09 14.11
CA VAL C 118 20.04 -30.36 14.49
C VAL C 118 18.91 -30.05 15.44
N ASP C 119 17.72 -30.50 15.09
CA ASP C 119 16.53 -30.27 15.90
C ASP C 119 16.67 -30.96 17.24
N VAL C 120 16.71 -30.17 18.31
CA VAL C 120 16.79 -30.73 19.66
C VAL C 120 15.45 -30.69 20.40
N THR C 121 14.38 -30.24 19.73
CA THR C 121 13.04 -30.34 20.33
C THR C 121 12.52 -31.75 20.07
N ASP C 122 13.21 -32.71 20.68
CA ASP C 122 12.94 -34.14 20.58
C ASP C 122 13.59 -34.74 21.81
N PRO C 123 12.78 -35.24 22.75
CA PRO C 123 13.32 -35.67 24.03
C PRO C 123 14.30 -36.86 23.94
N SER C 124 14.34 -37.55 22.81
CA SER C 124 15.28 -38.67 22.65
C SER C 124 16.65 -38.17 22.18
N LEU C 125 16.68 -36.97 21.61
CA LEU C 125 17.90 -36.38 21.02
C LEU C 125 18.61 -37.39 20.12
N ALA C 126 17.82 -38.16 19.38
CA ALA C 126 18.35 -39.23 18.56
C ALA C 126 19.24 -38.70 17.43
N ALA C 127 18.76 -37.68 16.74
CA ALA C 127 19.52 -37.10 15.64
C ALA C 127 20.83 -36.47 16.12
N LEU C 128 20.77 -35.82 17.28
CA LEU C 128 21.94 -35.16 17.84
C LEU C 128 23.01 -36.20 18.14
N GLN C 129 22.62 -37.30 18.77
CA GLN C 129 23.59 -38.36 19.10
C GLN C 129 24.22 -38.88 17.82
N ALA C 130 23.40 -39.15 16.81
CA ALA C 130 23.90 -39.65 15.53
C ALA C 130 24.86 -38.65 14.89
N LEU C 131 24.46 -37.38 14.86
CA LEU C 131 25.31 -36.37 14.24
C LEU C 131 26.62 -36.10 15.00
N LEU C 132 26.59 -36.16 16.34
CA LEU C 132 27.82 -36.09 17.12
C LEU C 132 28.80 -37.19 16.71
N ALA C 133 28.29 -38.38 16.41
CA ALA C 133 29.16 -39.47 15.96
C ALA C 133 29.64 -39.26 14.53
N VAL C 134 28.76 -38.74 13.68
CA VAL C 134 29.09 -38.46 12.29
C VAL C 134 30.23 -37.43 12.17
N LYS C 135 30.25 -36.47 13.09
CA LYS C 135 31.33 -35.49 13.15
C LYS C 135 32.71 -36.16 13.21
N GLN C 136 32.80 -37.28 13.91
CA GLN C 136 34.04 -38.04 14.00
C GLN C 136 34.26 -38.90 12.76
N GLU C 137 33.22 -39.65 12.40
CA GLU C 137 33.31 -40.60 11.30
C GLU C 137 33.62 -39.92 9.96
N ALA C 138 33.06 -38.74 9.74
CA ALA C 138 33.21 -38.07 8.45
C ALA C 138 34.34 -37.06 8.43
N ALA C 139 35.20 -37.10 9.46
CA ALA C 139 36.28 -36.13 9.60
C ALA C 139 37.37 -36.23 8.53
N ASP C 140 37.44 -37.37 7.83
CA ASP C 140 38.35 -37.48 6.69
C ASP C 140 37.84 -36.68 5.48
N LEU C 141 36.58 -36.23 5.55
CA LEU C 141 35.97 -35.50 4.44
C LEU C 141 35.69 -34.04 4.79
N ILE C 142 35.14 -33.81 5.98
CA ILE C 142 34.68 -32.48 6.36
C ILE C 142 34.97 -32.17 7.83
N ASP C 143 35.06 -30.89 8.13
CA ASP C 143 35.01 -30.42 9.50
C ASP C 143 33.59 -29.96 9.81
N LEU C 144 32.91 -30.71 10.67
CA LEU C 144 31.50 -30.50 10.91
C LEU C 144 31.28 -29.77 12.21
N GLN C 145 30.53 -28.68 12.15
CA GLN C 145 30.04 -27.99 13.33
C GLN C 145 28.58 -28.34 13.53
N ILE C 146 28.16 -28.45 14.79
CA ILE C 146 26.79 -28.87 15.13
C ILE C 146 26.04 -27.80 15.95
N VAL C 147 24.89 -27.33 15.46
CA VAL C 147 24.08 -26.34 16.16
C VAL C 147 22.92 -27.03 16.87
N ALA C 148 22.76 -26.76 18.17
CA ALA C 148 21.56 -27.20 18.87
C ALA C 148 20.40 -26.29 18.48
N PHE C 149 19.53 -26.80 17.61
CA PHE C 149 18.48 -26.01 16.97
C PHE C 149 17.11 -26.44 17.49
N PRO C 150 16.43 -25.54 18.22
CA PRO C 150 15.12 -25.87 18.80
C PRO C 150 14.02 -25.57 17.79
N GLN C 151 13.79 -26.49 16.85
CA GLN C 151 12.84 -26.27 15.75
C GLN C 151 11.47 -25.80 16.23
N GLU C 152 10.98 -26.42 17.31
CA GLU C 152 9.64 -26.14 17.78
C GLU C 152 9.62 -25.12 18.91
N GLY C 153 10.72 -24.40 19.05
CA GLY C 153 10.81 -23.32 20.02
C GLY C 153 11.49 -23.71 21.32
N ILE C 154 12.04 -22.70 22.00
CA ILE C 154 12.64 -22.94 23.31
C ILE C 154 11.60 -22.77 24.40
N GLU C 155 10.81 -21.70 24.33
CA GLU C 155 9.87 -21.36 25.39
C GLU C 155 8.53 -22.06 25.25
N SER C 156 8.23 -22.52 24.04
CA SER C 156 6.92 -23.07 23.72
C SER C 156 6.89 -24.58 23.93
N TYR C 157 7.97 -25.23 23.51
CA TYR C 157 8.09 -26.69 23.57
C TYR C 157 8.42 -27.18 24.99
N PRO C 158 7.80 -28.31 25.40
CA PRO C 158 8.03 -28.91 26.71
C PRO C 158 9.51 -29.18 26.98
N ASN C 159 10.00 -28.67 28.11
CA ASN C 159 11.40 -28.82 28.50
C ASN C 159 12.39 -28.27 27.47
N GLY C 160 11.98 -27.24 26.74
CA GLY C 160 12.83 -26.64 25.72
C GLY C 160 14.19 -26.16 26.22
N ARG C 161 14.19 -25.44 27.34
CA ARG C 161 15.43 -24.91 27.92
C ARG C 161 16.34 -26.03 28.38
N GLU C 162 15.74 -27.06 28.95
CA GLU C 162 16.48 -28.21 29.45
C GLU C 162 17.12 -29.02 28.32
N LEU C 163 16.36 -29.22 27.25
CA LEU C 163 16.86 -29.93 26.07
C LEU C 163 17.97 -29.14 25.37
N MET C 164 17.84 -27.83 25.30
CA MET C 164 18.92 -27.01 24.74
C MET C 164 20.18 -27.16 25.59
N THR C 165 20.01 -27.06 26.90
CA THR C 165 21.12 -27.16 27.84
C THR C 165 21.80 -28.52 27.72
N ARG C 166 20.99 -29.56 27.63
CA ARG C 166 21.52 -30.93 27.51
C ARG C 166 22.23 -31.13 26.18
N ALA C 167 21.70 -30.55 25.12
CA ALA C 167 22.31 -30.65 23.79
C ALA C 167 23.71 -30.05 23.81
N ILE C 168 23.85 -28.92 24.49
CA ILE C 168 25.15 -28.25 24.64
C ILE C 168 26.13 -29.08 25.49
N GLU C 169 25.63 -29.63 26.60
CA GLU C 169 26.43 -30.52 27.44
C GLU C 169 26.88 -31.78 26.71
N MET C 170 26.14 -32.20 25.69
CA MET C 170 26.51 -33.39 24.94
C MET C 170 27.58 -33.10 23.90
N GLY C 171 27.82 -31.81 23.66
CA GLY C 171 28.91 -31.40 22.81
C GLY C 171 28.57 -30.60 21.56
N ALA C 172 27.33 -30.11 21.45
CA ALA C 172 26.97 -29.29 20.29
C ALA C 172 27.87 -28.05 20.31
N ASP C 173 28.36 -27.63 19.15
CA ASP C 173 29.34 -26.54 19.07
C ASP C 173 28.70 -25.16 19.12
N VAL C 174 27.45 -25.09 18.71
CA VAL C 174 26.77 -23.81 18.47
C VAL C 174 25.38 -23.84 19.08
N VAL C 175 24.96 -22.72 19.65
CA VAL C 175 23.62 -22.57 20.20
C VAL C 175 22.70 -21.93 19.13
N GLY C 176 21.59 -22.59 18.83
CA GLY C 176 20.61 -22.08 17.88
C GLY C 176 19.41 -21.40 18.53
N GLY C 177 18.44 -21.00 17.70
CA GLY C 177 17.25 -20.33 18.18
C GLY C 177 16.27 -20.10 17.04
N ILE C 178 15.02 -19.83 17.39
CA ILE C 178 14.01 -19.54 16.38
C ILE C 178 12.96 -18.56 16.97
N PRO C 179 13.41 -17.36 17.38
CA PRO C 179 12.55 -16.42 18.10
C PRO C 179 11.24 -16.05 17.40
N HIS C 180 11.26 -15.94 16.07
CA HIS C 180 10.06 -15.59 15.32
C HIS C 180 9.02 -16.71 15.35
N TYR C 181 9.43 -17.89 15.77
CA TYR C 181 8.50 -19.01 15.86
C TYR C 181 7.95 -19.20 17.26
N GLU C 182 8.52 -18.52 18.26
CA GLU C 182 7.96 -18.61 19.61
C GLU C 182 6.52 -18.08 19.60
N ASN C 183 5.72 -18.55 20.55
CA ASN C 183 4.28 -18.31 20.53
C ASN C 183 3.86 -16.85 20.71
N THR C 184 4.63 -16.08 21.48
CA THR C 184 4.38 -14.64 21.58
C THR C 184 5.65 -13.85 21.39
N ARG C 185 5.49 -12.56 21.12
CA ARG C 185 6.62 -11.66 21.00
C ARG C 185 7.51 -11.66 22.25
N ASP C 186 6.91 -11.58 23.44
CA ASP C 186 7.73 -11.58 24.67
C ASP C 186 8.55 -12.86 24.83
N LYS C 187 7.98 -13.98 24.42
CA LYS C 187 8.70 -15.25 24.52
C LYS C 187 9.77 -15.35 23.44
N GLY C 188 9.56 -14.69 22.31
CA GLY C 188 10.60 -14.56 21.30
C GLY C 188 11.82 -13.87 21.92
N VAL C 189 11.54 -12.77 22.62
CA VAL C 189 12.60 -11.98 23.24
C VAL C 189 13.30 -12.77 24.34
N SER C 190 12.53 -13.43 25.21
CA SER C 190 13.14 -14.19 26.29
C SER C 190 13.97 -15.35 25.78
N SER C 191 13.58 -15.93 24.65
CA SER C 191 14.34 -17.05 24.08
C SER C 191 15.73 -16.58 23.63
N VAL C 192 15.81 -15.37 23.06
CA VAL C 192 17.10 -14.81 22.66
C VAL C 192 18.00 -14.54 23.90
N MET C 193 17.44 -13.98 24.96
CA MET C 193 18.18 -13.77 26.21
C MET C 193 18.72 -15.08 26.75
N PHE C 194 17.88 -16.11 26.71
CA PHE C 194 18.26 -17.42 27.24
C PHE C 194 19.38 -18.05 26.41
N LEU C 195 19.20 -18.07 25.10
CA LEU C 195 20.19 -18.71 24.24
C LEU C 195 21.54 -18.01 24.30
N MET C 196 21.53 -16.67 24.37
CA MET C 196 22.77 -15.93 24.57
C MET C 196 23.41 -16.21 25.93
N ASP C 197 22.60 -16.31 26.98
CA ASP C 197 23.14 -16.69 28.29
C ASP C 197 23.78 -18.06 28.24
N LEU C 198 23.13 -18.98 27.54
CA LEU C 198 23.61 -20.35 27.44
C LEU C 198 24.93 -20.43 26.68
N ALA C 199 25.01 -19.71 25.56
CA ALA C 199 26.22 -19.71 24.75
C ALA C 199 27.38 -19.10 25.53
N GLN C 200 27.12 -18.00 26.20
CA GLN C 200 28.18 -17.31 26.93
C GLN C 200 28.68 -18.16 28.09
N ARG C 201 27.76 -18.85 28.78
CA ARG C 201 28.15 -19.67 29.92
C ARG C 201 28.99 -20.89 29.55
N TYR C 202 28.79 -21.42 28.35
CA TYR C 202 29.48 -22.64 27.95
C TYR C 202 30.54 -22.38 26.89
N GLY C 203 30.71 -21.10 26.53
CA GLY C 203 31.71 -20.74 25.55
C GLY C 203 31.45 -21.34 24.18
N ARG C 204 30.22 -21.16 23.69
CA ARG C 204 29.82 -21.69 22.40
C ARG C 204 29.55 -20.56 21.43
N LEU C 205 29.57 -20.88 20.14
CA LEU C 205 29.14 -19.92 19.12
C LEU C 205 27.62 -19.89 19.09
N VAL C 206 27.08 -18.88 18.41
CA VAL C 206 25.63 -18.68 18.29
C VAL C 206 25.26 -18.63 16.81
N ASP C 207 24.21 -19.34 16.42
CA ASP C 207 23.67 -19.21 15.06
C ASP C 207 22.17 -19.38 15.14
N VAL C 208 21.46 -18.27 14.98
CA VAL C 208 20.02 -18.23 15.23
C VAL C 208 19.24 -18.09 13.91
N HIS C 209 18.23 -18.94 13.70
CA HIS C 209 17.26 -18.71 12.63
C HIS C 209 16.50 -17.45 13.03
N CYS C 210 16.79 -16.35 12.37
CA CYS C 210 16.30 -15.08 12.86
C CYS C 210 15.33 -14.44 11.87
N ASP C 211 14.06 -14.34 12.28
CA ASP C 211 13.04 -13.67 11.46
C ASP C 211 12.87 -14.31 10.08
N GLU C 212 12.77 -15.64 10.02
CA GLU C 212 12.55 -16.32 8.74
C GLU C 212 11.08 -16.24 8.35
N ILE C 213 10.63 -15.02 8.06
CA ILE C 213 9.21 -14.79 7.86
C ILE C 213 9.04 -13.43 7.17
N ASP C 214 8.01 -13.29 6.35
CA ASP C 214 7.76 -12.02 5.67
C ASP C 214 7.08 -10.92 6.51
N ASP C 215 6.87 -11.16 7.79
CA ASP C 215 6.22 -10.17 8.66
C ASP C 215 7.14 -8.98 8.99
N PRO C 216 6.79 -7.77 8.53
CA PRO C 216 7.63 -6.58 8.79
C PRO C 216 7.74 -6.22 10.29
N GLN C 217 6.88 -6.78 11.13
CA GLN C 217 7.00 -6.57 12.58
C GLN C 217 7.92 -7.59 13.25
N SER C 218 8.44 -8.54 12.48
CA SER C 218 9.35 -9.54 13.06
C SER C 218 10.77 -8.96 13.21
N ARG C 219 11.06 -8.44 14.40
CA ARG C 219 12.29 -7.69 14.60
C ARG C 219 13.15 -8.24 15.73
N PHE C 220 13.30 -9.56 15.74
CA PHE C 220 14.16 -10.19 16.74
C PHE C 220 15.65 -9.99 16.48
N LEU C 221 16.02 -9.67 15.24
CA LEU C 221 17.40 -9.35 14.92
C LEU C 221 17.98 -8.23 15.79
N GLU C 222 17.21 -7.17 16.04
CA GLU C 222 17.72 -6.06 16.85
C GLU C 222 18.06 -6.55 18.26
N VAL C 223 17.28 -7.49 18.78
CA VAL C 223 17.57 -8.07 20.10
C VAL C 223 18.84 -8.92 20.07
N LEU C 224 18.96 -9.78 19.07
CA LEU C 224 20.17 -10.59 18.93
C LEU C 224 21.41 -9.74 18.75
N ALA C 225 21.35 -8.75 17.86
CA ALA C 225 22.50 -7.87 17.63
C ALA C 225 22.89 -7.05 18.86
N GLU C 226 21.90 -6.58 19.62
CA GLU C 226 22.25 -5.78 20.82
C GLU C 226 22.84 -6.65 21.94
N GLU C 227 22.37 -7.88 22.07
CA GLU C 227 22.99 -8.79 23.05
C GLU C 227 24.42 -9.13 22.61
N ALA C 228 24.62 -9.36 21.32
CA ALA C 228 25.96 -9.67 20.85
C ALA C 228 26.90 -8.47 21.10
N ARG C 229 26.40 -7.27 20.82
CA ARG C 229 27.19 -6.06 21.02
C ARG C 229 27.52 -5.84 22.50
N VAL C 230 26.50 -5.95 23.34
CA VAL C 230 26.66 -5.70 24.78
C VAL C 230 27.60 -6.72 25.44
N ARG C 231 27.52 -7.98 25.00
CA ARG C 231 28.34 -9.03 25.59
C ARG C 231 29.71 -9.14 24.93
N GLY C 232 29.96 -8.32 23.93
CA GLY C 232 31.20 -8.39 23.16
C GLY C 232 31.40 -9.73 22.45
N MET C 233 30.33 -10.29 21.88
CA MET C 233 30.38 -11.63 21.29
C MET C 233 30.14 -11.59 19.78
N GLY C 234 30.26 -10.41 19.17
CA GLY C 234 29.83 -10.22 17.80
C GLY C 234 30.37 -11.25 16.83
N ALA C 235 31.68 -11.42 16.84
CA ALA C 235 32.37 -12.34 15.93
C ALA C 235 31.86 -13.78 16.07
N GLN C 236 31.30 -14.10 17.24
CA GLN C 236 30.88 -15.47 17.53
C GLN C 236 29.40 -15.70 17.25
N VAL C 237 28.75 -14.69 16.71
CA VAL C 237 27.30 -14.72 16.51
C VAL C 237 26.94 -14.61 15.04
N THR C 238 26.01 -15.47 14.61
CA THR C 238 25.48 -15.43 13.26
C THR C 238 23.95 -15.36 13.28
N ALA C 239 23.39 -14.49 12.44
CA ALA C 239 21.95 -14.44 12.21
C ALA C 239 21.67 -15.11 10.87
N SER C 240 21.04 -16.28 10.89
CA SER C 240 20.64 -16.94 9.63
C SER C 240 19.25 -16.47 9.16
N HIS C 241 19.11 -16.36 7.84
CA HIS C 241 17.88 -15.94 7.16
C HIS C 241 17.62 -14.43 7.18
N THR C 242 17.10 -13.92 8.29
CA THR C 242 16.68 -12.52 8.42
C THR C 242 15.87 -12.05 7.22
N CYS C 243 15.03 -12.95 6.71
CA CYS C 243 14.14 -12.68 5.58
C CYS C 243 13.27 -11.44 5.81
N ALA C 244 12.81 -11.26 7.03
CA ALA C 244 11.92 -10.13 7.34
C ALA C 244 12.60 -8.81 7.00
N MET C 245 13.93 -8.80 7.04
CA MET C 245 14.65 -7.56 6.75
C MET C 245 14.35 -7.11 5.33
N GLY C 246 14.07 -8.06 4.45
CA GLY C 246 13.73 -7.73 3.08
C GLY C 246 12.35 -7.10 2.96
N SER C 247 11.67 -6.94 4.08
CA SER C 247 10.34 -6.34 4.12
C SER C 247 10.25 -5.17 5.13
N TYR C 248 11.36 -4.82 5.76
CA TYR C 248 11.32 -3.80 6.82
C TYR C 248 11.00 -2.42 6.31
N ASP C 249 10.31 -1.64 7.14
CA ASP C 249 10.29 -0.19 6.99
C ASP C 249 11.71 0.34 6.74
N ASN C 250 11.86 1.22 5.75
CA ASN C 250 13.21 1.66 5.33
C ASN C 250 13.91 2.61 6.30
N ALA C 251 13.14 3.46 6.98
CA ALA C 251 13.72 4.34 7.99
C ALA C 251 14.25 3.50 9.16
N TYR C 252 13.43 2.57 9.63
CA TYR C 252 13.86 1.65 10.68
C TYR C 252 15.08 0.84 10.23
N CYS C 253 15.08 0.32 9.01
CA CYS C 253 16.21 -0.50 8.58
C CYS C 253 17.51 0.31 8.52
N SER C 254 17.43 1.59 8.13
CA SER C 254 18.62 2.41 8.09
C SER C 254 19.18 2.59 9.50
N LYS C 255 18.28 2.78 10.46
CA LYS C 255 18.67 2.92 11.86
C LYS C 255 19.30 1.64 12.40
N LEU C 256 18.68 0.50 12.07
CA LEU C 256 19.16 -0.81 12.54
C LEU C 256 20.58 -1.14 12.05
N PHE C 257 20.90 -0.76 10.82
CA PHE C 257 22.22 -1.02 10.24
C PHE C 257 23.37 -0.46 11.08
N ARG C 258 23.13 0.66 11.76
CA ARG C 258 24.12 1.21 12.69
C ARG C 258 24.42 0.22 13.82
N LEU C 259 23.36 -0.36 14.40
CA LEU C 259 23.53 -1.43 15.39
C LEU C 259 24.17 -2.68 14.78
N LEU C 260 23.70 -3.08 13.60
CA LEU C 260 24.24 -4.29 12.97
C LEU C 260 25.73 -4.15 12.74
N LYS C 261 26.15 -2.98 12.27
CA LYS C 261 27.58 -2.75 12.06
C LYS C 261 28.36 -2.77 13.38
N ALA C 262 27.89 -2.00 14.35
CA ALA C 262 28.54 -1.97 15.66
C ALA C 262 28.60 -3.35 16.35
N SER C 263 27.62 -4.20 16.10
CA SER C 263 27.55 -5.51 16.77
C SER C 263 28.63 -6.46 16.28
N GLY C 264 28.98 -6.36 15.01
CA GLY C 264 29.97 -7.24 14.42
C GLY C 264 29.46 -8.65 14.15
N ILE C 265 28.14 -8.85 14.15
CA ILE C 265 27.63 -10.21 13.91
C ILE C 265 27.69 -10.57 12.42
N ASN C 266 27.61 -11.87 12.12
CA ASN C 266 27.60 -12.37 10.75
C ASN C 266 26.19 -12.69 10.28
N PHE C 267 26.02 -12.77 8.96
CA PHE C 267 24.72 -13.04 8.36
C PHE C 267 24.83 -14.18 7.36
N ILE C 268 23.86 -15.08 7.41
CA ILE C 268 23.75 -16.11 6.39
C ILE C 268 22.43 -15.97 5.65
N SER C 269 22.49 -16.01 4.32
CA SER C 269 21.32 -15.98 3.48
C SER C 269 21.19 -17.29 2.68
N CYS C 270 19.96 -17.78 2.55
CA CYS C 270 19.69 -19.02 1.81
C CYS C 270 18.74 -18.73 0.67
N PRO C 271 19.27 -18.20 -0.44
CA PRO C 271 18.43 -17.61 -1.48
C PRO C 271 17.55 -18.61 -2.22
N THR C 272 18.02 -19.83 -2.49
CA THR C 272 17.16 -20.82 -3.14
C THR C 272 16.06 -21.25 -2.18
N GLU C 273 16.40 -21.39 -0.90
CA GLU C 273 15.41 -21.78 0.08
C GLU C 273 14.36 -20.68 0.24
N SER C 274 14.83 -19.44 0.35
CA SER C 274 13.93 -18.32 0.65
C SER C 274 13.05 -17.94 -0.53
N ILE C 275 13.58 -18.02 -1.74
CA ILE C 275 12.75 -17.72 -2.91
C ILE C 275 11.61 -18.74 -2.95
N HIS C 276 11.89 -19.94 -2.47
CA HIS C 276 10.90 -21.01 -2.43
C HIS C 276 9.89 -20.82 -1.28
N LEU C 277 10.39 -20.59 -0.07
CA LEU C 277 9.50 -20.52 1.11
C LEU C 277 8.82 -19.17 1.37
N GLN C 278 9.45 -18.08 0.91
CA GLN C 278 8.91 -16.74 1.14
C GLN C 278 8.03 -16.23 -0.02
N GLY C 279 7.28 -15.16 0.23
CA GLY C 279 6.38 -14.62 -0.76
C GLY C 279 5.16 -15.48 -0.95
N ARG C 280 4.99 -16.46 -0.07
CA ARG C 280 3.88 -17.41 -0.21
C ARG C 280 2.55 -16.81 0.24
N PHE C 281 2.61 -15.73 1.03
CA PHE C 281 1.38 -15.15 1.57
C PHE C 281 1.03 -13.81 0.90
N ASP C 282 1.83 -13.44 -0.10
CA ASP C 282 1.51 -12.34 -1.00
C ASP C 282 0.67 -12.90 -2.13
N SER C 283 -0.12 -12.04 -2.76
CA SER C 283 -0.66 -12.41 -4.05
C SER C 283 0.27 -11.82 -5.11
N TRP C 284 -0.08 -10.67 -5.66
CA TRP C 284 0.75 -10.00 -6.65
C TRP C 284 0.66 -8.51 -6.36
N PRO C 285 1.77 -7.77 -6.48
CA PRO C 285 3.14 -8.23 -6.71
C PRO C 285 3.66 -9.09 -5.57
N LYS C 286 4.61 -9.97 -5.85
CA LYS C 286 5.03 -10.98 -4.90
C LYS C 286 6.46 -10.70 -4.50
N ARG C 287 6.70 -10.46 -3.21
CA ARG C 287 8.04 -10.10 -2.75
C ARG C 287 9.04 -11.24 -2.94
N ARG C 288 10.30 -10.86 -3.09
CA ARG C 288 11.39 -11.84 -3.14
C ARG C 288 11.55 -12.50 -1.77
N GLY C 289 11.48 -11.70 -0.71
CA GLY C 289 11.53 -12.21 0.65
C GLY C 289 12.90 -12.66 1.11
N VAL C 290 13.94 -12.07 0.53
CA VAL C 290 15.33 -12.38 0.87
C VAL C 290 15.93 -11.18 1.59
N THR C 291 16.82 -11.43 2.54
CA THR C 291 17.42 -10.34 3.30
C THR C 291 18.23 -9.39 2.40
N ARG C 292 18.65 -8.26 2.96
CA ARG C 292 19.32 -7.25 2.14
C ARG C 292 20.82 -7.55 1.97
N VAL C 293 21.13 -8.63 1.26
CA VAL C 293 22.52 -9.10 1.12
C VAL C 293 23.47 -8.03 0.57
N ALA C 294 23.13 -7.44 -0.57
CA ALA C 294 24.02 -6.45 -1.18
C ALA C 294 24.29 -5.27 -0.26
N GLU C 295 23.24 -4.81 0.43
CA GLU C 295 23.35 -3.67 1.34
C GLU C 295 24.21 -3.99 2.57
N LEU C 296 24.03 -5.19 3.12
CA LEU C 296 24.87 -5.65 4.22
C LEU C 296 26.34 -5.62 3.81
N ASP C 297 26.66 -6.22 2.66
CA ASP C 297 28.04 -6.27 2.17
C ASP C 297 28.64 -4.89 1.94
N ARG C 298 27.87 -3.98 1.35
CA ARG C 298 28.35 -2.62 1.09
C ARG C 298 28.61 -1.85 2.38
N ALA C 299 27.96 -2.26 3.46
CA ALA C 299 28.11 -1.61 4.76
C ALA C 299 29.27 -2.22 5.56
N GLY C 300 30.01 -3.12 4.93
CA GLY C 300 31.16 -3.73 5.57
C GLY C 300 30.79 -4.87 6.50
N ILE C 301 29.54 -5.30 6.43
CA ILE C 301 29.04 -6.40 7.26
C ILE C 301 29.25 -7.74 6.53
N ASN C 302 29.70 -8.76 7.27
CA ASN C 302 29.96 -10.06 6.68
C ASN C 302 28.70 -10.90 6.40
N VAL C 303 28.48 -11.24 5.13
CA VAL C 303 27.33 -12.03 4.74
C VAL C 303 27.77 -13.14 3.79
N CYS C 304 27.08 -14.26 3.82
CA CYS C 304 27.44 -15.36 2.94
C CYS C 304 26.20 -16.17 2.58
N PHE C 305 26.36 -17.14 1.68
CA PHE C 305 25.26 -17.93 1.12
C PHE C 305 25.33 -19.39 1.56
N ALA C 306 24.17 -20.03 1.69
CA ALA C 306 24.11 -21.42 2.12
C ALA C 306 22.97 -22.18 1.45
N GLN C 307 23.10 -23.49 1.33
CA GLN C 307 22.06 -24.32 0.69
C GLN C 307 20.81 -24.53 1.55
N ASP C 308 21.00 -24.63 2.87
CA ASP C 308 19.92 -24.82 3.85
C ASP C 308 19.33 -26.25 3.90
N SER C 309 18.78 -26.69 2.78
CA SER C 309 18.06 -27.96 2.71
C SER C 309 18.49 -28.77 1.51
N ILE C 310 18.55 -30.09 1.65
CA ILE C 310 18.66 -30.97 0.49
C ILE C 310 17.58 -32.06 0.57
N GLN C 311 16.61 -31.99 -0.32
CA GLN C 311 15.52 -32.96 -0.40
C GLN C 311 14.84 -33.25 0.95
N ASP C 312 14.34 -32.21 1.60
CA ASP C 312 13.82 -32.38 2.96
C ASP C 312 12.37 -31.85 3.01
N PRO C 313 11.74 -31.77 4.21
CA PRO C 313 10.34 -31.28 4.19
C PRO C 313 10.15 -29.84 3.70
N TRP C 314 11.22 -29.05 3.63
CA TRP C 314 11.09 -27.66 3.22
C TRP C 314 11.46 -27.41 1.77
N TYR C 315 12.30 -28.28 1.20
CA TYR C 315 12.87 -28.01 -0.11
C TYR C 315 13.10 -29.34 -0.84
N PRO C 316 12.45 -29.50 -2.01
CA PRO C 316 12.44 -30.78 -2.71
C PRO C 316 13.69 -31.04 -3.57
N LEU C 317 14.51 -30.03 -3.81
CA LEU C 317 15.68 -30.23 -4.67
C LEU C 317 16.97 -30.23 -3.86
N GLY C 318 18.10 -29.97 -4.51
CA GLY C 318 19.37 -29.94 -3.83
C GLY C 318 20.28 -31.05 -4.32
N ASN C 319 21.56 -30.73 -4.49
CA ASN C 319 22.52 -31.75 -4.91
C ASN C 319 23.92 -31.56 -4.30
N GLY C 320 24.04 -30.55 -3.43
CA GLY C 320 25.29 -30.29 -2.74
C GLY C 320 26.15 -29.19 -3.34
N ASN C 321 25.77 -28.70 -4.51
CA ASN C 321 26.59 -27.74 -5.26
C ASN C 321 26.36 -26.30 -4.83
N ILE C 322 27.30 -25.76 -4.05
CA ILE C 322 27.18 -24.38 -3.55
C ILE C 322 27.20 -23.31 -4.66
N LEU C 323 27.79 -23.63 -5.81
CA LEU C 323 27.85 -22.67 -6.91
C LEU C 323 26.47 -22.36 -7.52
N ARG C 324 25.54 -23.30 -7.43
CA ARG C 324 24.18 -23.02 -7.93
C ARG C 324 23.50 -22.02 -6.99
N ILE C 325 23.82 -22.15 -5.71
CA ILE C 325 23.27 -21.26 -4.71
C ILE C 325 23.85 -19.85 -4.89
N LEU C 326 25.15 -19.77 -5.15
CA LEU C 326 25.79 -18.48 -5.43
C LEU C 326 25.10 -17.76 -6.60
N ASP C 327 24.90 -18.48 -7.69
CA ASP C 327 24.25 -17.92 -8.89
C ASP C 327 22.86 -17.36 -8.55
N ALA C 328 22.07 -18.16 -7.84
CA ALA C 328 20.75 -17.74 -7.40
C ALA C 328 20.80 -16.46 -6.56
N GLY C 329 21.71 -16.43 -5.59
CA GLY C 329 21.80 -15.28 -4.71
C GLY C 329 22.20 -14.01 -5.42
N LEU C 330 23.18 -14.09 -6.33
CA LEU C 330 23.59 -12.89 -7.10
C LEU C 330 22.43 -12.33 -7.95
N HIS C 331 21.62 -13.21 -8.52
CA HIS C 331 20.44 -12.78 -9.29
C HIS C 331 19.38 -12.15 -8.39
N ILE C 332 18.93 -12.91 -7.39
CA ILE C 332 17.84 -12.46 -6.53
C ILE C 332 18.19 -11.19 -5.75
N CYS C 333 19.46 -11.03 -5.37
CA CYS C 333 19.85 -9.91 -4.53
C CYS C 333 20.39 -8.72 -5.34
N HIS C 334 20.27 -8.79 -6.66
CA HIS C 334 20.73 -7.73 -7.56
C HIS C 334 22.22 -7.43 -7.43
N MET C 335 23.01 -8.49 -7.46
CA MET C 335 24.46 -8.36 -7.33
C MET C 335 25.16 -8.88 -8.56
N LEU C 336 24.70 -8.44 -9.73
CA LEU C 336 25.29 -8.85 -10.99
C LEU C 336 26.12 -7.72 -11.60
N GLY C 337 26.53 -6.77 -10.77
CA GLY C 337 27.40 -5.70 -11.21
C GLY C 337 28.80 -6.26 -11.50
N TYR C 338 29.61 -5.50 -12.23
CA TYR C 338 30.96 -5.93 -12.58
C TYR C 338 31.80 -6.25 -11.34
N ASP C 339 31.80 -5.33 -10.38
CA ASP C 339 32.55 -5.51 -9.13
C ASP C 339 32.08 -6.72 -8.33
N ASP C 340 30.78 -6.97 -8.32
CA ASP C 340 30.21 -8.11 -7.58
C ASP C 340 30.71 -9.43 -8.15
N LEU C 341 30.61 -9.56 -9.47
CA LEU C 341 30.95 -10.79 -10.16
C LEU C 341 32.42 -11.10 -9.99
N GLN C 342 33.25 -10.06 -9.99
CA GLN C 342 34.70 -10.27 -9.92
C GLN C 342 35.19 -10.77 -8.55
N ARG C 343 34.37 -10.63 -7.50
CA ARG C 343 34.76 -11.19 -6.19
C ARG C 343 33.70 -12.10 -5.59
N CYS C 344 32.81 -12.64 -6.42
CA CYS C 344 31.61 -13.30 -5.90
C CYS C 344 31.88 -14.58 -5.11
N LEU C 345 33.04 -15.20 -5.34
CA LEU C 345 33.38 -16.41 -4.57
C LEU C 345 33.59 -16.16 -3.07
N ASP C 346 33.82 -14.90 -2.68
CA ASP C 346 33.82 -14.51 -1.26
C ASP C 346 32.62 -15.09 -0.51
N PHE C 347 31.45 -15.09 -1.16
CA PHE C 347 30.20 -15.39 -0.45
C PHE C 347 29.99 -16.87 -0.19
N VAL C 348 30.86 -17.70 -0.76
CA VAL C 348 30.81 -19.14 -0.50
C VAL C 348 32.17 -19.70 -0.03
N THR C 349 33.13 -18.82 0.22
CA THR C 349 34.41 -19.25 0.75
C THR C 349 34.79 -18.42 1.99
N ASP C 350 35.55 -17.36 1.76
CA ASP C 350 36.07 -16.52 2.86
C ASP C 350 35.00 -16.03 3.84
N ASN C 351 33.91 -15.46 3.34
CA ASN C 351 32.88 -14.91 4.24
C ASN C 351 32.27 -15.98 5.14
N SER C 352 32.04 -17.15 4.55
CA SER C 352 31.46 -18.27 5.26
C SER C 352 32.39 -18.83 6.32
N ALA C 353 33.68 -18.88 5.98
CA ALA C 353 34.70 -19.33 6.93
C ALA C 353 34.75 -18.37 8.13
N ARG C 354 34.56 -17.09 7.86
CA ARG C 354 34.54 -16.10 8.93
C ARG C 354 33.30 -16.28 9.81
N ALA C 355 32.15 -16.59 9.19
CA ALA C 355 30.95 -16.90 9.96
C ALA C 355 31.20 -18.09 10.91
N LEU C 356 31.94 -19.08 10.44
CA LEU C 356 32.19 -20.27 11.25
C LEU C 356 33.39 -20.13 12.19
N CYS C 357 34.00 -18.95 12.18
CA CYS C 357 35.19 -18.68 13.00
C CYS C 357 36.32 -19.70 12.78
N LEU C 358 36.57 -20.08 11.53
CA LEU C 358 37.61 -21.06 11.24
C LEU C 358 39.04 -20.53 11.42
N GLY C 359 39.19 -19.21 11.39
CA GLY C 359 40.49 -18.59 11.64
C GLY C 359 41.62 -19.13 10.78
N ASP C 360 42.76 -19.38 11.40
CA ASP C 360 43.94 -19.90 10.70
C ASP C 360 43.77 -21.32 10.19
N ASN C 361 42.60 -21.91 10.40
CA ASN C 361 42.36 -23.24 9.87
C ASN C 361 41.83 -23.20 8.44
N TYR C 362 41.74 -22.00 7.88
CA TYR C 362 41.18 -21.81 6.55
C TYR C 362 42.01 -20.78 5.77
N GLY C 363 42.09 -20.95 4.46
CA GLY C 363 42.72 -19.96 3.60
C GLY C 363 44.07 -20.42 3.07
N LEU C 364 44.41 -19.97 1.86
CA LEU C 364 45.66 -20.38 1.24
C LEU C 364 46.79 -19.45 1.65
N ALA C 365 47.41 -19.77 2.78
CA ALA C 365 48.60 -19.06 3.26
C ALA C 365 49.51 -20.06 3.95
N GLU C 366 50.81 -19.77 3.96
CA GLU C 366 51.80 -20.67 4.54
C GLU C 366 51.56 -20.95 6.01
N GLY C 367 51.79 -22.18 6.42
CA GLY C 367 51.50 -22.61 7.78
C GLY C 367 50.09 -23.14 7.99
N ARG C 368 49.15 -22.73 7.14
CA ARG C 368 47.77 -23.17 7.27
C ARG C 368 47.58 -24.57 6.69
N PRO C 369 46.48 -25.25 7.07
CA PRO C 369 46.24 -26.61 6.57
C PRO C 369 46.14 -26.71 5.05
N ALA C 370 46.69 -27.79 4.51
CA ALA C 370 46.66 -28.04 3.08
C ALA C 370 45.30 -28.57 2.66
N ASN C 371 44.28 -27.72 2.80
CA ASN C 371 42.94 -27.98 2.30
C ASN C 371 42.64 -27.00 1.18
N LEU C 372 42.42 -27.52 -0.03
CA LEU C 372 42.17 -26.64 -1.18
C LEU C 372 41.52 -27.36 -2.34
N LEU C 373 40.96 -26.59 -3.25
CA LEU C 373 40.37 -27.12 -4.47
C LEU C 373 41.11 -26.55 -5.68
N ILE C 374 41.08 -27.30 -6.77
CA ILE C 374 41.38 -26.73 -8.07
C ILE C 374 40.06 -26.66 -8.85
N LEU C 375 39.69 -25.45 -9.25
CA LEU C 375 38.43 -25.18 -9.94
C LEU C 375 38.68 -25.06 -11.43
N ASP C 376 37.75 -25.53 -12.26
CA ASP C 376 37.92 -25.42 -13.71
C ASP C 376 37.51 -24.04 -14.22
N ALA C 377 38.21 -23.01 -13.76
CA ALA C 377 37.95 -21.63 -14.14
C ALA C 377 39.17 -20.79 -13.78
N GLU C 378 39.36 -19.67 -14.46
CA GLU C 378 40.53 -18.84 -14.18
C GLU C 378 40.22 -17.70 -13.20
N ASN C 379 38.94 -17.37 -13.04
CA ASN C 379 38.54 -16.28 -12.15
C ASN C 379 37.11 -16.45 -11.62
N ASP C 380 36.69 -15.55 -10.72
CA ASP C 380 35.39 -15.66 -10.06
C ASP C 380 34.21 -15.64 -11.03
N TYR C 381 34.27 -14.70 -11.98
CA TYR C 381 33.24 -14.53 -13.00
C TYR C 381 33.03 -15.82 -13.80
N GLU C 382 34.12 -16.39 -14.29
CA GLU C 382 34.01 -17.62 -15.09
C GLU C 382 33.51 -18.80 -14.27
N ALA C 383 33.91 -18.85 -13.00
CA ALA C 383 33.49 -19.92 -12.11
C ALA C 383 31.99 -19.93 -11.96
N VAL C 384 31.37 -18.77 -11.78
CA VAL C 384 29.93 -18.72 -11.57
C VAL C 384 29.18 -18.79 -12.89
N ARG C 385 29.72 -18.16 -13.92
CA ARG C 385 29.07 -18.17 -15.23
C ARG C 385 28.98 -19.57 -15.83
N ARG C 386 30.05 -20.35 -15.66
CA ARG C 386 30.07 -21.70 -16.21
C ARG C 386 29.71 -22.78 -15.19
N GLN C 387 29.49 -22.36 -13.94
CA GLN C 387 29.32 -23.32 -12.83
C GLN C 387 30.47 -24.32 -12.86
N ALA C 388 31.69 -23.80 -12.69
CA ALA C 388 32.90 -24.58 -12.96
C ALA C 388 32.98 -25.81 -12.07
N ARG C 389 33.47 -26.92 -12.63
CA ARG C 389 33.57 -28.14 -11.85
C ARG C 389 34.77 -28.14 -10.89
N VAL C 390 34.59 -28.79 -9.75
CA VAL C 390 35.71 -29.07 -8.87
C VAL C 390 36.50 -30.23 -9.46
N LEU C 391 37.71 -29.95 -9.96
CA LEU C 391 38.53 -30.98 -10.60
C LEU C 391 39.36 -31.75 -9.57
N THR C 392 39.81 -31.07 -8.53
CA THR C 392 40.58 -31.73 -7.48
C THR C 392 40.21 -31.17 -6.12
N SER C 393 40.03 -32.05 -5.16
CA SER C 393 39.87 -31.62 -3.78
C SER C 393 41.00 -32.21 -2.94
N ILE C 394 41.71 -31.35 -2.24
CA ILE C 394 42.82 -31.79 -1.40
C ILE C 394 42.50 -31.46 0.05
N ARG C 395 42.74 -32.42 0.93
CA ARG C 395 42.43 -32.24 2.34
C ARG C 395 43.55 -32.83 3.19
N HIS C 396 44.07 -32.02 4.11
CA HIS C 396 45.26 -32.39 4.89
C HIS C 396 46.37 -32.91 3.99
N GLY C 397 46.56 -32.25 2.83
CA GLY C 397 47.63 -32.58 1.93
C GLY C 397 47.41 -33.81 1.07
N LYS C 398 46.22 -34.41 1.14
CA LYS C 398 45.92 -35.61 0.36
C LYS C 398 44.77 -35.36 -0.62
N VAL C 399 44.87 -35.95 -1.82
CA VAL C 399 43.82 -35.85 -2.80
C VAL C 399 42.68 -36.76 -2.39
N ILE C 400 41.52 -36.19 -2.09
CA ILE C 400 40.39 -36.99 -1.67
C ILE C 400 39.34 -37.06 -2.78
N LEU C 401 39.56 -36.27 -3.84
CA LEU C 401 38.67 -36.28 -5.00
C LEU C 401 39.39 -35.81 -6.26
N GLN C 402 39.18 -36.55 -7.34
CA GLN C 402 39.68 -36.14 -8.64
C GLN C 402 38.58 -36.35 -9.67
N ARG C 403 38.30 -35.30 -10.44
CA ARG C 403 37.26 -35.35 -11.46
C ARG C 403 37.86 -34.86 -12.77
N GLU C 404 37.87 -35.72 -13.79
CA GLU C 404 38.45 -35.39 -15.08
C GLU C 404 37.84 -34.12 -15.70
N VAL C 405 38.61 -33.45 -16.55
CA VAL C 405 38.10 -32.28 -17.28
C VAL C 405 37.05 -32.78 -18.27
N GLU C 406 36.02 -31.97 -18.51
CA GLU C 406 34.99 -32.29 -19.49
C GLU C 406 35.58 -32.34 -20.90
N HIS C 407 35.32 -33.42 -21.62
CA HIS C 407 35.62 -33.49 -23.05
C HIS C 407 34.32 -33.57 -23.82
N ILE C 408 34.05 -32.54 -24.63
CA ILE C 408 32.90 -32.56 -25.53
C ILE C 408 33.38 -32.91 -26.92
N ARG C 409 32.82 -33.96 -27.50
CA ARG C 409 33.24 -34.39 -28.82
C ARG C 409 32.17 -34.07 -29.84
N TYR C 410 32.62 -33.71 -31.05
CA TYR C 410 31.76 -33.40 -32.17
C TYR C 410 32.11 -34.31 -33.35
N PRO C 411 31.47 -35.49 -33.43
CA PRO C 411 31.80 -36.51 -34.43
C PRO C 411 31.63 -36.05 -35.89
N MET D 1 8.29 54.21 30.90
CA MET D 1 8.21 54.26 29.45
C MET D 1 6.80 53.92 28.99
N LYS D 2 6.19 54.81 28.21
CA LYS D 2 4.86 54.53 27.67
C LYS D 2 4.91 54.12 26.20
N ILE D 3 4.15 53.08 25.87
CA ILE D 3 3.90 52.74 24.48
C ILE D 3 2.44 53.05 24.20
N ILE D 4 2.18 53.92 23.23
CA ILE D 4 0.80 54.30 22.89
C ILE D 4 0.40 53.79 21.51
N ASN D 5 -0.91 53.83 21.25
CA ASN D 5 -1.43 53.45 19.94
C ASN D 5 -1.05 52.03 19.51
N ALA D 6 -0.99 51.10 20.45
CA ALA D 6 -0.63 49.72 20.16
C ALA D 6 -1.86 48.83 19.99
N ARG D 7 -1.80 47.91 19.04
N ARG D 7 -1.82 47.93 19.02
CA ARG D 7 -2.81 46.87 18.92
CA ARG D 7 -2.83 46.88 18.94
C ARG D 7 -2.40 45.66 19.75
C ARG D 7 -2.40 45.67 19.76
N LEU D 8 -3.36 44.96 20.32
CA LEU D 8 -3.09 43.73 21.06
C LEU D 8 -3.84 42.61 20.38
N ARG D 9 -3.23 41.43 20.34
CA ARG D 9 -3.92 40.26 19.79
C ARG D 9 -5.16 39.99 20.64
N ARG D 10 -6.28 39.73 19.96
CA ARG D 10 -7.55 39.35 20.59
C ARG D 10 -8.22 40.50 21.31
N GLN D 11 -7.77 41.72 21.00
CA GLN D 11 -8.41 42.92 21.48
C GLN D 11 -8.76 43.77 20.27
N GLU D 12 -9.66 44.74 20.47
CA GLU D 12 -10.18 45.56 19.38
C GLU D 12 -9.65 46.99 19.43
N ALA D 13 -9.49 47.51 20.64
CA ALA D 13 -9.08 48.89 20.84
C ALA D 13 -7.60 49.08 20.54
N LEU D 14 -7.18 50.35 20.46
CA LEU D 14 -5.77 50.69 20.58
C LEU D 14 -5.51 50.76 22.08
N PHE D 15 -4.27 50.49 22.50
CA PHE D 15 -3.93 50.45 23.92
C PHE D 15 -2.69 51.24 24.25
N THR D 16 -2.62 51.70 25.49
CA THR D 16 -1.41 52.26 26.03
C THR D 16 -0.82 51.25 27.01
N LEU D 17 0.49 51.04 26.93
CA LEU D 17 1.19 50.13 27.84
C LEU D 17 2.17 50.95 28.64
N ASP D 18 1.95 51.04 29.94
CA ASP D 18 2.84 51.79 30.82
C ASP D 18 3.83 50.83 31.48
N LEU D 19 5.11 51.02 31.19
CA LEU D 19 6.14 50.12 31.71
C LEU D 19 6.95 50.84 32.78
N GLN D 20 7.01 50.27 33.97
CA GLN D 20 7.78 50.85 35.08
C GLN D 20 8.50 49.76 35.87
N ASP D 21 9.75 50.03 36.23
CA ASP D 21 10.52 49.10 37.07
C ASP D 21 10.56 47.68 36.50
N GLY D 22 10.77 47.58 35.18
CA GLY D 22 10.88 46.29 34.51
C GLY D 22 9.59 45.49 34.40
N ILE D 23 8.49 46.10 34.81
CA ILE D 23 7.19 45.43 34.96
C ILE D 23 6.15 46.17 34.12
N ILE D 24 5.14 45.47 33.62
CA ILE D 24 4.01 46.14 32.97
C ILE D 24 3.07 46.70 34.05
N HIS D 25 3.15 48.00 34.24
CA HIS D 25 2.45 48.68 35.31
C HIS D 25 0.97 48.87 35.00
N ARG D 26 0.66 49.18 33.76
CA ARG D 26 -0.73 49.48 33.41
C ARG D 26 -0.98 49.24 31.93
N ILE D 27 -2.09 48.58 31.63
CA ILE D 27 -2.59 48.49 30.27
C ILE D 27 -3.95 49.17 30.21
N THR D 28 -4.04 50.21 29.37
CA THR D 28 -5.25 51.04 29.26
C THR D 28 -5.74 51.10 27.81
N ALA D 29 -7.01 50.75 27.60
CA ALA D 29 -7.61 50.88 26.27
C ALA D 29 -7.84 52.35 25.96
N GLN D 30 -7.54 52.75 24.73
CA GLN D 30 -7.70 54.14 24.30
C GLN D 30 -8.97 54.33 23.49
N ALA D 31 -9.61 55.48 23.65
CA ALA D 31 -10.78 55.79 22.84
C ALA D 31 -10.37 56.27 21.46
N ALA D 32 -9.11 56.69 21.33
CA ALA D 32 -8.66 57.31 20.10
C ALA D 32 -7.18 57.06 19.86
N MET D 33 -6.76 57.26 18.61
CA MET D 33 -5.34 57.38 18.28
C MET D 33 -4.84 58.63 19.03
N GLN D 34 -3.69 58.55 19.68
CA GLN D 34 -3.16 59.67 20.46
C GLN D 34 -1.82 60.16 19.92
N THR D 35 -1.40 61.33 20.38
CA THR D 35 -0.09 61.87 20.07
C THR D 35 0.88 61.58 21.21
N ALA D 36 2.12 61.23 20.88
CA ALA D 36 3.11 60.84 21.89
C ALA D 36 3.80 62.02 22.53
N ASP D 37 3.93 61.98 23.85
CA ASP D 37 4.77 62.93 24.56
C ASP D 37 6.21 62.52 24.35
N ALA D 38 7.15 63.39 24.71
CA ALA D 38 8.55 63.03 24.67
C ALA D 38 8.79 61.84 25.60
N GLY D 39 9.55 60.87 25.13
CA GLY D 39 9.85 59.69 25.92
C GLY D 39 8.85 58.56 25.75
N ALA D 40 7.77 58.81 25.01
CA ALA D 40 6.79 57.78 24.68
C ALA D 40 7.06 57.19 23.31
N ILE D 41 6.85 55.89 23.17
CA ILE D 41 6.96 55.24 21.87
C ILE D 41 5.59 55.15 21.18
N ASP D 42 5.51 55.62 19.95
CA ASP D 42 4.26 55.57 19.21
C ASP D 42 4.24 54.32 18.33
N ALA D 43 3.47 53.32 18.72
CA ALA D 43 3.36 52.09 17.95
C ALA D 43 2.61 52.31 16.62
N GLN D 44 1.92 53.44 16.50
CA GLN D 44 1.24 53.84 15.27
C GLN D 44 0.26 52.79 14.73
N GLY D 45 -0.43 52.10 15.63
CA GLY D 45 -1.43 51.12 15.24
C GLY D 45 -0.87 49.73 15.01
N ARG D 46 0.44 49.59 15.23
CA ARG D 46 1.07 48.30 15.04
C ARG D 46 0.83 47.36 16.22
N LEU D 47 1.07 46.09 15.97
CA LEU D 47 0.83 45.04 16.96
C LEU D 47 1.93 44.99 18.01
N ALA D 48 1.55 45.04 19.28
CA ALA D 48 2.48 44.73 20.38
C ALA D 48 2.18 43.33 20.87
N ILE D 49 3.23 42.51 20.98
CA ILE D 49 3.07 41.13 21.39
C ILE D 49 4.16 40.79 22.41
N PRO D 50 3.92 39.76 23.24
CA PRO D 50 5.02 39.23 24.04
C PRO D 50 6.07 38.61 23.08
N PRO D 51 7.30 38.38 23.56
CA PRO D 51 8.38 37.98 22.65
C PRO D 51 8.15 36.66 21.94
N PHE D 52 8.79 36.51 20.79
CA PHE D 52 8.83 35.24 20.11
C PHE D 52 9.57 34.28 21.00
N VAL D 53 9.20 33.01 20.89
CA VAL D 53 9.87 31.94 21.62
C VAL D 53 10.50 30.96 20.63
N GLU D 54 11.70 30.50 20.98
CA GLU D 54 12.32 29.42 20.24
C GLU D 54 12.39 28.24 21.20
N PRO D 55 11.40 27.33 21.13
CA PRO D 55 11.26 26.34 22.21
C PRO D 55 12.07 25.08 21.96
N HIS D 56 12.78 25.02 20.84
CA HIS D 56 13.56 23.84 20.51
C HIS D 56 14.68 24.16 19.53
N ILE D 57 15.90 24.32 20.04
CA ILE D 57 17.03 24.57 19.17
C ILE D 57 18.25 23.81 19.72
N HIS D 58 19.25 23.56 18.88
CA HIS D 58 20.48 22.90 19.33
C HIS D 58 21.66 23.85 19.26
N LEU D 59 21.81 24.67 20.29
CA LEU D 59 22.87 25.67 20.32
C LEU D 59 24.28 25.08 20.41
N ASP D 60 24.41 23.86 20.91
CA ASP D 60 25.74 23.26 21.00
C ASP D 60 26.31 22.89 19.62
N ALA D 61 25.42 22.61 18.66
CA ALA D 61 25.83 22.19 17.31
C ALA D 61 25.73 23.30 16.26
N THR D 62 25.18 24.45 16.66
CA THR D 62 24.95 25.54 15.72
C THR D 62 26.24 26.06 15.08
N LEU D 63 26.13 26.38 13.79
CA LEU D 63 27.23 26.91 12.98
C LEU D 63 28.39 25.93 12.80
N THR D 64 28.08 24.62 12.75
CA THR D 64 29.13 23.63 12.55
C THR D 64 28.94 22.79 11.28
N ALA D 65 28.00 23.20 10.43
CA ALA D 65 27.74 22.48 9.19
C ALA D 65 29.03 22.31 8.38
N GLY D 66 29.30 21.07 7.98
CA GLY D 66 30.45 20.78 7.12
C GLY D 66 31.73 20.50 7.88
N GLU D 67 31.66 20.53 9.21
CA GLU D 67 32.82 20.30 10.06
C GLU D 67 32.72 18.95 10.75
N PRO D 68 33.64 18.01 10.41
CA PRO D 68 34.70 18.05 9.41
C PRO D 68 34.24 17.55 8.03
N GLU D 69 33.00 17.08 7.93
CA GLU D 69 32.44 16.63 6.65
C GLU D 69 30.99 17.07 6.56
N TRP D 70 30.42 17.00 5.36
CA TRP D 70 29.01 17.36 5.17
C TRP D 70 28.11 16.16 5.39
N ASN D 71 26.86 16.44 5.78
CA ASN D 71 25.83 15.42 5.81
C ASN D 71 25.29 15.28 4.37
N ARG D 72 25.79 14.27 3.65
CA ARG D 72 25.52 14.14 2.22
C ARG D 72 24.16 13.55 1.93
N SER D 73 23.68 12.66 2.80
CA SER D 73 22.40 12.01 2.61
C SER D 73 21.24 12.89 3.05
N GLY D 74 21.54 13.87 3.92
CA GLY D 74 20.50 14.72 4.48
C GLY D 74 19.55 14.00 5.41
N THR D 75 20.07 13.03 6.17
CA THR D 75 19.25 12.21 7.06
C THR D 75 19.62 12.50 8.51
N LEU D 76 18.70 12.15 9.41
CA LEU D 76 18.91 12.27 10.84
C LEU D 76 20.14 11.49 11.25
N PHE D 77 20.23 10.26 10.73
CA PHE D 77 21.27 9.31 11.14
C PHE D 77 22.68 9.71 10.71
N GLU D 78 22.85 10.16 9.45
CA GLU D 78 24.16 10.65 9.03
C GLU D 78 24.55 11.90 9.83
N GLY D 79 23.56 12.75 10.11
CA GLY D 79 23.78 13.93 10.93
C GLY D 79 24.35 13.59 12.29
N ILE D 80 23.81 12.54 12.89
CA ILE D 80 24.33 12.03 14.15
C ILE D 80 25.79 11.59 14.02
N THR D 81 26.11 10.89 12.94
CA THR D 81 27.49 10.49 12.69
C THR D 81 28.40 11.70 12.53
N ARG D 82 27.95 12.69 11.76
CA ARG D 82 28.75 13.88 11.55
C ARG D 82 28.96 14.65 12.85
N TRP D 83 27.92 14.69 13.67
CA TRP D 83 28.01 15.35 14.96
C TRP D 83 29.00 14.63 15.88
N SER D 84 29.03 13.29 15.82
CA SER D 84 30.01 12.50 16.57
C SER D 84 31.43 12.90 16.19
N GLN D 85 31.65 13.12 14.89
CA GLN D 85 32.96 13.55 14.43
C GLN D 85 33.30 14.95 14.94
N ARG D 86 32.31 15.84 14.93
CA ARG D 86 32.49 17.22 15.37
C ARG D 86 32.73 17.31 16.89
N LYS D 87 32.11 16.42 17.65
CA LYS D 87 32.32 16.37 19.10
C LYS D 87 33.78 16.10 19.48
N ALA D 88 34.55 15.52 18.56
CA ALA D 88 35.96 15.28 18.80
C ALA D 88 36.76 16.58 19.00
N SER D 89 36.27 17.70 18.45
CA SER D 89 37.03 18.95 18.51
C SER D 89 36.28 20.07 19.20
N ILE D 90 35.20 19.71 19.90
CA ILE D 90 34.40 20.70 20.60
C ILE D 90 35.08 21.14 21.90
N THR D 91 35.07 22.43 22.17
CA THR D 91 35.60 22.97 23.43
C THR D 91 34.57 23.90 24.05
N PRO D 92 34.74 24.26 25.33
CA PRO D 92 33.80 25.24 25.89
C PRO D 92 33.87 26.59 25.17
N GLU D 93 35.07 27.08 24.87
CA GLU D 93 35.18 28.37 24.21
C GLU D 93 34.57 28.36 22.80
N ASP D 94 34.79 27.28 22.07
CA ASP D 94 34.25 27.11 20.73
C ASP D 94 32.72 27.09 20.80
N THR D 95 32.18 26.40 21.80
CA THR D 95 30.73 26.32 21.96
C THR D 95 30.16 27.70 22.27
N ARG D 96 30.80 28.41 23.19
CA ARG D 96 30.28 29.69 23.63
C ARG D 96 30.23 30.69 22.49
N GLN D 97 31.23 30.71 21.63
CA GLN D 97 31.23 31.71 20.58
C GLN D 97 30.19 31.44 19.50
N ARG D 98 29.97 30.17 19.17
CA ARG D 98 28.97 29.84 18.16
C ARG D 98 27.59 30.10 18.73
N ALA D 99 27.38 29.72 19.97
CA ALA D 99 26.07 29.92 20.61
C ALA D 99 25.72 31.40 20.72
N LEU D 100 26.69 32.23 21.07
CA LEU D 100 26.43 33.67 21.22
C LEU D 100 26.09 34.32 19.89
N LYS D 101 26.76 33.89 18.83
CA LYS D 101 26.48 34.38 17.48
C LYS D 101 25.02 34.08 17.10
N THR D 102 24.59 32.84 17.37
CA THR D 102 23.24 32.41 17.04
C THR D 102 22.20 33.04 17.98
N ILE D 103 22.57 33.21 19.24
CA ILE D 103 21.72 33.97 20.14
C ILE D 103 21.50 35.39 19.58
N GLY D 104 22.54 35.99 19.01
CA GLY D 104 22.43 37.30 18.40
C GLY D 104 21.40 37.35 17.26
N MET D 105 21.39 36.31 16.43
CA MET D 105 20.39 36.15 15.36
C MET D 105 18.98 36.05 15.93
N LEU D 106 18.82 35.22 16.97
CA LEU D 106 17.51 35.07 17.60
C LEU D 106 17.03 36.40 18.16
N ARG D 107 17.92 37.13 18.83
CA ARG D 107 17.60 38.46 19.37
C ARG D 107 17.13 39.42 18.26
N ASP D 108 17.78 39.33 17.10
CA ASP D 108 17.47 40.18 15.95
C ASP D 108 16.07 39.95 15.44
N PHE D 109 15.54 38.75 15.68
CA PHE D 109 14.18 38.46 15.21
C PHE D 109 13.17 38.38 16.36
N GLY D 110 13.53 38.94 17.51
CA GLY D 110 12.56 39.15 18.58
C GLY D 110 12.37 37.98 19.54
N VAL D 111 13.28 37.02 19.50
CA VAL D 111 13.21 35.89 20.42
C VAL D 111 13.88 36.24 21.75
N GLN D 112 13.14 36.11 22.85
CA GLN D 112 13.68 36.37 24.19
C GLN D 112 13.59 35.16 25.11
N HIS D 113 12.99 34.09 24.60
CA HIS D 113 12.88 32.84 25.35
C HIS D 113 13.33 31.72 24.43
N VAL D 114 14.29 30.95 24.93
CA VAL D 114 14.95 29.92 24.14
C VAL D 114 15.10 28.65 24.96
N ARG D 115 14.73 27.52 24.39
CA ARG D 115 15.05 26.26 25.06
C ARG D 115 16.03 25.49 24.18
N THR D 116 17.24 25.28 24.67
CA THR D 116 18.24 24.57 23.89
C THR D 116 18.47 23.17 24.41
N HIS D 117 18.59 22.23 23.49
CA HIS D 117 19.05 20.90 23.84
C HIS D 117 20.57 20.92 23.82
N VAL D 118 21.17 20.20 24.74
CA VAL D 118 22.63 20.07 24.77
C VAL D 118 22.98 18.59 24.84
N ASP D 119 23.79 18.13 23.89
CA ASP D 119 24.21 16.73 23.87
C ASP D 119 25.06 16.41 25.11
N VAL D 120 24.59 15.49 25.92
CA VAL D 120 25.34 15.09 27.09
C VAL D 120 25.97 13.69 26.91
N THR D 121 25.87 13.11 25.72
CA THR D 121 26.66 11.91 25.44
C THR D 121 28.06 12.32 24.99
N ASP D 122 28.77 12.91 25.93
CA ASP D 122 30.12 13.43 25.76
C ASP D 122 30.69 13.44 27.17
N PRO D 123 31.69 12.59 27.45
CA PRO D 123 32.21 12.47 28.82
C PRO D 123 32.83 13.75 29.36
N SER D 124 33.22 14.66 28.48
CA SER D 124 33.79 15.92 28.94
C SER D 124 32.71 16.92 29.34
N LEU D 125 31.47 16.65 28.90
CA LEU D 125 30.34 17.60 29.03
C LEU D 125 30.76 19.06 28.74
N ALA D 126 31.60 19.22 27.73
CA ALA D 126 32.15 20.53 27.36
C ALA D 126 31.08 21.56 26.98
N ALA D 127 30.21 21.19 26.05
CA ALA D 127 29.17 22.10 25.58
C ALA D 127 28.18 22.48 26.70
N LEU D 128 27.84 21.51 27.55
CA LEU D 128 26.95 21.77 28.69
C LEU D 128 27.56 22.83 29.62
N GLN D 129 28.83 22.68 29.96
CA GLN D 129 29.52 23.68 30.77
C GLN D 129 29.46 25.08 30.12
N ALA D 130 29.73 25.15 28.83
CA ALA D 130 29.70 26.41 28.11
C ALA D 130 28.30 27.01 28.12
N LEU D 131 27.30 26.17 27.87
CA LEU D 131 25.93 26.66 27.78
C LEU D 131 25.34 27.09 29.14
N LEU D 132 25.76 26.44 30.22
CA LEU D 132 25.35 26.87 31.55
C LEU D 132 25.87 28.27 31.89
N ALA D 133 27.07 28.58 31.42
CA ALA D 133 27.65 29.90 31.61
C ALA D 133 27.00 30.92 30.67
N VAL D 134 26.67 30.49 29.46
CA VAL D 134 26.03 31.38 28.48
C VAL D 134 24.65 31.81 29.01
N LYS D 135 23.98 30.90 29.71
CA LYS D 135 22.66 31.15 30.28
C LYS D 135 22.69 32.38 31.16
N GLN D 136 23.83 32.57 31.84
CA GLN D 136 24.04 33.74 32.65
C GLN D 136 24.54 34.89 31.80
N GLU D 137 25.52 34.62 30.94
CA GLU D 137 26.14 35.69 30.14
C GLU D 137 25.14 36.39 29.22
N ALA D 138 24.18 35.64 28.69
CA ALA D 138 23.23 36.17 27.71
C ALA D 138 21.89 36.58 28.30
N ALA D 139 21.79 36.62 29.63
CA ALA D 139 20.53 36.95 30.32
C ALA D 139 19.98 38.33 29.98
N ASP D 140 20.85 39.22 29.49
CA ASP D 140 20.39 40.54 29.08
C ASP D 140 19.63 40.48 27.75
N LEU D 141 19.70 39.34 27.08
CA LEU D 141 19.02 39.17 25.78
C LEU D 141 17.89 38.14 25.82
N ILE D 142 18.14 37.04 26.53
CA ILE D 142 17.22 35.92 26.52
C ILE D 142 17.14 35.22 27.87
N ASP D 143 16.04 34.54 28.09
CA ASP D 143 15.91 33.58 29.17
C ASP D 143 16.12 32.22 28.54
N LEU D 144 17.22 31.56 28.92
CA LEU D 144 17.61 30.29 28.31
C LEU D 144 17.28 29.11 29.22
N GLN D 145 16.64 28.08 28.66
CA GLN D 145 16.47 26.81 29.34
C GLN D 145 17.36 25.78 28.67
N ILE D 146 17.95 24.88 29.46
CA ILE D 146 18.86 23.89 28.93
C ILE D 146 18.32 22.48 29.12
N VAL D 147 18.26 21.71 28.03
CA VAL D 147 17.82 20.32 28.11
C VAL D 147 19.01 19.38 28.07
N ALA D 148 19.06 18.45 29.04
CA ALA D 148 20.05 17.37 29.02
C ALA D 148 19.62 16.37 27.95
N PHE D 149 20.24 16.46 26.78
CA PHE D 149 19.82 15.67 25.62
C PHE D 149 20.86 14.57 25.34
N PRO D 150 20.45 13.31 25.46
CA PRO D 150 21.39 12.21 25.19
C PRO D 150 21.37 11.82 23.72
N GLN D 151 22.08 12.56 22.87
CA GLN D 151 22.03 12.36 21.42
C GLN D 151 22.21 10.91 21.02
N GLU D 152 23.19 10.24 21.62
CA GLU D 152 23.50 8.87 21.21
C GLU D 152 22.86 7.80 22.08
N GLY D 153 21.81 8.16 22.83
CA GLY D 153 21.05 7.21 23.60
C GLY D 153 21.39 7.22 25.09
N ILE D 154 20.42 6.86 25.92
CA ILE D 154 20.65 6.74 27.35
C ILE D 154 21.15 5.33 27.64
N GLU D 155 20.44 4.34 27.10
CA GLU D 155 20.75 2.94 27.36
C GLU D 155 21.80 2.41 26.39
N SER D 156 21.99 3.13 25.29
CA SER D 156 22.80 2.64 24.16
C SER D 156 24.19 3.29 24.10
N TYR D 157 24.47 4.21 25.00
CA TYR D 157 25.76 4.91 25.05
C TYR D 157 26.36 4.63 26.42
N PRO D 158 27.70 4.45 26.50
CA PRO D 158 28.36 4.10 27.76
C PRO D 158 28.08 5.10 28.88
N ASN D 159 27.63 4.61 30.02
CA ASN D 159 27.31 5.47 31.16
C ASN D 159 26.28 6.55 30.85
N GLY D 160 25.38 6.27 29.91
CA GLY D 160 24.36 7.23 29.50
C GLY D 160 23.49 7.75 30.63
N ARG D 161 22.99 6.85 31.49
CA ARG D 161 22.19 7.27 32.63
C ARG D 161 22.96 8.20 33.58
N GLU D 162 24.24 7.92 33.74
CA GLU D 162 25.07 8.68 34.66
C GLU D 162 25.36 10.06 34.08
N LEU D 163 25.57 10.14 32.78
CA LEU D 163 25.77 11.43 32.10
C LEU D 163 24.51 12.30 32.17
N MET D 164 23.35 11.67 32.03
CA MET D 164 22.09 12.37 32.19
C MET D 164 21.95 12.93 33.60
N THR D 165 22.28 12.11 34.59
CA THR D 165 22.14 12.53 35.99
C THR D 165 23.13 13.64 36.31
N ARG D 166 24.35 13.50 35.79
CA ARG D 166 25.39 14.51 36.00
C ARG D 166 24.96 15.84 35.42
N ALA D 167 24.37 15.80 34.22
CA ALA D 167 23.90 17.00 33.55
C ALA D 167 22.83 17.73 34.36
N ILE D 168 21.87 16.96 34.88
CA ILE D 168 20.83 17.51 35.76
C ILE D 168 21.43 18.11 37.04
N GLU D 169 22.32 17.38 37.70
CA GLU D 169 22.99 17.88 38.90
C GLU D 169 23.78 19.17 38.64
N MET D 170 24.39 19.28 37.47
CA MET D 170 25.14 20.48 37.10
C MET D 170 24.24 21.70 36.85
N GLY D 171 22.95 21.46 36.64
CA GLY D 171 22.02 22.56 36.51
C GLY D 171 21.12 22.61 35.29
N ALA D 172 21.12 21.57 34.44
CA ALA D 172 20.16 21.53 33.33
C ALA D 172 18.74 21.57 33.87
N ASP D 173 17.89 22.36 33.22
CA ASP D 173 16.52 22.59 33.70
C ASP D 173 15.55 21.54 33.20
N VAL D 174 15.89 20.86 32.09
CA VAL D 174 14.95 19.96 31.44
C VAL D 174 15.60 18.57 31.19
N VAL D 175 14.84 17.50 31.38
CA VAL D 175 15.33 16.17 31.04
C VAL D 175 14.92 15.80 29.62
N GLY D 176 15.88 15.38 28.80
CA GLY D 176 15.61 15.00 27.42
C GLY D 176 15.61 13.48 27.22
N GLY D 177 15.49 13.03 25.98
CA GLY D 177 15.52 11.59 25.68
C GLY D 177 15.47 11.39 24.18
N ILE D 178 15.75 10.17 23.71
CA ILE D 178 15.69 9.88 22.27
C ILE D 178 15.31 8.40 22.05
N PRO D 179 14.12 8.00 22.55
CA PRO D 179 13.78 6.58 22.67
C PRO D 179 13.77 5.81 21.35
N HIS D 180 13.41 6.46 20.24
CA HIS D 180 13.36 5.80 18.93
C HIS D 180 14.78 5.46 18.45
N TYR D 181 15.76 6.12 19.03
CA TYR D 181 17.16 5.89 18.66
C TYR D 181 17.87 4.83 19.51
N GLU D 182 17.24 4.37 20.59
CA GLU D 182 17.85 3.31 21.38
C GLU D 182 17.93 2.02 20.55
N ASN D 183 18.88 1.16 20.87
CA ASN D 183 19.17 0.00 20.03
C ASN D 183 18.04 -1.05 19.89
N THR D 184 17.21 -1.19 20.91
CA THR D 184 16.07 -2.11 20.82
C THR D 184 14.84 -1.47 21.40
N ARG D 185 13.66 -1.97 21.02
CA ARG D 185 12.39 -1.44 21.49
C ARG D 185 12.34 -1.44 23.02
N ASP D 186 12.71 -2.56 23.64
CA ASP D 186 12.67 -2.61 25.11
C ASP D 186 13.54 -1.54 25.76
N LYS D 187 14.70 -1.25 25.15
CA LYS D 187 15.57 -0.18 25.66
C LYS D 187 15.02 1.22 25.41
N GLY D 188 14.25 1.39 24.33
CA GLY D 188 13.49 2.62 24.16
C GLY D 188 12.52 2.85 25.31
N VAL D 189 11.79 1.80 25.67
CA VAL D 189 10.82 1.89 26.75
C VAL D 189 11.49 2.15 28.13
N SER D 190 12.55 1.42 28.45
CA SER D 190 13.25 1.66 29.72
C SER D 190 13.87 3.05 29.80
N SER D 191 14.29 3.61 28.67
CA SER D 191 14.84 4.97 28.67
C SER D 191 13.77 6.01 29.03
N VAL D 192 12.55 5.80 28.58
CA VAL D 192 11.47 6.71 28.97
C VAL D 192 11.15 6.57 30.45
N MET D 193 11.09 5.34 30.94
CA MET D 193 10.84 5.11 32.37
C MET D 193 11.92 5.79 33.20
N PHE D 194 13.18 5.67 32.75
CA PHE D 194 14.29 6.26 33.46
C PHE D 194 14.21 7.78 33.49
N LEU D 195 13.97 8.38 32.33
CA LEU D 195 14.07 9.82 32.21
C LEU D 195 12.93 10.49 32.97
N MET D 196 11.77 9.84 33.02
CA MET D 196 10.63 10.35 33.79
C MET D 196 10.88 10.23 35.30
N ASP D 197 11.59 9.19 35.73
CA ASP D 197 11.99 9.08 37.13
C ASP D 197 12.97 10.19 37.50
N LEU D 198 13.92 10.44 36.60
CA LEU D 198 14.94 11.45 36.81
C LEU D 198 14.31 12.84 36.95
N ALA D 199 13.41 13.19 36.03
CA ALA D 199 12.75 14.48 36.09
C ALA D 199 11.88 14.66 37.34
N GLN D 200 11.20 13.58 37.74
CA GLN D 200 10.33 13.63 38.89
C GLN D 200 11.18 13.72 40.14
N ARG D 201 12.22 12.89 40.21
CA ARG D 201 13.16 12.96 41.33
C ARG D 201 13.74 14.37 41.50
N TYR D 202 14.12 15.03 40.41
CA TYR D 202 14.81 16.32 40.55
C TYR D 202 13.92 17.55 40.36
N GLY D 203 12.63 17.33 40.11
CA GLY D 203 11.72 18.45 39.90
C GLY D 203 12.01 19.23 38.63
N ARG D 204 12.31 18.53 37.54
CA ARG D 204 12.65 19.21 36.30
C ARG D 204 11.57 19.02 35.25
N LEU D 205 11.59 19.87 34.25
CA LEU D 205 10.74 19.71 33.07
C LEU D 205 11.27 18.55 32.21
N VAL D 206 10.44 18.11 31.27
CA VAL D 206 10.78 17.02 30.35
C VAL D 206 10.56 17.46 28.90
N ASP D 207 11.52 17.19 28.03
CA ASP D 207 11.34 17.47 26.61
C ASP D 207 12.09 16.43 25.80
N VAL D 208 11.34 15.48 25.26
CA VAL D 208 11.90 14.29 24.66
C VAL D 208 11.84 14.37 23.14
N HIS D 209 12.97 14.09 22.47
CA HIS D 209 12.93 13.88 21.02
C HIS D 209 12.20 12.56 20.84
N CYS D 210 10.93 12.63 20.46
CA CYS D 210 10.08 11.45 20.52
C CYS D 210 9.68 10.99 19.10
N ASP D 211 10.12 9.80 18.71
CA ASP D 211 9.76 9.20 17.41
C ASP D 211 10.11 10.07 16.19
N GLU D 212 11.31 10.67 16.17
CA GLU D 212 11.72 11.48 15.02
C GLU D 212 12.22 10.56 13.89
N ILE D 213 11.28 9.83 13.29
CA ILE D 213 11.59 8.79 12.32
C ILE D 213 10.29 8.40 11.62
N ASP D 214 10.36 7.94 10.38
CA ASP D 214 9.13 7.73 9.60
C ASP D 214 8.53 6.35 9.80
N ASP D 215 9.09 5.59 10.74
CA ASP D 215 8.64 4.21 11.01
C ASP D 215 7.31 4.19 11.76
N PRO D 216 6.25 3.64 11.13
CA PRO D 216 4.95 3.66 11.82
C PRO D 216 4.90 2.78 13.08
N GLN D 217 5.89 1.92 13.30
CA GLN D 217 5.95 1.13 14.53
C GLN D 217 6.63 1.88 15.67
N SER D 218 7.09 3.10 15.42
CA SER D 218 7.77 3.86 16.46
C SER D 218 6.73 4.58 17.32
N ARG D 219 6.36 3.93 18.42
CA ARG D 219 5.25 4.39 19.24
C ARG D 219 5.70 4.63 20.68
N PHE D 220 6.77 5.39 20.86
CA PHE D 220 7.23 5.69 22.21
C PHE D 220 6.42 6.82 22.83
N LEU D 221 5.71 7.55 21.97
CA LEU D 221 4.82 8.62 22.44
C LEU D 221 3.82 8.09 23.47
N GLU D 222 3.23 6.91 23.23
CA GLU D 222 2.24 6.37 24.16
C GLU D 222 2.85 6.11 25.53
N VAL D 223 4.10 5.66 25.55
CA VAL D 223 4.78 5.41 26.80
C VAL D 223 5.02 6.70 27.57
N LEU D 224 5.53 7.71 26.87
CA LEU D 224 5.79 9.02 27.47
C LEU D 224 4.51 9.67 28.02
N ALA D 225 3.44 9.63 27.22
CA ALA D 225 2.19 10.26 27.62
C ALA D 225 1.56 9.54 28.81
N GLU D 226 1.64 8.21 28.82
CA GLU D 226 1.06 7.45 29.94
C GLU D 226 1.85 7.66 31.24
N GLU D 227 3.17 7.77 31.13
CA GLU D 227 3.97 8.11 32.30
C GLU D 227 3.60 9.50 32.80
N ALA D 228 3.46 10.46 31.88
CA ALA D 228 3.07 11.81 32.28
C ALA D 228 1.69 11.82 32.95
N ARG D 229 0.76 11.05 32.39
CA ARG D 229 -0.60 10.99 32.92
C ARG D 229 -0.64 10.38 34.31
N VAL D 230 0.02 9.24 34.48
CA VAL D 230 -0.01 8.54 35.75
C VAL D 230 0.69 9.34 36.85
N ARG D 231 1.70 10.10 36.46
CA ARG D 231 2.50 10.85 37.44
C ARG D 231 2.00 12.28 37.68
N GLY D 232 0.95 12.68 36.96
CA GLY D 232 0.40 14.02 37.13
C GLY D 232 1.36 15.12 36.69
N MET D 233 2.19 14.83 35.71
CA MET D 233 3.25 15.73 35.27
C MET D 233 2.98 16.39 33.92
N GLY D 234 1.79 16.15 33.35
CA GLY D 234 1.49 16.53 31.98
C GLY D 234 1.97 17.90 31.51
N ALA D 235 1.62 18.93 32.26
CA ALA D 235 1.97 20.29 31.88
C ALA D 235 3.49 20.49 31.78
N GLN D 236 4.23 19.67 32.52
CA GLN D 236 5.67 19.79 32.58
C GLN D 236 6.39 18.96 31.51
N VAL D 237 5.62 18.27 30.68
CA VAL D 237 6.21 17.35 29.70
C VAL D 237 5.95 17.81 28.25
N THR D 238 7.00 17.76 27.43
CA THR D 238 6.86 18.06 25.98
C THR D 238 7.40 16.90 25.15
N ALA D 239 6.67 16.57 24.08
CA ALA D 239 7.16 15.63 23.09
C ALA D 239 7.56 16.44 21.86
N SER D 240 8.85 16.44 21.54
CA SER D 240 9.32 17.13 20.35
C SER D 240 9.31 16.20 19.16
N HIS D 241 9.06 16.76 17.98
CA HIS D 241 9.00 16.05 16.71
C HIS D 241 7.73 15.19 16.52
N THR D 242 7.73 14.00 17.12
CA THR D 242 6.67 13.00 16.90
C THR D 242 6.33 12.81 15.41
N CYS D 243 7.37 12.86 14.57
CA CYS D 243 7.21 12.71 13.13
C CYS D 243 6.47 11.44 12.76
N ALA D 244 6.73 10.36 13.51
CA ALA D 244 6.12 9.06 13.22
C ALA D 244 4.60 9.12 13.30
N MET D 245 4.08 10.06 14.10
CA MET D 245 2.64 10.22 14.18
C MET D 245 2.06 10.57 12.80
N GLY D 246 2.83 11.28 11.99
CA GLY D 246 2.43 11.55 10.62
C GLY D 246 2.37 10.33 9.71
N SER D 247 2.75 9.16 10.22
CA SER D 247 2.64 7.93 9.45
C SER D 247 1.88 6.82 10.20
N TYR D 248 1.30 7.14 11.35
CA TYR D 248 0.60 6.12 12.14
C TYR D 248 -0.64 5.55 11.46
N ASP D 249 -0.91 4.28 11.75
CA ASP D 249 -2.22 3.70 11.49
C ASP D 249 -3.28 4.65 12.05
N ASN D 250 -4.34 4.90 11.29
CA ASN D 250 -5.32 5.91 11.73
C ASN D 250 -6.22 5.48 12.88
N ALA D 251 -6.49 4.18 12.99
CA ALA D 251 -7.31 3.70 14.09
C ALA D 251 -6.51 3.81 15.39
N TYR D 252 -5.25 3.40 15.35
CA TYR D 252 -4.36 3.55 16.49
C TYR D 252 -4.24 5.01 16.88
N CYS D 253 -4.10 5.88 15.90
CA CYS D 253 -3.85 7.28 16.22
C CYS D 253 -5.08 7.93 16.86
N SER D 254 -6.27 7.51 16.43
CA SER D 254 -7.50 8.01 17.04
C SER D 254 -7.60 7.60 18.52
N LYS D 255 -7.33 6.32 18.80
CA LYS D 255 -7.28 5.86 20.17
C LYS D 255 -6.21 6.61 20.99
N LEU D 256 -5.04 6.81 20.37
CA LEU D 256 -3.92 7.47 21.03
C LEU D 256 -4.25 8.89 21.47
N PHE D 257 -5.01 9.61 20.66
CA PHE D 257 -5.37 10.99 20.93
C PHE D 257 -6.15 11.13 22.24
N ARG D 258 -6.89 10.10 22.64
CA ARG D 258 -7.62 10.14 23.90
C ARG D 258 -6.64 10.15 25.06
N LEU D 259 -5.58 9.35 24.94
CA LEU D 259 -4.51 9.35 25.94
C LEU D 259 -3.74 10.68 25.91
N LEU D 260 -3.40 11.15 24.72
CA LEU D 260 -2.68 12.43 24.60
C LEU D 260 -3.44 13.58 25.27
N LYS D 261 -4.76 13.65 25.05
CA LYS D 261 -5.56 14.70 25.68
C LYS D 261 -5.58 14.53 27.19
N ALA D 262 -5.84 13.30 27.67
CA ALA D 262 -5.87 13.03 29.11
C ALA D 262 -4.52 13.30 29.77
N SER D 263 -3.43 13.10 29.04
CA SER D 263 -2.10 13.27 29.63
C SER D 263 -1.72 14.73 29.87
N GLY D 264 -2.21 15.64 29.01
CA GLY D 264 -1.93 17.05 29.13
C GLY D 264 -0.56 17.50 28.65
N ILE D 265 0.19 16.65 27.95
CA ILE D 265 1.51 17.06 27.50
C ILE D 265 1.46 18.02 26.34
N ASN D 266 2.58 18.72 26.11
CA ASN D 266 2.75 19.63 24.97
C ASN D 266 3.49 18.97 23.81
N PHE D 267 3.38 19.57 22.63
CA PHE D 267 4.03 19.07 21.42
C PHE D 267 4.81 20.19 20.73
N ILE D 268 6.00 19.87 20.25
CA ILE D 268 6.74 20.82 19.42
C ILE D 268 6.99 20.21 18.04
N SER D 269 6.75 20.99 17.00
CA SER D 269 7.01 20.53 15.64
C SER D 269 8.05 21.45 15.00
N CYS D 270 8.96 20.86 14.24
CA CYS D 270 10.00 21.63 13.58
C CYS D 270 9.83 21.40 12.08
N PRO D 271 9.01 22.24 11.43
CA PRO D 271 8.54 21.90 10.09
C PRO D 271 9.62 22.01 9.02
N THR D 272 10.47 23.03 9.07
CA THR D 272 11.55 23.13 8.09
C THR D 272 12.54 22.00 8.31
N GLU D 273 12.73 21.59 9.56
CA GLU D 273 13.71 20.53 9.85
C GLU D 273 13.21 19.18 9.34
N SER D 274 11.95 18.89 9.61
CA SER D 274 11.38 17.59 9.28
C SER D 274 11.13 17.43 7.78
N ILE D 275 10.73 18.51 7.11
CA ILE D 275 10.52 18.42 5.65
C ILE D 275 11.87 18.10 4.96
N HIS D 276 12.96 18.55 5.58
CA HIS D 276 14.31 18.24 5.11
C HIS D 276 14.76 16.82 5.48
N LEU D 277 14.59 16.43 6.74
CA LEU D 277 15.09 15.15 7.24
C LEU D 277 14.17 13.97 6.97
N GLN D 278 12.86 14.23 6.87
CA GLN D 278 11.91 13.13 6.73
C GLN D 278 11.60 12.88 5.27
N GLY D 279 11.01 11.72 4.99
CA GLY D 279 10.67 11.33 3.63
C GLY D 279 11.88 10.86 2.85
N ARG D 280 13.03 10.77 3.50
CA ARG D 280 14.27 10.40 2.83
C ARG D 280 14.33 8.93 2.44
N PHE D 281 13.49 8.12 3.05
CA PHE D 281 13.51 6.69 2.77
C PHE D 281 12.30 6.21 1.96
N ASP D 282 11.49 7.18 1.53
CA ASP D 282 10.43 6.91 0.57
C ASP D 282 11.02 7.11 -0.82
N SER D 283 10.41 6.52 -1.83
CA SER D 283 10.66 6.99 -3.17
C SER D 283 9.57 7.99 -3.48
N TRP D 284 8.54 7.54 -4.20
CA TRP D 284 7.43 8.39 -4.60
C TRP D 284 6.17 7.52 -4.50
N PRO D 285 5.08 8.06 -3.93
CA PRO D 285 4.97 9.40 -3.36
C PRO D 285 5.81 9.54 -2.09
N LYS D 286 6.16 10.78 -1.77
CA LYS D 286 7.06 11.07 -0.69
C LYS D 286 6.29 11.77 0.43
N ARG D 287 6.29 11.17 1.61
CA ARG D 287 5.53 11.74 2.73
C ARG D 287 6.16 13.03 3.23
N ARG D 288 5.32 13.88 3.83
CA ARG D 288 5.76 15.11 4.47
C ARG D 288 6.59 14.80 5.70
N GLY D 289 6.12 13.87 6.53
CA GLY D 289 6.91 13.39 7.65
C GLY D 289 6.78 14.25 8.88
N VAL D 290 5.75 15.10 8.89
CA VAL D 290 5.52 16.00 10.01
C VAL D 290 4.35 15.48 10.83
N THR D 291 4.42 15.70 12.15
CA THR D 291 3.35 15.29 13.06
C THR D 291 2.01 15.98 12.73
N ARG D 292 0.93 15.50 13.34
CA ARG D 292 -0.41 15.95 12.96
C ARG D 292 -0.78 17.23 13.70
N VAL D 293 -0.08 18.31 13.35
CA VAL D 293 -0.18 19.57 14.08
C VAL D 293 -1.61 20.10 14.15
N ALA D 294 -2.25 20.23 13.00
CA ALA D 294 -3.60 20.81 12.94
C ALA D 294 -4.56 19.99 13.81
N GLU D 295 -4.37 18.68 13.78
CA GLU D 295 -5.25 17.75 14.48
C GLU D 295 -5.05 17.82 15.99
N LEU D 296 -3.79 17.94 16.42
CA LEU D 296 -3.48 18.16 17.84
C LEU D 296 -4.17 19.45 18.31
N ASP D 297 -4.00 20.52 17.56
CA ASP D 297 -4.55 21.81 17.95
C ASP D 297 -6.08 21.80 17.99
N ARG D 298 -6.71 21.15 17.00
CA ARG D 298 -8.17 21.05 17.01
C ARG D 298 -8.67 20.20 18.17
N ALA D 299 -7.84 19.27 18.63
CA ALA D 299 -8.20 18.43 19.77
C ALA D 299 -8.02 19.16 21.11
N GLY D 300 -7.57 20.41 21.07
CA GLY D 300 -7.34 21.16 22.30
C GLY D 300 -5.99 20.83 22.92
N ILE D 301 -5.10 20.22 22.13
CA ILE D 301 -3.76 19.93 22.61
C ILE D 301 -2.80 21.05 22.21
N ASN D 302 -1.91 21.43 23.14
CA ASN D 302 -0.99 22.53 22.90
C ASN D 302 0.16 22.11 22.01
N VAL D 303 0.31 22.77 20.87
CA VAL D 303 1.40 22.47 19.94
C VAL D 303 2.00 23.79 19.44
N CYS D 304 3.27 23.78 19.10
CA CYS D 304 3.94 25.00 18.62
C CYS D 304 5.07 24.63 17.67
N PHE D 305 5.66 25.64 17.06
CA PHE D 305 6.70 25.46 16.03
C PHE D 305 8.07 25.89 16.53
N ALA D 306 9.10 25.26 15.98
CA ALA D 306 10.47 25.59 16.38
C ALA D 306 11.42 25.49 15.19
N GLN D 307 12.57 26.13 15.29
CA GLN D 307 13.58 26.09 14.24
C GLN D 307 14.46 24.85 14.27
N ASP D 308 14.70 24.30 15.46
CA ASP D 308 15.54 23.10 15.64
C ASP D 308 17.04 23.32 15.40
N SER D 309 17.40 23.63 14.16
CA SER D 309 18.80 23.73 13.76
C SER D 309 19.12 25.03 13.04
N ILE D 310 20.29 25.59 13.32
CA ILE D 310 20.82 26.67 12.51
C ILE D 310 22.23 26.31 12.04
N GLN D 311 22.36 26.04 10.75
CA GLN D 311 23.64 25.72 10.10
C GLN D 311 24.45 24.66 10.83
N ASP D 312 23.88 23.46 10.98
CA ASP D 312 24.50 22.43 11.80
C ASP D 312 24.55 21.08 11.03
N PRO D 313 24.99 19.97 11.66
CA PRO D 313 25.10 18.76 10.83
C PRO D 313 23.78 18.24 10.24
N TRP D 314 22.65 18.73 10.73
CA TRP D 314 21.36 18.25 10.24
C TRP D 314 20.70 19.20 9.23
N TYR D 315 21.11 20.47 9.23
CA TYR D 315 20.35 21.48 8.49
C TYR D 315 21.23 22.66 8.10
N PRO D 316 21.44 22.87 6.79
CA PRO D 316 22.47 23.82 6.35
C PRO D 316 22.05 25.28 6.34
N LEU D 317 20.78 25.56 6.54
CA LEU D 317 20.30 26.93 6.49
C LEU D 317 19.96 27.47 7.89
N GLY D 318 19.20 28.55 7.94
CA GLY D 318 18.78 29.14 9.21
C GLY D 318 19.34 30.53 9.41
N ASN D 319 18.52 31.43 9.97
CA ASN D 319 18.91 32.80 10.23
C ASN D 319 18.30 33.39 11.51
N GLY D 320 17.58 32.57 12.26
CA GLY D 320 17.02 32.99 13.53
C GLY D 320 15.57 33.44 13.48
N ASN D 321 15.02 33.55 12.27
CA ASN D 321 13.69 34.12 12.08
C ASN D 321 12.56 33.10 12.23
N ILE D 322 11.92 33.11 13.40
CA ILE D 322 10.85 32.16 13.70
C ILE D 322 9.63 32.34 12.77
N LEU D 323 9.44 33.54 12.22
CA LEU D 323 8.31 33.76 11.30
C LEU D 323 8.41 32.94 10.00
N ARG D 324 9.63 32.66 9.55
CA ARG D 324 9.83 31.83 8.36
C ARG D 324 9.39 30.40 8.68
N ILE D 325 9.67 29.97 9.90
CA ILE D 325 9.28 28.63 10.35
C ILE D 325 7.76 28.51 10.50
N LEU D 326 7.13 29.55 11.04
CA LEU D 326 5.68 29.60 11.10
C LEU D 326 5.06 29.47 9.70
N ASP D 327 5.58 30.24 8.75
CA ASP D 327 5.15 30.15 7.35
C ASP D 327 5.23 28.71 6.83
N ALA D 328 6.40 28.07 6.98
CA ALA D 328 6.57 26.71 6.49
C ALA D 328 5.59 25.75 7.17
N GLY D 329 5.42 25.90 8.48
CA GLY D 329 4.56 25.01 9.23
C GLY D 329 3.11 25.12 8.79
N LEU D 330 2.62 26.34 8.62
CA LEU D 330 1.24 26.52 8.19
C LEU D 330 0.97 25.87 6.82
N HIS D 331 1.94 25.95 5.93
CA HIS D 331 1.85 25.30 4.62
C HIS D 331 1.83 23.77 4.68
N ILE D 332 2.88 23.19 5.27
CA ILE D 332 3.07 21.73 5.33
C ILE D 332 1.99 21.01 6.13
N CYS D 333 1.47 21.68 7.15
CA CYS D 333 0.46 21.12 8.04
C CYS D 333 -0.97 21.41 7.60
N HIS D 334 -1.12 22.05 6.43
CA HIS D 334 -2.42 22.39 5.90
C HIS D 334 -3.24 23.25 6.86
N MET D 335 -2.63 24.34 7.32
CA MET D 335 -3.30 25.25 8.23
C MET D 335 -3.33 26.65 7.63
N LEU D 336 -3.80 26.75 6.39
CA LEU D 336 -3.96 28.06 5.74
C LEU D 336 -5.41 28.49 5.65
N GLY D 337 -6.26 27.90 6.48
CA GLY D 337 -7.65 28.35 6.59
C GLY D 337 -7.70 29.75 7.19
N TYR D 338 -8.81 30.44 6.95
CA TYR D 338 -9.01 31.80 7.46
C TYR D 338 -8.85 31.89 8.99
N ASP D 339 -9.49 30.96 9.70
CA ASP D 339 -9.41 30.94 11.16
C ASP D 339 -8.00 30.62 11.67
N ASP D 340 -7.27 29.76 10.96
CA ASP D 340 -5.89 29.43 11.32
C ASP D 340 -5.02 30.68 11.22
N LEU D 341 -5.14 31.40 10.11
CA LEU D 341 -4.27 32.55 9.82
C LEU D 341 -4.55 33.70 10.77
N GLN D 342 -5.79 33.80 11.22
CA GLN D 342 -6.20 34.89 12.11
C GLN D 342 -5.57 34.80 13.50
N ARG D 343 -5.12 33.62 13.88
CA ARG D 343 -4.47 33.46 15.18
C ARG D 343 -3.16 32.65 15.13
N CYS D 344 -2.52 32.66 13.95
CA CYS D 344 -1.35 31.81 13.72
C CYS D 344 -0.16 32.17 14.61
N LEU D 345 -0.13 33.39 15.11
CA LEU D 345 0.95 33.77 16.02
C LEU D 345 0.94 32.98 17.34
N ASP D 346 -0.20 32.43 17.73
CA ASP D 346 -0.23 31.49 18.86
C ASP D 346 0.92 30.48 18.83
N PHE D 347 1.23 29.96 17.63
CA PHE D 347 2.16 28.84 17.50
C PHE D 347 3.62 29.19 17.71
N VAL D 348 3.91 30.48 17.79
CA VAL D 348 5.28 30.92 18.05
C VAL D 348 5.34 31.90 19.22
N THR D 349 4.24 32.03 19.95
CA THR D 349 4.24 32.85 21.15
C THR D 349 3.63 32.10 22.33
N ASP D 350 2.32 32.29 22.53
CA ASP D 350 1.61 31.74 23.68
C ASP D 350 1.76 30.23 23.83
N ASN D 351 1.63 29.49 22.73
CA ASN D 351 1.70 28.03 22.81
C ASN D 351 3.08 27.58 23.25
N SER D 352 4.10 28.26 22.73
CA SER D 352 5.48 27.91 23.07
C SER D 352 5.79 28.31 24.49
N ALA D 353 5.29 29.47 24.93
CA ALA D 353 5.43 29.88 26.33
C ALA D 353 4.86 28.84 27.26
N ARG D 354 3.72 28.27 26.87
CA ARG D 354 3.08 27.21 27.65
C ARG D 354 3.94 25.96 27.69
N ALA D 355 4.53 25.60 26.56
CA ALA D 355 5.44 24.45 26.50
C ALA D 355 6.63 24.62 27.45
N LEU D 356 7.12 25.85 27.57
CA LEU D 356 8.27 26.15 28.43
C LEU D 356 7.90 26.46 29.89
N CYS D 357 6.61 26.33 30.21
CA CYS D 357 6.07 26.67 31.53
C CYS D 357 6.50 28.04 32.03
N LEU D 358 6.45 29.04 31.15
CA LEU D 358 6.85 30.39 31.53
C LEU D 358 5.87 31.02 32.53
N GLY D 359 4.62 30.55 32.52
CA GLY D 359 3.62 31.04 33.46
C GLY D 359 3.54 32.56 33.48
N ASP D 360 3.61 33.15 34.66
CA ASP D 360 3.46 34.60 34.82
C ASP D 360 4.66 35.41 34.35
N ASN D 361 5.71 34.74 33.89
CA ASN D 361 6.88 35.44 33.38
C ASN D 361 6.74 35.81 31.90
N TYR D 362 5.58 35.54 31.34
CA TYR D 362 5.33 35.77 29.93
C TYR D 362 3.93 36.36 29.71
N GLY D 363 3.77 37.14 28.64
CA GLY D 363 2.47 37.67 28.27
C GLY D 363 2.20 39.11 28.69
N LEU D 364 1.40 39.81 27.89
CA LEU D 364 1.13 41.21 28.15
C LEU D 364 -0.03 41.38 29.12
N ALA D 365 0.28 41.35 30.41
CA ALA D 365 -0.71 41.59 31.46
C ALA D 365 -0.05 42.36 32.57
N GLU D 366 -0.84 43.14 33.29
CA GLU D 366 -0.34 43.97 34.38
C GLU D 366 0.34 43.11 35.44
N GLY D 367 1.50 43.56 35.89
CA GLY D 367 2.28 42.83 36.88
C GLY D 367 3.33 41.89 36.30
N ARG D 368 3.26 41.58 35.01
CA ARG D 368 4.22 40.65 34.41
C ARG D 368 5.44 41.42 33.86
N PRO D 369 6.53 40.70 33.52
CA PRO D 369 7.70 41.46 33.06
C PRO D 369 7.48 42.25 31.77
N ALA D 370 8.18 43.38 31.67
CA ALA D 370 8.08 44.26 30.52
C ALA D 370 8.92 43.72 29.37
N ASN D 371 8.49 42.57 28.85
CA ASN D 371 9.13 41.93 27.71
C ASN D 371 8.11 41.91 26.58
N LEU D 372 8.37 42.68 25.53
CA LEU D 372 7.46 42.73 24.40
C LEU D 372 8.14 43.21 23.13
N LEU D 373 7.47 43.01 22.00
CA LEU D 373 7.95 43.50 20.71
C LEU D 373 6.89 44.39 20.08
N ILE D 374 7.32 45.30 19.22
CA ILE D 374 6.43 45.95 18.26
C ILE D 374 6.73 45.40 16.85
N LEU D 375 5.76 44.73 16.26
CA LEU D 375 5.86 44.20 14.91
C LEU D 375 5.41 45.20 13.85
N ASP D 376 5.92 45.03 12.63
CA ASP D 376 5.53 45.88 11.52
C ASP D 376 4.29 45.29 10.82
N ALA D 377 3.23 45.11 11.59
CA ALA D 377 1.99 44.51 11.10
C ALA D 377 0.89 44.80 12.09
N GLU D 378 -0.34 44.80 11.62
CA GLU D 378 -1.47 45.15 12.47
C GLU D 378 -2.22 43.94 13.00
N ASN D 379 -1.96 42.76 12.43
CA ASN D 379 -2.60 41.52 12.85
C ASN D 379 -1.80 40.27 12.45
N ASP D 380 -2.23 39.09 12.89
CA ASP D 380 -1.50 37.84 12.66
C ASP D 380 -1.30 37.51 11.18
N TYR D 381 -2.37 37.69 10.40
CA TYR D 381 -2.36 37.40 8.97
C TYR D 381 -1.32 38.23 8.22
N GLU D 382 -1.34 39.55 8.42
CA GLU D 382 -0.34 40.41 7.78
C GLU D 382 1.07 40.11 8.26
N ALA D 383 1.22 39.76 9.54
CA ALA D 383 2.52 39.42 10.11
C ALA D 383 3.18 38.27 9.34
N VAL D 384 2.42 37.21 9.08
CA VAL D 384 2.98 36.03 8.44
C VAL D 384 3.05 36.21 6.92
N ARG D 385 2.10 36.95 6.35
CA ARG D 385 2.10 37.20 4.91
C ARG D 385 3.29 38.06 4.46
N ARG D 386 3.59 39.11 5.22
CA ARG D 386 4.70 39.98 4.85
C ARG D 386 6.00 39.61 5.55
N GLN D 387 5.95 38.58 6.41
CA GLN D 387 7.07 38.26 7.29
C GLN D 387 7.52 39.53 8.01
N ALA D 388 6.61 40.14 8.77
CA ALA D 388 6.82 41.47 9.33
C ALA D 388 8.09 41.59 10.16
N ARG D 389 8.81 42.70 9.97
CA ARG D 389 10.03 42.95 10.73
C ARG D 389 9.70 43.27 12.18
N VAL D 390 10.59 42.88 13.10
CA VAL D 390 10.48 43.34 14.46
C VAL D 390 11.09 44.75 14.51
N LEU D 391 10.27 45.75 14.81
CA LEU D 391 10.72 47.15 14.82
C LEU D 391 11.36 47.53 16.15
N THR D 392 10.78 47.01 17.24
CA THR D 392 11.29 47.27 18.58
C THR D 392 11.25 45.99 19.40
N SER D 393 12.31 45.74 20.16
CA SER D 393 12.29 44.66 21.14
C SER D 393 12.59 45.27 22.50
N ILE D 394 11.71 45.03 23.46
CA ILE D 394 11.87 45.59 24.79
C ILE D 394 12.01 44.44 25.77
N ARG D 395 13.04 44.51 26.60
CA ARG D 395 13.28 43.47 27.59
C ARG D 395 13.56 44.11 28.95
N HIS D 396 12.83 43.66 29.96
CA HIS D 396 12.88 44.28 31.30
C HIS D 396 12.73 45.80 31.26
N GLY D 397 11.85 46.29 30.40
CA GLY D 397 11.55 47.71 30.31
C GLY D 397 12.57 48.54 29.56
N LYS D 398 13.54 47.89 28.92
CA LYS D 398 14.56 48.58 28.13
C LYS D 398 14.52 48.17 26.65
N VAL D 399 14.68 49.16 25.77
CA VAL D 399 14.79 48.88 24.35
C VAL D 399 16.16 48.27 24.07
N ILE D 400 16.17 47.02 23.63
CA ILE D 400 17.42 46.32 23.33
C ILE D 400 17.65 46.21 21.82
N LEU D 401 16.63 46.54 21.04
CA LEU D 401 16.72 46.53 19.57
C LEU D 401 15.76 47.53 18.96
N GLN D 402 16.22 48.24 17.94
CA GLN D 402 15.40 49.19 17.20
C GLN D 402 15.74 49.11 15.71
N ARG D 403 14.73 48.87 14.87
CA ARG D 403 14.87 48.90 13.41
C ARG D 403 14.07 50.08 12.89
N GLU D 404 14.53 50.66 11.80
CA GLU D 404 13.72 51.64 11.09
C GLU D 404 12.72 50.88 10.22
N VAL D 405 11.55 51.48 9.99
CA VAL D 405 10.60 50.94 9.01
C VAL D 405 11.21 51.01 7.60
N GLU D 406 11.03 49.94 6.83
CA GLU D 406 11.59 49.85 5.49
C GLU D 406 11.17 51.04 4.62
N HIS D 407 12.16 51.70 4.02
CA HIS D 407 11.87 52.77 3.08
C HIS D 407 12.39 52.43 1.68
N ILE D 408 11.47 52.29 0.75
CA ILE D 408 11.81 52.02 -0.65
C ILE D 408 11.63 53.29 -1.47
N ARG D 409 12.62 53.64 -2.29
CA ARG D 409 12.47 54.76 -3.21
C ARG D 409 12.23 54.22 -4.61
N TYR D 410 11.44 54.95 -5.39
CA TYR D 410 11.17 54.59 -6.77
C TYR D 410 11.44 55.79 -7.65
N PRO D 411 12.68 55.94 -8.14
CA PRO D 411 12.97 57.08 -9.01
C PRO D 411 12.13 57.01 -10.28
N ALA D 412 11.76 58.17 -10.82
CA ALA D 412 10.88 58.20 -11.99
C ALA D 412 11.65 57.93 -13.28
N MET E 1 20.41 -46.20 -36.88
CA MET E 1 21.05 -46.55 -35.61
C MET E 1 19.99 -46.81 -34.55
N LYS E 2 20.24 -47.82 -33.71
CA LYS E 2 19.32 -48.12 -32.64
C LYS E 2 19.79 -47.48 -31.34
N ILE E 3 18.85 -46.93 -30.58
CA ILE E 3 19.10 -46.53 -29.21
C ILE E 3 18.31 -47.52 -28.37
N ILE E 4 18.96 -48.21 -27.44
CA ILE E 4 18.21 -49.14 -26.60
C ILE E 4 18.25 -48.72 -25.12
N ASN E 5 17.34 -49.27 -24.33
CA ASN E 5 17.28 -49.01 -22.89
C ASN E 5 17.05 -47.53 -22.56
N ALA E 6 16.25 -46.85 -23.37
CA ALA E 6 15.96 -45.44 -23.14
C ALA E 6 14.69 -45.30 -22.32
N ARG E 7 14.65 -44.31 -21.43
CA ARG E 7 13.41 -43.92 -20.79
C ARG E 7 12.76 -42.82 -21.61
N LEU E 8 11.42 -42.76 -21.61
CA LEU E 8 10.74 -41.61 -22.19
C LEU E 8 10.05 -40.82 -21.07
N ARG E 9 9.67 -39.57 -21.33
CA ARG E 9 9.09 -38.74 -20.28
C ARG E 9 7.78 -39.30 -19.72
N ARG E 10 7.69 -39.31 -18.39
CA ARG E 10 6.45 -39.64 -17.68
C ARG E 10 5.99 -41.07 -17.95
N GLN E 11 6.93 -41.95 -18.22
CA GLN E 11 6.62 -43.36 -18.41
C GLN E 11 7.62 -44.23 -17.67
N GLU E 12 7.21 -45.42 -17.28
CA GLU E 12 8.08 -46.32 -16.51
C GLU E 12 8.97 -47.23 -17.38
N ALA E 13 8.50 -47.60 -18.57
CA ALA E 13 9.16 -48.62 -19.37
C ALA E 13 10.45 -48.17 -20.03
N LEU E 14 11.24 -49.14 -20.47
CA LEU E 14 12.43 -48.91 -21.28
C LEU E 14 12.05 -49.06 -22.75
N PHE E 15 12.63 -48.22 -23.61
CA PHE E 15 12.26 -48.19 -25.01
C PHE E 15 13.47 -48.33 -25.93
N THR E 16 13.23 -48.92 -27.09
CA THR E 16 14.20 -48.90 -28.17
C THR E 16 13.75 -47.90 -29.21
N LEU E 17 14.67 -47.05 -29.64
CA LEU E 17 14.39 -46.06 -30.66
C LEU E 17 15.18 -46.41 -31.91
N ASP E 18 14.48 -46.63 -33.01
CA ASP E 18 15.12 -47.02 -34.26
C ASP E 18 15.09 -45.82 -35.20
N LEU E 19 16.27 -45.27 -35.46
CA LEU E 19 16.40 -44.12 -36.34
C LEU E 19 16.91 -44.58 -37.70
N GLN E 20 16.24 -44.16 -38.77
CA GLN E 20 16.69 -44.48 -40.11
C GLN E 20 16.42 -43.31 -41.05
N ASP E 21 17.33 -43.08 -41.99
CA ASP E 21 17.14 -42.10 -43.06
C ASP E 21 16.75 -40.71 -42.58
N GLY E 22 17.23 -40.33 -41.40
CA GLY E 22 17.02 -38.98 -40.88
C GLY E 22 15.75 -38.85 -40.06
N ILE E 23 14.98 -39.92 -39.95
CA ILE E 23 13.71 -39.88 -39.23
C ILE E 23 13.58 -40.98 -38.18
N ILE E 24 12.60 -40.84 -37.30
CA ILE E 24 12.33 -41.86 -36.29
C ILE E 24 11.51 -42.97 -36.94
N HIS E 25 12.12 -44.15 -37.06
CA HIS E 25 11.50 -45.26 -37.78
C HIS E 25 10.56 -46.05 -36.89
N ARG E 26 11.00 -46.39 -35.69
CA ARG E 26 10.18 -47.19 -34.77
C ARG E 26 10.50 -46.81 -33.32
N ILE E 27 9.46 -46.81 -32.49
CA ILE E 27 9.64 -46.70 -31.04
C ILE E 27 8.91 -47.88 -30.43
N THR E 28 9.63 -48.73 -29.70
CA THR E 28 9.07 -49.95 -29.14
C THR E 28 9.46 -50.10 -27.68
N ALA E 29 8.47 -50.39 -26.84
CA ALA E 29 8.73 -50.71 -25.44
C ALA E 29 9.46 -52.05 -25.35
N GLN E 30 10.34 -52.18 -24.37
CA GLN E 30 11.07 -53.42 -24.14
C GLN E 30 10.50 -54.17 -22.94
N ALA E 31 10.69 -55.49 -22.89
CA ALA E 31 10.25 -56.25 -21.73
C ALA E 31 11.17 -55.97 -20.55
N ALA E 32 12.46 -55.85 -20.83
CA ALA E 32 13.45 -55.61 -19.79
C ALA E 32 14.68 -54.93 -20.38
N MET E 33 15.65 -54.64 -19.52
CA MET E 33 16.93 -54.05 -19.96
C MET E 33 17.59 -55.03 -20.91
N GLN E 34 18.20 -54.53 -21.98
CA GLN E 34 18.84 -55.42 -22.96
C GLN E 34 20.31 -55.10 -23.07
N THR E 35 21.05 -56.01 -23.69
CA THR E 35 22.46 -55.76 -23.99
C THR E 35 22.50 -55.10 -25.36
N ALA E 36 23.20 -53.97 -25.48
CA ALA E 36 23.24 -53.28 -26.76
C ALA E 36 24.27 -53.92 -27.66
N ASP E 37 23.93 -54.03 -28.94
CA ASP E 37 24.89 -54.50 -29.93
C ASP E 37 26.04 -53.51 -30.07
N ALA E 38 27.19 -54.00 -30.52
CA ALA E 38 28.37 -53.18 -30.73
C ALA E 38 28.05 -51.90 -31.51
N GLY E 39 27.17 -52.03 -32.51
CA GLY E 39 26.83 -50.89 -33.35
C GLY E 39 25.67 -50.04 -32.89
N ALA E 40 25.21 -50.27 -31.66
CA ALA E 40 24.07 -49.52 -31.15
C ALA E 40 24.50 -48.54 -30.08
N ILE E 41 23.57 -47.69 -29.65
CA ILE E 41 23.77 -46.81 -28.51
C ILE E 41 22.97 -47.36 -27.33
N ASP E 42 23.64 -47.55 -26.20
CA ASP E 42 22.95 -48.00 -25.00
C ASP E 42 22.65 -46.79 -24.11
N ALA E 43 21.37 -46.43 -23.99
CA ALA E 43 20.97 -45.29 -23.15
C ALA E 43 21.13 -45.59 -21.67
N GLN E 44 21.21 -46.87 -21.32
CA GLN E 44 21.45 -47.28 -19.94
C GLN E 44 20.42 -46.71 -18.98
N GLY E 45 19.16 -46.68 -19.41
CA GLY E 45 18.08 -46.25 -18.55
C GLY E 45 17.96 -44.74 -18.43
N ARG E 46 18.70 -44.02 -19.27
CA ARG E 46 18.62 -42.58 -19.27
C ARG E 46 17.50 -42.07 -20.18
N LEU E 47 17.11 -40.83 -19.93
CA LEU E 47 15.94 -40.23 -20.58
C LEU E 47 16.28 -39.75 -21.97
N ALA E 48 15.45 -40.13 -22.94
CA ALA E 48 15.50 -39.55 -24.29
C ALA E 48 14.40 -38.51 -24.44
N ILE E 49 14.76 -37.32 -24.93
CA ILE E 49 13.79 -36.26 -25.18
C ILE E 49 14.06 -35.63 -26.53
N PRO E 50 13.06 -34.94 -27.10
CA PRO E 50 13.35 -34.07 -28.25
C PRO E 50 14.26 -32.94 -27.78
N PRO E 51 14.87 -32.20 -28.72
CA PRO E 51 15.90 -31.24 -28.31
C PRO E 51 15.32 -30.12 -27.46
N PHE E 52 16.18 -29.48 -26.66
CA PHE E 52 15.76 -28.27 -25.95
C PHE E 52 15.50 -27.15 -26.95
N VAL E 53 14.64 -26.23 -26.56
CA VAL E 53 14.26 -25.13 -27.42
C VAL E 53 14.66 -23.84 -26.69
N GLU E 54 15.27 -22.92 -27.40
CA GLU E 54 15.50 -21.57 -26.88
C GLU E 54 14.56 -20.63 -27.63
N PRO E 55 13.35 -20.38 -27.08
CA PRO E 55 12.33 -19.69 -27.88
C PRO E 55 12.45 -18.17 -27.84
N HIS E 56 13.43 -17.64 -27.13
CA HIS E 56 13.58 -16.19 -27.03
C HIS E 56 15.01 -15.78 -26.65
N ILE E 57 15.77 -15.32 -27.63
CA ILE E 57 17.15 -14.88 -27.38
C ILE E 57 17.48 -13.72 -28.32
N HIS E 58 18.46 -12.90 -27.93
CA HIS E 58 18.90 -11.77 -28.74
C HIS E 58 20.30 -12.01 -29.30
N LEU E 59 20.38 -12.74 -30.40
CA LEU E 59 21.68 -13.14 -30.98
C LEU E 59 22.47 -11.97 -31.54
N ASP E 60 21.79 -10.88 -31.89
CA ASP E 60 22.49 -9.75 -32.48
C ASP E 60 23.26 -8.97 -31.41
N ALA E 61 22.84 -9.12 -30.16
CA ALA E 61 23.44 -8.38 -29.05
C ALA E 61 24.34 -9.27 -28.18
N THR E 62 24.38 -10.56 -28.48
CA THR E 62 25.09 -11.49 -27.62
C THR E 62 26.60 -11.24 -27.61
N LEU E 63 27.21 -11.39 -26.43
CA LEU E 63 28.65 -11.24 -26.25
C LEU E 63 29.12 -9.80 -26.47
N THR E 64 28.24 -8.82 -26.26
CA THR E 64 28.63 -7.42 -26.37
C THR E 64 28.69 -6.68 -25.02
N ALA E 65 28.49 -7.41 -23.92
CA ALA E 65 28.48 -6.81 -22.57
C ALA E 65 29.69 -5.92 -22.33
N GLY E 66 29.45 -4.69 -21.92
CA GLY E 66 30.51 -3.75 -21.62
C GLY E 66 31.05 -2.97 -22.80
N GLU E 67 30.46 -3.17 -23.98
CA GLU E 67 30.90 -2.46 -25.18
C GLU E 67 29.85 -1.45 -25.62
N PRO E 68 30.19 -0.15 -25.59
CA PRO E 68 31.50 0.38 -25.16
C PRO E 68 31.52 0.81 -23.69
N GLU E 69 30.39 0.64 -23.01
CA GLU E 69 30.24 0.95 -21.59
C GLU E 69 29.36 -0.10 -20.92
N TRP E 70 29.46 -0.24 -19.61
CA TRP E 70 28.66 -1.22 -18.88
C TRP E 70 27.29 -0.66 -18.53
N ASN E 71 26.31 -1.56 -18.36
CA ASN E 71 25.00 -1.23 -17.83
C ASN E 71 25.11 -1.16 -16.29
N ARG E 72 25.36 0.03 -15.75
CA ARG E 72 25.65 0.16 -14.33
C ARG E 72 24.43 -0.01 -13.42
N SER E 73 23.23 0.32 -13.92
CA SER E 73 22.06 0.28 -13.05
C SER E 73 21.37 -1.07 -13.13
N GLY E 74 21.75 -1.87 -14.13
CA GLY E 74 21.10 -3.15 -14.36
C GLY E 74 19.63 -3.03 -14.71
N THR E 75 19.27 -1.99 -15.46
CA THR E 75 17.88 -1.83 -15.87
C THR E 75 17.66 -2.08 -17.35
N LEU E 76 16.40 -2.30 -17.71
CA LEU E 76 16.02 -2.47 -19.09
C LEU E 76 16.40 -1.23 -19.88
N PHE E 77 16.12 -0.06 -19.32
CA PHE E 77 16.26 1.20 -20.02
C PHE E 77 17.72 1.59 -20.27
N GLU E 78 18.58 1.39 -19.29
CA GLU E 78 20.00 1.63 -19.50
C GLU E 78 20.56 0.63 -20.50
N GLY E 79 20.00 -0.58 -20.48
CA GLY E 79 20.40 -1.63 -21.41
C GLY E 79 20.12 -1.18 -22.83
N ILE E 80 18.97 -0.52 -23.02
CA ILE E 80 18.63 -0.02 -24.35
C ILE E 80 19.59 1.10 -24.77
N THR E 81 19.94 1.98 -23.83
CA THR E 81 20.90 3.03 -24.11
C THR E 81 22.28 2.48 -24.50
N ARG E 82 22.76 1.49 -23.75
CA ARG E 82 24.05 0.87 -24.04
C ARG E 82 24.06 0.19 -25.41
N TRP E 83 23.00 -0.53 -25.72
CA TRP E 83 22.85 -1.19 -27.02
C TRP E 83 22.85 -0.18 -28.16
N SER E 84 22.13 0.93 -27.96
CA SER E 84 22.12 2.03 -28.92
C SER E 84 23.54 2.50 -29.22
N GLN E 85 24.37 2.55 -28.18
CA GLN E 85 25.77 2.92 -28.35
C GLN E 85 26.53 1.85 -29.13
N ARG E 86 26.25 0.58 -28.82
CA ARG E 86 26.95 -0.53 -29.46
C ARG E 86 26.56 -0.65 -30.93
N LYS E 87 25.32 -0.28 -31.26
CA LYS E 87 24.83 -0.35 -32.65
C LYS E 87 25.69 0.45 -33.61
N ALA E 88 26.27 1.54 -33.12
CA ALA E 88 27.13 2.38 -33.97
C ALA E 88 28.35 1.65 -34.53
N SER E 89 28.72 0.52 -33.93
CA SER E 89 29.89 -0.23 -34.41
C SER E 89 29.53 -1.63 -34.91
N ILE E 90 28.24 -1.94 -34.98
CA ILE E 90 27.78 -3.21 -35.51
C ILE E 90 28.15 -3.38 -36.99
N THR E 91 28.68 -4.54 -37.35
CA THR E 91 28.86 -4.90 -38.76
C THR E 91 28.31 -6.29 -38.95
N PRO E 92 27.92 -6.65 -40.18
CA PRO E 92 27.44 -8.01 -40.37
C PRO E 92 28.48 -9.07 -39.95
N GLU E 93 29.76 -8.83 -40.23
CA GLU E 93 30.76 -9.84 -39.88
C GLU E 93 30.93 -9.97 -38.37
N ASP E 94 30.88 -8.86 -37.66
CA ASP E 94 30.92 -8.85 -36.20
C ASP E 94 29.70 -9.60 -35.66
N THR E 95 28.53 -9.31 -36.20
CA THR E 95 27.31 -9.99 -35.78
C THR E 95 27.44 -11.49 -36.02
N ARG E 96 27.88 -11.86 -37.22
CA ARG E 96 28.04 -13.26 -37.58
C ARG E 96 28.91 -14.04 -36.59
N GLN E 97 30.06 -13.49 -36.25
CA GLN E 97 30.99 -14.18 -35.36
C GLN E 97 30.47 -14.39 -33.94
N ARG E 98 29.88 -13.34 -33.37
CA ARG E 98 29.30 -13.46 -32.04
C ARG E 98 28.13 -14.43 -32.04
N ALA E 99 27.23 -14.31 -33.02
CA ALA E 99 26.09 -15.22 -33.10
C ALA E 99 26.49 -16.69 -33.23
N LEU E 100 27.51 -16.98 -34.05
CA LEU E 100 27.93 -18.36 -34.24
C LEU E 100 28.51 -18.92 -32.94
N LYS E 101 29.26 -18.09 -32.22
CA LYS E 101 29.85 -18.53 -30.96
C LYS E 101 28.76 -18.88 -29.95
N THR E 102 27.75 -18.02 -29.83
CA THR E 102 26.63 -18.29 -28.91
C THR E 102 25.81 -19.50 -29.37
N ILE E 103 25.60 -19.63 -30.69
CA ILE E 103 24.95 -20.83 -31.21
C ILE E 103 25.70 -22.11 -30.77
N GLY E 104 27.03 -22.08 -30.81
CA GLY E 104 27.86 -23.15 -30.32
C GLY E 104 27.55 -23.54 -28.89
N MET E 105 27.38 -22.54 -28.02
CA MET E 105 27.05 -22.79 -26.62
C MET E 105 25.69 -23.46 -26.51
N LEU E 106 24.72 -22.93 -27.25
CA LEU E 106 23.37 -23.48 -27.24
C LEU E 106 23.43 -24.92 -27.73
N ARG E 107 24.17 -25.14 -28.81
CA ARG E 107 24.41 -26.50 -29.30
C ARG E 107 25.00 -27.39 -28.21
N ASP E 108 25.94 -26.85 -27.43
CA ASP E 108 26.60 -27.63 -26.37
C ASP E 108 25.64 -28.09 -25.29
N PHE E 109 24.50 -27.42 -25.16
CA PHE E 109 23.51 -27.80 -24.15
C PHE E 109 22.23 -28.37 -24.75
N GLY E 110 22.33 -28.86 -25.98
CA GLY E 110 21.25 -29.65 -26.55
C GLY E 110 20.14 -28.84 -27.17
N VAL E 111 20.40 -27.56 -27.44
CA VAL E 111 19.41 -26.70 -28.10
C VAL E 111 19.49 -26.84 -29.61
N GLN E 112 18.39 -27.23 -30.25
CA GLN E 112 18.37 -27.37 -31.72
C GLN E 112 17.32 -26.49 -32.38
N HIS E 113 16.57 -25.76 -31.58
CA HIS E 113 15.53 -24.88 -32.10
C HIS E 113 15.65 -23.55 -31.38
N VAL E 114 15.80 -22.49 -32.15
CA VAL E 114 16.11 -21.18 -31.59
C VAL E 114 15.29 -20.12 -32.30
N ARG E 115 14.65 -19.24 -31.52
CA ARG E 115 14.01 -18.06 -32.08
C ARG E 115 14.77 -16.85 -31.59
N THR E 116 15.41 -16.13 -32.49
CA THR E 116 16.17 -14.95 -32.09
C THR E 116 15.47 -13.65 -32.46
N HIS E 117 15.51 -12.68 -31.57
CA HIS E 117 15.05 -11.35 -31.91
C HIS E 117 16.22 -10.56 -32.47
N VAL E 118 15.97 -9.79 -33.52
CA VAL E 118 17.00 -8.96 -34.11
C VAL E 118 16.48 -7.54 -34.21
N ASP E 119 17.28 -6.61 -33.71
CA ASP E 119 16.90 -5.20 -33.68
C ASP E 119 16.84 -4.60 -35.09
N VAL E 120 15.65 -4.20 -35.51
CA VAL E 120 15.50 -3.61 -36.84
C VAL E 120 15.38 -2.09 -36.83
N THR E 121 15.51 -1.48 -35.64
CA THR E 121 15.60 -0.02 -35.56
C THR E 121 17.06 0.36 -35.78
N ASP E 122 17.55 -0.08 -36.94
CA ASP E 122 18.88 0.22 -37.42
C ASP E 122 18.68 0.26 -38.92
N PRO E 123 18.76 1.45 -39.52
CA PRO E 123 18.46 1.64 -40.95
C PRO E 123 19.23 0.69 -41.88
N SER E 124 20.47 0.32 -41.55
CA SER E 124 21.26 -0.55 -42.42
C SER E 124 20.72 -1.97 -42.38
N LEU E 125 19.99 -2.28 -41.31
CA LEU E 125 19.52 -3.64 -41.09
C LEU E 125 20.69 -4.64 -41.14
N ALA E 126 21.87 -4.20 -40.70
CA ALA E 126 23.09 -5.03 -40.77
C ALA E 126 23.00 -6.39 -40.05
N ALA E 127 22.48 -6.39 -38.82
CA ALA E 127 22.46 -7.62 -38.03
C ALA E 127 21.44 -8.57 -38.60
N LEU E 128 20.35 -8.00 -39.11
CA LEU E 128 19.33 -8.81 -39.78
C LEU E 128 19.92 -9.57 -40.97
N GLN E 129 20.63 -8.85 -41.83
CA GLN E 129 21.30 -9.46 -42.99
C GLN E 129 22.25 -10.57 -42.54
N ALA E 130 23.02 -10.29 -41.49
CA ALA E 130 23.95 -11.27 -40.94
C ALA E 130 23.22 -12.51 -40.41
N LEU E 131 22.16 -12.30 -39.66
CA LEU E 131 21.43 -13.43 -39.10
C LEU E 131 20.57 -14.22 -40.12
N LEU E 132 20.10 -13.54 -41.16
CA LEU E 132 19.44 -14.22 -42.27
C LEU E 132 20.39 -15.23 -42.92
N ALA E 133 21.66 -14.86 -43.05
CA ALA E 133 22.68 -15.75 -43.60
C ALA E 133 23.05 -16.88 -42.61
N VAL E 134 23.19 -16.52 -41.33
CA VAL E 134 23.49 -17.48 -40.29
C VAL E 134 22.41 -18.57 -40.19
N LYS E 135 21.16 -18.19 -40.45
CA LYS E 135 20.06 -19.15 -40.47
C LYS E 135 20.34 -20.31 -41.44
N GLN E 136 20.94 -19.99 -42.58
CA GLN E 136 21.36 -21.02 -43.54
C GLN E 136 22.66 -21.69 -43.07
N GLU E 137 23.66 -20.89 -42.74
CA GLU E 137 25.00 -21.38 -42.39
C GLU E 137 25.00 -22.33 -41.20
N ALA E 138 24.09 -22.13 -40.25
CA ALA E 138 24.12 -22.89 -39.02
C ALA E 138 23.04 -23.96 -38.98
N ALA E 139 22.44 -24.24 -40.14
CA ALA E 139 21.34 -25.19 -40.22
C ALA E 139 21.75 -26.62 -39.87
N ASP E 140 23.05 -26.89 -39.93
CA ASP E 140 23.60 -28.17 -39.47
C ASP E 140 23.47 -28.38 -37.97
N LEU E 141 23.26 -27.30 -37.21
CA LEU E 141 23.14 -27.42 -35.76
C LEU E 141 21.77 -27.05 -35.20
N ILE E 142 21.11 -26.09 -35.84
CA ILE E 142 19.85 -25.54 -35.34
C ILE E 142 18.88 -25.15 -36.44
N ASP E 143 17.60 -25.12 -36.08
CA ASP E 143 16.60 -24.45 -36.90
C ASP E 143 16.36 -23.07 -36.27
N LEU E 144 16.75 -22.02 -36.99
CA LEU E 144 16.68 -20.66 -36.48
C LEU E 144 15.48 -19.88 -37.05
N GLN E 145 14.65 -19.33 -36.18
CA GLN E 145 13.63 -18.36 -36.59
C GLN E 145 14.14 -16.96 -36.25
N ILE E 146 13.81 -15.99 -37.09
CA ILE E 146 14.21 -14.62 -36.83
C ILE E 146 12.99 -13.72 -36.64
N VAL E 147 13.02 -12.92 -35.58
CA VAL E 147 11.95 -11.95 -35.29
C VAL E 147 12.45 -10.56 -35.62
N ALA E 148 11.67 -9.84 -36.41
CA ALA E 148 11.94 -8.42 -36.63
C ALA E 148 11.51 -7.63 -35.39
N PHE E 149 12.49 -7.30 -34.56
CA PHE E 149 12.24 -6.70 -33.25
C PHE E 149 12.60 -5.22 -33.27
N PRO E 150 11.59 -4.34 -33.14
CA PRO E 150 11.85 -2.90 -33.17
C PRO E 150 12.23 -2.38 -31.80
N GLN E 151 13.51 -2.51 -31.44
CA GLN E 151 13.98 -2.21 -30.09
C GLN E 151 13.63 -0.81 -29.61
N GLU E 152 13.77 0.17 -30.50
CA GLU E 152 13.50 1.56 -30.13
C GLU E 152 12.11 2.02 -30.53
N GLY E 153 11.23 1.06 -30.82
CA GLY E 153 9.82 1.37 -31.02
C GLY E 153 9.45 1.48 -32.48
N ILE E 154 8.20 1.17 -32.80
CA ILE E 154 7.71 1.30 -34.17
C ILE E 154 7.28 2.73 -34.44
N GLU E 155 6.48 3.30 -33.55
CA GLU E 155 5.90 4.63 -33.78
C GLU E 155 6.85 5.72 -33.33
N SER E 156 7.79 5.33 -32.48
CA SER E 156 8.64 6.28 -31.76
C SER E 156 10.02 6.42 -32.39
N TYR E 157 10.27 5.65 -33.46
CA TYR E 157 11.56 5.64 -34.13
C TYR E 157 11.36 6.06 -35.60
N PRO E 158 12.29 6.85 -36.15
CA PRO E 158 12.17 7.36 -37.53
C PRO E 158 12.04 6.21 -38.54
N ASN E 159 11.02 6.27 -39.38
CA ASN E 159 10.73 5.22 -40.35
C ASN E 159 10.51 3.83 -39.74
N GLY E 160 10.11 3.79 -38.48
CA GLY E 160 9.87 2.54 -37.77
C GLY E 160 9.00 1.57 -38.56
N ARG E 161 7.87 2.04 -39.07
CA ARG E 161 6.98 1.18 -39.85
C ARG E 161 7.65 0.65 -41.13
N GLU E 162 8.38 1.51 -41.82
CA GLU E 162 9.06 1.09 -43.05
C GLU E 162 10.13 0.02 -42.78
N LEU E 163 10.83 0.14 -41.66
CA LEU E 163 11.89 -0.79 -41.33
C LEU E 163 11.34 -2.16 -40.96
N MET E 164 10.24 -2.17 -40.21
CA MET E 164 9.54 -3.42 -39.89
C MET E 164 9.11 -4.13 -41.17
N THR E 165 8.54 -3.37 -42.09
CA THR E 165 8.06 -3.89 -43.36
C THR E 165 9.22 -4.43 -44.19
N ARG E 166 10.30 -3.66 -44.26
CA ARG E 166 11.47 -4.07 -45.01
C ARG E 166 12.10 -5.34 -44.42
N ALA E 167 12.18 -5.42 -43.10
CA ALA E 167 12.66 -6.62 -42.42
C ALA E 167 11.86 -7.85 -42.79
N ILE E 168 10.54 -7.69 -42.82
CA ILE E 168 9.64 -8.79 -43.18
C ILE E 168 9.85 -9.20 -44.65
N GLU E 169 9.94 -8.21 -45.53
CA GLU E 169 10.20 -8.48 -46.94
C GLU E 169 11.56 -9.12 -47.19
N MET E 170 12.52 -8.87 -46.31
CA MET E 170 13.85 -9.48 -46.43
C MET E 170 13.87 -10.92 -45.96
N GLY E 171 12.84 -11.32 -45.22
CA GLY E 171 12.66 -12.72 -44.88
C GLY E 171 12.55 -13.06 -43.40
N ALA E 172 12.35 -12.08 -42.54
CA ALA E 172 12.13 -12.36 -41.12
C ALA E 172 10.87 -13.22 -40.95
N ASP E 173 10.95 -14.26 -40.13
CA ASP E 173 9.87 -15.22 -39.99
C ASP E 173 8.77 -14.71 -39.06
N VAL E 174 9.14 -13.78 -38.16
CA VAL E 174 8.28 -13.39 -37.06
C VAL E 174 8.23 -11.87 -36.90
N VAL E 175 7.04 -11.33 -36.64
CA VAL E 175 6.86 -9.91 -36.40
C VAL E 175 6.93 -9.62 -34.90
N GLY E 176 7.84 -8.73 -34.51
CA GLY E 176 7.98 -8.34 -33.12
C GLY E 176 7.38 -6.97 -32.78
N GLY E 177 7.56 -6.53 -31.54
CA GLY E 177 7.03 -5.25 -31.10
C GLY E 177 7.49 -4.95 -29.68
N ILE E 178 7.23 -3.73 -29.22
CA ILE E 178 7.58 -3.32 -27.86
C ILE E 178 6.64 -2.19 -27.35
N PRO E 179 5.33 -2.46 -27.27
CA PRO E 179 4.34 -1.40 -27.04
C PRO E 179 4.57 -0.57 -25.77
N HIS E 180 5.03 -1.19 -24.69
CA HIS E 180 5.32 -0.49 -23.44
C HIS E 180 6.43 0.55 -23.60
N TYR E 181 7.27 0.39 -24.62
CA TYR E 181 8.37 1.33 -24.81
C TYR E 181 8.00 2.50 -25.73
N GLU E 182 6.89 2.41 -26.46
CA GLU E 182 6.43 3.53 -27.27
C GLU E 182 6.17 4.75 -26.37
N ASN E 183 6.35 5.93 -26.93
CA ASN E 183 6.35 7.17 -26.13
C ASN E 183 5.04 7.54 -25.43
N THR E 184 3.91 7.13 -26.00
CA THR E 184 2.63 7.38 -25.33
C THR E 184 1.81 6.11 -25.39
N ARG E 185 0.82 6.03 -24.52
CA ARG E 185 -0.06 4.87 -24.49
C ARG E 185 -0.77 4.65 -25.85
N ASP E 186 -1.23 5.73 -26.47
CA ASP E 186 -1.95 5.60 -27.73
C ASP E 186 -1.04 5.05 -28.83
N LYS E 187 0.24 5.41 -28.78
CA LYS E 187 1.17 4.90 -29.80
C LYS E 187 1.53 3.45 -29.49
N GLY E 188 1.58 3.10 -28.19
CA GLY E 188 1.64 1.70 -27.82
C GLY E 188 0.51 0.90 -28.48
N VAL E 189 -0.72 1.42 -28.40
CA VAL E 189 -1.87 0.73 -28.98
C VAL E 189 -1.78 0.62 -30.51
N SER E 190 -1.44 1.72 -31.18
CA SER E 190 -1.34 1.68 -32.64
C SER E 190 -0.21 0.76 -33.12
N SER E 191 0.88 0.66 -32.37
CA SER E 191 1.98 -0.20 -32.79
C SER E 191 1.53 -1.66 -32.84
N VAL E 192 0.67 -2.05 -31.89
CA VAL E 192 0.13 -3.41 -31.88
C VAL E 192 -0.81 -3.63 -33.06
N MET E 193 -1.67 -2.65 -33.36
CA MET E 193 -2.55 -2.77 -34.52
C MET E 193 -1.73 -2.87 -35.80
N PHE E 194 -0.71 -2.03 -35.92
CA PHE E 194 0.17 -2.10 -37.08
C PHE E 194 0.87 -3.46 -37.20
N LEU E 195 1.49 -3.93 -36.12
CA LEU E 195 2.30 -5.14 -36.24
C LEU E 195 1.44 -6.37 -36.54
N MET E 196 0.23 -6.38 -35.99
CA MET E 196 -0.72 -7.45 -36.32
C MET E 196 -1.15 -7.40 -37.79
N ASP E 197 -1.41 -6.20 -38.32
CA ASP E 197 -1.78 -6.07 -39.74
C ASP E 197 -0.62 -6.56 -40.60
N LEU E 198 0.59 -6.23 -40.18
CA LEU E 198 1.79 -6.62 -40.93
C LEU E 198 1.97 -8.14 -40.99
N ALA E 199 1.85 -8.80 -39.83
CA ALA E 199 2.01 -10.25 -39.78
C ALA E 199 0.90 -10.97 -40.54
N GLN E 200 -0.32 -10.52 -40.36
CA GLN E 200 -1.44 -11.14 -41.06
C GLN E 200 -1.25 -10.97 -42.56
N ARG E 201 -0.90 -9.76 -42.99
CA ARG E 201 -0.74 -9.45 -44.40
C ARG E 201 0.33 -10.30 -45.07
N TYR E 202 1.44 -10.54 -44.37
CA TYR E 202 2.53 -11.31 -44.95
C TYR E 202 2.55 -12.77 -44.50
N GLY E 203 1.56 -13.17 -43.71
CA GLY E 203 1.51 -14.53 -43.21
C GLY E 203 2.66 -14.93 -42.30
N ARG E 204 3.02 -14.04 -41.37
CA ARG E 204 4.11 -14.34 -40.45
C ARG E 204 3.60 -14.63 -39.05
N LEU E 205 4.44 -15.25 -38.23
CA LEU E 205 4.17 -15.39 -36.79
C LEU E 205 4.39 -14.05 -36.10
N VAL E 206 3.92 -13.97 -34.85
CA VAL E 206 4.03 -12.76 -34.03
C VAL E 206 4.65 -13.13 -32.68
N ASP E 207 5.61 -12.32 -32.22
CA ASP E 207 6.20 -12.51 -30.89
C ASP E 207 6.62 -11.15 -30.35
N VAL E 208 5.86 -10.63 -29.39
CA VAL E 208 6.00 -9.23 -29.00
C VAL E 208 6.62 -9.15 -27.61
N HIS E 209 7.57 -8.22 -27.41
CA HIS E 209 8.01 -7.90 -26.07
C HIS E 209 6.90 -7.09 -25.44
N CYS E 210 6.14 -7.74 -24.57
CA CYS E 210 4.89 -7.16 -24.13
C CYS E 210 4.90 -6.85 -22.61
N ASP E 211 4.84 -5.57 -22.27
CA ASP E 211 4.81 -5.12 -20.86
C ASP E 211 5.99 -5.62 -20.02
N GLU E 212 7.20 -5.49 -20.57
CA GLU E 212 8.42 -5.81 -19.81
C GLU E 212 8.76 -4.64 -18.90
N ILE E 213 7.96 -4.43 -17.87
CA ILE E 213 8.10 -3.28 -17.00
C ILE E 213 7.24 -3.54 -15.77
N ASP E 214 7.59 -2.95 -14.63
CA ASP E 214 6.86 -3.23 -13.40
C ASP E 214 5.63 -2.35 -13.22
N ASP E 215 5.29 -1.53 -14.21
CA ASP E 215 4.14 -0.61 -14.14
C ASP E 215 2.80 -1.36 -14.25
N PRO E 216 2.01 -1.37 -13.17
CA PRO E 216 0.71 -2.05 -13.15
C PRO E 216 -0.29 -1.46 -14.17
N GLN E 217 0.02 -0.28 -14.70
CA GLN E 217 -0.78 0.30 -15.79
C GLN E 217 -0.32 -0.14 -17.18
N SER E 218 0.76 -0.91 -17.28
CA SER E 218 1.18 -1.39 -18.61
C SER E 218 0.35 -2.58 -19.00
N ARG E 219 -0.69 -2.34 -19.80
CA ARG E 219 -1.66 -3.39 -20.12
C ARG E 219 -1.81 -3.54 -21.64
N PHE E 220 -0.70 -3.66 -22.36
CA PHE E 220 -0.78 -3.84 -23.80
C PHE E 220 -1.09 -5.29 -24.14
N LEU E 221 -0.85 -6.18 -23.21
CA LEU E 221 -1.22 -7.59 -23.39
C LEU E 221 -2.70 -7.76 -23.81
N GLU E 222 -3.61 -7.04 -23.17
CA GLU E 222 -5.05 -7.14 -23.54
C GLU E 222 -5.27 -6.82 -25.02
N VAL E 223 -4.54 -5.82 -25.54
CA VAL E 223 -4.71 -5.41 -26.93
C VAL E 223 -4.17 -6.48 -27.88
N LEU E 224 -2.99 -7.00 -27.55
CA LEU E 224 -2.39 -8.08 -28.34
C LEU E 224 -3.28 -9.30 -28.34
N ALA E 225 -3.73 -9.74 -27.16
CA ALA E 225 -4.57 -10.93 -27.07
C ALA E 225 -5.90 -10.73 -27.81
N GLU E 226 -6.47 -9.53 -27.72
CA GLU E 226 -7.75 -9.30 -28.39
C GLU E 226 -7.60 -9.32 -29.90
N GLU E 227 -6.53 -8.71 -30.42
CA GLU E 227 -6.27 -8.78 -31.87
C GLU E 227 -6.08 -10.23 -32.32
N ALA E 228 -5.35 -11.02 -31.55
CA ALA E 228 -5.13 -12.41 -31.93
C ALA E 228 -6.45 -13.17 -31.98
N ARG E 229 -7.31 -12.90 -31.02
CA ARG E 229 -8.63 -13.56 -30.91
C ARG E 229 -9.55 -13.23 -32.09
N VAL E 230 -9.58 -11.96 -32.44
CA VAL E 230 -10.49 -11.45 -33.47
C VAL E 230 -10.04 -11.87 -34.87
N ARG E 231 -8.72 -11.96 -35.07
CA ARG E 231 -8.16 -12.32 -36.35
C ARG E 231 -7.97 -13.83 -36.48
N GLY E 232 -8.33 -14.57 -35.43
CA GLY E 232 -8.20 -16.02 -35.41
C GLY E 232 -6.77 -16.52 -35.52
N MET E 233 -5.80 -15.76 -35.00
CA MET E 233 -4.40 -16.20 -35.13
C MET E 233 -3.68 -16.55 -33.84
N GLY E 234 -4.44 -16.91 -32.80
CA GLY E 234 -3.85 -17.19 -31.49
C GLY E 234 -2.63 -18.10 -31.49
N ALA E 235 -2.72 -19.23 -32.20
CA ALA E 235 -1.59 -20.15 -32.24
C ALA E 235 -0.31 -19.51 -32.78
N GLN E 236 -0.47 -18.47 -33.61
CA GLN E 236 0.68 -17.84 -34.26
C GLN E 236 1.29 -16.69 -33.48
N VAL E 237 0.74 -16.42 -32.30
CA VAL E 237 1.12 -15.23 -31.54
C VAL E 237 1.73 -15.62 -30.21
N THR E 238 2.81 -14.95 -29.85
CA THR E 238 3.44 -15.15 -28.56
C THR E 238 3.61 -13.79 -27.88
N ALA E 239 3.30 -13.74 -26.59
CA ALA E 239 3.56 -12.57 -25.77
C ALA E 239 4.79 -12.87 -24.92
N SER E 240 5.89 -12.18 -25.21
CA SER E 240 7.11 -12.38 -24.41
C SER E 240 7.14 -11.46 -23.20
N HIS E 241 7.68 -11.99 -22.11
CA HIS E 241 7.89 -11.27 -20.84
C HIS E 241 6.59 -11.10 -20.00
N THR E 242 5.74 -10.17 -20.39
CA THR E 242 4.54 -9.80 -19.62
C THR E 242 4.80 -9.63 -18.11
N CYS E 243 5.95 -9.06 -17.77
CA CYS E 243 6.35 -8.89 -16.37
C CYS E 243 5.33 -8.08 -15.58
N ALA E 244 4.71 -7.10 -16.24
CA ALA E 244 3.72 -6.25 -15.56
C ALA E 244 2.55 -7.07 -15.00
N MET E 245 2.26 -8.20 -15.62
CA MET E 245 1.20 -9.08 -15.12
C MET E 245 1.47 -9.52 -13.67
N GLY E 246 2.74 -9.62 -13.33
CA GLY E 246 3.16 -10.00 -11.99
C GLY E 246 2.89 -8.89 -10.99
N SER E 247 2.50 -7.73 -11.50
CA SER E 247 2.11 -6.59 -10.65
C SER E 247 0.67 -6.15 -10.89
N TYR E 248 -0.08 -6.85 -11.74
CA TYR E 248 -1.45 -6.41 -12.03
C TYR E 248 -2.38 -6.45 -10.79
N ASP E 249 -3.32 -5.52 -10.78
CA ASP E 249 -4.52 -5.62 -9.96
C ASP E 249 -5.13 -7.00 -10.12
N ASN E 250 -5.48 -7.65 -9.01
CA ASN E 250 -5.98 -9.03 -9.06
C ASN E 250 -7.36 -9.22 -9.71
N ALA E 251 -8.27 -8.28 -9.51
CA ALA E 251 -9.59 -8.41 -10.12
C ALA E 251 -9.44 -8.26 -11.64
N TYR E 252 -8.64 -7.29 -12.06
CA TYR E 252 -8.36 -7.14 -13.50
C TYR E 252 -7.76 -8.41 -14.10
N CYS E 253 -6.79 -8.99 -13.41
CA CYS E 253 -6.02 -10.09 -14.00
C CYS E 253 -6.93 -11.29 -14.19
N SER E 254 -7.79 -11.52 -13.22
CA SER E 254 -8.75 -12.62 -13.29
C SER E 254 -9.68 -12.47 -14.50
N LYS E 255 -10.12 -11.23 -14.75
CA LYS E 255 -10.92 -10.92 -15.94
C LYS E 255 -10.10 -11.12 -17.22
N LEU E 256 -8.87 -10.64 -17.20
CA LEU E 256 -7.98 -10.75 -18.35
C LEU E 256 -7.71 -12.20 -18.76
N PHE E 257 -7.60 -13.10 -17.78
CA PHE E 257 -7.33 -14.50 -18.05
C PHE E 257 -8.40 -15.15 -18.94
N ARG E 258 -9.65 -14.69 -18.83
CA ARG E 258 -10.71 -15.20 -19.69
C ARG E 258 -10.36 -14.89 -21.15
N LEU E 259 -9.91 -13.66 -21.40
CA LEU E 259 -9.47 -13.29 -22.74
C LEU E 259 -8.22 -14.06 -23.17
N LEU E 260 -7.24 -14.21 -22.27
CA LEU E 260 -5.99 -14.89 -22.66
C LEU E 260 -6.26 -16.34 -23.06
N LYS E 261 -7.15 -17.00 -22.33
CA LYS E 261 -7.50 -18.37 -22.65
C LYS E 261 -8.23 -18.42 -24.00
N ALA E 262 -9.18 -17.51 -24.21
CA ALA E 262 -9.93 -17.47 -25.46
C ALA E 262 -9.04 -17.12 -26.67
N SER E 263 -8.02 -16.30 -26.46
CA SER E 263 -7.18 -15.87 -27.58
C SER E 263 -6.30 -17.00 -28.13
N GLY E 264 -5.90 -17.94 -27.26
CA GLY E 264 -5.07 -19.05 -27.66
C GLY E 264 -3.58 -18.72 -27.83
N ILE E 265 -3.19 -17.51 -27.44
CA ILE E 265 -1.79 -17.13 -27.61
C ILE E 265 -0.87 -17.82 -26.63
N ASN E 266 0.41 -17.80 -26.96
CA ASN E 266 1.49 -18.36 -26.15
C ASN E 266 2.19 -17.30 -25.32
N PHE E 267 2.86 -17.76 -24.25
CA PHE E 267 3.61 -16.88 -23.35
C PHE E 267 5.04 -17.38 -23.14
N ILE E 268 5.97 -16.44 -23.16
CA ILE E 268 7.35 -16.76 -22.78
C ILE E 268 7.80 -15.95 -21.58
N SER E 269 8.35 -16.64 -20.59
CA SER E 269 8.95 -15.99 -19.44
C SER E 269 10.47 -16.19 -19.48
N CYS E 270 11.22 -15.15 -19.13
CA CYS E 270 12.67 -15.23 -19.01
C CYS E 270 13.05 -14.94 -17.54
N PRO E 271 13.01 -15.97 -16.69
CA PRO E 271 13.11 -15.71 -15.24
C PRO E 271 14.49 -15.18 -14.79
N THR E 272 15.60 -15.63 -15.38
CA THR E 272 16.90 -15.10 -14.94
C THR E 272 17.06 -13.65 -15.36
N GLU E 273 16.56 -13.31 -16.55
CA GLU E 273 16.63 -11.93 -17.03
C GLU E 273 15.77 -11.02 -16.18
N SER E 274 14.52 -11.42 -15.97
CA SER E 274 13.57 -10.60 -15.23
C SER E 274 13.93 -10.43 -13.75
N ILE E 275 14.41 -11.50 -13.12
CA ILE E 275 14.83 -11.36 -11.71
C ILE E 275 15.94 -10.30 -11.60
N HIS E 276 16.75 -10.18 -12.66
CA HIS E 276 17.82 -9.21 -12.75
C HIS E 276 17.35 -7.79 -13.09
N LEU E 277 16.52 -7.67 -14.14
CA LEU E 277 16.07 -6.37 -14.63
C LEU E 277 14.87 -5.77 -13.87
N GLN E 278 14.02 -6.63 -13.31
CA GLN E 278 12.80 -6.18 -12.64
C GLN E 278 13.04 -5.97 -11.16
N GLY E 279 12.10 -5.31 -10.49
CA GLY E 279 12.27 -5.00 -9.07
C GLY E 279 13.26 -3.87 -8.82
N ARG E 280 13.81 -3.29 -9.88
CA ARG E 280 14.88 -2.30 -9.72
C ARG E 280 14.37 -0.95 -9.24
N PHE E 281 13.06 -0.72 -9.37
CA PHE E 281 12.50 0.57 -8.99
C PHE E 281 11.70 0.48 -7.68
N ASP E 282 11.71 -0.69 -7.05
CA ASP E 282 11.24 -0.83 -5.68
C ASP E 282 12.39 -0.56 -4.73
N SER E 283 12.08 -0.14 -3.51
CA SER E 283 13.03 -0.29 -2.43
C SER E 283 12.80 -1.67 -1.81
N TRP E 284 12.05 -1.70 -0.72
CA TRP E 284 11.74 -2.94 0.00
C TRP E 284 10.33 -2.84 0.57
N PRO E 285 9.55 -3.94 0.48
CA PRO E 285 9.91 -5.21 -0.14
C PRO E 285 10.09 -5.10 -1.66
N LYS E 286 10.81 -6.04 -2.23
CA LYS E 286 11.22 -5.95 -3.62
C LYS E 286 10.49 -7.03 -4.40
N ARG E 287 9.72 -6.65 -5.40
CA ARG E 287 8.92 -7.61 -6.13
C ARG E 287 9.78 -8.52 -7.01
N ARG E 288 9.29 -9.73 -7.28
CA ARG E 288 9.96 -10.64 -8.19
C ARG E 288 9.93 -10.11 -9.62
N GLY E 289 8.80 -9.56 -10.03
CA GLY E 289 8.70 -8.92 -11.34
C GLY E 289 8.61 -9.90 -12.51
N VAL E 290 8.21 -11.13 -12.23
CA VAL E 290 8.02 -12.16 -13.26
C VAL E 290 6.52 -12.41 -13.48
N THR E 291 6.13 -12.76 -14.70
CA THR E 291 4.71 -13.01 -15.03
C THR E 291 4.18 -14.22 -14.25
N ARG E 292 2.85 -14.39 -14.28
CA ARG E 292 2.19 -15.43 -13.49
C ARG E 292 2.21 -16.81 -14.18
N VAL E 293 3.42 -17.39 -14.24
CA VAL E 293 3.66 -18.60 -14.99
C VAL E 293 2.82 -19.79 -14.52
N ALA E 294 2.87 -20.08 -13.22
CA ALA E 294 2.11 -21.21 -12.66
C ALA E 294 0.62 -21.04 -12.95
N GLU E 295 0.15 -19.80 -12.84
CA GLU E 295 -1.27 -19.49 -13.00
C GLU E 295 -1.73 -19.66 -14.44
N LEU E 296 -0.92 -19.16 -15.37
CA LEU E 296 -1.19 -19.33 -16.79
C LEU E 296 -1.28 -20.82 -17.11
N ASP E 297 -0.28 -21.56 -16.67
CA ASP E 297 -0.22 -22.99 -16.95
C ASP E 297 -1.43 -23.71 -16.40
N ARG E 298 -1.80 -23.38 -15.16
CA ARG E 298 -2.98 -23.93 -14.50
C ARG E 298 -4.27 -23.58 -15.26
N ALA E 299 -4.30 -22.44 -15.92
CA ALA E 299 -5.47 -22.06 -16.69
C ALA E 299 -5.50 -22.75 -18.07
N GLY E 300 -4.52 -23.61 -18.33
CA GLY E 300 -4.49 -24.34 -19.58
C GLY E 300 -3.91 -23.51 -20.71
N ILE E 301 -3.11 -22.52 -20.34
CA ILE E 301 -2.52 -21.61 -21.31
C ILE E 301 -1.06 -22.00 -21.49
N ASN E 302 -0.58 -22.02 -22.73
CA ASN E 302 0.79 -22.47 -23.02
C ASN E 302 1.84 -21.43 -22.63
N VAL E 303 2.75 -21.82 -21.74
CA VAL E 303 3.81 -20.94 -21.27
C VAL E 303 5.14 -21.68 -21.23
N CYS E 304 6.24 -20.96 -21.47
CA CYS E 304 7.56 -21.61 -21.44
C CYS E 304 8.65 -20.63 -21.02
N PHE E 305 9.87 -21.15 -20.85
CA PHE E 305 10.99 -20.37 -20.30
C PHE E 305 12.08 -20.19 -21.36
N ALA E 306 12.80 -19.08 -21.27
CA ALA E 306 13.86 -18.76 -22.24
C ALA E 306 15.01 -18.03 -21.55
N GLN E 307 16.20 -18.05 -22.18
CA GLN E 307 17.38 -17.43 -21.60
C GLN E 307 17.44 -15.92 -21.85
N ASP E 308 16.89 -15.49 -22.99
CA ASP E 308 16.80 -14.07 -23.37
C ASP E 308 18.12 -13.44 -23.80
N SER E 309 19.13 -13.48 -22.92
CA SER E 309 20.37 -12.79 -23.17
C SER E 309 21.56 -13.64 -22.79
N ILE E 310 22.64 -13.51 -23.55
CA ILE E 310 23.91 -14.09 -23.13
C ILE E 310 25.00 -13.04 -23.25
N GLN E 311 25.51 -12.58 -22.10
CA GLN E 311 26.59 -11.60 -22.02
C GLN E 311 26.36 -10.36 -22.88
N ASP E 312 25.24 -9.70 -22.65
CA ASP E 312 24.86 -8.60 -23.52
C ASP E 312 24.60 -7.32 -22.69
N PRO E 313 24.09 -6.23 -23.31
CA PRO E 313 23.94 -5.04 -22.47
C PRO E 313 22.92 -5.18 -21.31
N TRP E 314 22.09 -6.21 -21.33
CA TRP E 314 21.06 -6.39 -20.31
C TRP E 314 21.40 -7.45 -19.27
N TYR E 315 22.36 -8.31 -19.57
CA TYR E 315 22.61 -9.47 -18.72
C TYR E 315 24.04 -9.95 -18.89
N PRO E 316 24.84 -9.91 -17.81
CA PRO E 316 26.29 -10.12 -17.89
C PRO E 316 26.73 -11.59 -17.84
N LEU E 317 25.82 -12.51 -17.58
CA LEU E 317 26.19 -13.93 -17.52
C LEU E 317 25.58 -14.70 -18.70
N GLY E 318 25.45 -16.01 -18.54
CA GLY E 318 24.86 -16.85 -19.57
C GLY E 318 25.88 -17.84 -20.12
N ASN E 319 25.45 -19.07 -20.37
CA ASN E 319 26.33 -20.06 -20.96
C ASN E 319 25.61 -20.96 -21.95
N GLY E 320 24.32 -20.71 -22.15
CA GLY E 320 23.55 -21.47 -23.13
C GLY E 320 22.77 -22.63 -22.53
N ASN E 321 22.91 -22.84 -21.23
CA ASN E 321 22.26 -23.97 -20.56
C ASN E 321 20.83 -23.67 -20.09
N ILE E 322 19.85 -24.17 -20.84
CA ILE E 322 18.43 -23.90 -20.57
C ILE E 322 17.94 -24.52 -19.25
N LEU E 323 18.61 -25.57 -18.78
CA LEU E 323 18.22 -26.20 -17.52
C LEU E 323 18.45 -25.31 -16.28
N ARG E 324 19.41 -24.38 -16.37
CA ARG E 324 19.65 -23.45 -15.28
C ARG E 324 18.48 -22.47 -15.22
N ILE E 325 17.98 -22.12 -16.39
CA ILE E 325 16.85 -21.23 -16.55
C ILE E 325 15.59 -21.89 -16.01
N LEU E 326 15.38 -23.15 -16.34
CA LEU E 326 14.26 -23.92 -15.80
C LEU E 326 14.33 -23.96 -14.27
N ASP E 327 15.51 -24.27 -13.76
CA ASP E 327 15.74 -24.26 -12.30
C ASP E 327 15.30 -22.92 -11.69
N ALA E 328 15.82 -21.83 -12.24
CA ALA E 328 15.43 -20.49 -11.78
C ALA E 328 13.93 -20.23 -11.85
N GLY E 329 13.30 -20.62 -12.96
CA GLY E 329 11.88 -20.38 -13.16
C GLY E 329 11.03 -21.10 -12.14
N LEU E 330 11.34 -22.37 -11.88
CA LEU E 330 10.57 -23.15 -10.91
C LEU E 330 10.61 -22.55 -9.50
N HIS E 331 11.76 -21.99 -9.12
CA HIS E 331 11.93 -21.40 -7.79
C HIS E 331 11.16 -20.08 -7.73
N ILE E 332 11.40 -19.22 -8.71
CA ILE E 332 10.88 -17.85 -8.67
C ILE E 332 9.34 -17.83 -8.81
N CYS E 333 8.81 -18.78 -9.58
CA CYS E 333 7.39 -18.87 -9.86
C CYS E 333 6.62 -19.82 -8.93
N HIS E 334 7.29 -20.31 -7.89
CA HIS E 334 6.70 -21.20 -6.90
C HIS E 334 6.09 -22.47 -7.53
N MET E 335 6.90 -23.14 -8.33
CA MET E 335 6.47 -24.35 -9.02
C MET E 335 7.37 -25.51 -8.64
N LEU E 336 7.57 -25.71 -7.35
CA LEU E 336 8.41 -26.79 -6.85
C LEU E 336 7.60 -27.87 -6.15
N GLY E 337 6.32 -27.96 -6.47
CA GLY E 337 5.48 -29.03 -5.95
C GLY E 337 5.90 -30.32 -6.61
N TYR E 338 5.58 -31.46 -6.01
CA TYR E 338 5.97 -32.75 -6.59
C TYR E 338 5.34 -32.93 -7.97
N ASP E 339 4.11 -32.45 -8.14
CA ASP E 339 3.42 -32.58 -9.41
C ASP E 339 4.09 -31.73 -10.50
N ASP E 340 4.52 -30.52 -10.13
CA ASP E 340 5.22 -29.64 -11.06
C ASP E 340 6.54 -30.27 -11.50
N LEU E 341 7.28 -30.82 -10.55
CA LEU E 341 8.61 -31.37 -10.83
C LEU E 341 8.58 -32.58 -11.75
N GLN E 342 7.54 -33.40 -11.64
CA GLN E 342 7.43 -34.58 -12.52
C GLN E 342 7.11 -34.26 -13.99
N ARG E 343 6.82 -33.00 -14.30
CA ARG E 343 6.53 -32.61 -15.68
C ARG E 343 7.23 -31.32 -16.09
N CYS E 344 8.20 -30.88 -15.28
CA CYS E 344 8.83 -29.57 -15.50
C CYS E 344 9.55 -29.42 -16.84
N LEU E 345 9.96 -30.52 -17.46
CA LEU E 345 10.62 -30.42 -18.78
C LEU E 345 9.69 -29.88 -19.90
N ASP E 346 8.38 -29.86 -19.66
CA ASP E 346 7.41 -29.24 -20.60
C ASP E 346 7.86 -27.84 -20.95
N PHE E 347 8.35 -27.11 -19.94
CA PHE E 347 8.61 -25.68 -20.07
C PHE E 347 9.84 -25.28 -20.88
N VAL E 348 10.66 -26.26 -21.26
CA VAL E 348 11.86 -26.01 -22.08
C VAL E 348 11.91 -26.94 -23.29
N THR E 349 10.86 -27.72 -23.47
CA THR E 349 10.77 -28.59 -24.65
C THR E 349 9.44 -28.44 -25.37
N ASP E 350 8.44 -29.22 -24.99
CA ASP E 350 7.14 -29.26 -25.70
C ASP E 350 6.41 -27.92 -25.76
N ASN E 351 6.36 -27.21 -24.63
CA ASN E 351 5.68 -25.92 -24.62
C ASN E 351 6.34 -24.90 -25.53
N SER E 352 7.67 -24.91 -25.53
CA SER E 352 8.42 -23.97 -26.37
C SER E 352 8.31 -24.33 -27.85
N ALA E 353 8.25 -25.62 -28.16
CA ALA E 353 8.07 -26.06 -29.54
C ALA E 353 6.69 -25.63 -30.05
N ARG E 354 5.72 -25.59 -29.15
CA ARG E 354 4.37 -25.15 -29.54
C ARG E 354 4.37 -23.65 -29.83
N ALA E 355 5.03 -22.87 -28.98
CA ALA E 355 5.15 -21.43 -29.23
C ALA E 355 5.79 -21.13 -30.60
N LEU E 356 6.75 -21.97 -30.99
CA LEU E 356 7.45 -21.78 -32.25
C LEU E 356 6.73 -22.47 -33.42
N CYS E 357 5.56 -23.04 -33.13
CA CYS E 357 4.77 -23.75 -34.15
C CYS E 357 5.54 -24.82 -34.93
N LEU E 358 6.34 -25.62 -34.23
CA LEU E 358 7.17 -26.63 -34.89
C LEU E 358 6.36 -27.80 -35.45
N GLY E 359 5.20 -28.06 -34.85
CA GLY E 359 4.33 -29.14 -35.29
C GLY E 359 5.04 -30.48 -35.36
N ASP E 360 4.81 -31.21 -36.44
CA ASP E 360 5.41 -32.53 -36.64
C ASP E 360 6.90 -32.50 -36.96
N ASN E 361 7.51 -31.31 -36.99
CA ASN E 361 8.98 -31.28 -37.04
C ASN E 361 9.63 -31.47 -35.68
N TYR E 362 8.83 -31.70 -34.65
CA TYR E 362 9.36 -31.80 -33.29
C TYR E 362 8.70 -32.96 -32.54
N GLY E 363 9.49 -33.66 -31.72
CA GLY E 363 8.92 -34.68 -30.85
C GLY E 363 9.29 -36.10 -31.19
N LEU E 364 9.33 -36.94 -30.16
CA LEU E 364 9.67 -38.34 -30.33
C LEU E 364 8.46 -39.16 -30.74
N ALA E 365 8.25 -39.27 -32.04
CA ALA E 365 7.14 -40.04 -32.58
C ALA E 365 7.55 -40.55 -33.95
N GLU E 366 7.08 -41.73 -34.29
CA GLU E 366 7.41 -42.34 -35.57
C GLU E 366 7.05 -41.41 -36.72
N GLY E 367 7.97 -41.30 -37.66
CA GLY E 367 7.74 -40.47 -38.83
C GLY E 367 8.35 -39.09 -38.72
N ARG E 368 8.63 -38.65 -37.49
CA ARG E 368 9.14 -37.31 -37.28
C ARG E 368 10.66 -37.28 -37.38
N PRO E 369 11.27 -36.09 -37.55
CA PRO E 369 12.74 -36.01 -37.68
C PRO E 369 13.47 -36.62 -36.49
N ALA E 370 14.56 -37.32 -36.80
CA ALA E 370 15.37 -37.96 -35.77
C ALA E 370 16.28 -36.92 -35.11
N ASN E 371 15.66 -36.00 -34.36
CA ASN E 371 16.38 -35.02 -33.55
C ASN E 371 16.07 -35.31 -32.09
N LEU E 372 17.07 -35.73 -31.31
CA LEU E 372 16.82 -36.01 -29.89
C LEU E 372 18.07 -35.90 -29.03
N LEU E 373 17.87 -35.87 -27.72
CA LEU E 373 18.96 -35.89 -26.76
C LEU E 373 18.83 -37.10 -25.83
N ILE E 374 19.96 -37.55 -25.31
CA ILE E 374 19.97 -38.43 -24.15
C ILE E 374 20.52 -37.63 -22.98
N LEU E 375 19.76 -37.56 -21.88
CA LEU E 375 20.19 -36.78 -20.72
C LEU E 375 20.73 -37.70 -19.64
N ASP E 376 21.60 -37.17 -18.80
CA ASP E 376 22.16 -37.94 -17.70
C ASP E 376 21.19 -37.92 -16.52
N ALA E 377 20.01 -38.49 -16.73
CA ALA E 377 18.94 -38.53 -15.73
C ALA E 377 17.84 -39.43 -16.24
N GLU E 378 17.08 -40.03 -15.31
CA GLU E 378 16.02 -40.98 -15.66
C GLU E 378 14.64 -40.33 -15.85
N ASN E 379 14.44 -39.12 -15.34
CA ASN E 379 13.13 -38.44 -15.38
C ASN E 379 13.25 -36.92 -15.20
N ASP E 380 12.13 -36.22 -15.29
CA ASP E 380 12.06 -34.77 -15.20
C ASP E 380 12.69 -34.28 -13.91
N TYR E 381 12.27 -34.89 -12.81
CA TYR E 381 12.73 -34.50 -11.48
C TYR E 381 14.24 -34.55 -11.34
N GLU E 382 14.84 -35.68 -11.71
CA GLU E 382 16.28 -35.85 -11.64
C GLU E 382 16.99 -34.94 -12.64
N ALA E 383 16.38 -34.73 -13.81
CA ALA E 383 16.95 -33.85 -14.80
C ALA E 383 17.22 -32.46 -14.21
N VAL E 384 16.22 -31.89 -13.55
CA VAL E 384 16.37 -30.54 -13.01
C VAL E 384 17.16 -30.53 -11.70
N ARG E 385 17.03 -31.59 -10.89
CA ARG E 385 17.73 -31.62 -9.62
C ARG E 385 19.24 -31.75 -9.80
N ARG E 386 19.64 -32.56 -10.77
CA ARG E 386 21.06 -32.81 -11.00
C ARG E 386 21.62 -31.82 -12.00
N GLN E 387 20.74 -31.02 -12.61
CA GLN E 387 21.10 -30.17 -13.76
C GLN E 387 21.78 -31.06 -14.79
N ALA E 388 21.06 -32.12 -15.19
CA ALA E 388 21.66 -33.21 -15.97
C ALA E 388 22.33 -32.74 -17.26
N ARG E 389 23.51 -33.27 -17.50
CA ARG E 389 24.25 -33.00 -18.72
C ARG E 389 23.57 -33.66 -19.91
N VAL E 390 23.69 -33.04 -21.08
CA VAL E 390 23.32 -33.68 -22.32
C VAL E 390 24.49 -34.58 -22.71
N LEU E 391 24.25 -35.89 -22.72
CA LEU E 391 25.32 -36.84 -23.05
C LEU E 391 25.40 -37.10 -24.55
N THR E 392 24.27 -37.01 -25.24
CA THR E 392 24.23 -37.20 -26.67
C THR E 392 23.22 -36.27 -27.30
N SER E 393 23.63 -35.60 -28.38
CA SER E 393 22.72 -34.84 -29.20
C SER E 393 22.73 -35.44 -30.61
N ILE E 394 21.56 -35.80 -31.10
CA ILE E 394 21.40 -36.38 -32.43
C ILE E 394 20.54 -35.44 -33.26
N ARG E 395 20.98 -35.18 -34.48
CA ARG E 395 20.27 -34.26 -35.37
C ARG E 395 20.22 -34.87 -36.75
N HIS E 396 19.02 -34.95 -37.31
CA HIS E 396 18.77 -35.60 -38.59
C HIS E 396 19.38 -37.01 -38.63
N GLY E 397 19.35 -37.69 -37.48
CA GLY E 397 19.83 -39.06 -37.38
C GLY E 397 21.33 -39.24 -37.20
N LYS E 398 22.05 -38.13 -37.06
CA LYS E 398 23.50 -38.18 -36.88
C LYS E 398 23.92 -37.65 -35.51
N VAL E 399 24.91 -38.28 -34.89
CA VAL E 399 25.41 -37.76 -33.61
C VAL E 399 26.20 -36.49 -33.85
N ILE E 400 25.75 -35.38 -33.28
CA ILE E 400 26.50 -34.14 -33.45
C ILE E 400 27.23 -33.70 -32.17
N LEU E 401 26.92 -34.35 -31.05
CA LEU E 401 27.61 -34.08 -29.79
C LEU E 401 27.62 -35.32 -28.92
N GLN E 402 28.75 -35.55 -28.26
CA GLN E 402 28.90 -36.64 -27.32
C GLN E 402 29.65 -36.12 -26.10
N ARG E 403 29.05 -36.27 -24.93
CA ARG E 403 29.71 -36.02 -23.64
C ARG E 403 29.90 -37.35 -22.94
N GLU E 404 30.98 -37.47 -22.17
CA GLU E 404 31.21 -38.66 -21.37
C GLU E 404 30.64 -38.49 -19.98
N VAL E 405 30.25 -39.61 -19.37
CA VAL E 405 29.72 -39.60 -18.01
C VAL E 405 30.75 -38.99 -17.05
N GLU E 406 30.29 -38.11 -16.16
CA GLU E 406 31.19 -37.51 -15.20
C GLU E 406 31.82 -38.63 -14.35
N HIS E 407 33.14 -38.70 -14.34
CA HIS E 407 33.81 -39.77 -13.61
C HIS E 407 34.51 -39.21 -12.39
N ILE E 408 33.92 -39.37 -11.20
CA ILE E 408 34.62 -38.97 -9.97
C ILE E 408 35.39 -40.13 -9.36
N ARG E 409 36.68 -39.93 -9.15
CA ARG E 409 37.53 -40.94 -8.52
C ARG E 409 37.91 -40.51 -7.10
N TYR E 410 37.93 -41.48 -6.19
CA TYR E 410 38.27 -41.23 -4.79
C TYR E 410 39.48 -42.04 -4.35
N PRO E 411 40.66 -41.40 -4.27
CA PRO E 411 41.84 -42.05 -3.71
C PRO E 411 41.74 -42.26 -2.21
N MET F 1 25.39 54.40 -16.91
CA MET F 1 25.98 54.51 -15.58
C MET F 1 26.94 53.35 -15.32
N LYS F 2 27.77 53.49 -14.29
CA LYS F 2 28.72 52.45 -13.90
C LYS F 2 28.32 51.82 -12.58
N ILE F 3 28.42 50.49 -12.52
CA ILE F 3 28.36 49.78 -11.25
C ILE F 3 29.72 49.14 -11.00
N ILE F 4 30.33 49.47 -9.87
CA ILE F 4 31.65 48.95 -9.55
C ILE F 4 31.60 48.01 -8.36
N ASN F 5 32.64 47.20 -8.19
CA ASN F 5 32.72 46.28 -7.07
C ASN F 5 31.54 45.33 -6.96
N ALA F 6 31.07 44.83 -8.10
CA ALA F 6 29.96 43.88 -8.09
C ALA F 6 30.45 42.44 -8.28
N ARG F 7 29.81 41.50 -7.59
CA ARG F 7 30.07 40.08 -7.81
C ARG F 7 29.13 39.49 -8.86
N LEU F 8 29.68 38.62 -9.70
CA LEU F 8 28.87 37.88 -10.67
C LEU F 8 28.81 36.41 -10.26
N ARG F 9 27.73 35.72 -10.64
CA ARG F 9 27.43 34.42 -10.05
C ARG F 9 28.45 33.29 -10.26
N ARG F 10 28.91 33.10 -11.48
CA ARG F 10 29.87 32.04 -11.76
C ARG F 10 31.27 32.61 -12.08
N GLN F 11 31.62 33.66 -11.35
CA GLN F 11 32.92 34.31 -11.48
C GLN F 11 33.47 34.57 -10.08
N GLU F 12 34.76 34.86 -9.99
CA GLU F 12 35.40 35.06 -8.68
C GLU F 12 35.82 36.51 -8.44
N ALA F 13 36.23 37.19 -9.50
CA ALA F 13 36.69 38.57 -9.36
C ALA F 13 35.54 39.54 -9.12
N LEU F 14 35.89 40.79 -8.82
CA LEU F 14 34.93 41.87 -8.76
C LEU F 14 34.84 42.51 -10.14
N PHE F 15 33.65 42.97 -10.51
CA PHE F 15 33.43 43.46 -11.85
C PHE F 15 32.90 44.90 -11.91
N THR F 16 33.32 45.63 -12.92
CA THR F 16 32.72 46.91 -13.23
C THR F 16 31.78 46.72 -14.41
N LEU F 17 30.51 47.02 -14.21
CA LEU F 17 29.51 46.93 -15.27
C LEU F 17 29.22 48.34 -15.80
N ASP F 18 29.47 48.57 -17.09
CA ASP F 18 29.16 49.85 -17.70
C ASP F 18 27.86 49.79 -18.50
N LEU F 19 26.90 50.62 -18.12
CA LEU F 19 25.59 50.64 -18.75
C LEU F 19 25.45 51.88 -19.62
N GLN F 20 25.08 51.68 -20.87
CA GLN F 20 24.96 52.76 -21.83
C GLN F 20 23.80 52.52 -22.79
N ASP F 21 22.94 53.53 -22.94
CA ASP F 21 21.83 53.49 -23.89
C ASP F 21 20.95 52.26 -23.72
N GLY F 22 20.64 51.91 -22.47
CA GLY F 22 19.74 50.80 -22.19
C GLY F 22 20.33 49.41 -22.35
N ILE F 23 21.60 49.32 -22.76
CA ILE F 23 22.25 48.01 -22.85
C ILE F 23 23.50 47.91 -21.99
N ILE F 24 23.97 46.69 -21.80
CA ILE F 24 25.23 46.44 -21.10
C ILE F 24 26.39 46.70 -22.06
N HIS F 25 27.04 47.85 -21.92
CA HIS F 25 28.11 48.23 -22.84
C HIS F 25 29.37 47.39 -22.62
N ARG F 26 29.90 47.43 -21.40
CA ARG F 26 31.13 46.70 -21.10
C ARG F 26 31.06 46.01 -19.74
N ILE F 27 31.63 44.82 -19.68
CA ILE F 27 31.81 44.12 -18.41
C ILE F 27 33.30 43.86 -18.23
N THR F 28 33.85 44.28 -17.09
CA THR F 28 35.29 44.23 -16.89
C THR F 28 35.67 43.77 -15.49
N ALA F 29 36.54 42.76 -15.44
CA ALA F 29 37.06 42.27 -14.17
C ALA F 29 38.01 43.30 -13.56
N GLN F 30 37.85 43.55 -12.27
CA GLN F 30 38.71 44.49 -11.56
C GLN F 30 39.88 43.77 -10.92
N ALA F 31 40.96 44.50 -10.66
CA ALA F 31 42.09 43.94 -9.93
C ALA F 31 41.74 43.83 -8.46
N ALA F 32 41.15 44.89 -7.91
CA ALA F 32 40.72 44.89 -6.51
C ALA F 32 39.53 45.82 -6.28
N MET F 33 39.07 45.88 -5.04
CA MET F 33 38.02 46.80 -4.62
C MET F 33 38.42 48.22 -5.00
N GLN F 34 37.51 48.96 -5.61
CA GLN F 34 37.82 50.33 -6.06
C GLN F 34 36.94 51.37 -5.38
N THR F 35 37.33 52.64 -5.54
CA THR F 35 36.57 53.75 -4.98
C THR F 35 35.55 54.28 -5.97
N ALA F 36 34.29 54.39 -5.52
CA ALA F 36 33.24 54.90 -6.37
C ALA F 36 33.41 56.40 -6.62
N ASP F 37 33.17 56.81 -7.86
CA ASP F 37 33.06 58.22 -8.19
C ASP F 37 31.58 58.60 -8.24
N ALA F 38 31.28 59.88 -8.08
CA ALA F 38 29.90 60.35 -8.17
C ALA F 38 29.35 60.01 -9.55
N GLY F 39 28.15 59.45 -9.58
CA GLY F 39 27.55 58.98 -10.82
C GLY F 39 27.65 57.47 -10.94
N ALA F 40 28.59 56.89 -10.20
CA ALA F 40 28.77 55.44 -10.20
C ALA F 40 28.12 54.80 -8.98
N ILE F 41 27.61 53.59 -9.17
CA ILE F 41 26.95 52.86 -8.11
C ILE F 41 27.90 51.83 -7.50
N ASP F 42 28.20 51.98 -6.22
CA ASP F 42 29.11 51.06 -5.55
C ASP F 42 28.35 49.85 -5.03
N ALA F 43 28.57 48.70 -5.66
CA ALA F 43 27.90 47.48 -5.25
C ALA F 43 28.49 46.88 -3.98
N GLN F 44 29.71 47.29 -3.64
CA GLN F 44 30.39 46.83 -2.41
C GLN F 44 30.54 45.32 -2.28
N GLY F 45 30.89 44.64 -3.38
CA GLY F 45 31.07 43.19 -3.34
C GLY F 45 29.78 42.41 -3.35
N ARG F 46 28.66 43.10 -3.51
CA ARG F 46 27.38 42.41 -3.56
C ARG F 46 27.08 41.81 -4.92
N LEU F 47 26.17 40.84 -4.92
CA LEU F 47 25.82 40.13 -6.13
C LEU F 47 25.02 41.01 -7.10
N ALA F 48 25.50 41.11 -8.34
CA ALA F 48 24.70 41.65 -9.43
C ALA F 48 24.15 40.48 -10.23
N ILE F 49 22.83 40.45 -10.39
CA ILE F 49 22.20 39.36 -11.13
C ILE F 49 21.18 39.87 -12.14
N PRO F 50 20.88 39.06 -13.16
CA PRO F 50 19.76 39.45 -14.03
C PRO F 50 18.49 39.39 -13.19
N PRO F 51 17.41 40.05 -13.64
CA PRO F 51 16.20 40.12 -12.79
C PRO F 51 15.60 38.76 -12.45
N PHE F 52 14.92 38.70 -11.31
CA PHE F 52 14.08 37.55 -11.01
C PHE F 52 12.97 37.41 -12.05
N VAL F 53 12.48 36.19 -12.20
CA VAL F 53 11.44 35.89 -13.16
C VAL F 53 10.29 35.23 -12.40
N GLU F 54 9.07 35.62 -12.73
CA GLU F 54 7.87 34.95 -12.23
C GLU F 54 7.20 34.28 -13.43
N PRO F 55 7.55 33.02 -13.69
CA PRO F 55 7.18 32.34 -14.94
C PRO F 55 5.78 31.75 -14.89
N HIS F 56 5.09 31.88 -13.75
CA HIS F 56 3.76 31.30 -13.62
C HIS F 56 2.97 31.99 -12.52
N ILE F 57 2.03 32.84 -12.90
CA ILE F 57 1.16 33.52 -11.95
C ILE F 57 -0.20 33.82 -12.61
N HIS F 58 -1.26 33.86 -11.81
CA HIS F 58 -2.59 34.22 -12.31
C HIS F 58 -2.96 35.63 -11.91
N LEU F 59 -2.53 36.60 -12.72
CA LEU F 59 -2.83 38.00 -12.42
C LEU F 59 -4.31 38.36 -12.52
N ASP F 60 -5.10 37.54 -13.19
CA ASP F 60 -6.52 37.87 -13.32
C ASP F 60 -7.29 37.55 -12.02
N ALA F 61 -6.78 36.59 -11.26
CA ALA F 61 -7.47 36.18 -10.03
C ALA F 61 -6.83 36.76 -8.77
N THR F 62 -5.67 37.42 -8.93
CA THR F 62 -4.93 37.93 -7.78
C THR F 62 -5.74 38.93 -6.94
N LEU F 63 -5.55 38.86 -5.62
CA LEU F 63 -6.22 39.72 -4.65
C LEU F 63 -7.75 39.54 -4.63
N THR F 64 -8.23 38.34 -4.95
CA THR F 64 -9.67 38.06 -4.85
C THR F 64 -10.06 37.04 -3.78
N ALA F 65 -9.11 36.66 -2.92
CA ALA F 65 -9.42 35.68 -1.87
C ALA F 65 -10.62 36.11 -1.04
N GLY F 66 -11.55 35.18 -0.83
CA GLY F 66 -12.74 35.47 -0.04
C GLY F 66 -13.91 36.06 -0.81
N GLU F 67 -13.72 36.33 -2.10
CA GLU F 67 -14.77 36.96 -2.93
C GLU F 67 -15.35 35.96 -3.92
N PRO F 68 -16.65 35.61 -3.76
CA PRO F 68 -17.58 36.04 -2.72
C PRO F 68 -17.58 35.15 -1.48
N GLU F 69 -16.86 34.03 -1.54
CA GLU F 69 -16.74 33.12 -0.39
C GLU F 69 -15.32 32.54 -0.33
N TRP F 70 -14.95 32.00 0.81
CA TRP F 70 -13.64 31.37 0.99
C TRP F 70 -13.58 29.95 0.41
N ASN F 71 -12.38 29.54 0.00
CA ASN F 71 -12.06 28.15 -0.33
C ASN F 71 -11.82 27.39 0.96
N ARG F 72 -12.87 26.77 1.49
CA ARG F 72 -12.83 26.18 2.83
C ARG F 72 -12.04 24.86 2.88
N SER F 73 -12.07 24.09 1.80
CA SER F 73 -11.38 22.81 1.78
C SER F 73 -9.90 22.98 1.42
N GLY F 74 -9.52 24.13 0.87
CA GLY F 74 -8.15 24.36 0.47
C GLY F 74 -7.75 23.48 -0.70
N THR F 75 -8.71 23.18 -1.58
CA THR F 75 -8.44 22.30 -2.71
C THR F 75 -8.45 23.01 -4.06
N LEU F 76 -7.83 22.39 -5.05
CA LEU F 76 -7.80 22.95 -6.39
C LEU F 76 -9.22 23.08 -6.89
N PHE F 77 -10.03 22.05 -6.62
CA PHE F 77 -11.39 22.01 -7.16
C PHE F 77 -12.34 23.04 -6.56
N GLU F 78 -12.32 23.21 -5.23
CA GLU F 78 -13.16 24.24 -4.64
C GLU F 78 -12.73 25.63 -5.12
N GLY F 79 -11.43 25.81 -5.29
CA GLY F 79 -10.89 27.04 -5.82
C GLY F 79 -11.45 27.36 -7.20
N ILE F 80 -11.53 26.36 -8.08
CA ILE F 80 -12.16 26.58 -9.39
C ILE F 80 -13.62 27.03 -9.22
N THR F 81 -14.34 26.39 -8.29
CA THR F 81 -15.72 26.79 -8.01
C THR F 81 -15.80 28.25 -7.56
N ARG F 82 -14.95 28.62 -6.60
CA ARG F 82 -14.93 29.99 -6.08
C ARG F 82 -14.52 31.02 -7.13
N TRP F 83 -13.56 30.65 -7.99
CA TRP F 83 -13.18 31.51 -9.11
C TRP F 83 -14.35 31.69 -10.06
N SER F 84 -15.09 30.60 -10.30
CA SER F 84 -16.26 30.65 -11.17
C SER F 84 -17.31 31.64 -10.64
N GLN F 85 -17.51 31.68 -9.32
CA GLN F 85 -18.39 32.67 -8.73
C GLN F 85 -17.82 34.07 -8.91
N ARG F 86 -16.50 34.22 -8.71
CA ARG F 86 -15.88 35.54 -8.77
C ARG F 86 -15.93 36.13 -10.18
N LYS F 87 -15.89 35.27 -11.19
CA LYS F 87 -15.93 35.69 -12.59
C LYS F 87 -17.23 36.42 -12.94
N ALA F 88 -18.29 36.11 -12.19
CA ALA F 88 -19.58 36.75 -12.39
C ALA F 88 -19.52 38.25 -12.11
N SER F 89 -18.44 38.71 -11.49
CA SER F 89 -18.33 40.12 -11.13
C SER F 89 -17.05 40.79 -11.64
N ILE F 90 -16.25 40.03 -12.38
CA ILE F 90 -15.04 40.56 -13.02
C ILE F 90 -15.41 41.67 -14.02
N THR F 91 -14.62 42.76 -14.01
CA THR F 91 -14.70 43.77 -15.06
C THR F 91 -13.27 44.10 -15.47
N PRO F 92 -13.09 44.67 -16.68
CA PRO F 92 -11.73 45.04 -17.07
C PRO F 92 -11.07 46.00 -16.06
N GLU F 93 -11.80 46.97 -15.54
CA GLU F 93 -11.20 47.92 -14.59
C GLU F 93 -10.84 47.30 -13.23
N ASP F 94 -11.69 46.38 -12.76
CA ASP F 94 -11.42 45.60 -11.56
C ASP F 94 -10.14 44.79 -11.73
N THR F 95 -9.97 44.20 -12.91
CA THR F 95 -8.82 43.36 -13.23
C THR F 95 -7.56 44.19 -13.30
N ARG F 96 -7.65 45.32 -13.99
CA ARG F 96 -6.52 46.24 -14.13
C ARG F 96 -5.98 46.69 -12.77
N GLN F 97 -6.87 47.04 -11.85
CA GLN F 97 -6.47 47.56 -10.54
C GLN F 97 -5.75 46.51 -9.68
N ARG F 98 -6.33 45.32 -9.62
CA ARG F 98 -5.71 44.25 -8.86
C ARG F 98 -4.39 43.81 -9.48
N ALA F 99 -4.36 43.71 -10.80
CA ALA F 99 -3.15 43.28 -11.50
C ALA F 99 -1.96 44.23 -11.30
N LEU F 100 -2.22 45.54 -11.39
CA LEU F 100 -1.16 46.52 -11.23
C LEU F 100 -0.61 46.50 -9.82
N LYS F 101 -1.47 46.30 -8.82
CA LYS F 101 -1.03 46.25 -7.44
C LYS F 101 -0.09 45.07 -7.23
N THR F 102 -0.51 43.91 -7.71
CA THR F 102 0.33 42.72 -7.61
C THR F 102 1.61 42.88 -8.42
N ILE F 103 1.52 43.50 -9.60
CA ILE F 103 2.72 43.78 -10.40
C ILE F 103 3.66 44.70 -9.61
N GLY F 104 3.08 45.61 -8.85
CA GLY F 104 3.85 46.42 -7.92
C GLY F 104 4.60 45.62 -6.87
N MET F 105 3.99 44.56 -6.35
CA MET F 105 4.67 43.73 -5.36
C MET F 105 5.84 42.97 -5.99
N LEU F 106 5.60 42.39 -7.17
CA LEU F 106 6.64 41.68 -7.92
C LEU F 106 7.83 42.59 -8.16
N ARG F 107 7.53 43.79 -8.63
CA ARG F 107 8.54 44.80 -8.86
C ARG F 107 9.35 45.08 -7.59
N ASP F 108 8.64 45.14 -6.45
CA ASP F 108 9.28 45.41 -5.16
C ASP F 108 10.32 44.36 -4.83
N PHE F 109 10.13 43.15 -5.35
CA PHE F 109 11.05 42.06 -5.11
C PHE F 109 11.90 41.68 -6.34
N GLY F 110 12.13 42.67 -7.20
CA GLY F 110 13.07 42.54 -8.30
C GLY F 110 12.64 41.66 -9.46
N VAL F 111 11.34 41.44 -9.60
CA VAL F 111 10.85 40.69 -10.75
C VAL F 111 10.62 41.63 -11.94
N GLN F 112 11.23 41.31 -13.07
CA GLN F 112 11.07 42.13 -14.28
C GLN F 112 10.50 41.33 -15.44
N HIS F 113 10.30 40.04 -15.24
CA HIS F 113 9.75 39.19 -16.30
C HIS F 113 8.66 38.31 -15.70
N VAL F 114 7.48 38.37 -16.30
CA VAL F 114 6.31 37.74 -15.74
C VAL F 114 5.50 37.04 -16.83
N ARG F 115 5.11 35.80 -16.58
CA ARG F 115 4.16 35.13 -17.45
C ARG F 115 2.88 34.92 -16.65
N THR F 116 1.80 35.53 -17.09
CA THR F 116 0.54 35.39 -16.39
C THR F 116 -0.40 34.51 -17.19
N HIS F 117 -1.17 33.71 -16.48
CA HIS F 117 -2.24 32.96 -17.08
C HIS F 117 -3.52 33.77 -16.90
N VAL F 118 -4.39 33.73 -17.89
CA VAL F 118 -5.63 34.48 -17.85
C VAL F 118 -6.74 33.52 -18.27
N ASP F 119 -7.75 33.38 -17.43
CA ASP F 119 -8.86 32.49 -17.75
C ASP F 119 -9.63 33.03 -18.96
N VAL F 120 -9.63 32.26 -20.05
CA VAL F 120 -10.39 32.60 -21.25
C VAL F 120 -11.69 31.80 -21.37
N THR F 121 -12.01 31.02 -20.33
CA THR F 121 -13.33 30.39 -20.28
C THR F 121 -14.35 31.37 -19.72
N ASP F 122 -14.49 32.48 -20.43
CA ASP F 122 -15.33 33.61 -20.06
C ASP F 122 -15.70 34.21 -21.39
N PRO F 123 -16.98 34.11 -21.78
CA PRO F 123 -17.37 34.59 -23.10
C PRO F 123 -17.12 36.09 -23.33
N SER F 124 -16.97 36.88 -22.25
CA SER F 124 -16.66 38.30 -22.39
C SER F 124 -15.18 38.57 -22.66
N LEU F 125 -14.32 37.63 -22.26
CA LEU F 125 -12.86 37.79 -22.35
C LEU F 125 -12.42 39.11 -21.71
N ALA F 126 -13.08 39.46 -20.61
CA ALA F 126 -12.86 40.72 -19.92
C ALA F 126 -11.46 40.88 -19.34
N ALA F 127 -11.01 39.88 -18.58
CA ALA F 127 -9.68 39.96 -17.99
C ALA F 127 -8.59 39.96 -19.06
N LEU F 128 -8.81 39.22 -20.14
CA LEU F 128 -7.83 39.17 -21.23
C LEU F 128 -7.63 40.55 -21.86
N GLN F 129 -8.72 41.24 -22.15
CA GLN F 129 -8.65 42.60 -22.66
C GLN F 129 -7.89 43.52 -21.69
N ALA F 130 -8.20 43.43 -20.41
CA ALA F 130 -7.51 44.23 -19.39
C ALA F 130 -6.02 43.91 -19.31
N LEU F 131 -5.69 42.61 -19.26
CA LEU F 131 -4.28 42.25 -19.13
C LEU F 131 -3.50 42.51 -20.42
N LEU F 132 -4.18 42.50 -21.56
CA LEU F 132 -3.53 42.85 -22.81
C LEU F 132 -3.10 44.32 -22.80
N ALA F 133 -3.91 45.18 -22.17
CA ALA F 133 -3.56 46.59 -21.99
C ALA F 133 -2.57 46.84 -20.84
N VAL F 134 -2.66 46.06 -19.77
CA VAL F 134 -1.69 46.14 -18.67
C VAL F 134 -0.27 45.79 -19.17
N LYS F 135 -0.19 44.85 -20.10
CA LYS F 135 1.10 44.48 -20.71
C LYS F 135 1.83 45.69 -21.30
N GLN F 136 1.07 46.63 -21.83
CA GLN F 136 1.64 47.86 -22.36
C GLN F 136 1.84 48.92 -21.27
N GLU F 137 0.81 49.12 -20.45
CA GLU F 137 0.89 50.11 -19.37
C GLU F 137 2.01 49.80 -18.36
N ALA F 138 2.20 48.52 -18.04
CA ALA F 138 3.19 48.15 -17.04
C ALA F 138 4.58 47.88 -17.63
N ALA F 139 4.75 48.17 -18.92
CA ALA F 139 6.01 47.90 -19.62
C ALA F 139 7.23 48.58 -18.99
N ASP F 140 7.01 49.68 -18.27
CA ASP F 140 8.12 50.38 -17.63
C ASP F 140 8.71 49.62 -16.43
N LEU F 141 8.00 48.58 -15.99
CA LEU F 141 8.38 47.77 -14.85
C LEU F 141 8.70 46.34 -15.24
N ILE F 142 7.87 45.75 -16.10
CA ILE F 142 7.98 44.33 -16.43
C ILE F 142 7.72 44.00 -17.90
N ASP F 143 8.32 42.91 -18.35
CA ASP F 143 7.97 42.32 -19.63
C ASP F 143 6.99 41.20 -19.35
N LEU F 144 5.74 41.38 -19.78
CA LEU F 144 4.67 40.45 -19.42
C LEU F 144 4.34 39.54 -20.60
N GLN F 145 4.23 38.25 -20.35
CA GLN F 145 3.70 37.31 -21.32
C GLN F 145 2.31 36.89 -20.86
N ILE F 146 1.36 36.77 -21.79
CA ILE F 146 0.02 36.36 -21.42
C ILE F 146 -0.33 34.97 -21.99
N VAL F 147 -0.81 34.08 -21.13
CA VAL F 147 -1.22 32.74 -21.54
C VAL F 147 -2.74 32.64 -21.60
N ALA F 148 -3.26 32.21 -22.74
CA ALA F 148 -4.67 31.91 -22.85
C ALA F 148 -4.94 30.59 -22.12
N PHE F 149 -5.52 30.68 -20.93
CA PHE F 149 -5.65 29.55 -20.03
C PHE F 149 -7.11 29.16 -19.90
N PRO F 150 -7.48 27.96 -20.39
CA PRO F 150 -8.89 27.58 -20.34
C PRO F 150 -9.22 26.89 -19.02
N GLN F 151 -9.41 27.69 -17.97
CA GLN F 151 -9.59 27.16 -16.61
C GLN F 151 -10.64 26.05 -16.51
N GLU F 152 -11.76 26.23 -17.18
CA GLU F 152 -12.85 25.27 -17.08
C GLU F 152 -12.80 24.22 -18.19
N GLY F 153 -11.65 24.13 -18.84
CA GLY F 153 -11.40 23.10 -19.83
C GLY F 153 -11.68 23.58 -21.24
N ILE F 154 -11.08 22.89 -22.21
CA ILE F 154 -11.29 23.23 -23.60
C ILE F 154 -12.47 22.45 -24.15
N GLU F 155 -12.52 21.15 -23.88
CA GLU F 155 -13.49 20.27 -24.53
C GLU F 155 -14.87 20.21 -23.88
N SER F 156 -14.98 20.59 -22.61
CA SER F 156 -16.29 20.58 -21.96
C SER F 156 -16.67 21.90 -21.32
N TYR F 157 -16.20 22.98 -21.91
CA TYR F 157 -16.74 24.32 -21.65
C TYR F 157 -17.31 24.77 -23.00
N PRO F 158 -18.49 25.42 -22.97
CA PRO F 158 -19.14 25.90 -24.21
C PRO F 158 -18.23 26.80 -25.04
N ASN F 159 -18.06 26.46 -26.32
CA ASN F 159 -17.19 27.20 -27.23
C ASN F 159 -15.76 27.31 -26.76
N GLY F 160 -15.30 26.33 -25.98
CA GLY F 160 -13.95 26.29 -25.47
C GLY F 160 -12.91 26.47 -26.56
N ARG F 161 -13.02 25.71 -27.64
CA ARG F 161 -12.03 25.78 -28.72
C ARG F 161 -12.05 27.16 -29.38
N GLU F 162 -13.25 27.70 -29.58
CA GLU F 162 -13.40 28.99 -30.21
C GLU F 162 -12.87 30.12 -29.31
N LEU F 163 -13.09 30.01 -28.00
CA LEU F 163 -12.60 31.02 -27.07
C LEU F 163 -11.07 31.03 -27.00
N MET F 164 -10.45 29.85 -26.99
CA MET F 164 -8.99 29.74 -27.05
C MET F 164 -8.44 30.40 -28.31
N THR F 165 -9.07 30.10 -29.45
CA THR F 165 -8.65 30.66 -30.74
C THR F 165 -8.79 32.18 -30.74
N ARG F 166 -9.89 32.67 -30.21
CA ARG F 166 -10.15 34.11 -30.16
C ARG F 166 -9.13 34.82 -29.29
N ALA F 167 -8.81 34.21 -28.14
CA ALA F 167 -7.83 34.75 -27.22
C ALA F 167 -6.46 34.91 -27.89
N ILE F 168 -6.06 33.87 -28.61
CA ILE F 168 -4.80 33.91 -29.36
C ILE F 168 -4.82 35.02 -30.41
N GLU F 169 -5.94 35.16 -31.12
CA GLU F 169 -6.06 36.18 -32.17
C GLU F 169 -6.09 37.59 -31.60
N MET F 170 -6.60 37.75 -30.38
CA MET F 170 -6.58 39.03 -29.71
C MET F 170 -5.16 39.39 -29.24
N GLY F 171 -4.26 38.41 -29.23
CA GLY F 171 -2.86 38.70 -28.96
C GLY F 171 -2.18 37.98 -27.81
N ALA F 172 -2.80 36.93 -27.28
CA ALA F 172 -2.14 36.17 -26.22
C ALA F 172 -0.85 35.55 -26.79
N ASP F 173 0.21 35.56 -25.99
CA ASP F 173 1.54 35.08 -26.43
C ASP F 173 1.66 33.57 -26.36
N VAL F 174 0.90 32.97 -25.46
CA VAL F 174 1.10 31.59 -25.08
C VAL F 174 -0.23 30.85 -25.05
N VAL F 175 -0.22 29.60 -25.48
CA VAL F 175 -1.39 28.76 -25.44
C VAL F 175 -1.32 27.88 -24.19
N GLY F 176 -2.37 27.92 -23.37
CA GLY F 176 -2.41 27.10 -22.17
C GLY F 176 -3.34 25.91 -22.33
N GLY F 177 -3.52 25.15 -21.26
CA GLY F 177 -4.42 24.00 -21.29
C GLY F 177 -4.53 23.43 -19.91
N ILE F 178 -5.41 22.44 -19.72
CA ILE F 178 -5.61 21.84 -18.40
C ILE F 178 -6.16 20.40 -18.54
N PRO F 179 -5.39 19.50 -19.18
CA PRO F 179 -5.97 18.21 -19.61
C PRO F 179 -6.50 17.32 -18.47
N HIS F 180 -5.94 17.41 -17.27
CA HIS F 180 -6.37 16.58 -16.14
C HIS F 180 -7.74 17.02 -15.62
N TYR F 181 -8.17 18.22 -16.00
CA TYR F 181 -9.49 18.73 -15.59
C TYR F 181 -10.56 18.45 -16.65
N GLU F 182 -10.17 18.02 -17.85
CA GLU F 182 -11.17 17.67 -18.85
C GLU F 182 -12.00 16.50 -18.29
N ASN F 183 -13.21 16.33 -18.81
CA ASN F 183 -14.18 15.44 -18.17
C ASN F 183 -13.88 13.95 -18.32
N THR F 184 -13.16 13.59 -19.38
CA THR F 184 -12.75 12.21 -19.57
C THR F 184 -11.31 12.18 -20.00
N ARG F 185 -10.70 11.00 -19.91
CA ARG F 185 -9.34 10.82 -20.36
C ARG F 185 -9.20 11.16 -21.84
N ASP F 186 -10.14 10.70 -22.66
CA ASP F 186 -10.01 10.92 -24.10
C ASP F 186 -10.07 12.42 -24.45
N LYS F 187 -10.90 13.16 -23.72
CA LYS F 187 -10.99 14.61 -23.92
C LYS F 187 -9.76 15.35 -23.40
N GLY F 188 -9.12 14.79 -22.38
CA GLY F 188 -7.83 15.32 -21.94
C GLY F 188 -6.82 15.19 -23.07
N VAL F 189 -6.80 14.03 -23.72
CA VAL F 189 -5.86 13.80 -24.81
C VAL F 189 -6.17 14.71 -26.00
N SER F 190 -7.43 14.77 -26.42
CA SER F 190 -7.79 15.62 -27.55
C SER F 190 -7.54 17.10 -27.26
N SER F 191 -7.62 17.51 -25.99
CA SER F 191 -7.39 18.90 -25.67
C SER F 191 -5.92 19.26 -25.90
N VAL F 192 -5.03 18.32 -25.62
CA VAL F 192 -3.60 18.54 -25.85
C VAL F 192 -3.28 18.58 -27.34
N MET F 193 -3.89 17.69 -28.11
CA MET F 193 -3.72 17.71 -29.57
C MET F 193 -4.16 19.04 -30.16
N PHE F 194 -5.31 19.52 -29.72
CA PHE F 194 -5.83 20.80 -30.18
C PHE F 194 -4.94 21.97 -29.80
N LEU F 195 -4.52 22.03 -28.54
CA LEU F 195 -3.77 23.19 -28.09
C LEU F 195 -2.38 23.24 -28.73
N MET F 196 -1.78 22.06 -28.96
CA MET F 196 -0.50 22.03 -29.69
C MET F 196 -0.66 22.45 -31.14
N ASP F 197 -1.70 21.95 -31.82
CA ASP F 197 -1.97 22.40 -33.19
C ASP F 197 -2.19 23.91 -33.25
N LEU F 198 -2.92 24.43 -32.27
CA LEU F 198 -3.22 25.87 -32.21
C LEU F 198 -1.94 26.71 -32.06
N ALA F 199 -1.11 26.37 -31.07
CA ALA F 199 0.15 27.08 -30.88
C ALA F 199 1.06 27.02 -32.10
N GLN F 200 1.19 25.84 -32.69
CA GLN F 200 2.07 25.65 -33.82
C GLN F 200 1.59 26.45 -35.05
N ARG F 201 0.29 26.39 -35.33
N ARG F 201 0.30 26.38 -35.33
CA ARG F 201 -0.27 27.11 -36.47
CA ARG F 201 -0.28 27.12 -36.46
C ARG F 201 -0.19 28.63 -36.30
C ARG F 201 -0.14 28.63 -36.30
N TYR F 202 -0.24 29.09 -35.06
CA TYR F 202 -0.22 30.53 -34.78
C TYR F 202 1.17 31.03 -34.39
N GLY F 203 2.12 30.12 -34.24
CA GLY F 203 3.48 30.49 -33.86
C GLY F 203 3.54 31.04 -32.44
N ARG F 204 2.86 30.37 -31.52
CA ARG F 204 2.89 30.81 -30.13
C ARG F 204 3.63 29.81 -29.26
N LEU F 205 4.05 30.26 -28.07
CA LEU F 205 4.59 29.34 -27.08
C LEU F 205 3.46 28.53 -26.47
N VAL F 206 3.82 27.52 -25.68
CA VAL F 206 2.86 26.68 -24.97
C VAL F 206 3.24 26.61 -23.49
N ASP F 207 2.25 26.76 -22.61
CA ASP F 207 2.47 26.50 -21.16
C ASP F 207 1.21 25.91 -20.58
N VAL F 208 1.26 24.63 -20.25
CA VAL F 208 0.08 23.85 -19.91
C VAL F 208 0.06 23.47 -18.43
N HIS F 209 -1.05 23.74 -17.74
CA HIS F 209 -1.28 23.20 -16.41
C HIS F 209 -1.45 21.70 -16.59
N CYS F 210 -0.41 20.94 -16.29
CA CYS F 210 -0.37 19.55 -16.68
C CYS F 210 -0.35 18.66 -15.44
N ASP F 211 -1.40 17.87 -15.26
CA ASP F 211 -1.47 16.89 -14.18
C ASP F 211 -1.34 17.51 -12.78
N GLU F 212 -2.06 18.61 -12.53
CA GLU F 212 -2.06 19.23 -11.19
C GLU F 212 -3.02 18.51 -10.27
N ILE F 213 -2.68 17.27 -9.93
CA ILE F 213 -3.56 16.40 -9.18
C ILE F 213 -2.71 15.21 -8.67
N ASP F 214 -3.10 14.60 -7.56
CA ASP F 214 -2.29 13.53 -6.97
C ASP F 214 -2.58 12.14 -7.57
N ASP F 215 -3.42 12.10 -8.60
CA ASP F 215 -3.77 10.83 -9.28
C ASP F 215 -2.58 10.25 -10.06
N PRO F 216 -2.09 9.07 -9.64
CA PRO F 216 -0.96 8.48 -10.36
C PRO F 216 -1.32 8.02 -11.79
N GLN F 217 -2.62 8.00 -12.10
CA GLN F 217 -3.06 7.70 -13.46
C GLN F 217 -3.12 8.97 -14.33
N SER F 218 -2.88 10.14 -13.73
CA SER F 218 -2.89 11.36 -14.53
C SER F 218 -1.58 11.52 -15.28
N ARG F 219 -1.60 11.10 -16.55
CA ARG F 219 -0.38 11.01 -17.37
C ARG F 219 -0.48 11.79 -18.67
N PHE F 220 -1.00 13.02 -18.60
CA PHE F 220 -1.09 13.82 -19.82
C PHE F 220 0.26 14.40 -20.22
N LEU F 221 1.19 14.46 -19.28
CA LEU F 221 2.55 14.91 -19.58
C LEU F 221 3.18 14.14 -20.77
N GLU F 222 3.00 12.82 -20.81
CA GLU F 222 3.60 12.03 -21.89
C GLU F 222 3.07 12.49 -23.25
N VAL F 223 1.80 12.85 -23.31
CA VAL F 223 1.19 13.30 -24.55
C VAL F 223 1.75 14.65 -24.98
N LEU F 224 1.86 15.57 -24.02
CA LEU F 224 2.38 16.91 -24.27
C LEU F 224 3.82 16.84 -24.75
N ALA F 225 4.63 16.08 -24.03
CA ALA F 225 6.04 15.93 -24.36
C ALA F 225 6.23 15.27 -25.71
N GLU F 226 5.43 14.25 -26.03
CA GLU F 226 5.53 13.58 -27.32
C GLU F 226 5.13 14.50 -28.47
N GLU F 227 4.08 15.30 -28.25
CA GLU F 227 3.68 16.29 -29.26
C GLU F 227 4.77 17.33 -29.48
N ALA F 228 5.39 17.77 -28.39
CA ALA F 228 6.46 18.76 -28.51
C ALA F 228 7.65 18.16 -29.26
N ARG F 229 7.93 16.89 -28.99
CA ARG F 229 9.04 16.23 -29.65
C ARG F 229 8.82 16.06 -31.16
N VAL F 230 7.69 15.46 -31.53
CA VAL F 230 7.40 15.18 -32.94
C VAL F 230 7.27 16.46 -33.75
N ARG F 231 6.79 17.54 -33.15
CA ARG F 231 6.67 18.82 -33.84
C ARG F 231 7.94 19.66 -33.81
N GLY F 232 8.95 19.21 -33.06
CA GLY F 232 10.17 19.97 -32.92
C GLY F 232 10.00 21.30 -32.21
N MET F 233 9.08 21.39 -31.26
CA MET F 233 8.87 22.67 -30.58
C MET F 233 9.19 22.62 -29.08
N GLY F 234 10.00 21.64 -28.68
CA GLY F 234 10.33 21.45 -27.28
C GLY F 234 10.69 22.71 -26.51
N ALA F 235 11.61 23.49 -27.04
CA ALA F 235 12.08 24.68 -26.33
C ALA F 235 10.95 25.70 -26.08
N GLN F 236 9.90 25.63 -26.88
CA GLN F 236 8.79 26.59 -26.76
C GLN F 236 7.64 26.04 -25.91
N VAL F 237 7.86 24.88 -25.31
CA VAL F 237 6.82 24.23 -24.51
C VAL F 237 7.22 24.10 -23.04
N THR F 238 6.28 24.46 -22.17
CA THR F 238 6.47 24.32 -20.73
C THR F 238 5.31 23.52 -20.14
N ALA F 239 5.66 22.57 -19.26
CA ALA F 239 4.67 21.85 -18.50
C ALA F 239 4.67 22.41 -17.09
N SER F 240 3.56 23.03 -16.70
CA SER F 240 3.42 23.56 -15.34
C SER F 240 2.84 22.54 -14.37
N HIS F 241 3.31 22.60 -13.13
CA HIS F 241 2.88 21.74 -12.02
C HIS F 241 3.42 20.31 -12.07
N THR F 242 2.84 19.49 -12.96
CA THR F 242 3.11 18.05 -13.03
C THR F 242 3.19 17.38 -11.64
N CYS F 243 2.29 17.79 -10.75
CA CYS F 243 2.25 17.24 -9.40
C CYS F 243 2.08 15.72 -9.39
N ALA F 244 1.30 15.19 -10.34
CA ALA F 244 1.10 13.74 -10.41
C ALA F 244 2.43 12.95 -10.52
N MET F 245 3.45 13.56 -11.12
CA MET F 245 4.73 12.89 -11.29
C MET F 245 5.32 12.51 -9.92
N GLY F 246 4.96 13.28 -8.89
CA GLY F 246 5.37 12.97 -7.53
C GLY F 246 4.64 11.77 -6.98
N SER F 247 3.70 11.22 -7.75
CA SER F 247 3.01 10.02 -7.30
C SER F 247 3.16 8.87 -8.31
N TYR F 248 3.90 9.11 -9.39
CA TYR F 248 4.02 8.11 -10.47
C TYR F 248 4.66 6.80 -10.00
N ASP F 249 4.16 5.69 -10.57
CA ASP F 249 4.90 4.44 -10.54
C ASP F 249 6.35 4.70 -10.95
N ASN F 250 7.32 4.14 -10.23
CA ASN F 250 8.71 4.50 -10.49
C ASN F 250 9.31 3.91 -11.75
N ALA F 251 8.84 2.73 -12.16
CA ALA F 251 9.29 2.13 -13.42
C ALA F 251 8.80 2.97 -14.61
N TYR F 252 7.52 3.34 -14.59
CA TYR F 252 6.97 4.20 -15.62
C TYR F 252 7.73 5.52 -15.65
N CYS F 253 8.00 6.11 -14.49
CA CYS F 253 8.60 7.44 -14.47
C CYS F 253 10.00 7.42 -15.06
N SER F 254 10.74 6.35 -14.80
CA SER F 254 12.06 6.19 -15.39
C SER F 254 12.01 6.10 -16.94
N LYS F 255 11.07 5.33 -17.47
CA LYS F 255 10.84 5.30 -18.91
C LYS F 255 10.49 6.70 -19.43
N LEU F 256 9.58 7.36 -18.72
CA LEU F 256 9.08 8.67 -19.10
C LEU F 256 10.18 9.72 -19.24
N PHE F 257 11.14 9.70 -18.32
CA PHE F 257 12.24 10.65 -18.33
C PHE F 257 13.00 10.65 -19.64
N ARG F 258 13.10 9.49 -20.27
CA ARG F 258 13.78 9.40 -21.57
C ARG F 258 13.06 10.29 -22.59
N LEU F 259 11.74 10.20 -22.64
CA LEU F 259 10.95 11.07 -23.52
C LEU F 259 11.04 12.54 -23.10
N LEU F 260 11.00 12.79 -21.79
CA LEU F 260 11.06 14.18 -21.32
C LEU F 260 12.37 14.85 -21.78
N LYS F 261 13.49 14.13 -21.68
CA LYS F 261 14.77 14.69 -22.13
C LYS F 261 14.85 14.89 -23.65
N ALA F 262 14.37 13.91 -24.41
CA ALA F 262 14.39 14.02 -25.86
C ALA F 262 13.48 15.15 -26.36
N SER F 263 12.43 15.45 -25.61
CA SER F 263 11.45 16.43 -26.07
C SER F 263 11.97 17.86 -25.93
N GLY F 264 12.78 18.08 -24.90
CA GLY F 264 13.36 19.39 -24.68
C GLY F 264 12.44 20.41 -24.02
N ILE F 265 11.29 19.95 -23.51
CA ILE F 265 10.36 20.88 -22.84
C ILE F 265 10.86 21.34 -21.48
N ASN F 266 10.28 22.44 -21.00
CA ASN F 266 10.58 22.99 -19.68
C ASN F 266 9.55 22.60 -18.64
N PHE F 267 9.95 22.72 -17.37
CA PHE F 267 9.06 22.45 -16.25
C PHE F 267 9.02 23.62 -15.27
N ILE F 268 7.82 23.90 -14.77
CA ILE F 268 7.64 24.87 -13.72
C ILE F 268 6.96 24.20 -12.55
N SER F 269 7.52 24.41 -11.36
CA SER F 269 6.97 23.89 -10.12
C SER F 269 6.59 25.06 -9.22
N CYS F 270 5.48 24.91 -8.51
CA CYS F 270 4.95 25.95 -7.62
C CYS F 270 4.82 25.32 -6.24
N PRO F 271 5.94 25.26 -5.51
CA PRO F 271 6.00 24.44 -4.29
C PRO F 271 5.10 24.95 -3.16
N THR F 272 4.99 26.26 -2.95
CA THR F 272 4.12 26.75 -1.87
C THR F 272 2.68 26.52 -2.24
N GLU F 273 2.38 26.66 -3.53
CA GLU F 273 1.04 26.43 -3.99
C GLU F 273 0.71 24.96 -3.81
N SER F 274 1.59 24.08 -4.27
CA SER F 274 1.29 22.65 -4.29
C SER F 274 1.31 21.99 -2.91
N ILE F 275 2.20 22.45 -2.03
CA ILE F 275 2.20 21.92 -0.67
C ILE F 275 0.86 22.23 0.02
N HIS F 276 0.24 23.33 -0.38
CA HIS F 276 -1.04 23.76 0.17
C HIS F 276 -2.21 22.98 -0.46
N LEU F 277 -2.21 22.86 -1.78
CA LEU F 277 -3.32 22.24 -2.51
C LEU F 277 -3.24 20.72 -2.60
N GLN F 278 -2.02 20.17 -2.63
CA GLN F 278 -1.85 18.73 -2.80
C GLN F 278 -1.83 18.01 -1.46
N GLY F 279 -1.96 16.69 -1.50
CA GLY F 279 -1.98 15.90 -0.28
C GLY F 279 -3.31 15.97 0.45
N ARG F 280 -4.30 16.66 -0.12
CA ARG F 280 -5.54 16.90 0.61
C ARG F 280 -6.44 15.68 0.62
N PHE F 281 -6.17 14.72 -0.26
CA PHE F 281 -7.04 13.55 -0.34
C PHE F 281 -6.43 12.29 0.28
N ASP F 282 -5.23 12.45 0.86
CA ASP F 282 -4.60 11.43 1.69
C ASP F 282 -5.05 11.65 3.13
N SER F 283 -4.98 10.60 3.94
CA SER F 283 -5.03 10.83 5.37
C SER F 283 -3.56 10.91 5.84
N TRP F 284 -3.03 9.78 6.27
CA TRP F 284 -1.66 9.70 6.79
C TRP F 284 -1.10 8.32 6.41
N PRO F 285 0.15 8.27 5.93
CA PRO F 285 1.04 9.40 5.64
C PRO F 285 0.53 10.31 4.52
N LYS F 286 0.99 11.54 4.52
CA LYS F 286 0.44 12.55 3.64
C LYS F 286 1.52 12.96 2.64
N ARG F 287 1.23 12.82 1.37
CA ARG F 287 2.27 13.05 0.38
C ARG F 287 2.55 14.54 0.20
N ARG F 288 3.75 14.84 -0.27
CA ARG F 288 4.12 16.21 -0.62
C ARG F 288 3.34 16.73 -1.83
N GLY F 289 3.20 15.89 -2.86
CA GLY F 289 2.44 16.29 -4.05
C GLY F 289 3.15 17.29 -4.96
N VAL F 290 4.48 17.32 -4.85
CA VAL F 290 5.27 18.19 -5.71
C VAL F 290 5.98 17.33 -6.75
N THR F 291 6.17 17.87 -7.94
CA THR F 291 6.86 17.13 -8.99
C THR F 291 8.32 16.84 -8.61
N ARG F 292 8.97 15.98 -9.39
CA ARG F 292 10.31 15.48 -9.06
C ARG F 292 11.40 16.47 -9.52
N VAL F 293 11.41 17.65 -8.92
CA VAL F 293 12.27 18.75 -9.36
C VAL F 293 13.75 18.41 -9.37
N ALA F 294 14.24 17.82 -8.28
CA ALA F 294 15.66 17.54 -8.16
C ALA F 294 16.07 16.55 -9.24
N GLU F 295 15.21 15.58 -9.49
CA GLU F 295 15.51 14.50 -10.42
C GLU F 295 15.47 15.04 -11.85
N LEU F 296 14.53 15.94 -12.12
CA LEU F 296 14.47 16.59 -13.44
C LEU F 296 15.78 17.34 -13.70
N ASP F 297 16.19 18.12 -12.70
CA ASP F 297 17.41 18.91 -12.84
C ASP F 297 18.66 18.04 -13.05
N ARG F 298 18.79 16.96 -12.28
CA ARG F 298 19.95 16.07 -12.44
C ARG F 298 20.00 15.40 -13.81
N ALA F 299 18.84 15.28 -14.44
CA ALA F 299 18.74 14.69 -15.77
C ALA F 299 19.06 15.73 -16.85
N GLY F 300 19.35 16.95 -16.43
CA GLY F 300 19.64 18.01 -17.37
C GLY F 300 18.39 18.60 -17.99
N ILE F 301 17.23 18.33 -17.38
CA ILE F 301 15.97 18.93 -17.80
C ILE F 301 15.75 20.28 -17.10
N ASN F 302 15.32 21.28 -17.87
CA ASN F 302 15.15 22.61 -17.32
C ASN F 302 13.90 22.72 -16.44
N VAL F 303 14.10 23.09 -15.18
CA VAL F 303 13.00 23.24 -14.23
C VAL F 303 13.20 24.51 -13.40
N CYS F 304 12.10 25.14 -12.98
CA CYS F 304 12.19 26.38 -12.23
C CYS F 304 11.00 26.53 -11.29
N PHE F 305 11.06 27.53 -10.42
CA PHE F 305 10.05 27.73 -9.38
C PHE F 305 9.21 28.97 -9.67
N ALA F 306 7.95 28.95 -9.24
CA ALA F 306 7.05 30.07 -9.44
C ALA F 306 6.11 30.24 -8.24
N GLN F 307 5.53 31.44 -8.10
CA GLN F 307 4.62 31.75 -6.98
C GLN F 307 3.19 31.29 -7.22
N ASP F 308 2.79 31.28 -8.49
CA ASP F 308 1.46 30.83 -8.91
C ASP F 308 0.30 31.75 -8.52
N SER F 309 0.06 31.90 -7.22
CA SER F 309 -1.10 32.67 -6.74
C SER F 309 -0.69 33.69 -5.70
N ILE F 310 -1.31 34.86 -5.73
CA ILE F 310 -1.18 35.82 -4.66
C ILE F 310 -2.56 36.28 -4.17
N GLN F 311 -2.92 35.82 -2.97
CA GLN F 311 -4.19 36.13 -2.31
C GLN F 311 -5.40 35.93 -3.21
N ASP F 312 -5.60 34.70 -3.68
CA ASP F 312 -6.64 34.42 -4.66
C ASP F 312 -7.52 33.22 -4.22
N PRO F 313 -8.43 32.71 -5.10
CA PRO F 313 -9.25 31.59 -4.61
C PRO F 313 -8.48 30.32 -4.20
N TRP F 314 -7.25 30.15 -4.67
CA TRP F 314 -6.48 28.93 -4.37
C TRP F 314 -5.45 29.09 -3.25
N TYR F 315 -5.07 30.32 -2.92
CA TYR F 315 -3.94 30.53 -2.00
C TYR F 315 -4.08 31.88 -1.30
N PRO F 316 -4.19 31.86 0.04
CA PRO F 316 -4.54 33.08 0.78
C PRO F 316 -3.36 34.00 1.08
N LEU F 317 -2.15 33.55 0.81
CA LEU F 317 -0.98 34.37 1.14
C LEU F 317 -0.34 34.94 -0.11
N GLY F 318 0.93 35.33 0.00
CA GLY F 318 1.66 35.86 -1.14
C GLY F 318 2.01 37.32 -0.94
N ASN F 319 3.25 37.67 -1.28
CA ASN F 319 3.71 39.05 -1.17
C ASN F 319 4.63 39.46 -2.33
N GLY F 320 4.82 38.55 -3.28
CA GLY F 320 5.61 38.88 -4.47
C GLY F 320 7.05 38.40 -4.40
N ASN F 321 7.48 37.93 -3.24
CA ASN F 321 8.88 37.58 -3.04
C ASN F 321 9.22 36.17 -3.51
N ILE F 322 9.81 36.09 -4.69
CA ILE F 322 10.16 34.80 -5.28
C ILE F 322 11.19 34.02 -4.45
N LEU F 323 11.99 34.71 -3.63
CA LEU F 323 12.99 33.99 -2.79
C LEU F 323 12.35 33.14 -1.71
N ARG F 324 11.12 33.48 -1.32
CA ARG F 324 10.41 32.71 -0.32
C ARG F 324 10.04 31.39 -0.99
N ILE F 325 9.65 31.48 -2.26
CA ILE F 325 9.30 30.31 -3.05
C ILE F 325 10.47 29.36 -3.23
N LEU F 326 11.64 29.95 -3.54
CA LEU F 326 12.88 29.20 -3.69
C LEU F 326 13.18 28.43 -2.41
N ASP F 327 13.08 29.12 -1.28
CA ASP F 327 13.29 28.51 0.03
C ASP F 327 12.40 27.28 0.21
N ALA F 328 11.09 27.46 0.03
CA ALA F 328 10.15 26.35 0.18
C ALA F 328 10.47 25.19 -0.77
N GLY F 329 10.82 25.52 -2.00
CA GLY F 329 11.06 24.51 -3.01
C GLY F 329 12.26 23.65 -2.71
N LEU F 330 13.37 24.29 -2.31
CA LEU F 330 14.57 23.57 -1.92
C LEU F 330 14.36 22.65 -0.71
N HIS F 331 13.49 23.07 0.22
CA HIS F 331 13.17 22.20 1.35
C HIS F 331 12.31 21.02 0.92
N ILE F 332 11.22 21.33 0.23
CA ILE F 332 10.23 20.31 -0.09
C ILE F 332 10.77 19.30 -1.08
N CYS F 333 11.64 19.75 -1.99
CA CYS F 333 12.15 18.86 -3.03
C CYS F 333 13.46 18.17 -2.63
N HIS F 334 13.86 18.30 -1.36
CA HIS F 334 15.11 17.71 -0.87
C HIS F 334 16.33 18.19 -1.68
N MET F 335 16.47 19.50 -1.81
CA MET F 335 17.57 20.08 -2.54
C MET F 335 18.39 21.03 -1.69
N LEU F 336 18.68 20.62 -0.46
CA LEU F 336 19.51 21.43 0.41
C LEU F 336 20.94 20.90 0.45
N GLY F 337 21.34 20.14 -0.58
CA GLY F 337 22.71 19.70 -0.71
C GLY F 337 23.62 20.91 -0.89
N TYR F 338 24.90 20.74 -0.55
CA TYR F 338 25.88 21.82 -0.71
C TYR F 338 25.93 22.33 -2.14
N ASP F 339 26.01 21.41 -3.11
N ASP F 339 26.00 21.38 -3.09
CA ASP F 339 26.07 21.81 -4.51
CA ASP F 339 26.03 21.70 -4.51
C ASP F 339 24.77 22.48 -4.98
C ASP F 339 24.78 22.45 -4.97
N ASP F 340 23.63 22.04 -4.46
CA ASP F 340 22.34 22.68 -4.80
C ASP F 340 22.34 24.14 -4.35
N LEU F 341 22.68 24.37 -3.08
CA LEU F 341 22.63 25.69 -2.48
C LEU F 341 23.56 26.69 -3.17
N GLN F 342 24.68 26.21 -3.69
CA GLN F 342 25.70 27.07 -4.31
C GLN F 342 25.21 27.66 -5.64
N ARG F 343 24.19 27.03 -6.23
CA ARG F 343 23.69 27.43 -7.55
C ARG F 343 22.16 27.62 -7.56
N CYS F 344 21.54 27.63 -6.38
CA CYS F 344 20.07 27.63 -6.29
C CYS F 344 19.38 28.81 -7.00
N LEU F 345 20.10 29.94 -7.17
CA LEU F 345 19.51 31.07 -7.88
C LEU F 345 19.11 30.76 -9.34
N ASP F 346 19.72 29.72 -9.93
CA ASP F 346 19.33 29.27 -11.26
C ASP F 346 17.82 29.06 -11.36
N PHE F 347 17.24 28.54 -10.29
CA PHE F 347 15.82 28.13 -10.34
C PHE F 347 14.84 29.30 -10.39
N VAL F 348 15.32 30.51 -10.15
CA VAL F 348 14.46 31.69 -10.19
C VAL F 348 14.99 32.78 -11.12
N THR F 349 16.03 32.44 -11.87
CA THR F 349 16.60 33.37 -12.84
C THR F 349 16.80 32.69 -14.19
N ASP F 350 17.97 32.09 -14.39
CA ASP F 350 18.35 31.49 -15.67
C ASP F 350 17.35 30.46 -16.20
N ASN F 351 16.96 29.51 -15.37
CA ASN F 351 16.07 28.45 -15.81
C ASN F 351 14.72 29.00 -16.21
N SER F 352 14.26 29.99 -15.46
CA SER F 352 12.97 30.63 -15.69
C SER F 352 13.01 31.47 -16.98
N ALA F 353 14.12 32.16 -17.19
CA ALA F 353 14.31 32.91 -18.44
C ALA F 353 14.29 31.98 -19.66
N ARG F 354 14.94 30.83 -19.54
CA ARG F 354 14.88 29.83 -20.61
C ARG F 354 13.44 29.33 -20.83
N ALA F 355 12.71 29.08 -19.76
CA ALA F 355 11.31 28.66 -19.86
C ALA F 355 10.47 29.68 -20.65
N LEU F 356 10.80 30.97 -20.47
CA LEU F 356 10.05 32.03 -21.12
C LEU F 356 10.61 32.42 -22.47
N CYS F 357 11.66 31.71 -22.90
CA CYS F 357 12.34 31.97 -24.17
C CYS F 357 12.81 33.40 -24.33
N LEU F 358 13.43 33.96 -23.30
CA LEU F 358 13.89 35.34 -23.34
C LEU F 358 15.13 35.55 -24.19
N GLY F 359 15.90 34.50 -24.41
CA GLY F 359 17.07 34.59 -25.27
C GLY F 359 18.03 35.68 -24.85
N ASP F 360 18.47 36.48 -25.82
CA ASP F 360 19.46 37.51 -25.54
C ASP F 360 18.85 38.77 -24.95
N ASN F 361 17.58 38.69 -24.55
CA ASN F 361 16.95 39.79 -23.83
C ASN F 361 17.13 39.63 -22.32
N TYR F 362 17.93 38.64 -21.94
CA TYR F 362 18.13 38.30 -20.54
C TYR F 362 19.57 37.89 -20.31
N GLY F 363 20.08 38.17 -19.11
CA GLY F 363 21.43 37.78 -18.74
C GLY F 363 22.41 38.94 -18.77
N LEU F 364 23.41 38.87 -17.90
CA LEU F 364 24.43 39.90 -17.84
C LEU F 364 25.55 39.58 -18.82
N ALA F 365 25.41 40.10 -20.03
CA ALA F 365 26.40 39.94 -21.10
C ALA F 365 26.37 41.19 -21.95
N GLU F 366 27.53 41.55 -22.50
CA GLU F 366 27.63 42.71 -23.38
C GLU F 366 26.68 42.62 -24.56
N GLY F 367 25.95 43.70 -24.83
CA GLY F 367 25.01 43.73 -25.92
C GLY F 367 23.58 43.49 -25.49
N ARG F 368 23.41 42.80 -24.37
CA ARG F 368 22.09 42.49 -23.83
C ARG F 368 21.56 43.67 -23.02
N PRO F 369 20.22 43.77 -22.88
CA PRO F 369 19.67 44.94 -22.20
C PRO F 369 20.16 45.10 -20.77
N ALA F 370 20.24 46.35 -20.32
CA ALA F 370 20.73 46.69 -19.00
C ALA F 370 19.60 46.55 -17.97
N ASN F 371 19.19 45.30 -17.76
CA ASN F 371 18.24 44.93 -16.72
C ASN F 371 18.92 44.07 -15.67
N LEU F 372 19.10 44.61 -14.46
CA LEU F 372 19.73 43.81 -13.42
C LEU F 372 19.35 44.27 -12.01
N LEU F 373 19.70 43.45 -11.02
CA LEU F 373 19.47 43.75 -9.60
C LEU F 373 20.79 43.69 -8.85
N ILE F 374 20.87 44.45 -7.76
CA ILE F 374 21.94 44.23 -6.79
C ILE F 374 21.32 43.66 -5.52
N LEU F 375 21.68 42.42 -5.20
CA LEU F 375 21.13 41.70 -4.04
C LEU F 375 21.95 41.98 -2.78
N ASP F 376 21.32 41.94 -1.62
CA ASP F 376 22.04 42.15 -0.37
C ASP F 376 22.71 40.84 0.08
N ALA F 377 23.55 40.28 -0.78
CA ALA F 377 24.25 39.03 -0.50
C ALA F 377 25.42 38.88 -1.45
N GLU F 378 26.31 37.94 -1.16
CA GLU F 378 27.54 37.79 -1.96
C GLU F 378 27.53 36.54 -2.83
N ASN F 379 26.54 35.68 -2.60
CA ASN F 379 26.46 34.40 -3.31
C ASN F 379 25.06 33.80 -3.14
N ASP F 380 24.79 32.73 -3.88
CA ASP F 380 23.49 32.09 -3.87
C ASP F 380 23.09 31.60 -2.48
N TYR F 381 24.03 31.01 -1.74
CA TYR F 381 23.72 30.46 -0.43
C TYR F 381 23.25 31.54 0.54
N GLU F 382 23.99 32.62 0.65
CA GLU F 382 23.59 33.69 1.57
C GLU F 382 22.29 34.37 1.12
N ALA F 383 22.10 34.47 -0.20
CA ALA F 383 20.90 35.06 -0.74
C ALA F 383 19.66 34.33 -0.24
N VAL F 384 19.66 33.01 -0.32
CA VAL F 384 18.48 32.26 0.10
C VAL F 384 18.43 32.08 1.63
N ARG F 385 19.59 31.95 2.27
CA ARG F 385 19.67 31.77 3.72
C ARG F 385 19.15 33.00 4.45
N ARG F 386 19.51 34.18 3.96
CA ARG F 386 19.09 35.41 4.62
C ARG F 386 17.84 36.00 3.97
N GLN F 387 17.34 35.37 2.91
CA GLN F 387 16.26 35.95 2.10
C GLN F 387 16.62 37.38 1.75
N ALA F 388 17.78 37.55 1.12
CA ALA F 388 18.38 38.87 0.93
C ALA F 388 17.46 39.82 0.16
N ARG F 389 17.44 41.07 0.58
CA ARG F 389 16.60 42.06 -0.09
C ARG F 389 17.26 42.56 -1.37
N VAL F 390 16.42 42.97 -2.32
CA VAL F 390 16.89 43.65 -3.51
C VAL F 390 17.16 45.10 -3.17
N LEU F 391 18.43 45.50 -3.22
CA LEU F 391 18.81 46.86 -2.88
C LEU F 391 18.59 47.84 -4.03
N THR F 392 18.84 47.36 -5.24
CA THR F 392 18.69 48.19 -6.43
C THR F 392 18.12 47.35 -7.55
N SER F 393 17.21 47.95 -8.32
CA SER F 393 16.68 47.29 -9.49
C SER F 393 16.88 48.23 -10.67
N ILE F 394 17.55 47.73 -11.70
CA ILE F 394 17.82 48.53 -12.88
C ILE F 394 17.10 47.95 -14.09
N ARG F 395 16.37 48.80 -14.81
CA ARG F 395 15.64 48.37 -16.00
C ARG F 395 15.89 49.32 -17.16
N HIS F 396 16.33 48.75 -18.29
CA HIS F 396 16.68 49.53 -19.46
C HIS F 396 17.71 50.61 -19.14
N GLY F 397 18.66 50.28 -18.26
CA GLY F 397 19.72 51.18 -17.90
C GLY F 397 19.33 52.28 -16.92
N LYS F 398 18.14 52.17 -16.33
CA LYS F 398 17.64 53.15 -15.38
C LYS F 398 17.24 52.51 -14.05
N VAL F 399 17.57 53.16 -12.94
CA VAL F 399 17.17 52.67 -11.62
C VAL F 399 15.67 52.85 -11.41
N ILE F 400 14.95 51.76 -11.15
CA ILE F 400 13.51 51.84 -10.90
C ILE F 400 13.13 51.54 -9.44
N LEU F 401 14.09 51.10 -8.65
CA LEU F 401 13.87 50.82 -7.24
C LEU F 401 15.17 50.91 -6.46
N GLN F 402 15.10 51.56 -5.31
CA GLN F 402 16.26 51.69 -4.43
C GLN F 402 15.86 51.44 -2.97
N ARG F 403 16.57 50.55 -2.31
CA ARG F 403 16.31 50.20 -0.93
C ARG F 403 17.56 50.52 -0.13
N GLU F 404 17.40 51.18 1.02
CA GLU F 404 18.51 51.32 1.95
C GLU F 404 18.83 49.94 2.51
N VAL F 405 20.10 49.64 2.67
CA VAL F 405 20.52 48.42 3.35
C VAL F 405 20.04 48.49 4.80
N GLU F 406 19.59 47.36 5.35
CA GLU F 406 18.98 47.35 6.67
C GLU F 406 19.96 47.83 7.76
N HIS F 407 19.45 48.66 8.68
CA HIS F 407 20.27 49.12 9.80
C HIS F 407 19.57 48.86 11.14
N ILE F 408 20.16 47.96 11.92
CA ILE F 408 19.64 47.67 13.25
C ILE F 408 20.48 48.38 14.29
N ARG F 409 19.84 49.07 15.22
CA ARG F 409 20.58 49.68 16.30
C ARG F 409 20.27 49.03 17.65
N TYR F 410 21.29 48.99 18.50
CA TYR F 410 21.22 48.31 19.79
C TYR F 410 21.61 49.30 20.88
N PRO F 411 20.63 50.01 21.46
CA PRO F 411 20.94 51.00 22.50
C PRO F 411 21.24 50.35 23.85
N1 1LD G . -17.92 -1.92 24.20
C6 1LD G . -19.18 -2.02 23.75
C2 1LD G . -16.90 -2.27 23.39
O2 1LD G . -15.61 -2.16 23.83
N3 1LD G . -17.11 -2.72 22.14
C4 1LD G . -18.36 -2.84 21.64
N4 1LD G . -18.55 -3.31 20.32
C5 1LD G . -19.45 -2.48 22.46
F 1LD G . -20.71 -2.58 22.01
FE FE2 H . -18.84 -6.25 22.74
C1 GOL I . 0.12 -6.77 21.50
O1 GOL I . 0.10 -6.11 20.25
C2 GOL I . 1.48 -7.39 21.87
O2 GOL I . 2.51 -7.10 20.95
C3 GOL I . 1.38 -8.90 22.12
O3 GOL I . 2.65 -9.50 22.22
C1 GOL J . -27.80 -7.05 6.84
O1 GOL J . -27.25 -6.25 7.86
C2 GOL J . -26.70 -7.90 6.26
O2 GOL J . -25.52 -7.13 6.03
C3 GOL J . -27.10 -8.72 5.04
O3 GOL J . -28.29 -9.42 5.34
C ACY K . -31.21 -25.51 31.41
O ACY K . -32.16 -26.15 30.90
OXT ACY K . -31.29 -24.89 32.50
CH3 ACY K . -29.91 -25.48 30.65
C ACY L . -39.61 -12.57 34.19
O ACY L . -38.93 -13.12 33.30
OXT ACY L . -40.56 -13.14 34.78
CH3 ACY L . -39.26 -11.16 34.56
C1 GOL M . -7.39 -2.46 1.02
O1 GOL M . -7.85 -3.67 0.45
C2 GOL M . -8.08 -2.31 2.37
O2 GOL M . -9.43 -2.70 2.23
C3 GOL M . -7.97 -0.88 2.90
O3 GOL M . -6.63 -0.45 2.78
C1 GOL N . -4.15 -18.21 8.07
O1 GOL N . -3.41 -17.79 6.95
C2 GOL N . -5.56 -18.60 7.64
O2 GOL N . -5.56 -19.94 7.20
C3 GOL N . -6.00 -17.73 6.46
O3 GOL N . -5.94 -16.36 6.78
C1 EDO O . 0.36 -10.20 36.43
O1 EDO O . -0.70 -10.27 37.40
C2 EDO O . 0.22 -8.93 35.59
O2 EDO O . 0.80 -7.82 36.28
C1 EDO P . -6.69 7.59 30.41
O1 EDO P . -7.09 6.30 30.88
C2 EDO P . -7.63 8.06 29.30
O2 EDO P . -7.52 7.19 28.18
C1 EDO Q . -41.91 -23.94 5.02
O1 EDO Q . -42.55 -23.22 6.09
C2 EDO Q . -41.46 -25.28 5.57
O2 EDO Q . -42.59 -25.96 6.14
C1 EDO R . -46.82 -26.56 14.61
O1 EDO R . -46.00 -26.36 13.45
C2 EDO R . -46.69 -25.33 15.49
O2 EDO R . -45.31 -24.98 15.53
N1 1LD S . -24.50 -10.11 -14.30
C6 1LD S . -25.33 -10.61 -13.38
C2 1LD S . -23.56 -9.23 -13.95
O2 1LD S . -22.72 -8.71 -14.91
N3 1LD S . -23.38 -8.82 -12.68
C4 1LD S . -24.19 -9.30 -11.72
N4 1LD S . -23.99 -8.88 -10.36
C5 1LD S . -25.20 -10.23 -12.04
F 1LD S . -26.02 -10.72 -11.11
FE FE2 T . -26.76 -6.73 -12.14
C1 GOL U . -12.15 5.72 -19.93
O1 GOL U . -11.79 7.08 -20.03
C2 GOL U . -11.33 5.00 -18.86
O2 GOL U . -10.00 4.91 -19.30
C3 GOL U . -11.92 3.60 -18.71
O3 GOL U . -11.23 2.86 -17.73
C ACY V . -15.98 11.89 -2.30
O ACY V . -15.26 12.24 -3.28
OXT ACY V . -15.89 10.78 -1.71
CH3 ACY V . -17.01 12.88 -1.83
C1 PEG W . -11.75 -3.05 -16.13
O1 PEG W . -10.85 -3.65 -15.19
C2 PEG W . -11.50 -3.59 -17.54
O2 PEG W . -11.31 -2.55 -18.49
C3 PEG W . -10.10 -1.81 -18.31
C4 PEG W . -10.38 -0.36 -17.98
O4 PEG W . -9.20 0.44 -18.14
C1 GOL X . -34.01 7.17 15.98
O1 GOL X . -34.58 6.08 16.69
C2 GOL X . -32.82 6.69 15.17
O2 GOL X . -31.63 6.65 15.92
C3 GOL X . -32.63 7.59 13.94
O3 GOL X . -33.88 7.86 13.35
C1 EDO Y . -49.32 2.04 -13.94
O1 EDO Y . -49.69 0.67 -13.74
C2 EDO Y . -48.88 2.63 -12.60
O2 EDO Y . -50.05 2.85 -11.80
C1 EDO Z . -13.41 -13.96 -23.64
O1 EDO Z . -14.02 -13.45 -24.82
C2 EDO Z . -13.41 -12.90 -22.53
O2 EDO Z . -14.69 -12.85 -21.88
C1 EDO AA . -27.68 20.22 -23.34
O1 EDO AA . -28.00 19.89 -24.70
C2 EDO AA . -26.18 20.03 -23.12
O2 EDO AA . -25.83 20.55 -21.82
C1 EDO BA . -41.71 1.02 -24.56
O1 EDO BA . -41.02 0.22 -25.53
C2 EDO BA . -40.69 1.98 -23.94
O2 EDO BA . -39.99 2.64 -25.00
C1 EDO CA . -35.05 4.37 -35.94
O1 EDO CA . -34.16 4.36 -37.05
C2 EDO CA . -34.85 5.68 -35.19
O2 EDO CA . -36.12 6.28 -34.97
N1 1LD DA . 13.64 -25.23 9.66
C6 1LD DA . 14.10 -25.88 8.58
C2 1LD DA . 13.41 -23.90 9.59
O2 1LD DA . 12.94 -23.23 10.69
N3 1LD DA . 13.64 -23.21 8.46
C4 1LD DA . 14.08 -23.81 7.35
N4 1LD DA . 14.30 -23.04 6.15
C5 1LD DA . 14.33 -25.19 7.38
F 1LD DA . 14.79 -25.81 6.31
FE FE2 EA . 17.60 -23.33 8.25
C1 GOL FA . 10.48 -8.58 18.09
O1 GOL FA . 9.82 -8.10 16.95
C2 GOL FA . 10.69 -7.52 19.17
O2 GOL FA . 9.84 -6.41 19.04
C3 GOL FA . 12.14 -7.07 19.19
O3 GOL FA . 12.32 -6.05 20.13
C1 GOL GA . 5.79 -4.93 -2.92
O1 GOL GA . 6.64 -4.45 -3.94
C2 GOL GA . 5.53 -6.41 -3.15
O2 GOL GA . 6.76 -7.07 -3.40
C3 GOL GA . 4.83 -7.06 -1.96
O3 GOL GA . 3.65 -6.32 -1.68
C1 GOL HA . 39.37 -11.99 -7.00
O1 GOL HA . 39.91 -10.70 -6.90
C2 GOL HA . 40.18 -12.87 -7.95
O2 GOL HA . 41.48 -12.38 -8.17
C3 GOL HA . 39.43 -13.09 -9.26
O3 GOL HA . 38.98 -14.42 -9.28
C ACY IA . 19.84 -0.06 3.80
O ACY IA . 19.17 -0.65 2.90
OXT ACY IA . 19.37 0.45 4.86
CH3 ACY IA . 21.33 0.04 3.61
C1 EDO JA . 44.59 -31.07 -12.01
O1 EDO JA . 43.29 -31.63 -11.82
C2 EDO JA . 44.45 -29.61 -12.42
O2 EDO JA . 43.88 -29.51 -13.72
C1 EDO KA . 28.77 -3.01 -14.39
O1 EDO KA . 28.11 -4.13 -14.98
C2 EDO KA . 28.20 -2.74 -13.00
O2 EDO KA . 29.09 -1.89 -12.27
N1 1LD LA . 19.53 15.66 16.86
C6 1LD LA . 19.72 16.85 16.25
C2 1LD LA . 18.42 14.95 16.61
O2 1LD LA . 18.24 13.73 17.23
N3 1LD LA . 17.49 15.38 15.76
C4 1LD LA . 17.62 16.54 15.12
N4 1LD LA . 16.60 16.98 14.22
C5 1LD LA . 18.76 17.33 15.35
F 1LD LA . 18.93 18.50 14.74
FE FE2 MA . 15.92 18.43 17.71
C1 GOL NA . 17.26 13.98 44.57
O1 GOL NA . 16.42 13.12 45.28
C2 GOL NA . 16.98 15.41 45.05
O2 GOL NA . 15.65 15.76 44.72
C3 GOL NA . 17.97 16.37 44.42
O3 GOL NA . 17.45 17.68 44.43
C1 GOL OA . 7.35 1.41 21.22
O1 GOL OA . 7.27 1.63 19.82
C2 GOL OA . 6.05 0.77 21.71
O2 GOL OA . 6.09 -0.63 21.61
C3 GOL OA . 5.81 1.17 23.16
O3 GOL OA . 4.75 0.42 23.70
C1 GOL PA . 13.92 1.56 34.58
O1 GOL PA . 14.72 0.87 33.66
C2 GOL PA . 14.78 2.61 35.28
O2 GOL PA . 15.68 1.98 36.17
C3 GOL PA . 13.89 3.59 36.02
O3 GOL PA . 14.64 4.46 36.86
C ACY QA . -6.69 12.34 14.40
O ACY QA . -5.95 12.50 13.38
OXT ACY QA . -6.72 11.29 15.11
CH3 ACY QA . -7.62 13.45 14.81
C1 EDO RA . -10.35 54.76 16.26
O1 EDO RA . -10.28 54.04 17.50
C2 EDO RA . -8.96 54.80 15.62
O2 EDO RA . -9.02 55.54 14.41
C1 EDO SA . 25.92 1.55 18.96
O1 EDO SA . 25.13 1.76 20.14
C2 EDO SA . 25.03 1.06 17.81
O2 EDO SA . 24.06 2.05 17.48
C1 EDO TA . 20.44 20.51 41.80
O1 EDO TA . 21.03 19.27 42.20
C2 EDO TA . 21.08 20.98 40.50
O2 EDO TA . 20.59 22.26 40.14
N1 1LD UA . 15.71 -5.72 -25.23
C6 1LD UA . 16.66 -6.62 -24.93
C2 1LD UA . 14.63 -5.60 -24.44
O2 1LD UA . 13.67 -4.66 -24.75
N3 1LD UA . 14.46 -6.36 -23.35
C4 1LD UA . 15.38 -7.26 -22.99
N4 1LD UA . 15.19 -8.06 -21.82
C5 1LD UA . 16.53 -7.42 -23.79
F 1LD UA . 17.46 -8.32 -23.49
FE FE2 VA . 13.97 -10.00 -24.86
C1 GOL WA . -4.27 -0.68 -23.65
O1 GOL WA . -5.66 -0.98 -23.59
C2 GOL WA . -3.80 -0.21 -22.29
O2 GOL WA . -4.33 1.08 -22.04
C3 GOL WA . -2.27 -0.15 -22.33
O3 GOL WA . -1.72 0.02 -21.04
C1 GOL XA . 19.01 -19.52 -10.00
C1 GOL XA . 18.66 -18.97 -9.99
O1 GOL XA . 19.52 -18.51 -10.84
O1 GOL XA . 19.29 -20.22 -10.12
C2 GOL XA . 17.66 -19.09 -9.43
C2 GOL XA . 17.34 -19.11 -9.24
O2 GOL XA . 17.70 -17.74 -9.01
O2 GOL XA . 16.97 -17.95 -8.54
C3 GOL XA . 17.20 -20.00 -8.30
C3 GOL XA . 17.34 -20.34 -8.33
O3 GOL XA . 17.30 -21.35 -8.71
O3 GOL XA . 17.85 -21.45 -9.05
C1 GOL YA . 8.72 -35.52 -41.50
O1 GOL YA . 9.84 -36.08 -40.86
C2 GOL YA . 8.18 -34.41 -40.61
O2 GOL YA . 7.46 -35.00 -39.55
C3 GOL YA . 7.25 -33.54 -41.45
O3 GOL YA . 6.87 -32.41 -40.70
C1 GOL ZA . 14.91 -29.65 -40.29
O1 GOL ZA . 16.10 -28.90 -40.12
C2 GOL ZA . 14.47 -30.18 -38.93
O2 GOL ZA . 14.64 -31.58 -38.86
C3 GOL ZA . 12.99 -29.86 -38.74
O3 GOL ZA . 12.81 -29.39 -37.43
C ACY AB . -4.83 -15.45 -11.72
O ACY AB . -5.63 -14.60 -12.19
OXT ACY AB . -3.81 -15.18 -11.01
CH3 ACY AB . -5.15 -16.89 -12.03
C ACY BB . 3.72 1.94 -19.45
O ACY BB . 2.58 1.63 -19.08
OXT ACY BB . 4.71 2.02 -18.68
CH3 ACY BB . 3.92 2.26 -20.91
C ACY CB . 4.98 -44.06 -26.42
O ACY CB . 5.57 -44.22 -27.52
OXT ACY CB . 5.02 -42.99 -25.77
CH3 ACY CB . 4.17 -45.20 -25.87
CAC FLC DB . 29.43 -23.09 -34.39
CA FLC DB . 29.72 -23.75 -35.70
CB FLC DB . 30.91 -23.21 -36.42
CBC FLC DB . 32.12 -23.77 -35.73
CG FLC DB . 30.88 -23.53 -37.89
CGC FLC DB . 29.88 -24.46 -38.48
OA1 FLC DB . 28.33 -22.49 -34.26
OA2 FLC DB . 30.26 -23.13 -33.43
OB1 FLC DB . 32.34 -25.01 -35.68
OB2 FLC DB . 32.95 -22.98 -35.16
OG1 FLC DB . 28.73 -24.05 -38.79
OG2 FLC DB . 30.18 -25.68 -38.68
OHB FLC DB . 30.91 -21.85 -36.28
C1 EDO EB . -5.15 -6.03 -4.04
O1 EDO EB . -4.59 -7.33 -3.90
C2 EDO EB . -5.80 -5.92 -5.41
O2 EDO EB . -4.92 -6.51 -6.38
C1 GOL FB . 2.90 7.12 1.12
O1 GOL FB . 4.28 7.31 1.40
C2 GOL FB . 2.30 8.46 0.70
O2 GOL FB . 3.01 9.52 1.33
C3 GOL FB . 0.82 8.52 1.06
O3 GOL FB . 0.13 7.43 0.49
N1 1LD GB . -6.02 27.42 -11.52
C6 1LD GB . -5.56 28.34 -10.64
C2 1LD GB . -5.51 26.19 -11.51
O2 1LD GB . -5.99 25.25 -12.41
N3 1LD GB . -4.56 25.81 -10.66
C4 1LD GB . -4.06 26.68 -9.76
N4 1LD GB . -3.04 26.24 -8.86
C5 1LD GB . -4.55 27.98 -9.73
F 1LD GB . -4.09 28.87 -8.87
FE FE2 HB . -1.42 27.76 -11.94
C1 GOL IB . -2.42 9.73 -21.86
O1 GOL IB . -1.80 8.72 -22.62
C2 GOL IB . -2.84 9.19 -20.51
O2 GOL IB . -3.66 8.07 -20.72
C3 GOL IB . -3.64 10.29 -19.82
O3 GOL IB . -3.57 10.12 -18.42
C ACY JB . 13.71 9.37 -11.58
O ACY JB . 13.21 8.76 -12.56
OXT ACY JB . 13.08 9.70 -10.54
CH3 ACY JB . 15.18 9.72 -11.66
C ACY KB . -7.61 18.32 -32.85
O ACY KB . -8.71 18.59 -33.39
OXT ACY KB . -6.51 18.74 -33.26
CH3 ACY KB . -7.61 17.42 -31.65
C1 PEG LB . 6.36 27.06 2.78
O1 PEG LB . 7.07 28.24 3.20
C2 PEG LB . 7.26 25.84 3.01
O2 PEG LB . 8.57 26.36 3.15
C3 PEG LB . 9.55 25.43 3.62
C4 PEG LB . 10.73 26.29 4.03
O4 PEG LB . 10.37 27.65 3.74
#